data_7YKZ
#
_entry.id   7YKZ
#
_cell.length_a   1.00
_cell.length_b   1.00
_cell.length_c   1.00
_cell.angle_alpha   90.00
_cell.angle_beta   90.00
_cell.angle_gamma   90.00
#
_symmetry.space_group_name_H-M   'P 1'
#
loop_
_entity.id
_entity.type
_entity.pdbx_description
1 polymer 'ATPase family gene 2 protein'
2 non-polymer "ADENOSINE-5'-DIPHOSPHATE"
3 non-polymer "ADENOSINE-5'-TRIPHOSPHATE"
4 non-polymer 2-(TOLUENE-4-SULFONYL)-2H-BENZO[D][1,2,3]DIAZABORININ-1-OL
#
_entity_poly.entity_id   1
_entity_poly.type   'polypeptide(L)'
_entity_poly.pdbx_seq_one_letter_code
;MAPKSSSSGSKKKSSASSNSADAKASKFKLPAEFITRPHPSKDHGKETCTAYIHPNVLSSLEINPGSFCTVGKIGENGIL
VIARAGDEEVHPVNVITLSTTIRSVGNLILGDRLELKKAQVQPPYATKVTVGSLQGYNILECMEEKVIQKLLDDSGVIMP
GMIFQNLKTKAGDESIDVVITDASDDSLPDVSQLDLNMDDMYGGLDNLFYLSPPFIFRKGSTHITFSKETQANRKYNLPE
PLSYAAVGGLDKEIESLKSAIEIPLHQPTLFSSFGVSPPRGILLHGPPGTGKTMLLRVVANTSNAHVLTINGPSIVSKYL
GETEAALRDIFNEARKYQPSIIFIDEIDSIAPNRANDDSGEVESRVVATLLTLMDGMGAAGKVVVIAATNRPNSVDPALR
RPGRFDQEVEIGIPDVDARFDILTKQFSRMSSDRHVLDSEAIKYIASKTHGYVGADLTALCRESVMKTIQRGLGTDANID
KFSLKVTLKDVESAMVDIRPSAMREIFLEMPKVYWSDIGGQEELKTKMKEMIQLPLEASETFARLGISAPKGVLLYGPPG
CSKTLTAKALATESGINFLAVKGPEIFNKYVGESERAIREIFRKARSAAPSIIFFDEIDALSPDRDGSSTSAANHVLTSL
LNEIDGVEELKGVVIVAATNRPDEIDAALLRPGRLDRHIYVGPPDVNARLEILKKCTKKFNTEESGVDLHELADRTEGYS
GAEVVLLCQEAGLAAIMEDLDVAKVELRHFEKAFKGIARGITPEMLSYYEEFALRSGSSS
;
_entity_poly.pdbx_strand_id   D,F,B,E,A,C
#
# COMPACT_ATOMS: atom_id res chain seq x y z
N LYS A 29 21.42 -20.21 -43.06
CA LYS A 29 22.34 -20.91 -42.17
C LYS A 29 21.92 -20.79 -40.71
N LEU A 30 22.07 -21.89 -39.96
CA LEU A 30 21.69 -21.97 -38.57
C LEU A 30 20.26 -21.50 -38.33
N PRO A 31 19.26 -22.21 -38.88
CA PRO A 31 17.87 -21.75 -38.74
C PRO A 31 17.25 -22.16 -37.41
N ALA A 32 16.25 -21.40 -36.97
CA ALA A 32 15.54 -21.70 -35.73
C ALA A 32 14.07 -22.00 -35.98
N GLU A 33 13.37 -21.13 -36.71
CA GLU A 33 11.94 -21.29 -36.99
C GLU A 33 11.64 -20.77 -38.38
N PHE A 34 10.54 -21.25 -38.95
CA PHE A 34 10.16 -20.92 -40.32
C PHE A 34 8.73 -20.42 -40.38
N ILE A 35 8.41 -19.73 -41.47
CA ILE A 35 7.07 -19.22 -41.74
C ILE A 35 6.66 -19.64 -43.15
N THR A 36 5.35 -19.58 -43.40
CA THR A 36 4.77 -20.13 -44.61
C THR A 36 4.36 -19.03 -45.59
N ARG A 37 4.21 -19.42 -46.85
CA ARG A 37 3.80 -18.56 -47.96
C ARG A 37 3.23 -19.44 -49.05
N PRO A 38 2.13 -19.04 -49.68
CA PRO A 38 1.54 -19.87 -50.75
C PRO A 38 2.45 -19.93 -51.96
N HIS A 39 2.34 -21.03 -52.69
CA HIS A 39 3.12 -21.21 -53.92
C HIS A 39 2.59 -20.27 -55.00
N PRO A 40 3.43 -19.42 -55.58
CA PRO A 40 2.97 -18.48 -56.60
C PRO A 40 2.87 -19.14 -57.96
N SER A 41 2.52 -18.33 -58.97
CA SER A 41 2.41 -18.69 -60.38
C SER A 41 1.28 -19.67 -60.66
N LYS A 42 0.49 -20.07 -59.65
CA LYS A 42 -0.60 -21.03 -59.74
C LYS A 42 -0.32 -22.16 -60.73
N ASP A 43 -1.26 -22.43 -61.62
CA ASP A 43 -1.16 -23.50 -62.64
C ASP A 43 -0.94 -24.82 -61.89
N HIS A 44 0.01 -25.64 -62.30
CA HIS A 44 0.31 -26.89 -61.61
C HIS A 44 1.67 -26.86 -60.93
N GLY A 45 2.74 -26.65 -61.70
CA GLY A 45 4.09 -26.69 -61.15
C GLY A 45 4.34 -27.95 -60.34
N LYS A 46 4.55 -27.77 -59.04
CA LYS A 46 4.58 -28.89 -58.10
C LYS A 46 3.20 -29.11 -57.48
N GLU A 47 2.69 -28.08 -56.79
CA GLU A 47 1.34 -28.04 -56.22
C GLU A 47 1.21 -28.96 -55.02
N THR A 48 2.20 -29.80 -54.79
CA THR A 48 2.25 -30.64 -53.59
C THR A 48 3.60 -30.57 -52.89
N CYS A 49 4.69 -30.47 -53.65
CA CYS A 49 6.03 -30.61 -53.11
C CYS A 49 6.94 -29.47 -53.58
N THR A 50 6.44 -28.23 -53.51
CA THR A 50 7.24 -27.07 -53.90
C THR A 50 8.46 -26.95 -53.01
N ALA A 51 8.25 -26.67 -51.73
CA ALA A 51 9.28 -26.66 -50.70
C ALA A 51 10.53 -25.89 -51.15
N TYR A 52 10.33 -24.59 -51.37
CA TYR A 52 11.42 -23.70 -51.79
C TYR A 52 12.19 -23.21 -50.56
N ILE A 53 13.02 -24.12 -50.02
CA ILE A 53 13.89 -23.82 -48.88
C ILE A 53 15.28 -23.50 -49.40
N HIS A 54 15.95 -22.57 -48.72
CA HIS A 54 17.29 -22.18 -49.11
C HIS A 54 18.24 -23.38 -49.05
N PRO A 55 19.17 -23.51 -49.99
CA PRO A 55 20.06 -24.67 -49.99
C PRO A 55 20.91 -24.80 -48.74
N ASN A 56 21.18 -23.69 -48.05
CA ASN A 56 21.98 -23.76 -46.82
C ASN A 56 21.28 -24.60 -45.76
N VAL A 57 19.97 -24.40 -45.59
CA VAL A 57 19.22 -25.21 -44.63
C VAL A 57 19.16 -26.66 -45.08
N LEU A 58 19.03 -26.89 -46.39
CA LEU A 58 18.99 -28.25 -46.90
C LEU A 58 20.30 -28.99 -46.62
N SER A 59 21.42 -28.29 -46.80
CA SER A 59 22.74 -28.93 -46.54
C SER A 59 22.95 -29.07 -45.03
N SER A 60 22.35 -28.18 -44.25
CA SER A 60 22.46 -28.19 -42.77
C SER A 60 21.83 -29.47 -42.20
N LEU A 61 20.68 -29.87 -42.73
CA LEU A 61 19.94 -31.07 -42.23
C LEU A 61 20.43 -32.34 -42.94
N GLU A 62 21.33 -32.20 -43.91
CA GLU A 62 21.87 -33.36 -44.68
C GLU A 62 20.68 -34.19 -45.21
N ILE A 63 19.76 -33.53 -45.91
CA ILE A 63 18.58 -34.15 -46.48
C ILE A 63 18.75 -34.27 -47.99
N ASN A 64 18.45 -35.45 -48.51
CA ASN A 64 18.56 -35.69 -49.95
C ASN A 64 17.51 -34.87 -50.69
N PRO A 65 17.88 -34.08 -51.70
CA PRO A 65 16.87 -33.37 -52.48
C PRO A 65 15.83 -34.27 -53.12
N GLY A 66 16.21 -35.48 -53.52
CA GLY A 66 15.27 -36.43 -54.07
C GLY A 66 14.60 -37.26 -52.99
N SER A 67 14.41 -36.67 -51.81
CA SER A 67 13.79 -37.37 -50.69
C SER A 67 12.80 -36.44 -50.01
N PHE A 68 11.88 -37.05 -49.26
CA PHE A 68 10.83 -36.29 -48.59
C PHE A 68 11.40 -35.42 -47.48
N CYS A 69 10.75 -34.30 -47.23
CA CYS A 69 11.07 -33.40 -46.14
C CYS A 69 9.89 -33.35 -45.17
N THR A 70 10.19 -33.04 -43.91
CA THR A 70 9.18 -33.04 -42.87
C THR A 70 9.26 -31.75 -42.06
N VAL A 71 8.12 -31.07 -41.94
CA VAL A 71 8.01 -29.84 -41.17
C VAL A 71 6.90 -30.01 -40.15
N GLY A 72 7.19 -29.69 -38.88
CA GLY A 72 6.30 -30.05 -37.78
C GLY A 72 5.31 -29.00 -37.36
N LYS A 73 5.62 -27.72 -37.59
CA LYS A 73 4.79 -26.60 -37.17
C LYS A 73 4.58 -26.61 -35.66
N ILE A 74 5.70 -26.54 -34.94
CA ILE A 74 5.79 -26.47 -33.48
C ILE A 74 4.76 -27.38 -32.80
N GLY A 75 4.96 -28.68 -32.92
CA GLY A 75 4.13 -29.66 -32.27
C GLY A 75 3.54 -30.66 -33.25
N GLU A 76 2.46 -31.32 -32.79
CA GLU A 76 1.66 -32.26 -33.57
C GLU A 76 2.53 -33.21 -34.39
N ASN A 77 3.26 -34.09 -33.71
CA ASN A 77 4.19 -35.03 -34.33
C ASN A 77 3.58 -35.78 -35.51
N GLY A 78 4.42 -36.19 -36.45
CA GLY A 78 4.00 -36.67 -37.75
C GLY A 78 4.71 -35.84 -38.81
N ILE A 79 4.78 -34.54 -38.53
CA ILE A 79 5.75 -33.61 -39.12
C ILE A 79 5.53 -33.48 -40.62
N LEU A 80 4.36 -33.89 -41.11
CA LEU A 80 3.88 -33.59 -42.46
C LEU A 80 4.91 -33.98 -43.53
N VAL A 81 5.08 -35.31 -43.69
CA VAL A 81 6.04 -35.85 -44.63
C VAL A 81 5.66 -35.46 -46.06
N ILE A 82 6.50 -34.65 -46.69
CA ILE A 82 6.26 -34.15 -48.05
C ILE A 82 7.61 -34.03 -48.76
N ALA A 83 7.64 -34.40 -50.04
CA ALA A 83 8.88 -34.28 -50.81
C ALA A 83 9.24 -32.81 -51.00
N ARG A 84 10.51 -32.56 -51.32
CA ARG A 84 11.03 -31.20 -51.38
C ARG A 84 11.87 -31.02 -52.64
N ALA A 85 12.29 -29.77 -52.88
CA ALA A 85 13.11 -29.40 -54.01
C ALA A 85 13.95 -28.19 -53.62
N GLY A 86 14.55 -27.54 -54.62
CA GLY A 86 15.41 -26.39 -54.39
C GLY A 86 14.80 -25.13 -54.97
N ASP A 87 15.14 -23.99 -54.38
CA ASP A 87 14.62 -22.70 -54.80
C ASP A 87 15.58 -22.04 -55.80
N GLU A 88 15.35 -20.77 -56.10
CA GLU A 88 16.15 -20.01 -57.05
C GLU A 88 17.10 -19.04 -56.37
N GLU A 89 17.42 -19.27 -55.08
CA GLU A 89 18.35 -18.44 -54.31
C GLU A 89 17.80 -17.03 -54.09
N VAL A 90 16.53 -16.82 -54.38
CA VAL A 90 15.88 -15.55 -54.08
C VAL A 90 14.95 -15.65 -52.88
N HIS A 91 14.36 -16.80 -52.64
CA HIS A 91 13.48 -17.00 -51.50
C HIS A 91 14.29 -16.93 -50.21
N PRO A 92 13.94 -16.06 -49.26
CA PRO A 92 14.71 -15.96 -48.03
C PRO A 92 14.56 -17.22 -47.17
N VAL A 93 15.51 -17.35 -46.24
CA VAL A 93 15.61 -18.57 -45.43
C VAL A 93 14.37 -18.74 -44.56
N ASN A 94 13.91 -17.66 -43.92
CA ASN A 94 12.85 -17.77 -42.92
C ASN A 94 11.56 -18.30 -43.52
N VAL A 95 11.17 -17.81 -44.69
CA VAL A 95 9.89 -18.17 -45.27
C VAL A 95 10.03 -19.41 -46.14
N ILE A 96 9.01 -20.26 -46.11
CA ILE A 96 8.95 -21.46 -46.93
C ILE A 96 7.59 -21.53 -47.61
N THR A 97 7.51 -22.36 -48.65
CA THR A 97 6.29 -22.56 -49.41
C THR A 97 5.97 -24.05 -49.45
N LEU A 98 4.72 -24.40 -49.14
CA LEU A 98 4.31 -25.80 -49.13
C LEU A 98 2.94 -25.99 -49.76
N SER A 99 2.58 -25.15 -50.72
CA SER A 99 1.41 -25.32 -51.58
C SER A 99 0.08 -25.07 -50.88
N THR A 100 -0.87 -24.49 -51.62
CA THR A 100 -2.18 -24.17 -51.07
C THR A 100 -2.94 -25.43 -50.69
N THR A 101 -2.70 -26.54 -51.40
CA THR A 101 -3.38 -27.79 -51.08
C THR A 101 -3.05 -28.23 -49.65
N ILE A 102 -1.76 -28.31 -49.34
CA ILE A 102 -1.34 -28.68 -47.99
C ILE A 102 -1.75 -27.60 -46.99
N ARG A 103 -1.71 -26.33 -47.42
CA ARG A 103 -2.12 -25.25 -46.53
C ARG A 103 -3.56 -25.44 -46.06
N SER A 104 -4.46 -25.79 -46.98
CA SER A 104 -5.86 -25.99 -46.62
C SER A 104 -6.08 -27.32 -45.92
N VAL A 105 -5.31 -28.35 -46.26
CA VAL A 105 -5.48 -29.66 -45.65
C VAL A 105 -5.08 -29.62 -44.17
N GLY A 106 -3.90 -29.07 -43.88
CA GLY A 106 -3.41 -29.01 -42.52
C GLY A 106 -3.95 -27.86 -41.71
N ASN A 107 -4.94 -27.13 -42.22
CA ASN A 107 -5.46 -25.93 -41.57
C ASN A 107 -4.34 -24.93 -41.30
N LEU A 108 -3.41 -24.83 -42.24
CA LEU A 108 -2.25 -23.97 -42.08
C LEU A 108 -2.64 -22.53 -42.37
N ILE A 109 -2.44 -21.66 -41.39
CA ILE A 109 -2.79 -20.25 -41.50
C ILE A 109 -1.51 -19.45 -41.70
N LEU A 110 -1.53 -18.56 -42.68
CA LEU A 110 -0.33 -17.86 -43.13
C LEU A 110 0.21 -16.98 -42.00
N GLY A 111 1.30 -17.41 -41.37
CA GLY A 111 1.88 -16.66 -40.27
C GLY A 111 2.29 -17.52 -39.10
N ASP A 112 1.84 -18.77 -39.10
CA ASP A 112 2.18 -19.69 -38.02
C ASP A 112 3.66 -20.08 -38.11
N ARG A 113 4.18 -20.58 -36.99
CA ARG A 113 5.58 -20.95 -36.90
C ARG A 113 5.77 -22.42 -37.30
N LEU A 114 6.75 -22.66 -38.18
CA LEU A 114 7.00 -23.99 -38.72
C LEU A 114 8.44 -24.40 -38.41
N GLU A 115 8.62 -25.68 -38.10
CA GLU A 115 9.91 -26.23 -37.71
C GLU A 115 10.18 -27.48 -38.53
N LEU A 116 11.38 -27.57 -39.11
CA LEU A 116 11.75 -28.66 -40.00
C LEU A 116 12.36 -29.81 -39.22
N LYS A 117 12.31 -31.01 -39.79
CA LYS A 117 12.80 -32.20 -39.12
C LYS A 117 13.18 -33.26 -40.15
N LYS A 118 13.93 -34.25 -39.70
CA LYS A 118 14.36 -35.35 -40.57
C LYS A 118 13.17 -36.20 -40.97
N ALA A 119 13.22 -36.71 -42.21
CA ALA A 119 12.13 -37.53 -42.73
C ALA A 119 12.12 -38.92 -42.10
N GLN A 120 10.93 -39.50 -42.05
CA GLN A 120 10.73 -40.83 -41.48
C GLN A 120 10.81 -41.89 -42.59
N VAL A 121 10.37 -43.11 -42.26
CA VAL A 121 10.46 -44.22 -43.21
C VAL A 121 9.59 -43.95 -44.44
N GLN A 122 9.98 -44.55 -45.57
CA GLN A 122 9.28 -44.33 -46.82
C GLN A 122 7.87 -44.93 -46.77
N PRO A 123 6.91 -44.27 -47.41
CA PRO A 123 5.52 -44.75 -47.37
C PRO A 123 5.30 -45.94 -48.29
N PRO A 124 4.69 -47.03 -47.77
CA PRO A 124 4.66 -48.29 -48.53
C PRO A 124 3.84 -48.29 -49.83
N TYR A 125 2.53 -48.03 -49.76
CA TYR A 125 1.63 -48.17 -50.90
C TYR A 125 0.22 -47.76 -50.47
N ALA A 126 -0.52 -47.21 -51.42
CA ALA A 126 -1.88 -46.69 -51.17
C ALA A 126 -2.90 -47.75 -51.57
N THR A 127 -3.97 -47.87 -50.77
CA THR A 127 -4.90 -48.98 -50.92
C THR A 127 -6.12 -48.64 -51.77
N LYS A 128 -6.94 -47.68 -51.32
CA LYS A 128 -8.25 -47.45 -51.94
C LYS A 128 -8.40 -46.07 -52.56
N VAL A 129 -8.21 -44.99 -51.78
CA VAL A 129 -8.57 -43.60 -52.07
C VAL A 129 -10.02 -43.46 -52.54
N THR A 130 -10.70 -42.41 -52.06
CA THR A 130 -12.11 -42.23 -52.35
C THR A 130 -12.49 -40.76 -52.28
N VAL A 131 -13.10 -40.24 -53.35
CA VAL A 131 -13.49 -38.83 -53.37
C VAL A 131 -14.75 -38.61 -52.55
N GLY A 132 -14.98 -37.36 -52.17
CA GLY A 132 -16.09 -37.01 -51.30
C GLY A 132 -17.06 -35.98 -51.84
N SER A 133 -16.60 -35.13 -52.76
CA SER A 133 -17.42 -34.09 -53.40
C SER A 133 -17.99 -33.14 -52.35
N LEU A 134 -17.09 -32.38 -51.73
CA LEU A 134 -17.47 -31.44 -50.68
C LEU A 134 -18.37 -30.34 -51.24
N GLN A 135 -19.27 -29.85 -50.37
CA GLN A 135 -20.14 -28.71 -50.63
C GLN A 135 -20.84 -28.80 -51.99
N GLY A 136 -21.15 -30.02 -52.42
CA GLY A 136 -21.82 -30.22 -53.69
C GLY A 136 -22.71 -31.45 -53.65
N TYR A 137 -23.58 -31.53 -54.66
CA TYR A 137 -24.47 -32.68 -54.82
C TYR A 137 -23.85 -33.81 -55.61
N ASN A 138 -22.56 -33.69 -55.94
CA ASN A 138 -21.81 -34.72 -56.66
C ASN A 138 -22.40 -34.98 -58.04
N ILE A 139 -22.63 -36.27 -58.36
CA ILE A 139 -23.05 -36.69 -59.69
C ILE A 139 -22.10 -36.10 -60.72
N LEU A 140 -20.83 -36.47 -60.62
CA LEU A 140 -19.79 -35.90 -61.48
C LEU A 140 -19.51 -36.73 -62.72
N GLU A 141 -20.32 -37.76 -62.98
CA GLU A 141 -20.05 -38.66 -64.10
C GLU A 141 -19.97 -37.91 -65.43
N CYS A 142 -20.84 -36.92 -65.62
CA CYS A 142 -20.77 -36.10 -66.82
C CYS A 142 -19.49 -35.27 -66.86
N MET A 143 -19.08 -34.72 -65.71
CA MET A 143 -17.93 -33.84 -65.63
C MET A 143 -16.68 -34.53 -65.08
N GLU A 144 -16.69 -35.85 -64.94
CA GLU A 144 -15.55 -36.56 -64.39
C GLU A 144 -14.33 -36.41 -65.29
N GLU A 145 -14.41 -36.95 -66.51
CA GLU A 145 -13.36 -36.79 -67.52
C GLU A 145 -11.99 -37.23 -66.99
N LYS A 146 -11.99 -38.34 -66.24
CA LYS A 146 -10.77 -38.95 -65.73
C LYS A 146 -9.96 -37.98 -64.88
N VAL A 147 -10.57 -37.55 -63.77
CA VAL A 147 -9.86 -36.72 -62.80
C VAL A 147 -8.84 -37.51 -61.98
N ILE A 148 -8.88 -38.84 -62.05
CA ILE A 148 -7.93 -39.65 -61.29
C ILE A 148 -6.51 -39.39 -61.77
N GLN A 149 -6.31 -39.33 -63.09
CA GLN A 149 -4.97 -39.09 -63.63
C GLN A 149 -4.43 -37.73 -63.20
N LYS A 150 -5.27 -36.69 -63.30
CA LYS A 150 -4.83 -35.36 -62.88
C LYS A 150 -4.56 -35.30 -61.38
N LEU A 151 -5.40 -35.95 -60.58
CA LEU A 151 -5.25 -35.87 -59.12
C LEU A 151 -4.01 -36.64 -58.64
N LEU A 152 -3.76 -37.83 -59.19
CA LEU A 152 -2.68 -38.67 -58.71
C LEU A 152 -1.42 -38.56 -59.56
N ASP A 153 -1.41 -37.70 -60.57
CA ASP A 153 -0.19 -37.48 -61.35
C ASP A 153 0.84 -36.66 -60.58
N ASP A 154 0.41 -35.95 -59.54
CA ASP A 154 1.31 -35.12 -58.76
C ASP A 154 2.28 -35.97 -57.94
N SER A 155 3.43 -35.40 -57.64
CA SER A 155 4.41 -36.08 -56.81
C SER A 155 4.07 -35.92 -55.33
N GLY A 156 4.30 -36.98 -54.56
CA GLY A 156 3.96 -36.98 -53.16
C GLY A 156 2.54 -37.46 -52.92
N VAL A 157 1.62 -36.52 -52.74
CA VAL A 157 0.19 -36.78 -52.60
C VAL A 157 -0.08 -37.61 -51.35
N ILE A 158 -0.29 -36.94 -50.22
CA ILE A 158 -0.66 -37.57 -48.97
C ILE A 158 -2.18 -37.75 -48.96
N MET A 159 -2.64 -39.01 -49.01
CA MET A 159 -4.00 -39.29 -49.48
C MET A 159 -5.10 -38.62 -48.66
N PRO A 160 -5.16 -38.73 -47.33
CA PRO A 160 -6.34 -38.23 -46.63
C PRO A 160 -6.58 -36.74 -46.84
N GLY A 161 -5.55 -35.96 -47.17
CA GLY A 161 -5.76 -34.59 -47.54
C GLY A 161 -5.25 -34.16 -48.90
N MET A 162 -6.17 -33.90 -49.83
CA MET A 162 -5.92 -33.10 -51.02
C MET A 162 -7.07 -32.13 -51.21
N ILE A 163 -6.75 -30.99 -51.81
CA ILE A 163 -7.77 -30.03 -52.21
C ILE A 163 -7.23 -29.26 -53.40
N PHE A 164 -8.03 -29.20 -54.46
CA PHE A 164 -7.63 -28.55 -55.70
C PHE A 164 -8.77 -27.68 -56.20
N GLN A 165 -8.42 -26.67 -56.98
CA GLN A 165 -9.41 -25.79 -57.56
C GLN A 165 -10.20 -26.52 -58.63
N ASN A 166 -11.34 -25.95 -59.01
CA ASN A 166 -12.20 -26.57 -60.01
C ASN A 166 -11.50 -26.69 -61.36
N LEU A 167 -10.63 -25.74 -61.68
CA LEU A 167 -9.93 -25.69 -62.98
C LEU A 167 -11.01 -25.61 -64.06
N LYS A 168 -10.84 -26.32 -65.18
CA LYS A 168 -11.83 -26.33 -66.26
C LYS A 168 -12.30 -27.76 -66.47
N THR A 169 -13.59 -27.99 -66.28
CA THR A 169 -14.21 -29.31 -66.47
C THR A 169 -15.37 -29.14 -67.44
N LYS A 170 -15.13 -29.46 -68.72
CA LYS A 170 -16.08 -29.34 -69.82
C LYS A 170 -16.92 -28.07 -69.72
N ALA A 171 -18.22 -28.16 -70.00
CA ALA A 171 -19.11 -27.03 -69.91
C ALA A 171 -19.73 -26.94 -68.53
N GLY A 172 -20.24 -25.75 -68.20
CA GLY A 172 -20.87 -25.47 -66.94
C GLY A 172 -19.99 -24.76 -65.92
N ASP A 173 -18.67 -24.79 -66.11
CA ASP A 173 -17.72 -24.10 -65.24
C ASP A 173 -17.89 -24.52 -63.78
N GLU A 174 -18.39 -23.60 -62.96
CA GLU A 174 -18.70 -23.77 -61.54
C GLU A 174 -17.48 -24.21 -60.73
N SER A 175 -17.65 -24.38 -59.42
CA SER A 175 -16.57 -24.76 -58.53
C SER A 175 -16.92 -26.08 -57.84
N ILE A 176 -15.97 -27.02 -57.86
CA ILE A 176 -16.16 -28.33 -57.25
C ILE A 176 -14.90 -28.71 -56.50
N ASP A 177 -15.08 -29.30 -55.31
CA ASP A 177 -14.00 -29.83 -54.51
C ASP A 177 -14.44 -31.17 -53.91
N VAL A 178 -13.46 -32.01 -53.60
CA VAL A 178 -13.72 -33.38 -53.16
C VAL A 178 -13.11 -33.61 -51.80
N VAL A 179 -13.61 -34.64 -51.11
CA VAL A 179 -13.10 -35.06 -49.81
C VAL A 179 -12.44 -36.42 -49.98
N ILE A 180 -11.19 -36.51 -49.54
CA ILE A 180 -10.37 -37.70 -49.77
C ILE A 180 -9.89 -38.24 -48.43
N THR A 181 -10.57 -37.86 -47.36
CA THR A 181 -10.14 -38.24 -46.02
C THR A 181 -10.26 -39.74 -45.79
N ASP A 182 -11.34 -40.35 -46.26
CA ASP A 182 -11.62 -41.75 -45.95
C ASP A 182 -10.56 -42.67 -46.53
N ALA A 183 -10.15 -43.66 -45.74
CA ALA A 183 -9.16 -44.64 -46.17
C ALA A 183 -9.31 -45.89 -45.31
N SER A 184 -8.75 -46.99 -45.79
CA SER A 184 -8.81 -48.27 -45.08
C SER A 184 -7.43 -48.87 -44.84
N ASP A 185 -6.36 -48.17 -45.25
CA ASP A 185 -5.01 -48.68 -45.07
C ASP A 185 -4.57 -48.52 -43.62
N ASP A 186 -3.76 -49.47 -43.16
CA ASP A 186 -3.23 -49.48 -41.80
C ASP A 186 -1.74 -49.18 -41.82
N SER A 187 -1.27 -48.39 -40.85
CA SER A 187 0.12 -48.02 -40.74
C SER A 187 0.60 -48.33 -39.33
N LEU A 188 1.77 -48.99 -39.23
CA LEU A 188 2.32 -49.31 -37.91
C LEU A 188 2.63 -48.09 -37.06
N PRO A 189 3.22 -46.97 -37.58
CA PRO A 189 3.54 -45.86 -36.68
C PRO A 189 2.36 -44.91 -36.48
N ASP A 190 1.98 -44.69 -35.23
CA ASP A 190 0.91 -43.76 -34.91
C ASP A 190 1.39 -42.31 -34.84
N VAL A 191 2.70 -42.08 -34.98
CA VAL A 191 3.23 -40.72 -34.95
C VAL A 191 2.71 -39.90 -36.12
N SER A 192 2.69 -40.49 -37.31
CA SER A 192 2.25 -39.77 -38.50
C SER A 192 0.79 -39.37 -38.38
N GLN A 193 0.51 -38.10 -38.68
CA GLN A 193 -0.86 -37.59 -38.54
C GLN A 193 -1.77 -38.14 -39.64
N LEU A 194 -1.30 -38.14 -40.88
CA LEU A 194 -2.14 -38.50 -42.02
C LEU A 194 -1.61 -39.69 -42.81
N ASP A 195 -0.67 -40.46 -42.25
CA ASP A 195 -0.20 -41.75 -42.73
C ASP A 195 -0.13 -41.88 -44.25
N LEU A 196 0.68 -41.04 -44.89
CA LEU A 196 0.85 -41.04 -46.35
C LEU A 196 1.38 -42.37 -46.87
N ASN A 197 1.04 -42.71 -48.11
CA ASN A 197 1.53 -43.93 -48.75
C ASN A 197 2.13 -43.60 -50.10
N MET A 198 2.38 -44.63 -50.90
CA MET A 198 3.02 -44.52 -52.20
C MET A 198 2.00 -44.70 -53.31
N ASP A 199 2.17 -43.93 -54.39
CA ASP A 199 1.24 -43.91 -55.52
C ASP A 199 1.89 -44.55 -56.73
N ASP A 200 1.17 -45.48 -57.37
CA ASP A 200 1.65 -46.12 -58.60
C ASP A 200 0.43 -46.29 -59.51
N MET A 201 0.18 -45.29 -60.34
CA MET A 201 -0.94 -45.28 -61.28
C MET A 201 -0.46 -45.55 -62.69
N TYR A 202 -1.44 -45.78 -63.57
CA TYR A 202 -1.20 -45.99 -65.00
C TYR A 202 -2.26 -45.22 -65.78
N GLY A 203 -1.81 -44.27 -66.60
CA GLY A 203 -2.74 -43.47 -67.39
C GLY A 203 -2.00 -42.53 -68.30
N GLY A 204 -2.76 -41.86 -69.15
CA GLY A 204 -2.20 -40.91 -70.09
C GLY A 204 -3.05 -39.65 -70.17
N LEU A 205 -2.38 -38.55 -70.51
CA LEU A 205 -3.01 -37.23 -70.63
C LEU A 205 -3.73 -36.84 -69.35
N GLY A 220 -3.27 -49.44 -63.46
CA GLY A 220 -4.50 -48.71 -63.72
C GLY A 220 -5.37 -48.54 -62.49
N SER A 221 -5.09 -47.50 -61.71
CA SER A 221 -5.83 -47.19 -60.48
C SER A 221 -5.80 -48.36 -59.51
N THR A 222 -6.70 -48.34 -58.52
CA THR A 222 -6.77 -49.42 -57.54
C THR A 222 -8.23 -49.58 -57.09
N HIS A 223 -8.94 -50.48 -57.76
CA HIS A 223 -10.33 -50.84 -57.40
C HIS A 223 -11.22 -49.60 -57.31
N ILE A 224 -11.08 -48.72 -58.32
CA ILE A 224 -11.85 -47.48 -58.51
C ILE A 224 -11.71 -46.57 -57.29
N THR A 225 -12.23 -45.34 -57.39
CA THR A 225 -12.13 -44.40 -56.28
C THR A 225 -13.49 -43.78 -55.96
N PHE A 226 -14.36 -43.65 -56.96
CA PHE A 226 -15.63 -42.96 -56.77
C PHE A 226 -16.61 -43.84 -56.02
N SER A 227 -16.98 -43.42 -54.81
CA SER A 227 -17.98 -44.15 -54.01
C SER A 227 -18.47 -43.23 -52.92
N LYS A 228 -19.79 -43.01 -52.86
CA LYS A 228 -20.45 -42.25 -51.80
C LYS A 228 -20.05 -40.77 -51.82
N GLU A 229 -20.79 -39.95 -51.08
CA GLU A 229 -20.54 -38.52 -50.97
C GLU A 229 -20.17 -38.12 -49.55
N THR A 230 -19.34 -38.93 -48.91
CA THR A 230 -18.99 -38.71 -47.51
C THR A 230 -18.16 -37.44 -47.34
N GLN A 231 -18.29 -36.83 -46.17
CA GLN A 231 -17.53 -35.65 -45.80
C GLN A 231 -16.24 -36.11 -45.11
N ALA A 232 -15.51 -35.19 -44.49
CA ALA A 232 -14.30 -35.54 -43.75
C ALA A 232 -14.63 -36.54 -42.65
N ASN A 233 -13.87 -37.63 -42.59
CA ASN A 233 -14.14 -38.68 -41.64
C ASN A 233 -13.76 -38.25 -40.23
N ARG A 234 -14.60 -38.61 -39.26
CA ARG A 234 -14.38 -38.20 -37.88
C ARG A 234 -13.30 -39.02 -37.20
N LYS A 235 -13.07 -40.26 -37.65
CA LYS A 235 -12.12 -41.14 -36.97
C LYS A 235 -10.69 -40.65 -37.06
N TYR A 236 -10.38 -39.76 -37.99
CA TYR A 236 -9.05 -39.17 -38.09
C TYR A 236 -8.87 -37.93 -37.22
N ASN A 237 -9.96 -37.44 -36.62
CA ASN A 237 -9.98 -36.25 -35.75
C ASN A 237 -9.08 -35.13 -36.29
N LEU A 238 -9.22 -34.86 -37.58
CA LEU A 238 -8.46 -33.79 -38.20
C LEU A 238 -9.06 -32.43 -37.83
N PRO A 239 -8.23 -31.39 -37.72
CA PRO A 239 -8.76 -30.04 -37.46
C PRO A 239 -9.47 -29.47 -38.68
N GLU A 240 -10.80 -29.45 -38.63
CA GLU A 240 -11.56 -28.95 -39.78
C GLU A 240 -11.52 -27.43 -39.82
N PRO A 241 -11.48 -26.84 -41.01
CA PRO A 241 -11.52 -25.37 -41.10
C PRO A 241 -12.84 -24.82 -40.63
N LEU A 242 -12.79 -23.60 -40.07
CA LEU A 242 -13.97 -22.93 -39.56
C LEU A 242 -14.55 -22.01 -40.62
N SER A 243 -15.82 -22.20 -40.93
CA SER A 243 -16.52 -21.40 -41.93
C SER A 243 -17.46 -20.41 -41.24
N TYR A 244 -17.95 -19.45 -42.02
CA TYR A 244 -18.84 -18.43 -41.47
C TYR A 244 -20.20 -19.00 -41.10
N ALA A 245 -20.56 -20.18 -41.61
CA ALA A 245 -21.83 -20.79 -41.27
C ALA A 245 -21.85 -21.32 -39.84
N ALA A 246 -20.68 -21.56 -39.25
CA ALA A 246 -20.65 -22.05 -37.87
C ALA A 246 -21.21 -21.02 -36.89
N VAL A 247 -20.89 -19.75 -37.09
CA VAL A 247 -21.38 -18.69 -36.23
C VAL A 247 -22.79 -18.33 -36.65
N GLY A 248 -23.72 -18.34 -35.70
CA GLY A 248 -25.10 -18.04 -35.98
C GLY A 248 -25.65 -17.02 -35.01
N GLY A 249 -26.61 -16.23 -35.51
CA GLY A 249 -27.25 -15.20 -34.71
C GLY A 249 -26.41 -13.96 -34.49
N LEU A 250 -25.29 -13.81 -35.20
CA LEU A 250 -24.40 -12.67 -35.05
C LEU A 250 -24.20 -11.95 -36.38
N ASP A 251 -25.18 -12.05 -37.28
CA ASP A 251 -25.00 -11.56 -38.63
C ASP A 251 -24.90 -10.04 -38.68
N LYS A 252 -25.81 -9.35 -37.97
CA LYS A 252 -26.00 -7.92 -38.17
C LYS A 252 -24.70 -7.13 -38.04
N GLU A 253 -23.80 -7.59 -37.18
CA GLU A 253 -22.47 -7.01 -37.09
C GLU A 253 -21.41 -7.78 -37.88
N ILE A 254 -21.67 -9.05 -38.23
CA ILE A 254 -20.64 -9.79 -38.94
C ILE A 254 -20.51 -9.30 -40.38
N GLU A 255 -21.62 -8.88 -41.02
CA GLU A 255 -21.48 -8.30 -42.35
C GLU A 255 -20.74 -6.98 -42.30
N SER A 256 -21.00 -6.17 -41.28
CA SER A 256 -20.27 -4.92 -41.12
C SER A 256 -18.79 -5.16 -40.92
N LEU A 257 -18.44 -6.15 -40.09
CA LEU A 257 -17.04 -6.49 -39.88
C LEU A 257 -16.40 -7.01 -41.15
N LYS A 258 -17.12 -7.82 -41.93
CA LYS A 258 -16.62 -8.30 -43.21
C LYS A 258 -16.33 -7.15 -44.15
N SER A 259 -17.24 -6.18 -44.24
CA SER A 259 -17.00 -5.02 -45.09
C SER A 259 -15.80 -4.22 -44.60
N ALA A 260 -15.69 -4.02 -43.28
CA ALA A 260 -14.61 -3.22 -42.71
C ALA A 260 -13.26 -3.89 -42.86
N ILE A 261 -13.21 -5.22 -42.93
CA ILE A 261 -11.94 -5.91 -43.15
C ILE A 261 -11.66 -6.14 -44.63
N GLU A 262 -12.68 -6.06 -45.49
CA GLU A 262 -12.47 -6.29 -46.92
C GLU A 262 -12.12 -4.99 -47.65
N ILE A 263 -12.62 -3.85 -47.18
CA ILE A 263 -12.38 -2.59 -47.87
C ILE A 263 -10.92 -2.15 -47.79
N PRO A 264 -10.15 -2.43 -46.72
CA PRO A 264 -8.73 -2.04 -46.77
C PRO A 264 -7.87 -3.00 -47.57
N LEU A 265 -8.20 -4.30 -47.52
CA LEU A 265 -7.36 -5.31 -48.16
C LEU A 265 -7.63 -5.42 -49.65
N HIS A 266 -8.86 -5.82 -50.02
CA HIS A 266 -9.15 -6.11 -51.41
C HIS A 266 -9.12 -4.88 -52.30
N GLN A 267 -9.62 -3.74 -51.82
CA GLN A 267 -9.68 -2.51 -52.61
C GLN A 267 -9.08 -1.36 -51.83
N PRO A 268 -7.74 -1.31 -51.72
CA PRO A 268 -7.11 -0.20 -51.00
C PRO A 268 -7.03 1.07 -51.84
N THR A 269 -6.88 0.92 -53.17
CA THR A 269 -6.75 2.07 -54.04
C THR A 269 -8.03 2.89 -54.08
N LEU A 270 -9.19 2.23 -54.08
CA LEU A 270 -10.45 2.95 -54.12
C LEU A 270 -10.63 3.85 -52.91
N PHE A 271 -10.28 3.36 -51.73
CA PHE A 271 -10.38 4.18 -50.53
C PHE A 271 -9.28 5.23 -50.47
N SER A 272 -8.08 4.88 -50.92
CA SER A 272 -6.96 5.82 -50.89
C SER A 272 -7.16 6.97 -51.87
N SER A 273 -7.96 6.78 -52.92
CA SER A 273 -8.21 7.86 -53.86
C SER A 273 -8.83 9.08 -53.19
N PHE A 274 -9.61 8.86 -52.13
CA PHE A 274 -10.19 9.99 -51.41
C PHE A 274 -9.13 10.77 -50.63
N GLY A 275 -8.02 10.13 -50.28
CA GLY A 275 -6.96 10.77 -49.54
C GLY A 275 -7.11 10.76 -48.03
N VAL A 276 -8.19 10.17 -47.51
CA VAL A 276 -8.41 10.13 -46.07
C VAL A 276 -7.76 8.90 -45.43
N SER A 277 -7.30 7.94 -46.23
CA SER A 277 -6.62 6.72 -45.81
C SER A 277 -7.59 5.77 -45.11
N PRO A 278 -7.43 4.47 -45.28
CA PRO A 278 -8.36 3.52 -44.66
C PRO A 278 -7.97 3.22 -43.22
N PRO A 279 -8.94 2.93 -42.36
CA PRO A 279 -8.62 2.60 -40.97
C PRO A 279 -7.86 1.29 -40.87
N ARG A 280 -7.02 1.20 -39.84
CA ARG A 280 -6.18 0.03 -39.64
C ARG A 280 -6.54 -0.78 -38.40
N GLY A 281 -7.34 -0.23 -37.48
CA GLY A 281 -7.65 -0.92 -36.25
C GLY A 281 -9.13 -1.20 -36.05
N ILE A 282 -9.48 -2.47 -35.87
CA ILE A 282 -10.85 -2.89 -35.59
C ILE A 282 -10.87 -3.49 -34.19
N LEU A 283 -11.75 -2.97 -33.35
CA LEU A 283 -11.86 -3.40 -31.95
C LEU A 283 -13.12 -4.25 -31.78
N LEU A 284 -12.94 -5.44 -31.22
CA LEU A 284 -14.04 -6.33 -30.90
C LEU A 284 -14.19 -6.42 -29.38
N HIS A 285 -15.37 -6.09 -28.88
CA HIS A 285 -15.61 -6.05 -27.44
C HIS A 285 -16.95 -6.71 -27.13
N GLY A 286 -17.07 -7.21 -25.91
CA GLY A 286 -18.29 -7.83 -25.45
C GLY A 286 -18.06 -8.71 -24.24
N PRO A 287 -19.13 -9.32 -23.73
CA PRO A 287 -18.98 -10.22 -22.59
C PRO A 287 -18.14 -11.43 -22.97
N PRO A 288 -17.47 -12.04 -22.00
CA PRO A 288 -16.67 -13.23 -22.32
C PRO A 288 -17.53 -14.36 -22.82
N GLY A 289 -16.99 -15.11 -23.78
CA GLY A 289 -17.71 -16.22 -24.38
C GLY A 289 -18.57 -15.88 -25.57
N THR A 290 -18.61 -14.62 -26.00
CA THR A 290 -19.41 -14.24 -27.15
C THR A 290 -18.82 -14.76 -28.45
N GLY A 291 -17.51 -14.90 -28.55
CA GLY A 291 -16.90 -15.47 -29.74
C GLY A 291 -15.98 -14.56 -30.52
N LYS A 292 -15.31 -13.64 -29.83
CA LYS A 292 -14.30 -12.81 -30.49
C LYS A 292 -13.19 -13.67 -31.07
N THR A 293 -12.76 -14.69 -30.32
CA THR A 293 -11.77 -15.62 -30.82
C THR A 293 -12.28 -16.37 -32.04
N MET A 294 -13.58 -16.66 -32.08
CA MET A 294 -14.17 -17.25 -33.29
C MET A 294 -14.05 -16.32 -34.49
N LEU A 295 -14.34 -15.03 -34.31
CA LEU A 295 -14.19 -14.10 -35.43
C LEU A 295 -12.74 -14.04 -35.89
N LEU A 296 -11.80 -14.01 -34.95
CA LEU A 296 -10.39 -14.02 -35.30
C LEU A 296 -10.02 -15.26 -36.10
N ARG A 297 -10.45 -16.43 -35.62
CA ARG A 297 -10.10 -17.68 -36.29
C ARG A 297 -10.75 -17.77 -37.67
N VAL A 298 -12.00 -17.34 -37.80
CA VAL A 298 -12.69 -17.49 -39.08
C VAL A 298 -12.13 -16.50 -40.11
N VAL A 299 -11.75 -15.29 -39.67
CA VAL A 299 -11.12 -14.39 -40.63
C VAL A 299 -9.73 -14.88 -40.99
N ALA A 300 -9.02 -15.53 -40.06
CA ALA A 300 -7.74 -16.14 -40.40
C ALA A 300 -7.92 -17.25 -41.43
N ASN A 301 -8.96 -18.07 -41.27
CA ASN A 301 -9.17 -19.20 -42.17
C ASN A 301 -9.64 -18.72 -43.56
N THR A 302 -10.59 -17.78 -43.59
CA THR A 302 -11.21 -17.40 -44.85
C THR A 302 -10.36 -16.45 -45.68
N SER A 303 -9.31 -15.88 -45.09
CA SER A 303 -8.46 -14.93 -45.80
C SER A 303 -7.25 -15.65 -46.38
N ASN A 304 -6.99 -15.41 -47.66
CA ASN A 304 -5.84 -16.00 -48.33
C ASN A 304 -4.56 -15.19 -48.16
N ALA A 305 -4.63 -14.06 -47.46
CA ALA A 305 -3.46 -13.22 -47.23
C ALA A 305 -2.76 -13.60 -45.94
N HIS A 306 -1.52 -13.16 -45.82
CA HIS A 306 -0.72 -13.43 -44.63
C HIS A 306 -1.30 -12.71 -43.42
N VAL A 307 -1.22 -13.36 -42.26
CA VAL A 307 -1.68 -12.78 -41.00
C VAL A 307 -0.60 -12.99 -39.95
N LEU A 308 -0.64 -12.15 -38.92
CA LEU A 308 0.29 -12.25 -37.80
C LEU A 308 -0.51 -12.24 -36.51
N THR A 309 -0.24 -13.22 -35.65
CA THR A 309 -0.92 -13.34 -34.36
C THR A 309 0.09 -13.20 -33.24
N ILE A 310 -0.39 -12.77 -32.07
CA ILE A 310 0.50 -12.57 -30.94
C ILE A 310 0.24 -13.64 -29.88
N ASN A 311 1.24 -13.89 -29.04
CA ASN A 311 1.17 -14.87 -27.98
C ASN A 311 0.84 -14.24 -26.63
N GLY A 312 0.57 -12.94 -26.61
CA GLY A 312 0.22 -12.26 -25.39
C GLY A 312 1.36 -12.18 -24.39
N PRO A 313 1.11 -12.65 -23.16
CA PRO A 313 2.15 -12.60 -22.13
C PRO A 313 3.49 -13.20 -22.53
N SER A 314 3.54 -14.06 -23.54
CA SER A 314 4.81 -14.66 -23.94
C SER A 314 5.79 -13.62 -24.47
N ILE A 315 5.29 -12.61 -25.17
CA ILE A 315 6.17 -11.55 -25.66
C ILE A 315 6.76 -10.77 -24.49
N VAL A 316 5.99 -10.59 -23.42
CA VAL A 316 6.47 -9.87 -22.25
C VAL A 316 7.66 -10.61 -21.66
N SER A 317 8.76 -9.89 -21.43
CA SER A 317 9.98 -10.47 -20.90
C SER A 317 10.58 -9.51 -19.88
N LYS A 318 11.56 -10.03 -19.13
CA LYS A 318 12.22 -9.21 -18.11
C LYS A 318 12.95 -8.03 -18.75
N TYR A 319 13.65 -8.27 -19.85
CA TYR A 319 14.37 -7.20 -20.53
C TYR A 319 13.39 -6.19 -21.13
N LEU A 320 13.62 -4.90 -20.86
CA LEU A 320 12.74 -3.87 -21.40
C LEU A 320 12.85 -3.77 -22.92
N GLY A 321 14.06 -3.96 -23.45
CA GLY A 321 14.27 -3.86 -24.88
C GLY A 321 13.89 -5.09 -25.67
N GLU A 322 13.76 -6.25 -25.02
CA GLU A 322 13.42 -7.47 -25.74
C GLU A 322 12.02 -7.39 -26.34
N THR A 323 11.06 -6.90 -25.57
CA THR A 323 9.69 -6.75 -26.09
C THR A 323 9.64 -5.73 -27.22
N GLU A 324 10.38 -4.63 -27.08
CA GLU A 324 10.42 -3.61 -28.12
C GLU A 324 11.01 -4.20 -29.40
N ALA A 325 12.09 -4.96 -29.29
CA ALA A 325 12.70 -5.57 -30.46
C ALA A 325 11.77 -6.58 -31.11
N ALA A 326 11.08 -7.38 -30.29
CA ALA A 326 10.14 -8.36 -30.83
C ALA A 326 9.00 -7.68 -31.58
N LEU A 327 8.45 -6.61 -31.00
CA LEU A 327 7.37 -5.88 -31.66
C LEU A 327 7.85 -5.23 -32.95
N ARG A 328 9.06 -4.65 -32.94
CA ARG A 328 9.59 -4.04 -34.14
C ARG A 328 9.82 -5.07 -35.24
N ASP A 329 10.33 -6.25 -34.87
CA ASP A 329 10.53 -7.31 -35.85
C ASP A 329 9.19 -7.80 -36.41
N ILE A 330 8.18 -7.92 -35.54
CA ILE A 330 6.85 -8.35 -36.00
C ILE A 330 6.28 -7.35 -36.98
N PHE A 331 6.39 -6.06 -36.66
CA PHE A 331 5.88 -5.03 -37.57
C PHE A 331 6.67 -4.98 -38.87
N ASN A 332 7.99 -5.18 -38.81
CA ASN A 332 8.80 -5.20 -40.02
C ASN A 332 8.40 -6.37 -40.91
N GLU A 333 8.16 -7.54 -40.31
CA GLU A 333 7.69 -8.69 -41.10
C GLU A 333 6.32 -8.42 -41.69
N ALA A 334 5.43 -7.78 -40.93
CA ALA A 334 4.10 -7.48 -41.43
C ALA A 334 4.15 -6.51 -42.61
N ARG A 335 4.98 -5.48 -42.51
CA ARG A 335 5.06 -4.49 -43.58
C ARG A 335 5.85 -5.02 -44.78
N LYS A 336 6.76 -5.97 -44.56
CA LYS A 336 7.52 -6.52 -45.68
C LYS A 336 6.62 -7.27 -46.65
N TYR A 337 5.68 -8.06 -46.13
CA TYR A 337 4.71 -8.75 -46.97
C TYR A 337 3.49 -7.84 -47.13
N GLN A 338 3.29 -7.37 -48.35
CA GLN A 338 2.39 -6.26 -48.64
C GLN A 338 0.96 -6.51 -48.14
N PRO A 339 0.34 -7.70 -48.38
CA PRO A 339 -0.91 -8.04 -47.68
C PRO A 339 -0.62 -8.66 -46.32
N SER A 340 -1.04 -7.99 -45.25
CA SER A 340 -0.82 -8.50 -43.91
C SER A 340 -1.98 -8.11 -42.99
N ILE A 341 -2.23 -8.95 -41.99
CA ILE A 341 -3.25 -8.71 -40.98
C ILE A 341 -2.65 -9.00 -39.61
N ILE A 342 -2.92 -8.13 -38.65
CA ILE A 342 -2.38 -8.24 -37.29
C ILE A 342 -3.50 -8.63 -36.35
N PHE A 343 -3.29 -9.67 -35.55
CA PHE A 343 -4.25 -10.11 -34.54
C PHE A 343 -3.68 -9.87 -33.15
N ILE A 344 -4.49 -9.29 -32.28
CA ILE A 344 -4.10 -9.00 -30.90
C ILE A 344 -5.10 -9.66 -29.96
N ASP A 345 -4.60 -10.44 -29.01
CA ASP A 345 -5.42 -11.13 -28.03
C ASP A 345 -5.19 -10.53 -26.66
N GLU A 346 -6.28 -10.19 -25.97
CA GLU A 346 -6.23 -9.61 -24.62
C GLU A 346 -5.37 -8.35 -24.59
N ILE A 347 -5.81 -7.35 -25.36
CA ILE A 347 -5.08 -6.09 -25.43
C ILE A 347 -5.12 -5.37 -24.08
N ASP A 348 -6.17 -5.60 -23.29
CA ASP A 348 -6.28 -4.95 -21.98
C ASP A 348 -5.14 -5.36 -21.06
N SER A 349 -4.79 -6.66 -21.04
CA SER A 349 -3.67 -7.12 -20.23
C SER A 349 -2.36 -6.53 -20.74
N ILE A 350 -2.17 -6.52 -22.06
CA ILE A 350 -0.95 -5.96 -22.62
C ILE A 350 -0.91 -4.44 -22.43
N ALA A 351 -2.06 -3.79 -22.54
CA ALA A 351 -2.16 -2.33 -22.49
C ALA A 351 -3.14 -1.93 -21.39
N PRO A 352 -2.72 -1.96 -20.14
CA PRO A 352 -3.59 -1.51 -19.04
C PRO A 352 -3.66 0.01 -18.99
N ASN A 353 -4.58 0.50 -18.16
CA ASN A 353 -4.78 1.93 -18.02
C ASN A 353 -3.70 2.54 -17.14
N ARG A 354 -3.10 3.63 -17.61
CA ARG A 354 -2.14 4.38 -16.79
C ARG A 354 -2.80 4.96 -15.55
N ALA A 355 -3.99 5.52 -15.70
CA ALA A 355 -4.67 6.15 -14.56
C ALA A 355 -5.03 5.12 -13.49
N ASN A 356 -5.50 3.95 -13.91
CA ASN A 356 -5.97 2.96 -12.95
C ASN A 356 -4.83 2.32 -12.16
N ASP A 357 -3.74 1.94 -12.85
CA ASP A 357 -2.64 1.25 -12.20
C ASP A 357 -1.33 1.63 -12.88
N ASP A 358 -0.35 2.07 -12.08
CA ASP A 358 0.99 2.33 -12.56
C ASP A 358 1.87 1.14 -12.19
N SER A 359 1.71 0.05 -12.94
CA SER A 359 2.41 -1.19 -12.62
C SER A 359 3.92 -1.05 -12.80
N GLY A 360 4.34 -0.38 -13.88
CA GLY A 360 5.75 -0.23 -14.18
C GLY A 360 6.26 -1.34 -15.08
N GLU A 361 7.57 -1.28 -15.33
CA GLU A 361 8.26 -2.24 -16.19
C GLU A 361 7.62 -2.31 -17.57
N VAL A 362 6.97 -3.44 -17.87
CA VAL A 362 6.27 -3.60 -19.13
C VAL A 362 4.92 -2.90 -19.04
N GLU A 363 4.87 -1.66 -19.53
CA GLU A 363 3.69 -0.81 -19.37
C GLU A 363 3.57 0.12 -20.57
N SER A 364 2.86 1.23 -20.42
CA SER A 364 2.45 2.10 -21.52
C SER A 364 3.60 2.57 -22.41
N ARG A 365 4.85 2.27 -22.02
CA ARG A 365 5.96 2.41 -22.96
C ARG A 365 5.72 1.60 -24.22
N VAL A 366 5.26 0.35 -24.05
CA VAL A 366 4.93 -0.49 -25.19
C VAL A 366 3.73 0.11 -25.94
N VAL A 367 2.82 0.75 -25.22
CA VAL A 367 1.69 1.41 -25.88
C VAL A 367 2.20 2.53 -26.79
N ALA A 368 3.11 3.34 -26.27
CA ALA A 368 3.65 4.45 -27.05
C ALA A 368 4.40 3.95 -28.28
N THR A 369 5.25 2.93 -28.10
CA THR A 369 5.99 2.43 -29.26
C THR A 369 5.07 1.76 -30.27
N LEU A 370 4.01 1.07 -29.80
CA LEU A 370 3.07 0.45 -30.72
C LEU A 370 2.31 1.50 -31.53
N LEU A 371 1.82 2.56 -30.86
CA LEU A 371 1.11 3.60 -31.59
C LEU A 371 2.04 4.34 -32.56
N THR A 372 3.28 4.57 -32.14
CA THR A 372 4.24 5.21 -33.04
C THR A 372 4.51 4.35 -34.27
N LEU A 373 4.65 3.03 -34.07
CA LEU A 373 4.92 2.14 -35.19
C LEU A 373 3.71 2.04 -36.12
N MET A 374 2.51 2.00 -35.57
CA MET A 374 1.31 1.77 -36.37
C MET A 374 0.70 3.04 -36.94
N ASP A 375 1.16 4.22 -36.50
CA ASP A 375 0.65 5.46 -37.09
C ASP A 375 1.23 5.69 -38.49
N GLY A 376 2.52 5.41 -38.66
CA GLY A 376 3.17 5.66 -39.94
C GLY A 376 3.86 4.45 -40.53
N MET A 377 3.28 3.26 -40.33
CA MET A 377 3.87 2.06 -40.89
C MET A 377 3.78 2.05 -42.41
N GLY A 378 2.69 2.60 -42.97
CA GLY A 378 2.52 2.68 -44.40
C GLY A 378 1.49 3.74 -44.74
N ALA A 379 1.45 4.10 -46.02
CA ALA A 379 0.52 5.12 -46.49
C ALA A 379 -0.81 4.50 -46.93
N ALA A 380 -0.77 3.65 -47.96
CA ALA A 380 -1.97 2.93 -48.40
C ALA A 380 -1.94 1.46 -47.97
N GLY A 381 -0.97 0.70 -48.50
CA GLY A 381 -0.81 -0.72 -48.18
C GLY A 381 -2.09 -1.52 -48.24
N LYS A 382 -2.10 -2.66 -47.54
CA LYS A 382 -3.33 -3.35 -47.20
C LYS A 382 -3.06 -4.07 -45.87
N VAL A 383 -3.35 -3.40 -44.78
CA VAL A 383 -3.06 -3.90 -43.44
C VAL A 383 -4.21 -3.53 -42.53
N VAL A 384 -4.72 -4.52 -41.78
CA VAL A 384 -5.76 -4.29 -40.80
C VAL A 384 -5.36 -4.99 -39.51
N VAL A 385 -5.60 -4.33 -38.39
CA VAL A 385 -5.24 -4.84 -37.07
C VAL A 385 -6.52 -5.11 -36.30
N ILE A 386 -6.69 -6.34 -35.85
CA ILE A 386 -7.87 -6.76 -35.11
C ILE A 386 -7.46 -7.03 -33.67
N ALA A 387 -8.10 -6.35 -32.73
CA ALA A 387 -7.82 -6.49 -31.30
C ALA A 387 -9.11 -6.82 -30.59
N ALA A 388 -9.09 -7.86 -29.76
CA ALA A 388 -10.25 -8.29 -29.00
C ALA A 388 -9.97 -8.11 -27.51
N THR A 389 -10.89 -7.44 -26.81
CA THR A 389 -10.76 -7.19 -25.40
C THR A 389 -12.01 -7.68 -24.67
N ASN A 390 -11.83 -8.12 -23.43
CA ASN A 390 -12.97 -8.57 -22.63
C ASN A 390 -13.82 -7.38 -22.19
N ARG A 391 -13.19 -6.31 -21.72
CA ARG A 391 -13.90 -5.12 -21.29
C ARG A 391 -13.26 -3.90 -21.93
N PRO A 392 -14.04 -3.01 -22.53
CA PRO A 392 -13.46 -1.86 -23.23
C PRO A 392 -12.98 -0.77 -22.28
N ASN A 393 -13.61 -0.67 -21.11
CA ASN A 393 -13.30 0.41 -20.19
C ASN A 393 -11.87 0.33 -19.67
N SER A 394 -11.39 -0.88 -19.35
CA SER A 394 -10.05 -1.02 -18.81
C SER A 394 -8.97 -0.69 -19.83
N VAL A 395 -9.31 -0.70 -21.12
CA VAL A 395 -8.33 -0.34 -22.15
C VAL A 395 -7.95 1.12 -21.99
N ASP A 396 -6.66 1.40 -22.15
CA ASP A 396 -6.17 2.76 -21.98
C ASP A 396 -6.79 3.68 -23.02
N PRO A 397 -7.06 4.95 -22.67
CA PRO A 397 -7.67 5.86 -23.65
C PRO A 397 -6.80 6.13 -24.87
N ALA A 398 -5.48 5.91 -24.77
CA ALA A 398 -4.62 6.10 -25.92
C ALA A 398 -4.99 5.17 -27.06
N LEU A 399 -5.23 3.89 -26.75
CA LEU A 399 -5.69 2.96 -27.78
C LEU A 399 -7.13 3.24 -28.18
N ARG A 400 -7.94 3.76 -27.26
CA ARG A 400 -9.34 4.04 -27.54
C ARG A 400 -9.52 5.46 -28.06
N ARG A 401 -8.79 5.82 -29.10
CA ARG A 401 -8.92 7.11 -29.75
C ARG A 401 -9.08 6.90 -31.25
N PRO A 402 -9.92 7.71 -31.91
CA PRO A 402 -10.18 7.51 -33.35
C PRO A 402 -8.94 7.50 -34.23
N GLY A 403 -7.78 7.87 -33.68
CA GLY A 403 -6.56 7.82 -34.46
C GLY A 403 -6.16 6.43 -34.88
N ARG A 404 -6.39 5.44 -34.04
CA ARG A 404 -5.96 4.07 -34.29
C ARG A 404 -7.12 3.08 -34.35
N PHE A 405 -8.06 3.15 -33.43
CA PHE A 405 -9.13 2.16 -33.29
C PHE A 405 -10.49 2.83 -33.32
N ASP A 406 -10.70 3.70 -34.32
CA ASP A 406 -11.99 4.35 -34.48
C ASP A 406 -13.09 3.32 -34.78
N GLN A 407 -12.80 2.36 -35.63
CA GLN A 407 -13.77 1.33 -35.96
C GLN A 407 -13.93 0.36 -34.79
N GLU A 408 -15.17 0.13 -34.37
CA GLU A 408 -15.46 -0.74 -33.24
C GLU A 408 -16.59 -1.68 -33.60
N VAL A 409 -16.53 -2.90 -33.06
CA VAL A 409 -17.56 -3.91 -33.27
C VAL A 409 -18.08 -4.32 -31.89
N GLU A 410 -19.40 -4.22 -31.72
CA GLU A 410 -20.06 -4.56 -30.47
C GLU A 410 -20.69 -5.95 -30.61
N ILE A 411 -20.31 -6.85 -29.71
CA ILE A 411 -20.83 -8.22 -29.71
C ILE A 411 -21.44 -8.45 -28.33
N GLY A 412 -22.74 -8.20 -28.21
CA GLY A 412 -23.44 -8.40 -26.96
C GLY A 412 -23.87 -9.84 -26.76
N ILE A 413 -24.55 -10.07 -25.64
CA ILE A 413 -25.05 -11.43 -25.35
C ILE A 413 -26.13 -11.78 -26.36
N PRO A 414 -26.21 -13.02 -26.82
CA PRO A 414 -27.24 -13.39 -27.79
C PRO A 414 -28.64 -13.23 -27.21
N ASP A 415 -29.57 -12.79 -28.06
CA ASP A 415 -30.96 -12.66 -27.67
C ASP A 415 -31.68 -13.98 -27.95
N VAL A 416 -33.02 -13.96 -27.89
CA VAL A 416 -33.79 -15.18 -28.11
C VAL A 416 -33.60 -15.67 -29.55
N ASP A 417 -33.60 -14.75 -30.52
CA ASP A 417 -33.42 -15.14 -31.92
C ASP A 417 -32.02 -15.70 -32.16
N ALA A 418 -31.00 -15.05 -31.64
CA ALA A 418 -29.63 -15.53 -31.82
C ALA A 418 -29.43 -16.88 -31.13
N ARG A 419 -30.02 -17.05 -29.94
CA ARG A 419 -29.92 -18.34 -29.25
C ARG A 419 -30.63 -19.43 -30.03
N PHE A 420 -31.81 -19.12 -30.58
CA PHE A 420 -32.50 -20.09 -31.42
C PHE A 420 -31.65 -20.47 -32.63
N ASP A 421 -31.02 -19.47 -33.27
CA ASP A 421 -30.20 -19.75 -34.44
C ASP A 421 -28.99 -20.62 -34.09
N ILE A 422 -28.32 -20.31 -32.98
CA ILE A 422 -27.14 -21.09 -32.61
C ILE A 422 -27.53 -22.51 -32.21
N LEU A 423 -28.66 -22.68 -31.51
CA LEU A 423 -29.11 -24.03 -31.19
C LEU A 423 -29.48 -24.81 -32.45
N THR A 424 -30.13 -24.15 -33.42
CA THR A 424 -30.45 -24.84 -34.66
C THR A 424 -29.18 -25.25 -35.41
N LYS A 425 -28.18 -24.36 -35.35
CA LYS A 425 -26.86 -24.60 -35.98
C LYS A 425 -26.09 -25.62 -35.13
N GLN A 426 -26.19 -25.49 -33.81
CA GLN A 426 -25.47 -26.40 -32.87
C GLN A 426 -25.96 -27.83 -33.08
N PHE A 427 -27.28 -28.02 -33.19
CA PHE A 427 -27.89 -29.36 -33.38
C PHE A 427 -27.48 -29.96 -34.74
N SER A 428 -27.36 -29.11 -35.76
CA SER A 428 -27.00 -29.59 -37.13
C SER A 428 -25.64 -30.27 -37.11
N ARG A 429 -24.69 -29.72 -36.35
CA ARG A 429 -23.32 -30.32 -36.27
C ARG A 429 -23.43 -31.72 -35.65
N MET A 430 -24.27 -31.87 -34.63
CA MET A 430 -24.47 -33.19 -33.97
C MET A 430 -25.23 -34.11 -34.92
N SER A 431 -26.19 -33.53 -35.67
CA SER A 431 -27.07 -34.14 -36.71
C SER A 431 -28.28 -34.87 -36.10
N SER A 432 -29.27 -35.18 -36.93
CA SER A 432 -30.51 -35.85 -36.42
C SER A 432 -30.21 -37.27 -35.95
N ASP A 433 -29.19 -37.91 -36.53
CA ASP A 433 -28.81 -39.29 -36.15
C ASP A 433 -28.38 -39.32 -34.69
N ARG A 434 -27.62 -38.30 -34.26
CA ARG A 434 -27.10 -38.24 -32.86
C ARG A 434 -28.18 -37.72 -31.90
N HIS A 435 -29.17 -36.99 -32.40
CA HIS A 435 -30.23 -36.46 -31.48
C HIS A 435 -31.50 -36.06 -32.25
N VAL A 436 -32.66 -36.47 -31.72
CA VAL A 436 -33.98 -36.18 -32.28
C VAL A 436 -34.52 -34.95 -31.56
N LEU A 437 -34.28 -33.77 -32.13
CA LEU A 437 -34.80 -32.52 -31.59
C LEU A 437 -35.53 -31.77 -32.70
N ASP A 438 -36.75 -31.31 -32.40
CA ASP A 438 -37.57 -30.59 -33.35
C ASP A 438 -37.51 -29.09 -33.08
N SER A 439 -38.16 -28.31 -33.96
CA SER A 439 -38.10 -26.86 -33.87
C SER A 439 -38.75 -26.36 -32.59
N GLU A 440 -39.85 -26.99 -32.17
CA GLU A 440 -40.55 -26.56 -30.96
C GLU A 440 -39.69 -26.70 -29.73
N ALA A 441 -38.94 -27.80 -29.61
CA ALA A 441 -38.05 -27.97 -28.47
C ALA A 441 -36.94 -26.92 -28.49
N ILE A 442 -36.41 -26.60 -29.67
CA ILE A 442 -35.38 -25.57 -29.78
C ILE A 442 -35.94 -24.22 -29.32
N LYS A 443 -37.15 -23.89 -29.75
CA LYS A 443 -37.76 -22.62 -29.36
C LYS A 443 -38.01 -22.58 -27.85
N TYR A 444 -38.46 -23.70 -27.27
CA TYR A 444 -38.68 -23.75 -25.83
C TYR A 444 -37.37 -23.58 -25.07
N ILE A 445 -36.30 -24.22 -25.54
CA ILE A 445 -35.00 -24.07 -24.90
C ILE A 445 -34.50 -22.63 -25.00
N ALA A 446 -34.67 -22.00 -26.17
CA ALA A 446 -34.26 -20.62 -26.33
C ALA A 446 -35.04 -19.69 -25.41
N SER A 447 -36.34 -19.94 -25.27
CA SER A 447 -37.15 -19.12 -24.37
C SER A 447 -36.72 -19.32 -22.93
N LYS A 448 -36.45 -20.56 -22.53
CA LYS A 448 -36.04 -20.83 -21.15
C LYS A 448 -34.65 -20.24 -20.86
N THR A 449 -33.72 -20.39 -21.80
CA THR A 449 -32.36 -19.88 -21.63
C THR A 449 -32.36 -18.42 -22.03
N HIS A 450 -32.51 -17.54 -21.04
CA HIS A 450 -32.56 -16.11 -21.30
C HIS A 450 -31.18 -15.46 -21.13
N GLY A 451 -30.61 -15.54 -19.94
CA GLY A 451 -29.32 -14.93 -19.67
C GLY A 451 -28.16 -15.88 -19.79
N TYR A 452 -27.98 -16.48 -20.96
CA TYR A 452 -26.93 -17.47 -21.20
C TYR A 452 -26.04 -17.00 -22.34
N VAL A 453 -24.72 -17.13 -22.16
CA VAL A 453 -23.78 -16.77 -23.20
C VAL A 453 -23.64 -17.93 -24.18
N GLY A 454 -23.05 -17.65 -25.34
CA GLY A 454 -22.88 -18.69 -26.35
C GLY A 454 -22.05 -19.86 -25.87
N ALA A 455 -21.00 -19.57 -25.09
CA ALA A 455 -20.20 -20.64 -24.51
C ALA A 455 -21.03 -21.51 -23.57
N ASP A 456 -21.91 -20.88 -22.78
CA ASP A 456 -22.75 -21.63 -21.86
C ASP A 456 -23.65 -22.61 -22.58
N LEU A 457 -24.15 -22.24 -23.77
CA LEU A 457 -25.02 -23.13 -24.52
C LEU A 457 -24.28 -24.38 -24.98
N THR A 458 -23.06 -24.20 -25.50
CA THR A 458 -22.27 -25.36 -25.93
C THR A 458 -21.85 -26.22 -24.75
N ALA A 459 -21.51 -25.60 -23.62
CA ALA A 459 -21.21 -26.37 -22.42
C ALA A 459 -22.43 -27.15 -21.96
N LEU A 460 -23.61 -26.54 -22.04
CA LEU A 460 -24.85 -27.22 -21.68
C LEU A 460 -25.09 -28.42 -22.58
N CYS A 461 -24.83 -28.27 -23.89
CA CYS A 461 -24.98 -29.39 -24.81
C CYS A 461 -23.99 -30.52 -24.47
N ARG A 462 -22.74 -30.16 -24.17
CA ARG A 462 -21.73 -31.16 -23.85
C ARG A 462 -22.10 -31.93 -22.58
N GLU A 463 -22.49 -31.22 -21.54
CA GLU A 463 -22.86 -31.93 -20.32
C GLU A 463 -24.25 -32.58 -20.40
N SER A 464 -25.08 -32.17 -21.35
CA SER A 464 -26.27 -32.95 -21.68
C SER A 464 -25.89 -34.30 -22.28
N VAL A 465 -24.89 -34.29 -23.18
CA VAL A 465 -24.37 -35.55 -23.71
C VAL A 465 -23.78 -36.38 -22.58
N MET A 466 -23.08 -35.74 -21.64
CA MET A 466 -22.55 -36.44 -20.48
C MET A 466 -23.67 -37.10 -19.66
N LYS A 467 -24.74 -36.35 -19.40
CA LYS A 467 -25.87 -36.89 -18.64
C LYS A 467 -26.50 -38.06 -19.39
N THR A 468 -26.58 -37.96 -20.72
CA THR A 468 -27.06 -39.08 -21.53
C THR A 468 -26.17 -40.31 -21.33
N ILE A 469 -24.85 -40.10 -21.31
CA ILE A 469 -23.93 -41.23 -21.15
C ILE A 469 -24.14 -41.90 -19.79
N GLN A 470 -24.22 -41.10 -18.72
CA GLN A 470 -24.46 -41.69 -17.40
C GLN A 470 -25.81 -42.40 -17.33
N ARG A 471 -26.86 -41.80 -17.89
CA ARG A 471 -28.17 -42.45 -17.86
C ARG A 471 -28.15 -43.78 -18.61
N GLY A 472 -27.52 -43.79 -19.78
CA GLY A 472 -27.45 -45.03 -20.55
C GLY A 472 -26.66 -46.11 -19.83
N LEU A 473 -25.50 -45.74 -19.27
CA LEU A 473 -24.70 -46.72 -18.54
C LEU A 473 -25.43 -47.25 -17.32
N GLY A 474 -26.13 -46.38 -16.60
CA GLY A 474 -26.86 -46.81 -15.41
C GLY A 474 -28.04 -47.69 -15.72
N THR A 475 -28.79 -47.37 -16.78
CA THR A 475 -30.04 -48.06 -17.03
C THR A 475 -29.90 -49.23 -18.00
N ASP A 476 -29.36 -48.99 -19.20
CA ASP A 476 -29.36 -49.97 -20.27
C ASP A 476 -28.19 -50.95 -20.18
N ALA A 477 -27.30 -50.79 -19.20
CA ALA A 477 -26.18 -51.70 -18.98
C ALA A 477 -25.28 -51.80 -20.21
N ASN A 478 -24.67 -50.65 -20.55
CA ASN A 478 -23.66 -50.56 -21.60
C ASN A 478 -24.25 -50.94 -22.96
N ILE A 479 -25.38 -50.34 -23.30
CA ILE A 479 -25.97 -50.48 -24.63
C ILE A 479 -25.29 -49.48 -25.56
N ASP A 480 -25.51 -49.64 -26.87
CA ASP A 480 -24.99 -48.67 -27.83
C ASP A 480 -25.55 -47.29 -27.54
N LYS A 481 -24.67 -46.30 -27.49
CA LYS A 481 -25.08 -44.96 -27.09
C LYS A 481 -25.95 -44.27 -28.14
N PHE A 482 -25.99 -44.78 -29.37
CA PHE A 482 -26.78 -44.15 -30.42
C PHE A 482 -28.28 -44.39 -30.23
N SER A 483 -28.66 -45.49 -29.58
CA SER A 483 -30.08 -45.79 -29.41
C SER A 483 -30.75 -44.78 -28.48
N LEU A 484 -30.11 -44.48 -27.35
CA LEU A 484 -30.70 -43.55 -26.40
C LEU A 484 -30.67 -42.11 -26.94
N LYS A 485 -29.61 -41.76 -27.67
CA LYS A 485 -29.38 -40.44 -28.26
C LYS A 485 -29.70 -39.31 -27.29
N VAL A 486 -30.18 -38.18 -27.80
CA VAL A 486 -30.40 -36.98 -27.00
C VAL A 486 -31.89 -36.62 -27.04
N THR A 487 -32.47 -36.42 -25.87
CA THR A 487 -33.85 -35.97 -25.74
C THR A 487 -33.92 -34.72 -24.87
N LEU A 488 -35.12 -34.30 -24.49
CA LEU A 488 -35.26 -33.14 -23.61
C LEU A 488 -35.11 -33.50 -22.14
N LYS A 489 -35.18 -34.80 -21.79
CA LYS A 489 -35.12 -35.22 -20.40
C LYS A 489 -33.80 -34.82 -19.76
N ASP A 490 -32.69 -35.06 -20.46
CA ASP A 490 -31.39 -34.64 -19.93
C ASP A 490 -31.19 -33.13 -20.06
N VAL A 491 -31.83 -32.50 -21.04
CA VAL A 491 -31.69 -31.06 -21.21
C VAL A 491 -32.32 -30.31 -20.04
N GLU A 492 -33.42 -30.84 -19.51
CA GLU A 492 -34.03 -30.22 -18.34
C GLU A 492 -33.06 -30.20 -17.16
N SER A 493 -32.47 -31.35 -16.84
CA SER A 493 -31.44 -31.39 -15.80
C SER A 493 -30.23 -30.55 -16.19
N ALA A 494 -30.00 -30.36 -17.49
CA ALA A 494 -28.91 -29.51 -17.94
C ALA A 494 -29.13 -28.06 -17.51
N MET A 495 -30.31 -27.52 -17.79
CA MET A 495 -30.61 -26.19 -17.26
C MET A 495 -30.63 -26.18 -15.73
N VAL A 496 -31.00 -27.32 -15.11
CA VAL A 496 -31.03 -27.38 -13.65
C VAL A 496 -29.64 -27.18 -13.07
N ASP A 497 -28.65 -27.88 -13.62
CA ASP A 497 -27.31 -27.92 -13.03
C ASP A 497 -26.25 -27.22 -13.88
N ILE A 498 -26.64 -26.33 -14.79
CA ILE A 498 -25.66 -25.68 -15.65
C ILE A 498 -24.78 -24.69 -14.88
N ARG A 499 -25.26 -24.16 -13.75
CA ARG A 499 -24.54 -23.17 -12.97
C ARG A 499 -24.15 -21.99 -13.85
N PRO A 500 -25.11 -21.14 -14.22
CA PRO A 500 -24.81 -20.06 -15.18
C PRO A 500 -23.89 -19.01 -14.58
N SER A 501 -23.32 -18.19 -15.48
CA SER A 501 -22.41 -17.13 -15.10
C SER A 501 -22.81 -15.74 -15.58
N ALA A 502 -23.90 -15.62 -16.35
CA ALA A 502 -24.32 -14.35 -16.92
C ALA A 502 -25.58 -13.82 -16.24
N MET A 503 -25.84 -14.23 -14.99
CA MET A 503 -27.01 -13.73 -14.27
C MET A 503 -26.91 -12.24 -14.00
N ARG A 504 -25.72 -11.75 -13.64
CA ARG A 504 -25.52 -10.34 -13.33
C ARG A 504 -25.23 -9.59 -14.63
N GLU A 505 -26.22 -8.85 -15.12
CA GLU A 505 -26.06 -8.08 -16.34
C GLU A 505 -27.08 -6.94 -16.34
N ILE A 506 -26.83 -5.95 -17.17
CA ILE A 506 -27.72 -4.80 -17.32
C ILE A 506 -28.49 -4.86 -18.63
N PHE A 507 -28.48 -6.01 -19.29
CA PHE A 507 -29.18 -6.22 -20.55
C PHE A 507 -30.26 -7.31 -20.42
N LEU A 508 -30.99 -7.27 -19.31
CA LEU A 508 -32.04 -8.25 -19.06
C LEU A 508 -33.24 -7.93 -19.94
N GLU A 509 -33.72 -8.95 -20.66
CA GLU A 509 -34.87 -8.82 -21.54
C GLU A 509 -35.96 -9.75 -21.05
N MET A 510 -37.14 -9.18 -20.74
CA MET A 510 -38.26 -9.98 -20.30
C MET A 510 -38.82 -10.79 -21.46
N PRO A 511 -39.41 -11.96 -21.18
CA PRO A 511 -40.01 -12.75 -22.26
C PRO A 511 -41.20 -12.03 -22.89
N LYS A 512 -41.41 -12.28 -24.17
CA LYS A 512 -42.46 -11.60 -24.92
C LYS A 512 -43.82 -12.04 -24.42
N VAL A 513 -44.69 -11.07 -24.13
CA VAL A 513 -46.03 -11.31 -23.60
C VAL A 513 -47.01 -10.50 -24.43
N TYR A 514 -48.01 -11.20 -25.01
CA TYR A 514 -48.93 -10.57 -25.94
C TYR A 514 -50.04 -9.82 -25.20
N TRP A 515 -50.90 -9.17 -25.98
CA TRP A 515 -51.95 -8.33 -25.41
C TRP A 515 -52.99 -9.15 -24.65
N SER A 516 -53.28 -10.36 -25.14
CA SER A 516 -54.33 -11.17 -24.53
C SER A 516 -54.04 -11.50 -23.08
N ASP A 517 -52.76 -11.59 -22.72
CA ASP A 517 -52.39 -11.86 -21.33
C ASP A 517 -52.79 -10.70 -20.42
N ILE A 518 -52.60 -9.48 -20.88
CA ILE A 518 -52.83 -8.30 -20.05
C ILE A 518 -54.29 -7.86 -20.17
N GLY A 519 -54.98 -7.80 -19.05
CA GLY A 519 -56.32 -7.23 -19.00
C GLY A 519 -56.31 -5.92 -18.25
N GLY A 520 -56.47 -4.80 -18.97
CA GLY A 520 -56.40 -3.50 -18.35
C GLY A 520 -57.40 -2.49 -18.91
N GLN A 521 -57.07 -1.22 -18.81
CA GLN A 521 -57.93 -0.14 -19.28
C GLN A 521 -57.49 0.31 -20.67
N GLU A 522 -58.46 0.49 -21.57
CA GLU A 522 -58.15 0.88 -22.94
C GLU A 522 -57.60 2.29 -23.04
N GLU A 523 -57.92 3.18 -22.09
CA GLU A 523 -57.42 4.55 -22.16
C GLU A 523 -55.91 4.59 -22.00
N LEU A 524 -55.37 3.87 -21.02
CA LEU A 524 -53.93 3.83 -20.82
C LEU A 524 -53.23 3.18 -22.01
N LYS A 525 -53.83 2.11 -22.55
CA LYS A 525 -53.25 1.46 -23.72
C LYS A 525 -53.21 2.40 -24.91
N THR A 526 -54.28 3.14 -25.15
CA THR A 526 -54.29 4.12 -26.24
C THR A 526 -53.24 5.20 -26.00
N LYS A 527 -53.11 5.66 -24.76
CA LYS A 527 -52.13 6.70 -24.44
C LYS A 527 -50.71 6.22 -24.74
N MET A 528 -50.36 5.01 -24.27
CA MET A 528 -48.99 4.55 -24.49
C MET A 528 -48.75 4.17 -25.94
N LYS A 529 -49.79 3.70 -26.65
CA LYS A 529 -49.65 3.46 -28.08
C LYS A 529 -49.37 4.76 -28.82
N GLU A 530 -50.07 5.83 -28.47
CA GLU A 530 -49.78 7.13 -29.09
C GLU A 530 -48.37 7.59 -28.75
N MET A 531 -47.96 7.42 -27.49
CA MET A 531 -46.63 7.84 -27.07
C MET A 531 -45.53 7.10 -27.84
N ILE A 532 -45.72 5.80 -28.09
CA ILE A 532 -44.71 5.06 -28.82
C ILE A 532 -44.80 5.33 -30.32
N GLN A 533 -45.99 5.60 -30.85
CA GLN A 533 -46.15 5.83 -32.28
C GLN A 533 -45.70 7.21 -32.69
N LEU A 534 -45.65 8.18 -31.77
CA LEU A 534 -45.21 9.52 -32.14
C LEU A 534 -43.78 9.54 -32.67
N PRO A 535 -42.75 9.03 -31.96
CA PRO A 535 -41.38 9.19 -32.46
C PRO A 535 -41.10 8.39 -33.72
N LEU A 536 -41.42 7.09 -33.70
CA LEU A 536 -40.95 6.18 -34.74
C LEU A 536 -41.42 6.60 -36.12
N GLU A 537 -42.68 6.99 -36.26
CA GLU A 537 -43.22 7.42 -37.54
C GLU A 537 -43.56 8.90 -37.56
N ALA A 538 -42.99 9.69 -36.64
CA ALA A 538 -43.19 11.14 -36.68
C ALA A 538 -41.92 11.91 -36.36
N SER A 539 -40.74 11.27 -36.46
CA SER A 539 -39.49 12.01 -36.30
C SER A 539 -39.37 13.12 -37.33
N GLU A 540 -39.73 12.84 -38.58
CA GLU A 540 -39.69 13.88 -39.61
C GLU A 540 -40.70 14.98 -39.33
N THR A 541 -41.88 14.63 -38.82
CA THR A 541 -42.88 15.64 -38.47
C THR A 541 -42.37 16.52 -37.33
N PHE A 542 -41.73 15.92 -36.34
CA PHE A 542 -41.14 16.70 -35.24
C PHE A 542 -40.04 17.62 -35.75
N ALA A 543 -39.21 17.12 -36.66
CA ALA A 543 -38.14 17.95 -37.22
C ALA A 543 -38.72 19.14 -37.99
N ARG A 544 -39.77 18.90 -38.78
CA ARG A 544 -40.41 20.00 -39.50
C ARG A 544 -41.05 21.00 -38.55
N LEU A 545 -41.70 20.50 -37.49
CA LEU A 545 -42.43 21.39 -36.59
C LEU A 545 -41.56 21.93 -35.47
N GLY A 546 -40.49 21.22 -35.10
CA GLY A 546 -39.65 21.63 -34.00
C GLY A 546 -40.14 21.20 -32.62
N ILE A 547 -41.26 20.48 -32.55
CA ILE A 547 -41.79 20.05 -31.25
C ILE A 547 -40.87 19.02 -30.60
N SER A 548 -40.26 18.15 -31.41
CA SER A 548 -39.42 17.04 -30.93
C SER A 548 -40.31 16.10 -30.10
N ALA A 549 -39.74 15.44 -29.10
CA ALA A 549 -40.49 14.49 -28.30
C ALA A 549 -40.29 14.78 -26.81
N PRO A 550 -41.32 14.55 -26.00
CA PRO A 550 -41.15 14.74 -24.54
C PRO A 550 -40.12 13.80 -23.94
N LYS A 551 -39.92 12.62 -24.54
CA LYS A 551 -38.92 11.62 -24.14
C LYS A 551 -39.01 11.25 -22.66
N GLY A 552 -40.14 11.55 -22.01
CA GLY A 552 -40.34 11.20 -20.62
C GLY A 552 -41.76 10.88 -20.26
N VAL A 553 -41.99 9.68 -19.71
CA VAL A 553 -43.31 9.26 -19.25
C VAL A 553 -43.15 8.67 -17.85
N LEU A 554 -43.99 9.12 -16.92
CA LEU A 554 -43.93 8.70 -15.53
C LEU A 554 -45.08 7.75 -15.23
N LEU A 555 -44.76 6.60 -14.64
CA LEU A 555 -45.75 5.59 -14.26
C LEU A 555 -45.79 5.50 -12.74
N TYR A 556 -46.82 6.10 -12.14
CA TYR A 556 -47.03 6.06 -10.71
C TYR A 556 -48.41 5.48 -10.42
N GLY A 557 -48.48 4.54 -9.49
CA GLY A 557 -49.72 3.89 -9.16
C GLY A 557 -49.61 2.96 -7.97
N PRO A 558 -50.72 2.31 -7.62
CA PRO A 558 -50.71 1.39 -6.49
C PRO A 558 -49.80 0.21 -6.75
N PRO A 559 -49.23 -0.40 -5.71
CA PRO A 559 -48.35 -1.57 -5.90
C PRO A 559 -49.13 -2.82 -6.30
N GLY A 560 -49.85 -2.71 -7.42
CA GLY A 560 -50.64 -3.80 -7.93
C GLY A 560 -50.09 -4.37 -9.22
N CYS A 561 -50.68 -3.97 -10.35
CA CYS A 561 -50.25 -4.45 -11.66
C CYS A 561 -50.42 -3.30 -12.65
N SER A 562 -50.34 -3.64 -13.94
CA SER A 562 -50.56 -2.76 -15.08
C SER A 562 -49.49 -1.68 -15.24
N LYS A 563 -48.46 -1.65 -14.38
CA LYS A 563 -47.38 -0.69 -14.50
C LYS A 563 -46.01 -1.31 -14.65
N THR A 564 -45.90 -2.64 -14.58
CA THR A 564 -44.62 -3.32 -14.77
C THR A 564 -44.65 -4.25 -15.97
N LEU A 565 -45.67 -5.11 -16.08
CA LEU A 565 -45.81 -5.98 -17.24
C LEU A 565 -46.27 -5.22 -18.48
N THR A 566 -46.71 -3.97 -18.32
CA THR A 566 -47.01 -3.15 -19.50
C THR A 566 -45.77 -2.91 -20.32
N ALA A 567 -44.59 -2.85 -19.69
CA ALA A 567 -43.35 -2.73 -20.44
C ALA A 567 -43.10 -3.98 -21.29
N LYS A 568 -43.35 -5.17 -20.74
CA LYS A 568 -43.23 -6.40 -21.51
C LYS A 568 -44.21 -6.43 -22.66
N ALA A 569 -45.45 -6.00 -22.41
CA ALA A 569 -46.45 -5.94 -23.48
C ALA A 569 -46.02 -4.97 -24.57
N LEU A 570 -45.45 -3.82 -24.18
CA LEU A 570 -44.97 -2.85 -25.15
C LEU A 570 -43.82 -3.43 -25.98
N ALA A 571 -42.89 -4.12 -25.32
CA ALA A 571 -41.78 -4.74 -26.05
C ALA A 571 -42.29 -5.78 -27.03
N THR A 572 -43.28 -6.58 -26.64
CA THR A 572 -43.83 -7.58 -27.54
C THR A 572 -44.55 -6.94 -28.73
N GLU A 573 -45.35 -5.91 -28.46
CA GLU A 573 -46.14 -5.31 -29.53
C GLU A 573 -45.27 -4.53 -30.51
N SER A 574 -44.37 -3.69 -29.99
CA SER A 574 -43.57 -2.83 -30.85
C SER A 574 -42.47 -3.60 -31.58
N GLY A 575 -42.02 -4.73 -31.03
CA GLY A 575 -40.92 -5.45 -31.63
C GLY A 575 -39.61 -4.71 -31.60
N ILE A 576 -39.35 -3.94 -30.54
CA ILE A 576 -38.14 -3.16 -30.38
C ILE A 576 -37.44 -3.60 -29.11
N ASN A 577 -36.11 -3.68 -29.17
CA ASN A 577 -35.33 -4.08 -28.00
C ASN A 577 -35.57 -3.12 -26.85
N PHE A 578 -35.80 -3.67 -25.66
CA PHE A 578 -36.06 -2.90 -24.47
C PHE A 578 -34.95 -3.13 -23.45
N LEU A 579 -34.76 -2.16 -22.57
CA LEU A 579 -33.74 -2.22 -21.52
C LEU A 579 -34.47 -2.29 -20.18
N ALA A 580 -34.79 -3.52 -19.77
CA ALA A 580 -35.46 -3.75 -18.49
C ALA A 580 -34.40 -3.72 -17.39
N VAL A 581 -34.21 -2.54 -16.80
CA VAL A 581 -33.19 -2.32 -15.78
C VAL A 581 -33.89 -2.16 -14.43
N LYS A 582 -33.55 -3.03 -13.49
CA LYS A 582 -34.12 -2.93 -12.16
C LYS A 582 -33.48 -1.77 -11.39
N GLY A 583 -34.22 -1.27 -10.41
CA GLY A 583 -33.79 -0.14 -9.63
C GLY A 583 -32.63 -0.46 -8.69
N PRO A 584 -32.86 -1.30 -7.69
CA PRO A 584 -31.82 -1.55 -6.68
C PRO A 584 -30.56 -2.19 -7.23
N GLU A 585 -30.62 -2.88 -8.37
CA GLU A 585 -29.45 -3.61 -8.84
C GLU A 585 -28.35 -2.68 -9.34
N ILE A 586 -28.69 -1.45 -9.74
CA ILE A 586 -27.65 -0.51 -10.17
C ILE A 586 -26.84 0.01 -9.00
N PHE A 587 -27.37 -0.07 -7.78
CA PHE A 587 -26.61 0.34 -6.61
C PHE A 587 -25.47 -0.64 -6.35
N ASN A 588 -24.27 -0.11 -6.13
CA ASN A 588 -23.09 -0.91 -5.90
C ASN A 588 -22.34 -0.39 -4.69
N LYS A 589 -21.63 -1.32 -4.00
CA LYS A 589 -20.86 -0.93 -2.84
C LYS A 589 -19.73 0.03 -3.23
N TYR A 590 -19.06 -0.23 -4.34
CA TYR A 590 -17.98 0.63 -4.79
C TYR A 590 -18.53 1.99 -5.20
N VAL A 591 -17.80 3.04 -4.84
CA VAL A 591 -18.21 4.40 -5.16
C VAL A 591 -17.86 4.70 -6.61
N GLY A 592 -18.87 5.14 -7.38
CA GLY A 592 -18.69 5.42 -8.78
C GLY A 592 -19.01 4.28 -9.71
N GLU A 593 -19.20 3.07 -9.19
CA GLU A 593 -19.57 1.95 -10.04
C GLU A 593 -20.96 2.14 -10.65
N SER A 594 -21.89 2.70 -9.88
CA SER A 594 -23.22 2.98 -10.41
C SER A 594 -23.16 4.00 -11.54
N GLU A 595 -22.32 5.02 -11.40
CA GLU A 595 -22.14 5.99 -12.47
C GLU A 595 -21.60 5.33 -13.73
N ARG A 596 -20.62 4.44 -13.57
CA ARG A 596 -20.08 3.70 -14.71
C ARG A 596 -21.17 2.87 -15.37
N ALA A 597 -21.99 2.17 -14.58
CA ALA A 597 -23.03 1.32 -15.13
C ALA A 597 -24.08 2.14 -15.87
N ILE A 598 -24.51 3.27 -15.30
CA ILE A 598 -25.54 4.06 -15.94
C ILE A 598 -25.01 4.72 -17.21
N ARG A 599 -23.75 5.17 -17.20
CA ARG A 599 -23.17 5.74 -18.42
C ARG A 599 -23.04 4.67 -19.50
N GLU A 600 -22.64 3.46 -19.11
CA GLU A 600 -22.54 2.37 -20.08
C GLU A 600 -23.90 2.02 -20.67
N ILE A 601 -24.94 1.98 -19.83
CA ILE A 601 -26.27 1.64 -20.33
C ILE A 601 -26.81 2.74 -21.24
N PHE A 602 -26.51 4.01 -20.91
CA PHE A 602 -26.91 5.10 -21.80
C PHE A 602 -26.19 5.01 -23.13
N ARG A 603 -24.89 4.70 -23.11
CA ARG A 603 -24.14 4.54 -24.35
C ARG A 603 -24.70 3.39 -25.19
N LYS A 604 -25.02 2.27 -24.53
CA LYS A 604 -25.59 1.13 -25.26
C LYS A 604 -26.95 1.48 -25.86
N ALA A 605 -27.79 2.20 -25.11
CA ALA A 605 -29.09 2.60 -25.62
C ALA A 605 -28.94 3.53 -26.82
N ARG A 606 -27.99 4.46 -26.75
CA ARG A 606 -27.74 5.35 -27.89
C ARG A 606 -27.22 4.57 -29.09
N SER A 607 -26.35 3.59 -28.85
CA SER A 607 -25.71 2.81 -29.91
C SER A 607 -26.62 1.74 -30.49
N ALA A 608 -27.72 1.41 -29.83
CA ALA A 608 -28.58 0.30 -30.21
C ALA A 608 -29.88 0.75 -30.84
N ALA A 609 -29.82 1.79 -31.69
CA ALA A 609 -30.94 2.30 -32.47
C ALA A 609 -31.98 2.95 -31.55
N PRO A 610 -32.95 3.70 -32.09
CA PRO A 610 -34.02 4.23 -31.25
C PRO A 610 -34.78 3.12 -30.54
N SER A 611 -34.73 3.14 -29.21
CA SER A 611 -35.37 2.12 -28.39
C SER A 611 -36.02 2.80 -27.19
N ILE A 612 -36.60 1.98 -26.31
CA ILE A 612 -37.29 2.47 -25.11
C ILE A 612 -36.63 1.83 -23.90
N ILE A 613 -36.24 2.68 -22.94
CA ILE A 613 -35.61 2.22 -21.71
C ILE A 613 -36.63 2.32 -20.58
N PHE A 614 -36.85 1.19 -19.90
CA PHE A 614 -37.84 1.11 -18.84
C PHE A 614 -37.16 0.87 -17.50
N PHE A 615 -37.57 1.61 -16.48
CA PHE A 615 -37.05 1.47 -15.13
C PHE A 615 -38.09 0.77 -14.27
N ASP A 616 -37.67 -0.31 -13.60
CA ASP A 616 -38.61 -1.07 -12.77
C ASP A 616 -39.11 -0.24 -11.59
N GLU A 617 -38.22 0.50 -10.94
CA GLU A 617 -38.62 1.37 -9.84
C GLU A 617 -37.65 2.54 -9.76
N ILE A 618 -38.17 3.69 -9.31
CA ILE A 618 -37.37 4.89 -9.12
C ILE A 618 -37.60 5.53 -7.76
N ASP A 619 -38.54 5.02 -6.97
CA ASP A 619 -38.86 5.61 -5.67
C ASP A 619 -37.77 5.37 -4.62
N ALA A 620 -36.68 4.69 -4.97
CA ALA A 620 -35.57 4.46 -4.06
C ALA A 620 -34.37 5.34 -4.33
N LEU A 621 -33.97 5.47 -5.60
CA LEU A 621 -32.84 6.33 -5.95
C LEU A 621 -33.21 7.81 -5.89
N SER A 622 -34.42 8.15 -6.34
CA SER A 622 -34.82 9.56 -6.40
C SER A 622 -34.84 10.26 -5.05
N PRO A 623 -35.38 9.68 -3.95
CA PRO A 623 -35.45 10.45 -2.70
C PRO A 623 -34.09 10.76 -2.10
N ASP A 624 -33.73 12.04 -2.06
CA ASP A 624 -32.51 12.50 -1.44
C ASP A 624 -32.72 13.51 -0.32
N ARG A 625 -33.80 14.27 -0.36
CA ARG A 625 -34.13 15.24 0.68
C ARG A 625 -35.17 14.73 1.67
N ASP A 626 -36.18 14.00 1.18
CA ASP A 626 -37.18 13.44 2.08
C ASP A 626 -36.57 12.42 3.03
N GLY A 627 -35.67 11.58 2.53
CA GLY A 627 -34.98 10.61 3.36
C GLY A 627 -33.48 10.77 3.25
N SER A 628 -32.77 10.31 4.28
CA SER A 628 -31.32 10.42 4.31
C SER A 628 -30.72 9.50 3.26
N SER A 629 -29.82 10.04 2.44
CA SER A 629 -29.17 9.28 1.39
C SER A 629 -27.70 9.68 1.31
N THR A 630 -26.87 8.77 0.80
CA THR A 630 -25.45 9.03 0.66
C THR A 630 -25.20 9.98 -0.50
N SER A 631 -23.98 10.54 -0.53
CA SER A 631 -23.61 11.45 -1.60
C SER A 631 -23.56 10.75 -2.96
N ALA A 632 -23.33 9.44 -2.96
CA ALA A 632 -23.31 8.70 -4.21
C ALA A 632 -24.66 8.73 -4.90
N ALA A 633 -25.75 8.59 -4.13
CA ALA A 633 -27.08 8.66 -4.70
C ALA A 633 -27.36 10.03 -5.30
N ASN A 634 -26.94 11.09 -4.61
CA ASN A 634 -27.11 12.44 -5.14
C ASN A 634 -26.32 12.63 -6.41
N HIS A 635 -25.08 12.12 -6.45
CA HIS A 635 -24.27 12.23 -7.66
C HIS A 635 -24.90 11.49 -8.83
N VAL A 636 -25.44 10.29 -8.56
CA VAL A 636 -26.10 9.52 -9.62
C VAL A 636 -27.34 10.25 -10.12
N LEU A 637 -28.12 10.83 -9.20
CA LEU A 637 -29.30 11.58 -9.60
C LEU A 637 -28.94 12.79 -10.45
N THR A 638 -27.87 13.51 -10.06
CA THR A 638 -27.43 14.66 -10.86
C THR A 638 -26.95 14.22 -12.23
N SER A 639 -26.23 13.09 -12.30
CA SER A 639 -25.79 12.58 -13.59
C SER A 639 -26.98 12.21 -14.48
N LEU A 640 -28.00 11.57 -13.88
CA LEU A 640 -29.20 11.22 -14.64
C LEU A 640 -29.91 12.47 -15.14
N LEU A 641 -30.00 13.50 -14.29
CA LEU A 641 -30.64 14.75 -14.70
C LEU A 641 -29.87 15.42 -15.84
N ASN A 642 -28.55 15.40 -15.77
CA ASN A 642 -27.74 15.97 -16.84
C ASN A 642 -27.85 15.15 -18.12
N GLU A 643 -28.02 13.83 -18.00
CA GLU A 643 -28.10 12.99 -19.18
C GLU A 643 -29.45 13.09 -19.88
N ILE A 644 -30.54 13.19 -19.12
CA ILE A 644 -31.87 13.14 -19.74
C ILE A 644 -32.13 14.38 -20.57
N ASP A 645 -31.92 15.57 -20.01
CA ASP A 645 -32.17 16.80 -20.76
C ASP A 645 -31.14 17.89 -20.46
N GLY A 646 -29.99 17.55 -19.91
CA GLY A 646 -28.98 18.56 -19.60
C GLY A 646 -27.99 18.76 -20.72
N VAL A 647 -28.11 19.89 -21.42
CA VAL A 647 -27.21 20.27 -22.52
C VAL A 647 -27.35 19.31 -23.69
N GLU A 648 -27.31 18.01 -23.42
CA GLU A 648 -27.41 16.98 -24.43
C GLU A 648 -28.85 16.49 -24.52
N GLU A 649 -29.40 16.47 -25.74
CA GLU A 649 -30.75 16.00 -25.98
C GLU A 649 -30.69 14.81 -26.94
N LEU A 650 -31.35 13.72 -26.54
CA LEU A 650 -31.36 12.48 -27.33
C LEU A 650 -32.70 12.35 -28.03
N LYS A 651 -32.67 12.04 -29.33
CA LYS A 651 -33.87 12.00 -30.15
C LYS A 651 -34.45 10.60 -30.25
N GLY A 652 -33.64 9.62 -30.66
CA GLY A 652 -34.16 8.30 -30.94
C GLY A 652 -34.68 7.57 -29.72
N VAL A 653 -33.95 7.64 -28.62
CA VAL A 653 -34.31 6.86 -27.44
C VAL A 653 -35.45 7.54 -26.69
N VAL A 654 -36.29 6.72 -26.06
CA VAL A 654 -37.41 7.18 -25.25
C VAL A 654 -37.27 6.58 -23.86
N ILE A 655 -37.37 7.42 -22.83
CA ILE A 655 -37.18 7.00 -21.44
C ILE A 655 -38.52 7.03 -20.74
N VAL A 656 -38.90 5.90 -20.14
CA VAL A 656 -40.12 5.77 -19.36
C VAL A 656 -39.75 5.32 -17.96
N ALA A 657 -40.34 5.96 -16.96
CA ALA A 657 -40.02 5.69 -15.56
C ALA A 657 -41.27 5.19 -14.84
N ALA A 658 -41.12 4.10 -14.08
CA ALA A 658 -42.19 3.53 -13.29
C ALA A 658 -41.79 3.60 -11.82
N THR A 659 -42.70 4.07 -10.98
CA THR A 659 -42.44 4.22 -9.55
C THR A 659 -43.62 3.70 -8.74
N ASN A 660 -43.32 3.27 -7.51
CA ASN A 660 -44.33 2.82 -6.57
C ASN A 660 -44.78 3.89 -5.60
N ARG A 661 -44.01 4.97 -5.47
CA ARG A 661 -44.36 6.09 -4.61
C ARG A 661 -43.94 7.39 -5.28
N PRO A 662 -44.89 8.29 -5.55
CA PRO A 662 -44.58 9.43 -6.42
C PRO A 662 -43.81 10.57 -5.75
N ASP A 663 -44.04 10.80 -4.46
CA ASP A 663 -43.42 11.94 -3.79
C ASP A 663 -41.92 11.78 -3.60
N GLU A 664 -41.37 10.58 -3.81
CA GLU A 664 -39.94 10.37 -3.67
C GLU A 664 -39.14 10.97 -4.83
N ILE A 665 -39.79 11.32 -5.94
CA ILE A 665 -39.11 11.99 -7.04
C ILE A 665 -39.02 13.48 -6.72
N ASP A 666 -37.80 13.99 -6.68
CA ASP A 666 -37.58 15.39 -6.34
C ASP A 666 -38.05 16.30 -7.47
N ALA A 667 -38.25 17.58 -7.14
CA ALA A 667 -38.67 18.56 -8.13
C ALA A 667 -37.62 18.79 -9.20
N ALA A 668 -36.35 18.50 -8.91
CA ALA A 668 -35.30 18.65 -9.92
C ALA A 668 -35.54 17.68 -11.09
N LEU A 669 -35.86 16.43 -10.78
CA LEU A 669 -36.20 15.48 -11.83
C LEU A 669 -37.61 15.72 -12.37
N LEU A 670 -38.54 16.13 -11.49
CA LEU A 670 -39.91 16.44 -11.91
C LEU A 670 -39.97 17.90 -12.37
N ARG A 671 -39.29 18.15 -13.49
CA ARG A 671 -39.21 19.46 -14.09
C ARG A 671 -39.87 19.45 -15.46
N PRO A 672 -40.58 20.52 -15.83
CA PRO A 672 -41.20 20.57 -17.17
C PRO A 672 -40.16 20.40 -18.27
N GLY A 673 -40.53 19.67 -19.31
CA GLY A 673 -39.64 19.30 -20.38
C GLY A 673 -39.10 17.88 -20.29
N ARG A 674 -39.21 17.25 -19.12
CA ARG A 674 -38.79 15.87 -18.93
C ARG A 674 -39.77 15.18 -18.00
N LEU A 675 -40.12 13.93 -18.33
CA LEU A 675 -41.06 13.14 -17.54
C LEU A 675 -42.38 13.88 -17.36
N ASP A 676 -42.82 14.57 -18.41
CA ASP A 676 -44.03 15.39 -18.33
C ASP A 676 -45.28 14.53 -18.21
N ARG A 677 -45.33 13.44 -18.97
CA ARG A 677 -46.53 12.59 -18.97
C ARG A 677 -46.69 11.88 -17.64
N HIS A 678 -47.91 11.88 -17.13
CA HIS A 678 -48.25 11.23 -15.87
C HIS A 678 -49.43 10.30 -16.08
N ILE A 679 -49.30 9.06 -15.61
CA ILE A 679 -50.34 8.04 -15.76
C ILE A 679 -50.76 7.59 -14.36
N TYR A 680 -52.07 7.67 -14.08
CA TYR A 680 -52.57 7.23 -12.79
C TYR A 680 -52.42 5.73 -12.60
N VAL A 681 -52.66 4.96 -13.67
CA VAL A 681 -52.57 3.49 -13.71
C VAL A 681 -53.04 2.88 -12.39
N GLY A 682 -54.26 3.23 -11.98
CA GLY A 682 -54.80 2.77 -10.72
C GLY A 682 -55.18 1.30 -10.74
N PRO A 683 -56.01 0.88 -9.80
CA PRO A 683 -56.41 -0.52 -9.75
C PRO A 683 -57.23 -0.89 -10.97
N PRO A 684 -57.18 -2.15 -11.40
CA PRO A 684 -57.95 -2.56 -12.57
C PRO A 684 -59.45 -2.43 -12.33
N ASP A 685 -60.17 -2.14 -13.41
CA ASP A 685 -61.61 -1.92 -13.36
C ASP A 685 -62.33 -3.27 -13.37
N VAL A 686 -63.65 -3.23 -13.52
CA VAL A 686 -64.45 -4.46 -13.52
C VAL A 686 -64.09 -5.33 -14.73
N ASN A 687 -64.00 -4.71 -15.90
CA ASN A 687 -63.70 -5.48 -17.12
C ASN A 687 -62.31 -6.10 -17.06
N ALA A 688 -61.32 -5.35 -16.57
CA ALA A 688 -59.97 -5.88 -16.50
C ALA A 688 -59.88 -7.06 -15.54
N ARG A 689 -60.51 -6.94 -14.36
CA ARG A 689 -60.51 -8.04 -13.41
C ARG A 689 -61.27 -9.24 -13.95
N LEU A 690 -62.38 -8.99 -14.66
CA LEU A 690 -63.12 -10.08 -15.27
C LEU A 690 -62.28 -10.82 -16.31
N GLU A 691 -61.55 -10.08 -17.14
CA GLU A 691 -60.68 -10.71 -18.14
C GLU A 691 -59.56 -11.49 -17.48
N ILE A 692 -58.97 -10.94 -16.42
CA ILE A 692 -57.90 -11.64 -15.72
C ILE A 692 -58.43 -12.93 -15.10
N LEU A 693 -59.61 -12.87 -14.48
CA LEU A 693 -60.19 -14.07 -13.88
C LEU A 693 -60.54 -15.11 -14.94
N LYS A 694 -61.06 -14.66 -16.09
CA LYS A 694 -61.36 -15.59 -17.17
C LYS A 694 -60.10 -16.28 -17.68
N LYS A 695 -59.01 -15.52 -17.85
CA LYS A 695 -57.76 -16.13 -18.28
C LYS A 695 -57.23 -17.11 -17.23
N CYS A 696 -57.34 -16.75 -15.96
CA CYS A 696 -56.87 -17.64 -14.90
C CYS A 696 -57.69 -18.93 -14.86
N THR A 697 -59.00 -18.84 -15.07
CA THR A 697 -59.89 -19.99 -15.04
C THR A 697 -60.01 -20.67 -16.39
N LYS A 698 -59.26 -20.23 -17.41
CA LYS A 698 -59.28 -20.90 -18.70
C LYS A 698 -58.85 -22.35 -18.59
N LYS A 699 -57.85 -22.62 -17.74
CA LYS A 699 -57.42 -24.00 -17.53
C LYS A 699 -58.52 -24.84 -16.91
N PHE A 700 -59.26 -24.27 -15.96
CA PHE A 700 -60.36 -24.96 -15.33
C PHE A 700 -61.61 -24.90 -16.22
N ASN A 701 -62.64 -25.62 -15.80
CA ASN A 701 -63.91 -25.66 -16.52
C ASN A 701 -64.94 -24.81 -15.78
N THR A 702 -65.34 -23.70 -16.40
CA THR A 702 -66.30 -22.80 -15.78
C THR A 702 -67.72 -23.36 -15.85
N GLU A 703 -68.05 -24.07 -16.93
CA GLU A 703 -69.41 -24.60 -17.08
C GLU A 703 -69.73 -25.62 -15.99
N GLU A 704 -68.77 -26.50 -15.67
CA GLU A 704 -69.00 -27.49 -14.62
C GLU A 704 -69.15 -26.82 -13.26
N SER A 705 -68.34 -25.80 -12.99
CA SER A 705 -68.45 -25.09 -11.72
C SER A 705 -69.73 -24.29 -11.63
N GLY A 706 -70.28 -23.87 -12.77
CA GLY A 706 -71.51 -23.11 -12.79
C GLY A 706 -71.36 -21.62 -12.58
N VAL A 707 -70.13 -21.12 -12.42
CA VAL A 707 -69.92 -19.69 -12.23
C VAL A 707 -69.99 -18.98 -13.58
N ASP A 708 -70.55 -17.78 -13.57
CA ASP A 708 -70.68 -16.97 -14.77
C ASP A 708 -69.53 -15.99 -14.96
N LEU A 709 -68.54 -16.01 -14.08
CA LEU A 709 -67.37 -15.15 -14.11
C LEU A 709 -67.72 -13.67 -13.95
N HIS A 710 -68.97 -13.34 -13.61
CA HIS A 710 -69.41 -11.97 -13.43
C HIS A 710 -69.68 -11.63 -11.98
N GLU A 711 -70.38 -12.51 -11.24
CA GLU A 711 -70.61 -12.25 -9.83
C GLU A 711 -69.32 -12.29 -9.03
N LEU A 712 -68.37 -13.14 -9.43
CA LEU A 712 -67.07 -13.16 -8.77
C LEU A 712 -66.35 -11.83 -8.94
N ALA A 713 -66.39 -11.26 -10.15
CA ALA A 713 -65.79 -9.96 -10.38
C ALA A 713 -66.55 -8.86 -9.63
N ASP A 714 -67.87 -8.98 -9.53
CA ASP A 714 -68.65 -8.00 -8.77
C ASP A 714 -68.26 -8.03 -7.29
N ARG A 715 -68.06 -9.22 -6.72
CA ARG A 715 -67.61 -9.31 -5.34
C ARG A 715 -66.14 -8.90 -5.21
N THR A 716 -65.33 -9.18 -6.22
CA THR A 716 -63.90 -8.88 -6.20
C THR A 716 -63.68 -7.56 -6.95
N GLU A 717 -63.92 -6.46 -6.25
CA GLU A 717 -63.74 -5.12 -6.81
C GLU A 717 -62.58 -4.37 -6.19
N GLY A 718 -62.34 -4.52 -4.89
CA GLY A 718 -61.25 -3.85 -4.21
C GLY A 718 -59.90 -4.50 -4.36
N TYR A 719 -59.82 -5.65 -5.04
CA TYR A 719 -58.56 -6.36 -5.20
C TYR A 719 -57.81 -5.81 -6.42
N SER A 720 -56.66 -6.42 -6.71
CA SER A 720 -55.85 -6.07 -7.86
C SER A 720 -55.69 -7.28 -8.77
N GLY A 721 -55.08 -7.05 -9.94
CA GLY A 721 -54.89 -8.14 -10.88
C GLY A 721 -54.01 -9.25 -10.32
N ALA A 722 -52.88 -8.87 -9.73
CA ALA A 722 -52.03 -9.86 -9.07
C ALA A 722 -52.74 -10.48 -7.89
N GLU A 723 -53.53 -9.68 -7.16
CA GLU A 723 -54.34 -10.23 -6.07
C GLU A 723 -55.35 -11.24 -6.59
N VAL A 724 -55.98 -10.94 -7.73
CA VAL A 724 -56.93 -11.88 -8.33
C VAL A 724 -56.21 -13.16 -8.75
N VAL A 725 -55.01 -13.04 -9.32
CA VAL A 725 -54.25 -14.22 -9.72
C VAL A 725 -53.91 -15.07 -8.52
N LEU A 726 -53.47 -14.45 -7.42
CA LEU A 726 -53.16 -15.20 -6.22
C LEU A 726 -54.40 -15.86 -5.63
N LEU A 727 -55.53 -15.15 -5.67
CA LEU A 727 -56.80 -15.72 -5.20
C LEU A 727 -57.17 -16.95 -6.01
N CYS A 728 -57.04 -16.88 -7.33
CA CYS A 728 -57.34 -18.04 -8.16
C CYS A 728 -56.36 -19.18 -7.90
N GLN A 729 -55.09 -18.85 -7.67
CA GLN A 729 -54.09 -19.88 -7.37
C GLN A 729 -54.45 -20.62 -6.09
N GLU A 730 -54.76 -19.88 -5.02
CA GLU A 730 -55.07 -20.54 -3.75
C GLU A 730 -56.42 -21.25 -3.82
N ALA A 731 -57.36 -20.74 -4.61
CA ALA A 731 -58.62 -21.45 -4.81
C ALA A 731 -58.39 -22.79 -5.51
N GLY A 732 -57.53 -22.80 -6.54
CA GLY A 732 -57.17 -24.05 -7.18
C GLY A 732 -56.46 -25.01 -6.23
N LEU A 733 -55.58 -24.46 -5.38
CA LEU A 733 -54.91 -25.30 -4.39
C LEU A 733 -55.91 -25.93 -3.43
N ALA A 734 -56.89 -25.14 -2.97
CA ALA A 734 -57.94 -25.67 -2.10
C ALA A 734 -58.79 -26.71 -2.82
N ALA A 735 -59.05 -26.51 -4.11
CA ALA A 735 -59.81 -27.49 -4.88
C ALA A 735 -59.04 -28.80 -5.01
N ILE A 736 -57.73 -28.72 -5.20
CA ILE A 736 -56.94 -29.92 -5.47
C ILE A 736 -56.46 -30.65 -4.21
N MET A 737 -56.44 -29.98 -3.05
CA MET A 737 -55.94 -30.69 -1.87
C MET A 737 -56.91 -31.76 -1.37
N GLU A 738 -58.14 -31.79 -1.88
CA GLU A 738 -59.14 -32.74 -1.39
C GLU A 738 -58.91 -34.13 -1.94
N ASP A 739 -58.95 -34.27 -3.27
CA ASP A 739 -58.82 -35.56 -3.94
C ASP A 739 -57.81 -35.47 -5.08
N LEU A 740 -56.67 -34.85 -4.81
CA LEU A 740 -55.55 -34.73 -5.75
C LEU A 740 -56.04 -34.00 -7.00
N ASP A 741 -55.88 -34.54 -8.20
CA ASP A 741 -56.26 -33.83 -9.41
C ASP A 741 -57.78 -33.70 -9.49
N VAL A 742 -58.22 -32.53 -9.92
CA VAL A 742 -59.64 -32.24 -10.12
C VAL A 742 -59.83 -31.61 -11.50
N ALA A 743 -61.03 -31.76 -12.04
CA ALA A 743 -61.36 -31.21 -13.34
C ALA A 743 -61.95 -29.81 -13.27
N LYS A 744 -62.22 -29.30 -12.06
CA LYS A 744 -62.81 -27.97 -11.92
C LYS A 744 -62.55 -27.46 -10.51
N VAL A 745 -62.76 -26.16 -10.33
CA VAL A 745 -62.69 -25.51 -9.03
C VAL A 745 -64.09 -25.03 -8.68
N GLU A 746 -64.54 -25.37 -7.47
CA GLU A 746 -65.92 -25.09 -7.07
C GLU A 746 -66.02 -23.70 -6.44
N LEU A 747 -67.27 -23.20 -6.39
CA LEU A 747 -67.51 -21.88 -5.82
C LEU A 747 -67.23 -21.84 -4.32
N ARG A 748 -67.45 -22.96 -3.63
CA ARG A 748 -67.15 -23.00 -2.20
C ARG A 748 -65.66 -22.78 -1.94
N HIS A 749 -64.80 -23.39 -2.77
CA HIS A 749 -63.36 -23.14 -2.64
C HIS A 749 -63.04 -21.68 -2.94
N PHE A 750 -63.68 -21.10 -3.95
CA PHE A 750 -63.48 -19.69 -4.26
C PHE A 750 -63.80 -18.82 -3.05
N GLU A 751 -64.95 -19.06 -2.40
CA GLU A 751 -65.36 -18.19 -1.31
C GLU A 751 -64.53 -18.45 -0.06
N LYS A 752 -64.12 -19.70 0.17
CA LYS A 752 -63.22 -19.99 1.28
C LYS A 752 -61.88 -19.27 1.11
N ALA A 753 -61.32 -19.31 -0.11
CA ALA A 753 -60.12 -18.56 -0.38
C ALA A 753 -60.37 -17.05 -0.26
N PHE A 754 -61.60 -16.62 -0.54
CA PHE A 754 -61.94 -15.21 -0.36
C PHE A 754 -61.86 -14.83 1.12
N LYS A 755 -62.33 -15.69 2.03
CA LYS A 755 -62.08 -15.42 3.44
C LYS A 755 -60.60 -15.46 3.76
N GLY A 756 -59.87 -16.43 3.18
CA GLY A 756 -58.50 -16.65 3.58
C GLY A 756 -57.58 -15.49 3.26
N ILE A 757 -57.83 -14.81 2.14
CA ILE A 757 -56.95 -13.75 1.67
C ILE A 757 -57.60 -12.40 1.92
N ALA A 758 -56.75 -11.37 1.99
CA ALA A 758 -57.18 -9.99 2.14
C ALA A 758 -56.45 -9.11 1.14
N ARG A 759 -57.12 -8.05 0.69
CA ARG A 759 -56.54 -7.18 -0.33
C ARG A 759 -55.30 -6.47 0.19
N GLY A 760 -55.35 -5.97 1.42
CA GLY A 760 -54.24 -5.24 2.00
C GLY A 760 -54.09 -3.81 1.51
N ILE A 761 -55.04 -3.31 0.74
CA ILE A 761 -54.99 -1.95 0.20
C ILE A 761 -55.98 -1.09 0.96
N THR A 762 -55.54 0.10 1.38
CA THR A 762 -56.35 1.02 2.14
C THR A 762 -56.79 2.21 1.29
N PRO A 763 -57.95 2.79 1.57
CA PRO A 763 -58.38 3.97 0.79
C PRO A 763 -57.48 5.18 0.95
N GLU A 764 -56.69 5.25 2.04
CA GLU A 764 -55.84 6.41 2.27
C GLU A 764 -54.77 6.56 1.20
N MET A 765 -54.16 5.44 0.77
CA MET A 765 -53.15 5.52 -0.27
C MET A 765 -53.76 5.87 -1.62
N LEU A 766 -54.98 5.39 -1.90
CA LEU A 766 -55.67 5.79 -3.12
C LEU A 766 -55.97 7.28 -3.11
N SER A 767 -56.41 7.82 -1.96
CA SER A 767 -56.66 9.25 -1.86
C SER A 767 -55.37 10.04 -2.02
N TYR A 768 -54.27 9.54 -1.46
CA TYR A 768 -52.97 10.19 -1.63
C TYR A 768 -52.56 10.21 -3.10
N TYR A 769 -52.75 9.10 -3.80
CA TYR A 769 -52.43 9.06 -5.23
C TYR A 769 -53.30 10.03 -6.02
N GLU A 770 -54.59 10.12 -5.68
CA GLU A 770 -55.47 11.08 -6.34
C GLU A 770 -55.02 12.51 -6.08
N GLU A 771 -54.60 12.80 -4.84
CA GLU A 771 -54.12 14.12 -4.51
C GLU A 771 -52.86 14.46 -5.30
N PHE A 772 -51.94 13.49 -5.43
CA PHE A 772 -50.75 13.72 -6.24
C PHE A 772 -51.11 13.96 -7.70
N ALA A 773 -52.09 13.21 -8.22
CA ALA A 773 -52.53 13.39 -9.60
C ALA A 773 -53.15 14.77 -9.79
N LEU A 774 -53.84 15.28 -8.78
CA LEU A 774 -54.45 16.61 -8.89
C LEU A 774 -53.39 17.70 -9.04
N ARG A 775 -52.30 17.60 -8.28
CA ARG A 775 -51.24 18.61 -8.34
C ARG A 775 -50.42 18.51 -9.62
N SER A 776 -50.54 17.44 -10.38
CA SER A 776 -49.78 17.28 -11.61
C SER A 776 -50.63 17.58 -12.83
N LYS B 29 36.87 -34.51 0.07
CA LYS B 29 35.95 -34.75 1.19
C LYS B 29 35.68 -33.45 1.95
N LEU B 30 36.62 -33.06 2.80
CA LEU B 30 36.56 -31.83 3.60
C LEU B 30 35.29 -31.80 4.44
N PRO B 31 35.19 -32.65 5.47
CA PRO B 31 33.99 -32.63 6.33
C PRO B 31 34.03 -31.45 7.29
N ALA B 32 33.03 -30.58 7.18
CA ALA B 32 32.98 -29.38 8.01
C ALA B 32 32.40 -29.68 9.39
N GLU B 33 31.17 -30.16 9.44
CA GLU B 33 30.48 -30.43 10.69
C GLU B 33 30.37 -31.93 10.94
N PHE B 34 30.18 -32.28 12.20
CA PHE B 34 30.07 -33.68 12.62
C PHE B 34 28.93 -33.82 13.61
N ILE B 35 28.44 -35.05 13.75
CA ILE B 35 27.30 -35.37 14.61
C ILE B 35 27.76 -36.38 15.65
N THR B 36 27.46 -36.10 16.91
CA THR B 36 27.81 -37.00 17.99
C THR B 36 26.87 -38.20 18.04
N ARG B 37 27.33 -39.26 18.71
CA ARG B 37 26.57 -40.51 18.83
C ARG B 37 27.09 -41.28 20.02
N PRO B 38 26.21 -41.87 20.84
CA PRO B 38 26.69 -42.67 21.98
C PRO B 38 27.51 -43.86 21.52
N HIS B 39 28.50 -44.23 22.33
CA HIS B 39 29.33 -45.38 22.02
C HIS B 39 28.53 -46.67 22.22
N PRO B 40 28.46 -47.53 21.22
CA PRO B 40 27.64 -48.75 21.32
C PRO B 40 28.37 -49.85 22.07
N SER B 41 27.68 -51.01 22.17
CA SER B 41 28.20 -52.25 22.72
C SER B 41 28.36 -52.19 24.24
N LYS B 42 28.14 -51.00 24.83
CA LYS B 42 28.23 -50.77 26.28
C LYS B 42 29.57 -51.32 26.78
N ASP B 43 29.59 -52.12 27.84
CA ASP B 43 30.81 -52.72 28.41
C ASP B 43 31.77 -51.57 28.75
N HIS B 44 33.08 -51.75 28.55
CA HIS B 44 34.05 -50.69 28.77
C HIS B 44 34.72 -50.23 27.49
N GLY B 45 35.37 -51.14 26.76
CA GLY B 45 36.11 -50.78 25.57
C GLY B 45 37.07 -49.64 25.83
N LYS B 46 36.80 -48.48 25.23
CA LYS B 46 37.53 -47.25 25.55
C LYS B 46 36.85 -46.48 26.67
N GLU B 47 35.58 -46.12 26.47
CA GLU B 47 34.71 -45.52 27.48
C GLU B 47 35.10 -44.08 27.83
N THR B 48 36.26 -43.64 27.34
CA THR B 48 36.66 -42.25 27.53
C THR B 48 37.16 -41.66 26.21
N CYS B 49 37.76 -42.49 25.36
CA CYS B 49 38.45 -42.04 24.16
C CYS B 49 38.08 -42.92 22.96
N THR B 50 36.80 -43.19 22.77
CA THR B 50 36.36 -43.95 21.60
C THR B 50 36.70 -43.20 20.32
N ALA B 51 36.07 -42.06 20.11
CA ALA B 51 36.37 -41.12 19.03
C ALA B 51 36.58 -41.85 17.70
N TYR B 52 35.53 -42.54 17.26
CA TYR B 52 35.58 -43.29 16.01
C TYR B 52 35.49 -42.31 14.84
N ILE B 53 36.61 -42.11 14.15
CA ILE B 53 36.71 -41.16 13.05
C ILE B 53 37.17 -41.90 11.81
N HIS B 54 36.69 -41.46 10.65
CA HIS B 54 37.06 -42.10 9.39
C HIS B 54 38.54 -41.88 9.11
N PRO B 55 39.23 -42.89 8.55
CA PRO B 55 40.67 -42.72 8.26
C PRO B 55 40.96 -41.58 7.30
N ASN B 56 40.07 -41.29 6.36
CA ASN B 56 40.28 -40.15 5.47
C ASN B 56 40.28 -38.85 6.25
N VAL B 57 39.41 -38.72 7.25
CA VAL B 57 39.44 -37.55 8.12
C VAL B 57 40.71 -37.54 8.95
N LEU B 58 41.20 -38.72 9.35
CA LEU B 58 42.46 -38.78 10.11
C LEU B 58 43.61 -38.25 9.27
N SER B 59 43.68 -38.62 7.99
CA SER B 59 44.75 -38.13 7.13
C SER B 59 44.56 -36.67 6.75
N SER B 60 43.30 -36.21 6.63
CA SER B 60 43.05 -34.82 6.24
C SER B 60 43.44 -33.84 7.34
N LEU B 61 43.31 -34.24 8.61
CA LEU B 61 43.61 -33.35 9.72
C LEU B 61 45.07 -33.47 10.17
N GLU B 62 45.87 -34.31 9.49
CA GLU B 62 47.31 -34.47 9.72
C GLU B 62 47.63 -34.62 11.22
N ILE B 63 46.87 -35.49 11.88
CA ILE B 63 47.05 -35.75 13.30
C ILE B 63 47.16 -37.25 13.51
N ASN B 64 48.09 -37.66 14.38
CA ASN B 64 48.32 -39.06 14.63
C ASN B 64 47.09 -39.69 15.29
N PRO B 65 46.55 -40.79 14.74
CA PRO B 65 45.42 -41.45 15.42
C PRO B 65 45.73 -41.89 16.84
N GLY B 66 46.97 -42.28 17.11
CA GLY B 66 47.36 -42.64 18.46
C GLY B 66 47.76 -41.43 19.29
N SER B 67 46.95 -40.38 19.25
CA SER B 67 47.24 -39.15 19.96
C SER B 67 45.94 -38.45 20.32
N PHE B 68 46.04 -37.49 21.23
CA PHE B 68 44.87 -36.75 21.67
C PHE B 68 44.28 -35.93 20.53
N CYS B 69 42.95 -35.83 20.51
CA CYS B 69 42.23 -35.06 19.50
C CYS B 69 41.35 -34.02 20.18
N THR B 70 40.92 -33.05 19.39
CA THR B 70 40.13 -31.92 19.88
C THR B 70 38.75 -31.92 19.21
N VAL B 71 37.72 -31.78 20.02
CA VAL B 71 36.34 -31.75 19.55
C VAL B 71 35.78 -30.36 19.81
N GLY B 72 35.33 -29.70 18.75
CA GLY B 72 34.94 -28.30 18.82
C GLY B 72 33.54 -28.03 19.34
N LYS B 73 32.53 -28.60 18.69
CA LYS B 73 31.12 -28.31 18.97
C LYS B 73 30.83 -26.82 18.83
N ILE B 74 31.41 -26.21 17.78
CA ILE B 74 31.30 -24.80 17.42
C ILE B 74 31.21 -23.89 18.64
N GLY B 75 32.35 -23.38 19.09
CA GLY B 75 32.42 -22.50 20.22
C GLY B 75 33.11 -23.13 21.41
N GLU B 76 32.89 -22.52 22.58
CA GLU B 76 33.44 -22.95 23.87
C GLU B 76 34.90 -23.40 23.74
N ASN B 77 35.75 -22.43 23.40
CA ASN B 77 37.16 -22.71 23.14
C ASN B 77 37.80 -23.39 24.35
N GLY B 78 38.61 -24.41 24.06
CA GLY B 78 39.08 -25.36 25.05
C GLY B 78 38.95 -26.74 24.46
N ILE B 79 37.92 -26.90 23.64
CA ILE B 79 37.81 -27.90 22.56
C ILE B 79 38.03 -29.33 23.04
N LEU B 80 37.94 -29.55 24.35
CA LEU B 80 37.79 -30.88 24.94
C LEU B 80 38.80 -31.88 24.38
N VAL B 81 40.07 -31.64 24.70
CA VAL B 81 41.17 -32.48 24.21
C VAL B 81 40.97 -33.89 24.76
N ILE B 82 40.70 -34.85 23.86
CA ILE B 82 40.46 -36.23 24.20
C ILE B 82 41.20 -37.12 23.20
N ALA B 83 41.70 -38.25 23.68
CA ALA B 83 42.42 -39.17 22.81
C ALA B 83 41.49 -39.77 21.76
N ARG B 84 42.08 -40.22 20.65
CA ARG B 84 41.33 -40.66 19.49
C ARG B 84 41.68 -42.11 19.15
N ALA B 85 40.85 -42.71 18.31
CA ALA B 85 41.05 -44.09 17.88
C ALA B 85 40.42 -44.27 16.50
N GLY B 86 40.76 -45.39 15.85
CA GLY B 86 40.25 -45.67 14.53
C GLY B 86 38.97 -46.50 14.55
N ASP B 87 38.21 -46.39 13.46
CA ASP B 87 36.96 -47.11 13.30
C ASP B 87 37.16 -48.38 12.49
N GLU B 88 36.06 -49.02 12.12
CA GLU B 88 36.08 -50.27 11.37
C GLU B 88 35.73 -50.07 9.90
N GLU B 89 35.85 -48.84 9.39
CA GLU B 89 35.56 -48.43 8.02
C GLU B 89 34.07 -48.47 7.69
N VAL B 90 33.21 -48.91 8.61
CA VAL B 90 31.78 -48.87 8.40
C VAL B 90 31.15 -47.60 8.97
N HIS B 91 31.83 -46.95 9.92
CA HIS B 91 31.30 -45.74 10.54
C HIS B 91 31.27 -44.62 9.52
N PRO B 92 30.13 -43.99 9.27
CA PRO B 92 30.07 -42.89 8.30
C PRO B 92 30.85 -41.68 8.77
N VAL B 93 31.28 -40.88 7.79
CA VAL B 93 32.13 -39.73 8.06
C VAL B 93 31.41 -38.70 8.93
N ASN B 94 30.14 -38.44 8.61
CA ASN B 94 29.42 -37.34 9.26
C ASN B 94 29.27 -37.57 10.75
N VAL B 95 28.81 -38.76 11.15
CA VAL B 95 28.54 -39.01 12.55
C VAL B 95 29.83 -39.45 13.26
N ILE B 96 29.96 -39.07 14.53
CA ILE B 96 31.10 -39.43 15.37
C ILE B 96 30.58 -39.88 16.72
N THR B 97 31.47 -40.50 17.50
CA THR B 97 31.12 -41.02 18.82
C THR B 97 32.04 -40.44 19.88
N LEU B 98 31.47 -40.01 21.01
CA LEU B 98 32.26 -39.45 22.10
C LEU B 98 31.88 -40.01 23.47
N SER B 99 31.15 -41.13 23.52
CA SER B 99 30.87 -41.86 24.76
C SER B 99 29.92 -41.11 25.71
N THR B 100 29.17 -41.90 26.50
CA THR B 100 28.12 -41.35 27.35
C THR B 100 28.68 -40.40 28.39
N THR B 101 29.79 -40.76 29.03
CA THR B 101 30.34 -39.93 30.09
C THR B 101 30.73 -38.55 29.57
N ILE B 102 31.42 -38.50 28.43
CA ILE B 102 31.85 -37.23 27.88
C ILE B 102 30.65 -36.44 27.37
N ARG B 103 29.66 -37.10 26.76
CA ARG B 103 28.48 -36.38 26.31
C ARG B 103 27.76 -35.74 27.49
N SER B 104 27.67 -36.45 28.61
CA SER B 104 27.02 -35.90 29.79
C SER B 104 27.83 -34.76 30.40
N VAL B 105 29.15 -34.93 30.50
CA VAL B 105 29.99 -33.93 31.15
C VAL B 105 30.01 -32.64 30.34
N GLY B 106 30.24 -32.76 29.03
CA GLY B 106 30.31 -31.59 28.18
C GLY B 106 28.99 -31.08 27.66
N ASN B 107 27.88 -31.69 28.08
CA ASN B 107 26.54 -31.32 27.60
C ASN B 107 26.48 -31.35 26.08
N LEU B 108 27.09 -32.40 25.51
CA LEU B 108 27.17 -32.54 24.05
C LEU B 108 25.81 -32.95 23.52
N ILE B 109 25.03 -31.96 23.07
CA ILE B 109 23.69 -32.22 22.56
C ILE B 109 23.78 -32.97 21.24
N LEU B 110 22.91 -33.96 21.07
CA LEU B 110 22.85 -34.73 19.84
C LEU B 110 22.49 -33.83 18.67
N GLY B 111 23.07 -34.13 17.50
CA GLY B 111 22.80 -33.35 16.31
C GLY B 111 23.45 -32.00 16.24
N ASP B 112 24.37 -31.70 17.16
CA ASP B 112 25.05 -30.42 17.14
C ASP B 112 26.11 -30.40 16.03
N ARG B 113 26.67 -29.22 15.81
CA ARG B 113 27.71 -29.02 14.80
C ARG B 113 29.07 -29.22 15.46
N LEU B 114 29.64 -30.42 15.31
CA LEU B 114 30.89 -30.78 15.95
C LEU B 114 32.05 -30.44 15.04
N GLU B 115 33.16 -30.01 15.65
CA GLU B 115 34.34 -29.57 14.91
C GLU B 115 35.59 -30.30 15.39
N LEU B 116 36.54 -30.46 14.48
CA LEU B 116 37.82 -31.11 14.76
C LEU B 116 38.95 -30.15 14.44
N LYS B 117 39.94 -30.07 15.33
CA LYS B 117 41.08 -29.19 15.15
C LYS B 117 42.34 -29.89 15.63
N LYS B 118 43.47 -29.17 15.54
CA LYS B 118 44.76 -29.73 15.93
C LYS B 118 44.90 -29.80 17.44
N ALA B 119 45.61 -30.81 17.92
CA ALA B 119 45.82 -31.00 19.35
C ALA B 119 46.75 -29.94 19.91
N GLN B 120 46.51 -29.58 21.18
CA GLN B 120 47.32 -28.60 21.88
C GLN B 120 48.44 -29.30 22.66
N VAL B 121 49.12 -28.55 23.52
CA VAL B 121 50.22 -29.12 24.29
C VAL B 121 49.68 -30.04 25.38
N GLN B 122 50.49 -31.01 25.78
CA GLN B 122 50.08 -31.97 26.79
C GLN B 122 50.04 -31.31 28.17
N PRO B 123 49.00 -31.56 28.97
CA PRO B 123 48.95 -31.01 30.31
C PRO B 123 50.02 -31.64 31.19
N PRO B 124 50.48 -30.93 32.24
CA PRO B 124 51.60 -31.44 33.04
C PRO B 124 51.31 -32.73 33.79
N TYR B 125 50.30 -32.72 34.66
CA TYR B 125 50.07 -33.84 35.58
C TYR B 125 48.77 -33.60 36.33
N ALA B 126 48.42 -34.55 37.20
CA ALA B 126 47.27 -34.45 38.09
C ALA B 126 47.74 -34.37 39.52
N THR B 127 47.08 -33.55 40.33
CA THR B 127 47.54 -33.24 41.68
C THR B 127 46.83 -34.05 42.76
N LYS B 128 45.51 -33.90 42.87
CA LYS B 128 44.77 -34.44 44.01
C LYS B 128 43.74 -35.49 43.62
N VAL B 129 42.84 -35.16 42.69
CA VAL B 129 41.63 -35.90 42.28
C VAL B 129 40.79 -36.31 43.48
N THR B 130 39.50 -35.97 43.45
CA THR B 130 38.61 -36.19 44.59
C THR B 130 37.20 -36.47 44.10
N VAL B 131 36.62 -37.58 44.56
CA VAL B 131 35.30 -37.98 44.12
C VAL B 131 34.23 -37.25 44.94
N GLY B 132 33.00 -37.25 44.43
CA GLY B 132 31.91 -36.52 45.05
C GLY B 132 30.69 -37.35 45.40
N SER B 133 30.48 -38.48 44.72
CA SER B 133 29.38 -39.40 45.00
C SER B 133 28.02 -38.70 44.83
N LEU B 134 27.74 -38.34 43.58
CA LEU B 134 26.50 -37.64 43.24
C LEU B 134 25.29 -38.46 43.69
N GLN B 135 24.20 -37.74 43.97
CA GLN B 135 22.91 -38.27 44.42
C GLN B 135 23.06 -39.36 45.48
N GLY B 136 24.02 -39.19 46.38
CA GLY B 136 24.23 -40.15 47.45
C GLY B 136 24.79 -39.47 48.68
N TYR B 137 24.69 -40.18 49.81
CA TYR B 137 25.21 -39.71 51.08
C TYR B 137 26.65 -40.12 51.31
N ASN B 138 27.28 -40.77 50.33
CA ASN B 138 28.68 -41.22 50.38
C ASN B 138 28.80 -42.23 51.53
N ILE B 139 29.94 -42.29 52.21
CA ILE B 139 30.21 -43.24 53.29
C ILE B 139 29.99 -44.64 52.72
N LEU B 140 30.46 -44.85 51.48
CA LEU B 140 30.32 -46.16 50.86
C LEU B 140 31.28 -47.18 51.44
N GLU B 141 32.53 -46.77 51.69
CA GLU B 141 33.54 -47.60 52.36
C GLU B 141 33.66 -48.98 51.71
N CYS B 142 32.98 -49.97 52.30
CA CYS B 142 33.05 -51.33 51.77
C CYS B 142 32.41 -51.44 50.39
N MET B 143 31.43 -50.59 50.09
CA MET B 143 30.79 -50.61 48.78
C MET B 143 31.74 -50.18 47.67
N GLU B 144 32.82 -49.48 48.01
CA GLU B 144 33.78 -49.03 47.01
C GLU B 144 34.42 -50.22 46.29
N GLU B 145 35.15 -51.06 47.04
CA GLU B 145 35.81 -52.24 46.49
C GLU B 145 36.74 -51.86 45.33
N LYS B 146 37.55 -50.83 45.55
CA LYS B 146 38.58 -50.37 44.62
C LYS B 146 37.99 -49.94 43.28
N VAL B 147 37.09 -48.95 43.35
CA VAL B 147 36.66 -48.25 42.14
C VAL B 147 37.80 -47.45 41.54
N ILE B 148 38.75 -47.02 42.37
CA ILE B 148 39.82 -46.13 41.92
C ILE B 148 40.64 -46.80 40.82
N GLN B 149 40.86 -48.11 40.94
CA GLN B 149 41.60 -48.84 39.92
C GLN B 149 40.89 -48.75 38.57
N LYS B 150 39.57 -48.92 38.56
CA LYS B 150 38.81 -48.77 37.32
C LYS B 150 38.83 -47.34 36.82
N LEU B 151 38.79 -46.37 37.73
CA LEU B 151 38.79 -44.96 37.33
C LEU B 151 40.09 -44.58 36.64
N LEU B 152 41.22 -45.00 37.19
CA LEU B 152 42.53 -44.60 36.68
C LEU B 152 43.13 -45.59 35.69
N ASP B 153 42.49 -46.74 35.47
CA ASP B 153 42.99 -47.69 34.49
C ASP B 153 42.67 -47.25 33.07
N ASP B 154 41.59 -46.51 32.89
CA ASP B 154 41.18 -46.07 31.56
C ASP B 154 42.15 -45.04 31.00
N SER B 155 42.32 -45.07 29.68
CA SER B 155 43.16 -44.09 29.01
C SER B 155 42.41 -42.77 28.84
N GLY B 156 43.16 -41.67 28.88
CA GLY B 156 42.56 -40.36 28.76
C GLY B 156 42.14 -39.79 30.10
N VAL B 157 40.86 -39.94 30.43
CA VAL B 157 40.29 -39.51 31.71
C VAL B 157 40.50 -38.02 31.90
N ILE B 158 39.67 -37.21 31.25
CA ILE B 158 39.73 -35.76 31.44
C ILE B 158 39.31 -35.46 32.87
N MET B 159 40.25 -34.98 33.68
CA MET B 159 40.20 -35.11 35.14
C MET B 159 38.93 -34.54 35.78
N PRO B 160 38.47 -33.31 35.48
CA PRO B 160 37.33 -32.78 36.24
C PRO B 160 35.98 -33.34 35.83
N GLY B 161 35.85 -34.06 34.73
CA GLY B 161 34.56 -34.64 34.39
C GLY B 161 34.55 -36.13 34.14
N MET B 162 33.93 -36.88 35.07
CA MET B 162 33.62 -38.29 34.86
C MET B 162 32.30 -38.62 35.56
N ILE B 163 31.47 -39.42 34.89
CA ILE B 163 30.40 -40.16 35.55
C ILE B 163 30.43 -41.57 34.98
N PHE B 164 30.10 -42.55 35.83
CA PHE B 164 30.12 -43.94 35.42
C PHE B 164 28.90 -44.66 35.99
N GLN B 165 28.49 -45.71 35.31
CA GLN B 165 27.37 -46.51 35.76
C GLN B 165 27.78 -47.36 36.97
N ASN B 166 26.77 -47.92 37.63
CA ASN B 166 27.03 -48.72 38.84
C ASN B 166 27.83 -49.97 38.51
N LEU B 167 27.56 -50.59 37.37
CA LEU B 167 28.19 -51.86 36.97
C LEU B 167 27.82 -52.89 38.04
N LYS B 168 28.80 -53.55 38.66
CA LYS B 168 28.54 -54.54 39.70
C LYS B 168 29.46 -54.26 40.88
N THR B 169 28.90 -53.76 41.97
CA THR B 169 29.64 -53.48 43.20
C THR B 169 29.01 -54.29 44.33
N LYS B 170 29.73 -55.34 44.78
CA LYS B 170 29.31 -56.25 45.83
C LYS B 170 27.84 -56.65 45.71
N ALA B 171 27.18 -56.87 46.84
CA ALA B 171 25.76 -57.18 46.88
C ALA B 171 24.99 -55.95 47.34
N GLY B 172 23.93 -55.60 46.63
CA GLY B 172 23.16 -54.42 46.95
C GLY B 172 22.86 -53.55 45.74
N ASP B 173 23.09 -54.11 44.55
CA ASP B 173 22.81 -53.52 43.23
C ASP B 173 22.76 -52.00 43.21
N GLU B 174 21.61 -51.43 42.85
CA GLU B 174 21.32 -49.99 42.78
C GLU B 174 22.30 -49.24 41.88
N SER B 175 22.13 -47.93 41.76
CA SER B 175 22.93 -47.11 40.86
C SER B 175 23.65 -46.02 41.64
N ILE B 176 24.90 -45.76 41.26
CA ILE B 176 25.73 -44.75 41.91
C ILE B 176 26.56 -44.02 40.87
N ASP B 177 26.75 -42.72 41.05
CA ASP B 177 27.63 -41.92 40.22
C ASP B 177 28.37 -40.92 41.10
N VAL B 178 29.53 -40.48 40.64
CA VAL B 178 30.43 -39.66 41.45
C VAL B 178 30.60 -38.29 40.80
N VAL B 179 31.06 -37.34 41.60
CA VAL B 179 31.38 -35.99 41.16
C VAL B 179 32.88 -35.79 41.28
N ILE B 180 33.52 -35.42 40.19
CA ILE B 180 34.97 -35.28 40.14
C ILE B 180 35.39 -33.88 39.73
N THR B 181 34.48 -32.91 39.84
CA THR B 181 34.73 -31.56 39.33
C THR B 181 35.87 -30.88 40.07
N ASP B 182 35.92 -31.04 41.40
CA ASP B 182 36.90 -30.32 42.20
C ASP B 182 38.32 -30.76 41.86
N ALA B 183 39.22 -29.79 41.78
CA ALA B 183 40.62 -30.04 41.46
C ALA B 183 41.46 -28.87 41.95
N SER B 184 42.77 -29.09 42.03
CA SER B 184 43.69 -28.05 42.48
C SER B 184 44.89 -27.87 41.55
N ASP B 185 44.87 -28.50 40.38
CA ASP B 185 45.96 -28.39 39.42
C ASP B 185 45.94 -27.01 38.77
N ASP B 186 47.13 -26.48 38.49
CA ASP B 186 47.29 -25.19 37.86
C ASP B 186 47.81 -25.37 36.43
N SER B 187 47.13 -24.76 35.47
CA SER B 187 47.51 -24.82 34.06
C SER B 187 47.82 -23.42 33.57
N LEU B 188 48.96 -23.25 32.89
CA LEU B 188 49.31 -21.95 32.36
C LEU B 188 48.30 -21.42 31.35
N PRO B 189 47.85 -22.18 30.36
CA PRO B 189 46.83 -21.64 29.44
C PRO B 189 45.43 -21.80 30.03
N ASP B 190 44.70 -20.69 30.13
CA ASP B 190 43.32 -20.71 30.60
C ASP B 190 42.33 -20.99 29.48
N VAL B 191 42.81 -21.18 28.25
CA VAL B 191 41.92 -21.43 27.12
C VAL B 191 41.18 -22.74 27.29
N SER B 192 41.84 -23.74 27.88
CA SER B 192 41.26 -25.07 28.01
C SER B 192 39.96 -25.02 28.79
N GLN B 193 38.91 -25.63 28.24
CA GLN B 193 37.61 -25.61 28.88
C GLN B 193 37.59 -26.46 30.15
N LEU B 194 38.18 -27.65 30.10
CA LEU B 194 38.07 -28.60 31.21
C LEU B 194 39.43 -29.19 31.58
N ASP B 195 40.52 -28.64 31.04
CA ASP B 195 41.90 -28.82 31.51
C ASP B 195 42.20 -30.25 31.98
N LEU B 196 42.14 -31.18 31.03
CA LEU B 196 42.43 -32.59 31.27
C LEU B 196 43.77 -32.80 31.95
N ASN B 197 43.93 -33.93 32.64
CA ASN B 197 45.16 -34.26 33.35
C ASN B 197 45.59 -35.68 32.98
N MET B 198 46.79 -36.04 33.44
CA MET B 198 47.35 -37.35 33.16
C MET B 198 46.80 -38.39 34.14
N ASP B 199 47.10 -39.65 33.86
CA ASP B 199 46.69 -40.78 34.69
C ASP B 199 47.92 -41.54 35.17
N ASP B 200 47.91 -41.93 36.44
CA ASP B 200 49.02 -42.68 37.03
C ASP B 200 48.53 -43.37 38.28
N MET B 201 48.72 -44.69 38.35
CA MET B 201 48.30 -45.46 39.51
C MET B 201 49.16 -46.72 39.63
N TYR B 202 49.16 -47.29 40.82
CA TYR B 202 49.77 -48.58 41.10
C TYR B 202 48.71 -49.50 41.69
N GLY B 203 48.51 -50.66 41.07
CA GLY B 203 47.51 -51.60 41.56
C GLY B 203 47.32 -52.72 40.58
N GLY B 204 46.42 -53.61 40.93
CA GLY B 204 46.10 -54.77 40.09
C GLY B 204 44.61 -54.97 39.97
N LEU B 205 44.19 -55.47 38.81
CA LEU B 205 42.78 -55.75 38.52
C LEU B 205 41.91 -54.51 38.72
N GLY B 220 50.77 -45.57 44.19
CA GLY B 220 49.46 -45.64 44.81
C GLY B 220 48.63 -44.39 44.64
N SER B 221 48.33 -44.05 43.39
CA SER B 221 47.54 -42.87 43.03
C SER B 221 48.28 -41.63 43.56
N THR B 222 47.52 -40.56 43.87
CA THR B 222 48.08 -39.31 44.40
C THR B 222 47.29 -38.90 45.63
N HIS B 223 47.70 -39.44 46.79
CA HIS B 223 47.09 -39.11 48.09
C HIS B 223 45.59 -39.34 48.05
N ILE B 224 45.20 -40.57 47.68
CA ILE B 224 43.82 -41.08 47.56
C ILE B 224 42.90 -40.12 46.83
N THR B 225 41.61 -40.46 46.78
CA THR B 225 40.63 -39.60 46.13
C THR B 225 39.37 -39.44 46.97
N PHE B 226 39.09 -40.41 47.83
CA PHE B 226 37.84 -40.40 48.59
C PHE B 226 37.90 -39.32 49.66
N SER B 227 37.14 -38.24 49.46
CA SER B 227 37.09 -37.15 50.43
C SER B 227 35.82 -36.35 50.18
N LYS B 228 34.92 -36.34 51.17
CA LYS B 228 33.71 -35.51 51.17
C LYS B 228 32.73 -35.92 50.08
N GLU B 229 31.47 -35.51 50.21
CA GLU B 229 30.42 -35.78 49.24
C GLU B 229 29.99 -34.52 48.50
N THR B 230 30.95 -33.66 48.16
CA THR B 230 30.63 -32.38 47.55
C THR B 230 30.01 -32.56 46.16
N GLN B 231 29.20 -31.59 45.76
CA GLN B 231 28.56 -31.58 44.46
C GLN B 231 29.50 -30.88 43.46
N ALA B 232 29.00 -30.56 42.27
CA ALA B 232 29.80 -29.86 41.28
C ALA B 232 30.18 -28.47 41.79
N ASN B 233 31.44 -28.11 41.59
CA ASN B 233 31.93 -26.82 42.07
C ASN B 233 31.37 -25.68 41.23
N ARG B 234 31.50 -24.47 41.76
CA ARG B 234 30.92 -23.28 41.14
C ARG B 234 31.94 -22.45 40.36
N LYS B 235 33.21 -22.47 40.76
CA LYS B 235 34.20 -21.61 40.11
C LYS B 235 34.61 -22.12 38.74
N TYR B 236 34.31 -23.39 38.42
CA TYR B 236 34.59 -23.90 37.09
C TYR B 236 33.60 -23.42 36.04
N ASN B 237 32.42 -22.95 36.47
CA ASN B 237 31.36 -22.41 35.62
C ASN B 237 31.07 -23.31 34.40
N LEU B 238 31.26 -24.62 34.57
CA LEU B 238 30.82 -25.55 33.52
C LEU B 238 29.30 -25.60 33.47
N PRO B 239 28.71 -25.67 32.27
CA PRO B 239 27.25 -25.75 32.18
C PRO B 239 26.74 -27.06 32.77
N GLU B 240 25.53 -27.00 33.32
CA GLU B 240 24.89 -28.18 33.90
C GLU B 240 23.76 -28.68 33.01
N PRO B 241 23.55 -29.99 32.93
CA PRO B 241 22.43 -30.52 32.16
C PRO B 241 21.11 -30.16 32.80
N LEU B 242 20.16 -29.74 31.97
CA LEU B 242 18.84 -29.38 32.47
C LEU B 242 18.06 -30.62 32.89
N SER B 243 17.35 -30.52 34.01
CA SER B 243 16.58 -31.62 34.56
C SER B 243 15.19 -31.12 34.95
N TYR B 244 14.26 -32.08 35.05
CA TYR B 244 12.89 -31.74 35.44
C TYR B 244 12.82 -31.15 36.85
N ALA B 245 13.80 -31.45 37.70
CA ALA B 245 13.83 -30.87 39.03
C ALA B 245 14.23 -29.41 39.03
N ALA B 246 14.69 -28.88 37.89
CA ALA B 246 15.06 -27.47 37.83
C ALA B 246 13.87 -26.59 37.48
N VAL B 247 12.93 -27.11 36.70
CA VAL B 247 11.75 -26.34 36.30
C VAL B 247 10.62 -26.59 37.28
N GLY B 248 10.05 -25.53 37.81
CA GLY B 248 8.95 -25.64 38.74
C GLY B 248 7.72 -24.91 38.23
N GLY B 249 6.57 -25.30 38.79
CA GLY B 249 5.31 -24.70 38.39
C GLY B 249 4.78 -25.18 37.06
N LEU B 250 5.42 -26.18 36.45
CA LEU B 250 5.00 -26.70 35.15
C LEU B 250 4.47 -28.13 35.26
N ASP B 251 4.11 -28.57 36.46
CA ASP B 251 3.82 -29.98 36.72
C ASP B 251 2.65 -30.47 35.88
N LYS B 252 1.47 -29.87 36.07
CA LYS B 252 0.25 -30.39 35.48
C LYS B 252 0.35 -30.54 33.97
N GLU B 253 1.20 -29.74 33.33
CA GLU B 253 1.48 -29.90 31.91
C GLU B 253 2.77 -30.67 31.63
N ILE B 254 3.69 -30.79 32.59
CA ILE B 254 4.88 -31.57 32.27
C ILE B 254 4.55 -33.06 32.24
N GLU B 255 3.60 -33.52 33.05
CA GLU B 255 3.24 -34.94 32.90
C GLU B 255 2.60 -35.20 31.54
N SER B 256 1.78 -34.25 31.06
CA SER B 256 1.19 -34.39 29.73
C SER B 256 2.26 -34.38 28.64
N LEU B 257 3.25 -33.49 28.76
CA LEU B 257 4.35 -33.46 27.78
C LEU B 257 5.16 -34.75 27.83
N LYS B 258 5.40 -35.28 29.03
CA LYS B 258 6.12 -36.54 29.15
C LYS B 258 5.36 -37.68 28.49
N SER B 259 4.04 -37.73 28.70
CA SER B 259 3.24 -38.75 28.03
C SER B 259 3.30 -38.58 26.51
N ALA B 260 3.16 -37.34 26.02
CA ALA B 260 3.14 -37.10 24.59
C ALA B 260 4.48 -37.42 23.94
N ILE B 261 5.58 -37.30 24.70
CA ILE B 261 6.89 -37.63 24.15
C ILE B 261 7.27 -39.08 24.35
N GLU B 262 6.65 -39.77 25.30
CA GLU B 262 6.99 -41.15 25.62
C GLU B 262 6.14 -42.19 24.89
N ILE B 263 4.83 -41.95 24.75
CA ILE B 263 3.96 -42.96 24.15
C ILE B 263 4.35 -43.28 22.71
N PRO B 264 4.53 -42.31 21.81
CA PRO B 264 4.82 -42.68 20.41
C PRO B 264 6.24 -43.18 20.18
N LEU B 265 7.15 -42.98 21.12
CA LEU B 265 8.56 -43.30 20.90
C LEU B 265 8.99 -44.57 21.64
N HIS B 266 8.69 -44.67 22.93
CA HIS B 266 9.18 -45.80 23.73
C HIS B 266 8.57 -47.12 23.29
N GLN B 267 7.28 -47.12 22.93
CA GLN B 267 6.58 -48.33 22.49
C GLN B 267 5.89 -48.06 21.15
N PRO B 268 6.66 -48.09 20.06
CA PRO B 268 6.06 -47.86 18.74
C PRO B 268 5.29 -49.08 18.23
N THR B 269 5.75 -50.28 18.60
CA THR B 269 5.08 -51.50 18.15
C THR B 269 3.69 -51.62 18.74
N LEU B 270 3.53 -51.29 20.02
CA LEU B 270 2.23 -51.38 20.66
C LEU B 270 1.22 -50.45 19.99
N PHE B 271 1.65 -49.23 19.65
CA PHE B 271 0.76 -48.30 18.99
C PHE B 271 0.49 -48.72 17.54
N SER B 272 1.51 -49.22 16.85
CA SER B 272 1.33 -49.69 15.48
C SER B 272 0.43 -50.91 15.40
N SER B 273 0.30 -51.67 16.49
CA SER B 273 -0.65 -52.77 16.51
C SER B 273 -2.06 -52.30 16.21
N PHE B 274 -2.45 -51.15 16.78
CA PHE B 274 -3.74 -50.56 16.44
C PHE B 274 -3.80 -50.15 14.98
N GLY B 275 -2.71 -49.57 14.47
CA GLY B 275 -2.67 -49.10 13.09
C GLY B 275 -3.21 -47.71 12.87
N VAL B 276 -3.63 -47.01 13.94
CA VAL B 276 -4.16 -45.65 13.80
C VAL B 276 -3.06 -44.63 13.56
N SER B 277 -1.79 -45.02 13.69
CA SER B 277 -0.59 -44.20 13.48
C SER B 277 -0.43 -43.18 14.58
N PRO B 278 0.79 -42.88 15.00
CA PRO B 278 0.99 -41.96 16.13
C PRO B 278 1.03 -40.51 15.66
N PRO B 279 0.66 -39.57 16.52
CA PRO B 279 0.77 -38.15 16.15
C PRO B 279 2.21 -37.74 15.94
N ARG B 280 2.40 -36.78 15.03
CA ARG B 280 3.74 -36.32 14.66
C ARG B 280 3.93 -34.84 14.96
N GLY B 281 3.21 -34.32 15.96
CA GLY B 281 3.31 -32.91 16.28
C GLY B 281 2.96 -32.53 17.70
N ILE B 282 3.83 -31.76 18.34
CA ILE B 282 3.59 -31.22 19.68
C ILE B 282 3.73 -29.71 19.59
N LEU B 283 2.70 -28.99 20.05
CA LEU B 283 2.65 -27.54 19.95
C LEU B 283 2.75 -26.92 21.33
N LEU B 284 3.70 -26.02 21.51
CA LEU B 284 3.88 -25.28 22.74
C LEU B 284 3.57 -23.81 22.47
N HIS B 285 2.61 -23.26 23.21
CA HIS B 285 2.17 -21.88 23.00
C HIS B 285 1.78 -21.26 24.33
N GLY B 286 1.84 -19.93 24.36
CA GLY B 286 1.51 -19.14 25.56
C GLY B 286 2.36 -17.88 25.63
N PRO B 287 2.23 -17.05 26.68
CA PRO B 287 3.02 -15.83 26.83
C PRO B 287 4.48 -16.16 27.21
N PRO B 288 5.44 -15.23 27.00
CA PRO B 288 6.84 -15.49 27.35
C PRO B 288 6.98 -15.70 28.86
N GLY B 289 7.92 -16.57 29.26
CA GLY B 289 8.10 -16.92 30.68
C GLY B 289 7.38 -18.23 30.99
N THR B 290 6.94 -18.93 29.94
CA THR B 290 6.22 -20.23 30.06
C THR B 290 7.20 -21.41 30.01
N GLY B 291 8.51 -21.15 29.95
CA GLY B 291 9.53 -22.22 29.90
C GLY B 291 9.38 -23.12 28.68
N LYS B 292 9.10 -22.53 27.51
CA LYS B 292 8.96 -23.25 26.21
C LYS B 292 10.24 -24.01 25.84
N THR B 293 11.32 -23.30 25.47
CA THR B 293 12.57 -24.03 25.09
C THR B 293 13.12 -24.81 26.30
N MET B 294 13.02 -24.23 27.49
CA MET B 294 13.46 -24.91 28.75
C MET B 294 12.90 -26.33 28.71
N LEU B 295 11.60 -26.44 28.42
CA LEU B 295 10.99 -27.78 28.25
C LEU B 295 11.72 -28.51 27.12
N LEU B 296 12.03 -27.80 26.03
CA LEU B 296 12.74 -28.42 24.88
C LEU B 296 14.11 -28.91 25.35
N ARG B 297 14.81 -28.10 26.14
CA ARG B 297 16.14 -28.48 26.66
C ARG B 297 16.01 -29.70 27.58
N VAL B 298 15.07 -29.61 28.52
CA VAL B 298 14.82 -30.67 29.54
C VAL B 298 14.67 -32.02 28.84
N VAL B 299 13.74 -32.12 27.88
CA VAL B 299 13.50 -33.42 27.19
C VAL B 299 14.77 -33.86 26.46
N ALA B 300 15.45 -32.93 25.77
CA ALA B 300 16.67 -33.28 25.02
C ALA B 300 17.75 -33.78 25.97
N ASN B 301 17.93 -33.09 27.11
CA ASN B 301 18.96 -33.48 28.11
C ASN B 301 18.62 -34.86 28.70
N THR B 302 17.34 -35.09 28.97
CA THR B 302 16.84 -36.33 29.62
C THR B 302 16.76 -37.49 28.62
N SER B 303 16.09 -37.30 27.48
CA SER B 303 15.94 -38.41 26.56
C SER B 303 17.27 -38.71 25.88
N ASN B 304 17.63 -40.00 25.85
CA ASN B 304 18.86 -40.43 25.19
C ASN B 304 18.72 -40.49 23.67
N ALA B 305 17.52 -40.29 23.14
CA ALA B 305 17.31 -40.34 21.71
C ALA B 305 17.98 -39.16 21.01
N HIS B 306 18.31 -39.37 19.74
CA HIS B 306 18.92 -38.31 18.94
C HIS B 306 17.95 -37.16 18.76
N VAL B 307 18.48 -35.94 18.82
CA VAL B 307 17.68 -34.72 18.72
C VAL B 307 18.25 -33.85 17.60
N LEU B 308 17.37 -33.22 16.83
CA LEU B 308 17.75 -32.30 15.78
C LEU B 308 17.10 -30.95 16.06
N THR B 309 17.88 -29.88 15.96
CA THR B 309 17.41 -28.53 16.21
C THR B 309 17.71 -27.65 15.01
N ILE B 310 16.88 -26.63 14.83
CA ILE B 310 17.03 -25.66 13.75
C ILE B 310 17.32 -24.29 14.34
N ASN B 311 18.06 -23.48 13.59
CA ASN B 311 18.43 -22.14 14.03
C ASN B 311 17.43 -21.08 13.59
N GLY B 312 16.44 -21.44 12.77
CA GLY B 312 15.44 -20.50 12.33
C GLY B 312 15.86 -19.74 11.09
N PRO B 313 16.17 -18.46 11.24
CA PRO B 313 16.55 -17.64 10.07
C PRO B 313 17.81 -18.11 9.38
N SER B 314 18.67 -18.88 10.05
CA SER B 314 19.87 -19.39 9.41
C SER B 314 19.52 -20.30 8.23
N ILE B 315 18.49 -21.14 8.39
CA ILE B 315 18.04 -21.99 7.30
C ILE B 315 17.49 -21.16 6.16
N VAL B 316 16.83 -20.04 6.47
CA VAL B 316 16.26 -19.16 5.46
C VAL B 316 17.36 -18.68 4.53
N SER B 317 17.16 -18.87 3.22
CA SER B 317 18.14 -18.49 2.22
C SER B 317 17.46 -17.79 1.06
N LYS B 318 18.25 -17.01 0.31
CA LYS B 318 17.70 -16.27 -0.82
C LYS B 318 17.27 -17.19 -1.95
N TYR B 319 17.93 -18.33 -2.11
CA TYR B 319 17.59 -19.25 -3.17
C TYR B 319 16.26 -19.94 -2.87
N LEU B 320 15.53 -20.27 -3.94
CA LEU B 320 14.20 -20.87 -3.77
C LEU B 320 14.29 -22.30 -3.26
N GLY B 321 15.26 -23.07 -3.74
CA GLY B 321 15.33 -24.48 -3.43
C GLY B 321 16.25 -24.88 -2.31
N GLU B 322 17.07 -23.93 -1.82
CA GLU B 322 18.01 -24.26 -0.75
C GLU B 322 17.29 -24.65 0.54
N THR B 323 16.24 -23.90 0.90
CA THR B 323 15.47 -24.24 2.10
C THR B 323 14.80 -25.61 1.96
N GLU B 324 14.25 -25.89 0.78
CA GLU B 324 13.63 -27.20 0.54
C GLU B 324 14.66 -28.31 0.67
N ALA B 325 15.84 -28.12 0.09
CA ALA B 325 16.89 -29.12 0.17
C ALA B 325 17.35 -29.34 1.61
N ALA B 326 17.49 -28.26 2.38
CA ALA B 326 17.90 -28.39 3.77
C ALA B 326 16.85 -29.13 4.58
N LEU B 327 15.57 -28.80 4.39
CA LEU B 327 14.51 -29.49 5.10
C LEU B 327 14.47 -30.96 4.75
N ARG B 328 14.61 -31.28 3.45
CA ARG B 328 14.63 -32.68 3.04
C ARG B 328 15.82 -33.41 3.65
N ASP B 329 16.99 -32.78 3.66
CA ASP B 329 18.19 -33.41 4.21
C ASP B 329 18.03 -33.70 5.69
N ILE B 330 17.52 -32.71 6.45
CA ILE B 330 17.38 -32.92 7.89
C ILE B 330 16.32 -33.96 8.19
N PHE B 331 15.23 -33.98 7.41
CA PHE B 331 14.20 -34.99 7.62
C PHE B 331 14.71 -36.40 7.29
N ASN B 332 15.47 -36.55 6.19
CA ASN B 332 16.03 -37.86 5.86
C ASN B 332 17.04 -38.30 6.91
N GLU B 333 17.86 -37.37 7.42
CA GLU B 333 18.78 -37.70 8.50
C GLU B 333 18.06 -38.13 9.77
N ALA B 334 16.97 -37.46 10.12
CA ALA B 334 16.19 -37.86 11.28
C ALA B 334 15.56 -39.23 11.07
N ARG B 335 15.07 -39.50 9.87
CA ARG B 335 14.45 -40.79 9.58
C ARG B 335 15.48 -41.91 9.55
N LYS B 336 16.73 -41.62 9.18
CA LYS B 336 17.76 -42.64 9.12
C LYS B 336 18.01 -43.26 10.50
N TYR B 337 18.11 -42.42 11.52
CA TYR B 337 18.27 -42.89 12.89
C TYR B 337 16.89 -43.15 13.49
N GLN B 338 16.66 -44.35 14.00
CA GLN B 338 15.35 -44.70 14.52
C GLN B 338 14.89 -43.78 15.65
N PRO B 339 15.68 -43.55 16.73
CA PRO B 339 15.25 -42.56 17.73
C PRO B 339 15.64 -41.15 17.30
N SER B 340 14.63 -40.34 16.98
CA SER B 340 14.88 -38.99 16.48
C SER B 340 13.91 -38.01 17.15
N ILE B 341 14.42 -36.81 17.42
CA ILE B 341 13.64 -35.70 17.96
C ILE B 341 13.82 -34.50 17.05
N ILE B 342 12.71 -33.83 16.73
CA ILE B 342 12.71 -32.68 15.84
C ILE B 342 12.35 -31.44 16.63
N PHE B 343 13.16 -30.39 16.49
CA PHE B 343 12.95 -29.12 17.17
C PHE B 343 12.62 -28.05 16.14
N ILE B 344 11.48 -27.38 16.33
CA ILE B 344 11.02 -26.32 15.44
C ILE B 344 10.69 -25.13 16.33
N ASP B 345 11.60 -24.18 16.41
CA ASP B 345 11.39 -22.99 17.23
C ASP B 345 11.01 -21.80 16.36
N GLU B 346 10.39 -20.80 16.98
CA GLU B 346 9.74 -19.66 16.30
C GLU B 346 9.07 -20.10 15.00
N ILE B 347 8.22 -21.12 15.12
CA ILE B 347 7.47 -21.63 13.98
C ILE B 347 6.53 -20.57 13.41
N ASP B 348 6.01 -19.68 14.26
CA ASP B 348 5.11 -18.63 13.77
C ASP B 348 5.83 -17.72 12.77
N SER B 349 7.07 -17.35 13.07
CA SER B 349 7.85 -16.55 12.12
C SER B 349 8.29 -17.40 10.94
N ILE B 350 8.64 -18.66 11.19
CA ILE B 350 9.04 -19.56 10.11
C ILE B 350 7.87 -19.84 9.18
N ALA B 351 6.66 -19.99 9.75
CA ALA B 351 5.45 -20.30 9.00
C ALA B 351 4.40 -19.23 9.32
N PRO B 352 4.50 -18.06 8.71
CA PRO B 352 3.51 -17.01 8.97
C PRO B 352 2.16 -17.37 8.37
N ASN B 353 1.13 -16.72 8.91
CA ASN B 353 -0.23 -16.93 8.42
C ASN B 353 -0.35 -16.49 6.96
N ARG B 354 -0.93 -17.36 6.14
CA ARG B 354 -1.10 -17.03 4.73
C ARG B 354 -2.06 -15.85 4.54
N ALA B 355 -3.15 -15.83 5.29
CA ALA B 355 -4.13 -14.75 5.18
C ALA B 355 -3.63 -13.44 5.77
N ASN B 356 -2.78 -13.50 6.81
CA ASN B 356 -2.29 -12.25 7.43
C ASN B 356 -1.44 -11.45 6.45
N ASP B 357 -0.55 -12.11 5.73
CA ASP B 357 0.30 -11.42 4.76
C ASP B 357 0.89 -12.38 3.72
N ASP B 358 0.96 -11.93 2.47
CA ASP B 358 1.61 -12.68 1.40
C ASP B 358 3.03 -12.13 1.17
N SER B 359 3.86 -12.33 2.20
CA SER B 359 5.22 -11.79 2.15
C SER B 359 6.03 -12.40 1.02
N GLY B 360 5.92 -13.71 0.82
CA GLY B 360 6.67 -14.39 -0.22
C GLY B 360 7.96 -14.99 0.31
N GLU B 361 8.80 -15.41 -0.63
CA GLU B 361 10.07 -16.04 -0.32
C GLU B 361 9.85 -17.27 0.57
N VAL B 362 10.09 -17.12 1.86
CA VAL B 362 9.81 -18.18 2.82
C VAL B 362 8.33 -18.11 3.19
N GLU B 363 7.52 -18.90 2.50
CA GLU B 363 6.07 -18.83 2.60
C GLU B 363 5.51 -20.24 2.37
N SER B 364 4.22 -20.31 2.02
CA SER B 364 3.47 -21.55 1.96
C SER B 364 4.18 -22.72 1.27
N ARG B 365 5.18 -22.42 0.42
CA ARG B 365 5.96 -23.49 -0.18
C ARG B 365 6.62 -24.37 0.88
N VAL B 366 7.33 -23.76 1.82
CA VAL B 366 8.01 -24.53 2.86
C VAL B 366 6.99 -25.19 3.77
N VAL B 367 5.85 -24.53 4.01
CA VAL B 367 4.79 -25.14 4.83
C VAL B 367 4.30 -26.43 4.19
N ALA B 368 4.00 -26.37 2.89
CA ALA B 368 3.51 -27.55 2.19
C ALA B 368 4.55 -28.65 2.17
N THR B 369 5.81 -28.31 1.90
CA THR B 369 6.84 -29.35 1.83
C THR B 369 7.08 -29.97 3.21
N LEU B 370 7.04 -29.17 4.28
CA LEU B 370 7.27 -29.73 5.60
C LEU B 370 6.11 -30.61 6.04
N LEU B 371 4.87 -30.20 5.75
CA LEU B 371 3.73 -31.04 6.12
C LEU B 371 3.72 -32.33 5.31
N THR B 372 4.11 -32.25 4.03
CA THR B 372 4.22 -33.47 3.23
C THR B 372 5.28 -34.41 3.79
N LEU B 373 6.42 -33.86 4.21
CA LEU B 373 7.48 -34.70 4.76
C LEU B 373 7.10 -35.31 6.11
N MET B 374 6.40 -34.55 6.96
CA MET B 374 6.02 -35.07 8.26
C MET B 374 4.70 -35.83 8.23
N ASP B 375 4.06 -35.95 7.08
CA ASP B 375 2.86 -36.75 6.96
C ASP B 375 3.12 -38.16 6.46
N GLY B 376 4.27 -38.40 5.83
CA GLY B 376 4.53 -39.69 5.22
C GLY B 376 5.93 -40.24 5.37
N MET B 377 6.60 -39.98 6.49
CA MET B 377 7.95 -40.49 6.67
C MET B 377 7.96 -42.02 6.73
N GLY B 378 6.87 -42.62 7.16
CA GLY B 378 6.80 -44.06 7.29
C GLY B 378 5.45 -44.47 7.83
N ALA B 379 5.32 -45.77 8.08
CA ALA B 379 4.05 -46.30 8.60
C ALA B 379 3.87 -45.94 10.06
N ALA B 380 4.75 -46.45 10.93
CA ALA B 380 4.71 -46.11 12.35
C ALA B 380 5.97 -45.39 12.81
N GLY B 381 7.14 -46.00 12.66
CA GLY B 381 8.43 -45.47 13.07
C GLY B 381 8.40 -44.92 14.48
N LYS B 382 9.33 -44.01 14.76
CA LYS B 382 9.29 -43.22 15.99
C LYS B 382 9.92 -41.85 15.66
N VAL B 383 9.08 -40.91 15.28
CA VAL B 383 9.50 -39.56 14.92
C VAL B 383 8.51 -38.58 15.55
N VAL B 384 9.04 -37.56 16.23
CA VAL B 384 8.22 -36.55 16.87
C VAL B 384 8.74 -35.18 16.49
N VAL B 385 7.82 -34.27 16.15
CA VAL B 385 8.15 -32.90 15.78
C VAL B 385 7.54 -31.98 16.83
N ILE B 386 8.37 -31.15 17.46
CA ILE B 386 7.94 -30.22 18.49
C ILE B 386 8.05 -28.82 17.94
N ALA B 387 6.94 -28.09 17.95
CA ALA B 387 6.89 -26.71 17.45
C ALA B 387 6.49 -25.79 18.59
N ALA B 388 7.26 -24.73 18.79
CA ALA B 388 7.00 -23.74 19.83
C ALA B 388 6.70 -22.40 19.18
N THR B 389 5.57 -21.80 19.57
CA THR B 389 5.14 -20.53 19.03
C THR B 389 4.76 -19.59 20.16
N ASN B 390 4.97 -18.29 19.91
CA ASN B 390 4.60 -17.27 20.90
C ASN B 390 3.11 -17.02 20.93
N ARG B 391 2.44 -17.12 19.78
CA ARG B 391 1.01 -16.89 19.69
C ARG B 391 0.40 -17.83 18.65
N PRO B 392 -0.61 -18.62 19.02
CA PRO B 392 -1.23 -19.52 18.03
C PRO B 392 -2.07 -18.81 16.99
N ASN B 393 -2.54 -17.59 17.27
CA ASN B 393 -3.35 -16.86 16.28
C ASN B 393 -2.52 -16.51 15.05
N SER B 394 -1.28 -16.06 15.25
CA SER B 394 -0.43 -15.73 14.12
C SER B 394 0.04 -16.96 13.36
N VAL B 395 -0.09 -18.16 13.95
CA VAL B 395 0.28 -19.38 13.27
C VAL B 395 -0.66 -19.62 12.11
N ASP B 396 -0.12 -20.08 10.98
CA ASP B 396 -0.92 -20.38 9.81
C ASP B 396 -1.97 -21.42 10.16
N PRO B 397 -3.24 -21.19 9.85
CA PRO B 397 -4.27 -22.22 10.13
C PRO B 397 -4.01 -23.54 9.44
N ALA B 398 -3.26 -23.55 8.33
CA ALA B 398 -2.85 -24.82 7.74
C ALA B 398 -2.00 -25.61 8.70
N LEU B 399 -1.08 -24.95 9.41
CA LEU B 399 -0.33 -25.62 10.47
C LEU B 399 -1.25 -26.08 11.60
N ARG B 400 -2.19 -25.21 11.99
CA ARG B 400 -3.12 -25.52 13.07
C ARG B 400 -4.31 -26.31 12.52
N ARG B 401 -4.02 -27.54 12.13
CA ARG B 401 -5.02 -28.45 11.60
C ARG B 401 -4.94 -29.78 12.33
N PRO B 402 -6.07 -30.47 12.53
CA PRO B 402 -6.04 -31.77 13.21
C PRO B 402 -5.36 -32.87 12.40
N GLY B 403 -5.20 -32.68 11.09
CA GLY B 403 -4.53 -33.69 10.28
C GLY B 403 -3.05 -33.82 10.60
N ARG B 404 -2.37 -32.70 10.85
CA ARG B 404 -0.93 -32.69 11.06
C ARG B 404 -0.54 -32.36 12.50
N PHE B 405 -1.22 -31.41 13.13
CA PHE B 405 -0.83 -30.88 14.43
C PHE B 405 -2.02 -30.90 15.40
N ASP B 406 -2.67 -32.06 15.48
CA ASP B 406 -3.84 -32.19 16.35
C ASP B 406 -3.49 -32.03 17.83
N GLN B 407 -2.32 -32.52 18.24
CA GLN B 407 -1.92 -32.52 19.63
C GLN B 407 -1.23 -31.21 19.99
N GLU B 408 -1.83 -30.48 20.94
CA GLU B 408 -1.25 -29.24 21.44
C GLU B 408 -1.36 -29.23 22.96
N VAL B 409 -0.46 -28.50 23.60
CA VAL B 409 -0.46 -28.30 25.04
C VAL B 409 -0.44 -26.81 25.33
N GLU B 410 -1.28 -26.37 26.25
CA GLU B 410 -1.41 -24.96 26.59
C GLU B 410 -0.57 -24.65 27.82
N ILE B 411 0.25 -23.61 27.72
CA ILE B 411 1.10 -23.16 28.82
C ILE B 411 0.67 -21.74 29.17
N GLY B 412 0.26 -21.53 30.43
CA GLY B 412 -0.18 -20.24 30.90
C GLY B 412 0.73 -19.67 31.98
N ILE B 413 0.38 -18.47 32.40
CA ILE B 413 1.12 -17.76 33.45
C ILE B 413 0.94 -18.52 34.77
N PRO B 414 1.97 -18.61 35.61
CA PRO B 414 1.82 -19.30 36.88
C PRO B 414 0.84 -18.59 37.80
N ASP B 415 0.11 -19.40 38.58
CA ASP B 415 -0.79 -18.88 39.60
C ASP B 415 -0.01 -18.67 40.90
N VAL B 416 -0.76 -18.35 41.96
CA VAL B 416 -0.15 -18.09 43.30
C VAL B 416 0.64 -19.33 43.71
N ASP B 417 0.03 -20.52 43.57
CA ASP B 417 0.71 -21.78 43.93
C ASP B 417 1.92 -21.98 43.01
N ALA B 418 1.70 -21.94 41.70
CA ALA B 418 2.77 -22.15 40.70
C ALA B 418 3.87 -21.09 40.84
N ARG B 419 3.50 -19.83 41.01
CA ARG B 419 4.52 -18.75 41.14
C ARG B 419 5.35 -18.99 42.41
N PHE B 420 4.68 -19.37 43.50
CA PHE B 420 5.39 -19.63 44.78
C PHE B 420 6.37 -20.78 44.57
N ASP B 421 5.93 -21.83 43.88
CA ASP B 421 6.80 -23.01 43.64
C ASP B 421 8.01 -22.59 42.81
N ILE B 422 7.79 -21.77 41.78
CA ILE B 422 8.94 -21.33 40.92
C ILE B 422 9.93 -20.55 41.79
N LEU B 423 9.42 -19.63 42.62
CA LEU B 423 10.33 -18.80 43.45
C LEU B 423 11.11 -19.71 44.41
N THR B 424 10.42 -20.66 45.03
CA THR B 424 11.09 -21.55 46.02
C THR B 424 12.18 -22.36 45.31
N LYS B 425 11.88 -22.90 44.12
CA LYS B 425 12.88 -23.71 43.40
C LYS B 425 14.08 -22.84 43.04
N GLN B 426 13.83 -21.61 42.59
CA GLN B 426 14.94 -20.71 42.20
C GLN B 426 15.83 -20.42 43.43
N PHE B 427 15.21 -20.14 44.58
CA PHE B 427 16.00 -19.86 45.81
C PHE B 427 16.77 -21.09 46.26
N SER B 428 16.15 -22.27 46.14
CA SER B 428 16.74 -23.56 46.58
C SER B 428 18.04 -23.83 45.82
N ARG B 429 18.28 -23.10 44.73
CA ARG B 429 19.53 -23.30 43.95
C ARG B 429 20.69 -22.57 44.66
N MET B 430 20.46 -21.35 45.13
CA MET B 430 21.52 -20.61 45.87
C MET B 430 21.83 -21.36 47.17
N SER B 431 20.76 -21.85 47.82
CA SER B 431 20.70 -22.64 49.09
C SER B 431 20.84 -21.76 50.33
N SER B 432 20.72 -22.37 51.52
CA SER B 432 20.81 -21.65 52.81
C SER B 432 22.19 -21.03 52.99
N ASP B 433 23.25 -21.77 52.62
CA ASP B 433 24.65 -21.29 52.73
C ASP B 433 24.75 -19.90 52.08
N ARG B 434 23.97 -19.69 51.02
CA ARG B 434 23.98 -18.40 50.33
C ARG B 434 23.04 -17.39 50.98
N HIS B 435 21.89 -17.83 51.47
CA HIS B 435 20.91 -16.91 52.03
C HIS B 435 20.07 -17.64 53.07
N VAL B 436 19.43 -16.86 53.92
CA VAL B 436 18.51 -17.38 54.93
C VAL B 436 17.16 -16.72 54.72
N LEU B 437 16.13 -17.52 54.42
CA LEU B 437 14.79 -17.01 54.18
C LEU B 437 13.78 -18.08 54.59
N ASP B 438 12.78 -17.67 55.36
CA ASP B 438 11.73 -18.59 55.79
C ASP B 438 10.69 -18.75 54.69
N SER B 439 9.83 -19.77 54.85
CA SER B 439 8.79 -20.02 53.87
C SER B 439 7.72 -18.94 53.89
N GLU B 440 7.52 -18.28 55.04
CA GLU B 440 6.51 -17.22 55.12
C GLU B 440 6.88 -16.05 54.21
N ALA B 441 8.15 -15.65 54.19
CA ALA B 441 8.58 -14.57 53.30
C ALA B 441 8.40 -14.96 51.84
N ILE B 442 8.71 -16.20 51.50
CA ILE B 442 8.54 -16.67 50.12
C ILE B 442 7.06 -16.64 49.73
N LYS B 443 6.18 -17.08 50.63
CA LYS B 443 4.75 -17.03 50.36
C LYS B 443 4.26 -15.59 50.19
N TYR B 444 4.76 -14.69 51.03
CA TYR B 444 4.38 -13.29 50.90
C TYR B 444 4.83 -12.70 49.57
N ILE B 445 6.06 -13.03 49.15
CA ILE B 445 6.56 -12.55 47.87
C ILE B 445 5.72 -13.11 46.73
N ALA B 446 5.38 -14.40 46.80
CA ALA B 446 4.57 -15.02 45.76
C ALA B 446 3.19 -14.38 45.69
N SER B 447 2.59 -14.08 46.84
CA SER B 447 1.30 -13.40 46.85
C SER B 447 1.41 -12.00 46.26
N LYS B 448 2.48 -11.28 46.60
CA LYS B 448 2.68 -9.94 46.04
C LYS B 448 2.86 -9.98 44.53
N THR B 449 3.61 -10.96 44.03
CA THR B 449 3.85 -11.10 42.60
C THR B 449 2.59 -11.64 41.93
N HIS B 450 1.90 -10.79 41.20
CA HIS B 450 0.63 -11.16 40.58
C HIS B 450 0.72 -11.18 39.05
N GLY B 451 1.12 -10.08 38.42
CA GLY B 451 1.18 -9.99 36.98
C GLY B 451 2.49 -10.41 36.35
N TYR B 452 3.43 -10.93 37.14
CA TYR B 452 4.74 -11.29 36.62
C TYR B 452 4.67 -12.61 35.86
N VAL B 453 5.68 -12.83 35.02
CA VAL B 453 5.80 -14.05 34.23
C VAL B 453 7.02 -14.82 34.75
N GLY B 454 7.22 -16.01 34.20
CA GLY B 454 8.33 -16.85 34.66
C GLY B 454 9.69 -16.17 34.55
N ALA B 455 9.96 -15.52 33.42
CA ALA B 455 11.21 -14.77 33.28
C ALA B 455 11.26 -13.57 34.21
N ASP B 456 10.10 -12.99 34.52
CA ASP B 456 10.07 -11.87 35.45
C ASP B 456 10.54 -12.27 36.83
N LEU B 457 10.27 -13.50 37.27
CA LEU B 457 10.73 -13.92 38.59
C LEU B 457 12.25 -13.96 38.66
N THR B 458 12.90 -14.48 37.63
CA THR B 458 14.36 -14.45 37.58
C THR B 458 14.88 -13.01 37.45
N ALA B 459 14.13 -12.16 36.74
CA ALA B 459 14.51 -10.75 36.69
C ALA B 459 14.50 -10.11 38.07
N LEU B 460 13.47 -10.41 38.86
CA LEU B 460 13.42 -9.94 40.24
C LEU B 460 14.57 -10.51 41.06
N CYS B 461 14.88 -11.78 40.88
CA CYS B 461 15.99 -12.38 41.62
C CYS B 461 17.31 -11.67 41.31
N ARG B 462 17.56 -11.42 40.02
CA ARG B 462 18.79 -10.74 39.62
C ARG B 462 18.81 -9.30 40.13
N GLU B 463 17.67 -8.62 40.09
CA GLU B 463 17.60 -7.24 40.60
C GLU B 463 17.85 -7.21 42.10
N SER B 464 17.33 -8.20 42.83
CA SER B 464 17.60 -8.28 44.27
C SER B 464 19.08 -8.53 44.52
N VAL B 465 19.71 -9.40 43.73
CA VAL B 465 21.14 -9.65 43.87
C VAL B 465 21.92 -8.36 43.63
N MET B 466 21.56 -7.62 42.58
CA MET B 466 22.17 -6.33 42.33
C MET B 466 22.03 -5.41 43.54
N LYS B 467 20.78 -5.11 43.92
CA LYS B 467 20.53 -4.19 45.02
C LYS B 467 21.32 -4.58 46.26
N THR B 468 21.41 -5.89 46.55
CA THR B 468 22.24 -6.34 47.66
C THR B 468 23.70 -5.97 47.43
N ILE B 469 24.19 -6.14 46.20
CA ILE B 469 25.61 -5.86 45.92
C ILE B 469 25.92 -4.38 46.15
N GLN B 470 25.13 -3.49 45.55
CA GLN B 470 25.40 -2.07 45.74
C GLN B 470 25.16 -1.61 47.17
N ARG B 471 24.14 -2.16 47.84
CA ARG B 471 23.90 -1.78 49.24
C ARG B 471 25.09 -2.18 50.11
N GLY B 472 25.56 -3.42 49.99
CA GLY B 472 26.70 -3.85 50.77
C GLY B 472 27.94 -3.05 50.46
N LEU B 473 28.21 -2.78 49.18
CA LEU B 473 29.36 -1.99 48.79
C LEU B 473 29.29 -0.60 49.44
N GLY B 474 28.26 0.18 49.10
CA GLY B 474 28.13 1.52 49.61
C GLY B 474 27.93 1.63 51.11
N THR B 475 27.62 0.52 51.78
CA THR B 475 27.45 0.55 53.23
C THR B 475 28.74 0.22 53.96
N ASP B 476 29.35 -0.92 53.65
CA ASP B 476 30.48 -1.41 54.43
C ASP B 476 31.79 -1.47 53.66
N ALA B 477 31.90 -0.76 52.53
CA ALA B 477 33.15 -0.61 51.78
C ALA B 477 33.72 -1.99 51.39
N ASN B 478 32.95 -2.69 50.56
CA ASN B 478 33.35 -3.98 49.99
C ASN B 478 33.58 -5.02 51.08
N ILE B 479 32.55 -5.24 51.91
CA ILE B 479 32.60 -6.28 52.93
C ILE B 479 32.23 -7.61 52.27
N ASP B 480 32.45 -8.72 53.00
CA ASP B 480 32.12 -10.03 52.45
C ASP B 480 30.64 -10.15 52.19
N LYS B 481 30.29 -10.76 51.05
CA LYS B 481 28.89 -10.88 50.65
C LYS B 481 28.13 -11.89 51.51
N PHE B 482 28.83 -12.79 52.21
CA PHE B 482 28.16 -13.81 52.99
C PHE B 482 27.45 -13.22 54.21
N SER B 483 28.02 -12.17 54.81
CA SER B 483 27.42 -11.60 56.01
C SER B 483 26.07 -10.96 55.71
N LEU B 484 25.99 -10.19 54.62
CA LEU B 484 24.74 -9.49 54.30
C LEU B 484 23.71 -10.44 53.70
N LYS B 485 24.16 -11.45 52.94
CA LYS B 485 23.33 -12.42 52.24
C LYS B 485 22.12 -11.76 51.58
N VAL B 486 20.98 -12.44 51.59
CA VAL B 486 19.77 -11.97 50.94
C VAL B 486 18.69 -11.76 52.00
N THR B 487 18.05 -10.59 51.96
CA THR B 487 16.99 -10.26 52.91
C THR B 487 15.72 -9.87 52.16
N LEU B 488 14.73 -9.33 52.89
CA LEU B 488 13.49 -8.93 52.24
C LEU B 488 13.62 -7.58 51.54
N LYS B 489 14.33 -6.63 52.18
CA LYS B 489 14.29 -5.24 51.74
C LYS B 489 14.75 -5.09 50.29
N ASP B 490 15.84 -5.75 49.93
CA ASP B 490 16.28 -5.71 48.53
C ASP B 490 15.25 -6.33 47.60
N VAL B 491 14.51 -7.33 48.09
CA VAL B 491 13.47 -7.95 47.26
C VAL B 491 12.36 -6.95 46.98
N GLU B 492 11.87 -6.26 48.01
CA GLU B 492 10.83 -5.25 47.77
C GLU B 492 11.35 -4.11 46.91
N SER B 493 12.62 -3.74 47.07
CA SER B 493 13.21 -2.73 46.19
C SER B 493 13.21 -3.20 44.75
N ALA B 494 13.53 -4.47 44.52
CA ALA B 494 13.50 -5.03 43.17
C ALA B 494 12.08 -5.00 42.60
N MET B 495 11.08 -5.35 43.41
CA MET B 495 9.70 -5.28 42.94
C MET B 495 9.29 -3.86 42.60
N VAL B 496 9.74 -2.89 43.41
CA VAL B 496 9.40 -1.49 43.14
C VAL B 496 10.05 -1.02 41.84
N ASP B 497 11.31 -1.38 41.63
CA ASP B 497 12.09 -0.84 40.51
C ASP B 497 12.19 -1.79 39.32
N ILE B 498 11.38 -2.84 39.27
CA ILE B 498 11.50 -3.82 38.20
C ILE B 498 10.65 -3.50 36.98
N ARG B 499 9.68 -2.59 37.09
CA ARG B 499 8.81 -2.19 35.99
C ARG B 499 8.16 -3.44 35.38
N PRO B 500 7.17 -4.03 36.05
CA PRO B 500 6.50 -5.20 35.48
C PRO B 500 5.84 -4.88 34.14
N SER B 501 5.88 -5.84 33.23
CA SER B 501 5.38 -5.65 31.87
C SER B 501 4.28 -6.62 31.47
N ALA B 502 4.14 -7.74 32.15
CA ALA B 502 3.14 -8.76 31.81
C ALA B 502 1.86 -8.57 32.62
N MET B 503 1.57 -7.34 33.03
CA MET B 503 0.38 -7.07 33.82
C MET B 503 -0.90 -7.36 33.03
N ARG B 504 -0.90 -7.00 31.75
CA ARG B 504 -2.08 -7.27 30.91
C ARG B 504 -2.29 -8.76 30.76
N GLU B 505 -3.54 -9.20 30.91
CA GLU B 505 -3.87 -10.61 30.86
C GLU B 505 -5.34 -10.77 30.51
N ILE B 506 -5.63 -11.85 29.78
CA ILE B 506 -7.03 -12.15 29.44
C ILE B 506 -7.80 -12.56 30.68
N PHE B 507 -7.17 -13.31 31.57
CA PHE B 507 -7.76 -13.73 32.83
C PHE B 507 -6.91 -13.24 33.99
N LEU B 508 -7.57 -12.76 35.04
CA LEU B 508 -6.90 -12.19 36.20
C LEU B 508 -7.05 -13.12 37.40
N GLU B 509 -5.94 -13.46 38.02
CA GLU B 509 -5.94 -14.31 39.23
C GLU B 509 -5.93 -13.41 40.45
N MET B 510 -7.11 -12.87 40.76
CA MET B 510 -7.26 -11.96 41.88
C MET B 510 -6.91 -12.68 43.18
N PRO B 511 -6.22 -12.03 44.12
CA PRO B 511 -5.88 -12.69 45.38
C PRO B 511 -7.10 -13.22 46.11
N LYS B 512 -6.94 -14.39 46.72
CA LYS B 512 -8.04 -15.12 47.32
C LYS B 512 -8.46 -14.49 48.65
N VAL B 513 -9.67 -14.85 49.10
CA VAL B 513 -10.20 -14.39 50.38
C VAL B 513 -11.12 -15.47 50.90
N TYR B 514 -11.16 -15.61 52.22
CA TYR B 514 -11.88 -16.70 52.88
C TYR B 514 -13.18 -16.20 53.49
N TRP B 515 -14.00 -17.15 53.94
CA TRP B 515 -15.28 -16.83 54.55
C TRP B 515 -15.13 -16.13 55.90
N SER B 516 -13.99 -16.28 56.57
CA SER B 516 -13.77 -15.57 57.81
C SER B 516 -13.77 -14.07 57.60
N ASP B 517 -13.15 -13.61 56.51
CA ASP B 517 -13.17 -12.20 56.15
C ASP B 517 -14.54 -11.74 55.67
N ILE B 518 -15.42 -12.67 55.31
CA ILE B 518 -16.72 -12.31 54.75
C ILE B 518 -17.63 -11.79 55.87
N GLY B 519 -18.12 -10.57 55.71
CA GLY B 519 -19.17 -10.06 56.56
C GLY B 519 -20.48 -9.97 55.80
N GLY B 520 -21.40 -10.88 56.07
CA GLY B 520 -22.65 -10.93 55.35
C GLY B 520 -23.70 -11.75 56.06
N GLN B 521 -24.66 -12.24 55.27
CA GLN B 521 -25.77 -13.03 55.79
C GLN B 521 -25.63 -14.47 55.31
N GLU B 522 -26.05 -15.42 56.15
CA GLU B 522 -25.87 -16.83 55.85
C GLU B 522 -26.75 -17.29 54.69
N GLU B 523 -27.87 -16.61 54.43
CA GLU B 523 -28.76 -17.06 53.36
C GLU B 523 -28.09 -16.97 51.99
N LEU B 524 -27.43 -15.84 51.71
CA LEU B 524 -26.74 -15.70 50.44
C LEU B 524 -25.54 -16.64 50.33
N LYS B 525 -24.81 -16.82 51.44
CA LYS B 525 -23.68 -17.75 51.44
C LYS B 525 -24.14 -19.16 51.11
N THR B 526 -25.23 -19.60 51.75
CA THR B 526 -25.79 -20.91 51.45
C THR B 526 -26.30 -20.99 50.01
N LYS B 527 -26.86 -19.90 49.51
CA LYS B 527 -27.35 -19.90 48.13
C LYS B 527 -26.22 -20.15 47.15
N MET B 528 -25.12 -19.39 47.26
CA MET B 528 -24.03 -19.64 46.33
C MET B 528 -23.32 -20.96 46.61
N LYS B 529 -23.31 -21.42 47.87
CA LYS B 529 -22.74 -22.74 48.15
C LYS B 529 -23.50 -23.83 47.42
N GLU B 530 -24.84 -23.78 47.45
CA GLU B 530 -25.63 -24.72 46.68
C GLU B 530 -25.39 -24.55 45.18
N MET B 531 -25.30 -23.30 44.72
CA MET B 531 -25.11 -23.04 43.30
C MET B 531 -23.81 -23.66 42.80
N ILE B 532 -22.73 -23.53 43.58
CA ILE B 532 -21.45 -24.10 43.16
C ILE B 532 -21.38 -25.60 43.42
N GLN B 533 -22.13 -26.11 44.40
CA GLN B 533 -22.14 -27.54 44.67
C GLN B 533 -22.96 -28.32 43.66
N LEU B 534 -23.89 -27.66 42.95
CA LEU B 534 -24.66 -28.35 41.92
C LEU B 534 -23.78 -28.98 40.84
N PRO B 535 -22.88 -28.24 40.17
CA PRO B 535 -22.09 -28.86 39.10
C PRO B 535 -21.07 -29.86 39.62
N LEU B 536 -20.50 -29.59 40.80
CA LEU B 536 -19.38 -30.39 41.30
C LEU B 536 -19.82 -31.82 41.58
N GLU B 537 -20.98 -32.01 42.20
CA GLU B 537 -21.43 -33.34 42.59
C GLU B 537 -22.85 -33.66 42.12
N ALA B 538 -23.34 -33.00 41.06
CA ALA B 538 -24.65 -33.33 40.50
C ALA B 538 -24.60 -33.55 39.00
N SER B 539 -23.40 -33.64 38.40
CA SER B 539 -23.32 -33.85 36.97
C SER B 539 -23.92 -35.19 36.56
N GLU B 540 -23.61 -36.25 37.31
CA GLU B 540 -24.18 -37.56 37.00
C GLU B 540 -25.68 -37.59 37.21
N THR B 541 -26.18 -36.90 38.25
CA THR B 541 -27.61 -36.81 38.46
C THR B 541 -28.30 -36.08 37.30
N PHE B 542 -27.71 -34.99 36.84
CA PHE B 542 -28.26 -34.26 35.71
C PHE B 542 -28.24 -35.12 34.44
N ALA B 543 -27.16 -35.88 34.23
CA ALA B 543 -27.09 -36.75 33.07
C ALA B 543 -28.16 -37.84 33.11
N ARG B 544 -28.38 -38.43 34.29
CA ARG B 544 -29.39 -39.48 34.40
C ARG B 544 -30.80 -38.93 34.25
N LEU B 545 -31.13 -37.86 34.96
CA LEU B 545 -32.48 -37.31 34.90
C LEU B 545 -32.71 -36.47 33.65
N GLY B 546 -31.65 -35.99 33.01
CA GLY B 546 -31.79 -35.13 31.85
C GLY B 546 -32.08 -33.68 32.15
N ILE B 547 -32.11 -33.29 33.43
CA ILE B 547 -32.39 -31.91 33.79
C ILE B 547 -31.27 -30.98 33.33
N SER B 548 -30.02 -31.47 33.36
CA SER B 548 -28.83 -30.67 33.05
C SER B 548 -28.72 -29.56 34.11
N ALA B 549 -28.10 -28.45 33.76
CA ALA B 549 -27.91 -27.36 34.71
C ALA B 549 -28.34 -26.04 34.11
N PRO B 550 -28.83 -25.10 34.94
CA PRO B 550 -29.17 -23.77 34.42
C PRO B 550 -27.98 -23.04 33.82
N LYS B 551 -26.76 -23.32 34.30
CA LYS B 551 -25.50 -22.75 33.80
C LYS B 551 -25.58 -21.24 33.60
N GLY B 552 -26.40 -20.57 34.41
CA GLY B 552 -26.52 -19.13 34.34
C GLY B 552 -26.93 -18.51 35.66
N VAL B 553 -26.16 -17.53 36.13
CA VAL B 553 -26.45 -16.83 37.37
C VAL B 553 -26.27 -15.34 37.13
N LEU B 554 -27.26 -14.54 37.53
CA LEU B 554 -27.20 -13.10 37.42
C LEU B 554 -27.14 -12.50 38.81
N LEU B 555 -26.15 -11.64 39.04
CA LEU B 555 -25.93 -11.02 40.34
C LEU B 555 -26.12 -9.52 40.23
N TYR B 556 -26.97 -8.96 41.08
CA TYR B 556 -27.21 -7.53 41.15
C TYR B 556 -27.23 -7.09 42.60
N GLY B 557 -26.62 -5.94 42.88
CA GLY B 557 -26.55 -5.43 44.22
C GLY B 557 -26.37 -3.92 44.27
N PRO B 558 -26.57 -3.34 45.44
CA PRO B 558 -26.39 -1.89 45.61
C PRO B 558 -24.94 -1.50 45.32
N PRO B 559 -24.73 -0.34 44.74
CA PRO B 559 -23.35 0.09 44.45
C PRO B 559 -22.54 0.29 45.72
N GLY B 560 -21.25 -0.04 45.61
CA GLY B 560 -20.30 0.17 46.68
C GLY B 560 -19.53 -1.06 47.11
N CYS B 561 -20.12 -2.25 47.08
CA CYS B 561 -19.50 -3.43 47.66
C CYS B 561 -20.33 -4.70 47.45
N SER B 562 -19.86 -5.77 48.09
CA SER B 562 -20.51 -7.11 48.18
C SER B 562 -20.67 -7.81 46.82
N LYS B 563 -19.93 -7.42 45.78
CA LYS B 563 -20.11 -8.14 44.49
C LYS B 563 -18.87 -8.99 44.16
N THR B 564 -17.78 -8.36 43.71
CA THR B 564 -16.56 -9.13 43.33
C THR B 564 -15.95 -9.85 44.54
N LEU B 565 -15.86 -9.18 45.69
CA LEU B 565 -15.25 -9.85 46.87
C LEU B 565 -16.05 -11.10 47.21
N THR B 566 -17.37 -10.99 47.37
CA THR B 566 -18.14 -12.21 47.59
C THR B 566 -17.84 -13.24 46.50
N ALA B 567 -17.70 -12.80 45.25
CA ALA B 567 -17.30 -13.72 44.18
C ALA B 567 -15.91 -14.28 44.44
N LYS B 568 -14.99 -13.46 44.94
CA LYS B 568 -13.66 -13.92 45.29
C LYS B 568 -13.72 -15.01 46.35
N ALA B 569 -14.52 -14.78 47.40
CA ALA B 569 -14.65 -15.78 48.46
C ALA B 569 -15.27 -17.06 47.93
N LEU B 570 -16.27 -16.94 47.06
CA LEU B 570 -16.90 -18.12 46.46
C LEU B 570 -15.90 -18.92 45.64
N ALA B 571 -15.09 -18.23 44.83
CA ALA B 571 -14.08 -18.92 44.04
C ALA B 571 -13.04 -19.59 44.93
N THR B 572 -12.66 -18.92 46.02
CA THR B 572 -11.68 -19.48 46.95
C THR B 572 -12.21 -20.75 47.61
N GLU B 573 -13.46 -20.72 48.06
CA GLU B 573 -14.02 -21.86 48.77
C GLU B 573 -14.37 -23.02 47.83
N SER B 574 -14.77 -22.71 46.59
CA SER B 574 -15.14 -23.76 45.66
C SER B 574 -13.98 -24.66 45.28
N GLY B 575 -12.74 -24.16 45.38
CA GLY B 575 -11.59 -24.94 44.97
C GLY B 575 -11.58 -25.29 43.50
N ILE B 576 -12.04 -24.38 42.64
CA ILE B 576 -12.17 -24.64 41.22
C ILE B 576 -11.54 -23.47 40.47
N ASN B 577 -11.18 -23.71 39.22
CA ASN B 577 -10.55 -22.68 38.40
C ASN B 577 -11.46 -21.46 38.28
N PHE B 578 -10.87 -20.27 38.41
CA PHE B 578 -11.61 -19.01 38.38
C PHE B 578 -10.93 -18.06 37.40
N LEU B 579 -11.73 -17.41 36.57
CA LEU B 579 -11.25 -16.42 35.62
C LEU B 579 -12.01 -15.12 35.84
N ALA B 580 -11.28 -14.02 35.93
CA ALA B 580 -11.87 -12.70 36.18
C ALA B 580 -11.75 -11.86 34.92
N VAL B 581 -12.89 -11.37 34.42
CA VAL B 581 -12.95 -10.52 33.24
C VAL B 581 -13.65 -9.23 33.62
N LYS B 582 -13.02 -8.10 33.33
CA LYS B 582 -13.58 -6.79 33.62
C LYS B 582 -14.37 -6.27 32.42
N GLY B 583 -15.48 -5.61 32.71
CA GLY B 583 -16.35 -5.09 31.68
C GLY B 583 -15.68 -4.08 30.77
N PRO B 584 -15.32 -2.92 31.31
CA PRO B 584 -14.65 -1.90 30.49
C PRO B 584 -13.32 -2.37 29.90
N GLU B 585 -12.65 -3.32 30.55
CA GLU B 585 -11.37 -3.81 30.02
C GLU B 585 -11.55 -4.52 28.69
N ILE B 586 -12.62 -5.31 28.55
CA ILE B 586 -12.83 -6.05 27.31
C ILE B 586 -13.18 -5.13 26.14
N PHE B 587 -13.60 -3.89 26.43
CA PHE B 587 -13.90 -2.93 25.38
C PHE B 587 -12.60 -2.39 24.80
N ASN B 588 -12.33 -2.72 23.53
CA ASN B 588 -11.11 -2.29 22.86
C ASN B 588 -11.48 -1.49 21.61
N LYS B 589 -10.61 -0.54 21.25
CA LYS B 589 -10.88 0.33 20.12
C LYS B 589 -10.87 -0.43 18.80
N TYR B 590 -10.01 -1.44 18.68
CA TYR B 590 -9.90 -2.19 17.44
C TYR B 590 -11.20 -2.95 17.15
N VAL B 591 -11.62 -2.93 15.89
CA VAL B 591 -12.86 -3.57 15.48
C VAL B 591 -12.63 -5.07 15.35
N GLY B 592 -13.42 -5.86 16.08
CA GLY B 592 -13.31 -7.30 16.07
C GLY B 592 -12.38 -7.88 17.11
N GLU B 593 -11.62 -7.04 17.82
CA GLU B 593 -10.76 -7.54 18.89
C GLU B 593 -11.59 -8.08 20.05
N SER B 594 -12.70 -7.42 20.38
CA SER B 594 -13.54 -7.88 21.47
C SER B 594 -14.14 -9.25 21.16
N GLU B 595 -14.57 -9.48 19.92
CA GLU B 595 -15.17 -10.75 19.56
C GLU B 595 -14.16 -11.90 19.69
N ARG B 596 -12.95 -11.69 19.16
CA ARG B 596 -11.94 -12.75 19.27
C ARG B 596 -11.51 -12.95 20.73
N ALA B 597 -11.44 -11.87 21.51
CA ALA B 597 -11.07 -12.01 22.91
C ALA B 597 -12.12 -12.79 23.69
N ILE B 598 -13.41 -12.51 23.47
CA ILE B 598 -14.43 -13.25 24.19
C ILE B 598 -14.48 -14.70 23.72
N ARG B 599 -14.31 -14.94 22.42
CA ARG B 599 -14.24 -16.33 21.96
C ARG B 599 -13.07 -17.04 22.61
N GLU B 600 -11.94 -16.35 22.75
CA GLU B 600 -10.77 -16.88 23.43
C GLU B 600 -11.12 -17.30 24.86
N ILE B 601 -11.77 -16.41 25.61
CA ILE B 601 -12.04 -16.72 27.01
C ILE B 601 -13.04 -17.87 27.12
N PHE B 602 -14.05 -17.92 26.23
CA PHE B 602 -14.99 -19.03 26.30
C PHE B 602 -14.33 -20.37 25.99
N ARG B 603 -13.55 -20.47 24.91
CA ARG B 603 -13.04 -21.82 24.65
C ARG B 603 -11.88 -22.16 25.58
N LYS B 604 -11.20 -21.16 26.15
CA LYS B 604 -10.24 -21.43 27.21
C LYS B 604 -10.91 -22.01 28.43
N ALA B 605 -12.06 -21.45 28.82
CA ALA B 605 -12.83 -22.04 29.92
C ALA B 605 -13.32 -23.43 29.56
N ARG B 606 -13.70 -23.64 28.30
CA ARG B 606 -14.15 -24.96 27.85
C ARG B 606 -13.04 -25.99 27.99
N SER B 607 -11.84 -25.65 27.53
CA SER B 607 -10.71 -26.58 27.53
C SER B 607 -9.99 -26.65 28.87
N ALA B 608 -10.30 -25.76 29.82
CA ALA B 608 -9.65 -25.73 31.13
C ALA B 608 -10.50 -26.40 32.19
N ALA B 609 -11.21 -27.48 31.83
CA ALA B 609 -12.05 -28.27 32.72
C ALA B 609 -13.25 -27.43 33.18
N PRO B 610 -14.25 -28.04 33.83
CA PRO B 610 -15.33 -27.23 34.39
C PRO B 610 -14.79 -26.19 35.36
N SER B 611 -15.35 -24.98 35.29
CA SER B 611 -14.88 -23.85 36.07
C SER B 611 -16.00 -22.83 36.18
N ILE B 612 -15.67 -21.63 36.62
CA ILE B 612 -16.62 -20.52 36.73
C ILE B 612 -16.01 -19.31 36.03
N ILE B 613 -16.84 -18.60 35.26
CA ILE B 613 -16.42 -17.37 34.58
C ILE B 613 -17.23 -16.21 35.17
N PHE B 614 -16.54 -15.14 35.52
CA PHE B 614 -17.15 -14.01 36.20
C PHE B 614 -16.85 -12.72 35.46
N PHE B 615 -17.85 -11.86 35.36
CA PHE B 615 -17.71 -10.54 34.75
C PHE B 615 -17.77 -9.49 35.85
N ASP B 616 -16.69 -8.72 35.98
CA ASP B 616 -16.61 -7.67 37.03
C ASP B 616 -17.73 -6.68 36.77
N GLU B 617 -17.65 -5.97 35.65
CA GLU B 617 -18.73 -5.02 35.26
C GLU B 617 -19.44 -5.60 34.04
N ILE B 618 -20.73 -5.91 34.19
CA ILE B 618 -21.55 -6.47 33.08
C ILE B 618 -22.61 -5.42 32.73
N ASP B 619 -22.68 -4.37 33.55
CA ASP B 619 -23.63 -3.28 33.33
C ASP B 619 -23.18 -2.32 32.23
N ALA B 620 -21.96 -2.46 31.72
CA ALA B 620 -21.48 -1.60 30.64
C ALA B 620 -21.74 -2.19 29.26
N LEU B 621 -21.77 -3.51 29.15
CA LEU B 621 -21.98 -4.17 27.87
C LEU B 621 -23.43 -4.54 27.60
N SER B 622 -24.19 -4.89 28.63
CA SER B 622 -25.58 -5.29 28.44
C SER B 622 -26.46 -4.19 27.83
N PRO B 623 -26.43 -2.93 28.28
CA PRO B 623 -27.36 -1.95 27.71
C PRO B 623 -26.86 -1.42 26.37
N ASP B 624 -27.67 -1.59 25.34
CA ASP B 624 -27.37 -1.06 24.01
C ASP B 624 -28.43 -0.11 23.48
N ARG B 625 -29.71 -0.38 23.76
CA ARG B 625 -30.78 0.51 23.29
C ARG B 625 -30.81 1.80 24.10
N ASP B 626 -30.58 1.70 25.41
CA ASP B 626 -30.65 2.89 26.27
C ASP B 626 -29.57 3.90 25.91
N GLY B 627 -28.35 3.43 25.66
CA GLY B 627 -27.23 4.30 25.35
C GLY B 627 -26.87 4.41 23.89
N SER B 628 -27.64 3.81 23.00
CA SER B 628 -27.38 3.83 21.56
C SER B 628 -25.96 3.33 21.26
N SER B 629 -25.71 2.09 21.66
CA SER B 629 -24.39 1.50 21.49
C SER B 629 -24.11 1.20 20.03
N THR B 630 -22.83 1.05 19.72
CA THR B 630 -22.40 0.77 18.36
C THR B 630 -22.75 -0.67 17.97
N SER B 631 -22.55 -0.98 16.69
CA SER B 631 -22.85 -2.32 16.19
C SER B 631 -21.92 -3.36 16.81
N ALA B 632 -20.72 -2.96 17.23
CA ALA B 632 -19.79 -3.90 17.85
C ALA B 632 -20.36 -4.44 19.16
N ALA B 633 -20.98 -3.57 19.96
CA ALA B 633 -21.58 -4.02 21.22
C ALA B 633 -22.70 -5.02 20.97
N ASN B 634 -23.54 -4.76 19.97
CA ASN B 634 -24.62 -5.69 19.64
C ASN B 634 -24.06 -7.01 19.14
N HIS B 635 -22.98 -6.96 18.35
CA HIS B 635 -22.35 -8.19 17.87
C HIS B 635 -21.79 -9.01 19.03
N VAL B 636 -21.14 -8.35 19.98
CA VAL B 636 -20.63 -9.05 21.16
C VAL B 636 -21.77 -9.65 21.96
N LEU B 637 -22.86 -8.89 22.14
CA LEU B 637 -24.00 -9.38 22.91
C LEU B 637 -24.63 -10.61 22.25
N THR B 638 -24.83 -10.56 20.94
CA THR B 638 -25.43 -11.71 20.28
C THR B 638 -24.47 -12.90 20.22
N SER B 639 -23.16 -12.65 20.12
CA SER B 639 -22.20 -13.75 20.16
C SER B 639 -22.21 -14.44 21.52
N LEU B 640 -22.23 -13.66 22.61
CA LEU B 640 -22.28 -14.28 23.93
C LEU B 640 -23.61 -14.96 24.18
N LEU B 641 -24.71 -14.40 23.65
CA LEU B 641 -26.01 -15.07 23.78
C LEU B 641 -26.01 -16.41 23.06
N ASN B 642 -25.42 -16.46 21.86
CA ASN B 642 -25.31 -17.74 21.15
C ASN B 642 -24.40 -18.71 21.89
N GLU B 643 -23.31 -18.20 22.48
CA GLU B 643 -22.39 -19.08 23.19
C GLU B 643 -23.00 -19.64 24.47
N ILE B 644 -23.88 -18.88 25.13
CA ILE B 644 -24.44 -19.32 26.41
C ILE B 644 -25.35 -20.54 26.21
N ASP B 645 -26.40 -20.39 25.40
CA ASP B 645 -27.37 -21.47 25.25
C ASP B 645 -27.83 -21.66 23.81
N GLY B 646 -27.05 -21.20 22.83
CA GLY B 646 -27.42 -21.38 21.44
C GLY B 646 -26.71 -22.55 20.80
N VAL B 647 -27.48 -23.58 20.44
CA VAL B 647 -26.99 -24.78 19.74
C VAL B 647 -26.04 -25.58 20.62
N GLU B 648 -25.09 -24.91 21.27
CA GLU B 648 -24.08 -25.56 22.11
C GLU B 648 -24.48 -25.43 23.58
N GLU B 649 -24.25 -26.50 24.32
CA GLU B 649 -24.53 -26.53 25.75
C GLU B 649 -23.22 -26.69 26.51
N LEU B 650 -23.02 -25.87 27.53
CA LEU B 650 -21.79 -25.86 28.33
C LEU B 650 -22.15 -26.27 29.75
N LYS B 651 -22.15 -27.59 30.00
CA LYS B 651 -22.46 -28.11 31.32
C LYS B 651 -21.33 -27.91 32.32
N GLY B 652 -20.11 -27.71 31.84
CA GLY B 652 -18.97 -27.58 32.72
C GLY B 652 -18.82 -26.22 33.36
N VAL B 653 -18.69 -25.19 32.54
CA VAL B 653 -18.45 -23.84 33.04
C VAL B 653 -19.77 -23.25 33.55
N VAL B 654 -19.65 -22.41 34.58
CA VAL B 654 -20.80 -21.72 35.17
C VAL B 654 -20.60 -20.22 34.95
N ILE B 655 -21.60 -19.57 34.37
CA ILE B 655 -21.54 -18.15 34.02
C ILE B 655 -22.21 -17.35 35.12
N VAL B 656 -21.45 -16.44 35.73
CA VAL B 656 -21.96 -15.51 36.73
C VAL B 656 -21.62 -14.10 36.28
N ALA B 657 -22.59 -13.19 36.38
CA ALA B 657 -22.43 -11.81 35.97
C ALA B 657 -22.88 -10.88 37.08
N ALA B 658 -22.07 -9.88 37.38
CA ALA B 658 -22.38 -8.87 38.38
C ALA B 658 -22.68 -7.55 37.71
N THR B 659 -23.82 -6.94 38.07
CA THR B 659 -24.25 -5.68 37.48
C THR B 659 -24.66 -4.71 38.57
N ASN B 660 -24.46 -3.42 38.30
CA ASN B 660 -24.90 -2.37 39.21
C ASN B 660 -26.29 -1.85 38.86
N ARG B 661 -26.63 -1.82 37.58
CA ARG B 661 -27.94 -1.40 37.12
C ARG B 661 -28.70 -2.63 36.61
N PRO B 662 -29.72 -3.11 37.32
CA PRO B 662 -30.36 -4.37 36.94
C PRO B 662 -31.32 -4.25 35.77
N ASP B 663 -32.02 -3.11 35.68
CA ASP B 663 -33.03 -2.93 34.64
C ASP B 663 -32.43 -2.53 33.30
N GLU B 664 -31.15 -2.24 33.24
CA GLU B 664 -30.51 -1.85 31.98
C GLU B 664 -30.06 -3.04 31.14
N ILE B 665 -30.19 -4.27 31.65
CA ILE B 665 -29.79 -5.44 30.88
C ILE B 665 -30.74 -5.63 29.71
N ASP B 666 -30.26 -6.34 28.69
CA ASP B 666 -31.06 -6.60 27.50
C ASP B 666 -32.24 -7.50 27.83
N ALA B 667 -33.39 -7.22 27.17
CA ALA B 667 -34.56 -8.05 27.37
C ALA B 667 -34.35 -9.47 26.88
N ALA B 668 -33.66 -9.64 25.75
CA ALA B 668 -33.37 -10.98 25.25
C ALA B 668 -32.48 -11.75 26.22
N LEU B 669 -31.49 -11.07 26.80
CA LEU B 669 -30.63 -11.72 27.79
C LEU B 669 -31.41 -12.12 29.03
N LEU B 670 -32.35 -11.28 29.46
CA LEU B 670 -33.20 -11.58 30.62
C LEU B 670 -34.31 -12.55 30.18
N ARG B 671 -33.90 -13.80 29.95
CA ARG B 671 -34.79 -14.86 29.52
C ARG B 671 -34.66 -16.03 30.47
N PRO B 672 -35.78 -16.63 30.93
CA PRO B 672 -35.67 -17.77 31.82
C PRO B 672 -34.98 -18.95 31.14
N GLY B 673 -34.20 -19.69 31.93
CA GLY B 673 -33.35 -20.74 31.43
C GLY B 673 -31.90 -20.33 31.27
N ARG B 674 -31.62 -19.03 31.24
CA ARG B 674 -30.26 -18.52 31.20
C ARG B 674 -30.17 -17.32 32.13
N LEU B 675 -29.29 -17.39 33.12
CA LEU B 675 -29.16 -16.36 34.14
C LEU B 675 -30.48 -16.10 34.85
N ASP B 676 -31.25 -17.18 35.05
CA ASP B 676 -32.56 -17.05 35.70
C ASP B 676 -32.42 -16.70 37.17
N ARG B 677 -31.43 -17.27 37.85
CA ARG B 677 -31.24 -17.01 39.26
C ARG B 677 -30.86 -15.55 39.50
N HIS B 678 -31.46 -14.95 40.53
CA HIS B 678 -31.21 -13.57 40.89
C HIS B 678 -30.99 -13.48 42.39
N ILE B 679 -29.95 -12.74 42.80
CA ILE B 679 -29.60 -12.56 44.20
C ILE B 679 -29.69 -11.08 44.52
N TYR B 680 -30.44 -10.74 45.56
CA TYR B 680 -30.60 -9.35 45.95
C TYR B 680 -29.29 -8.78 46.49
N VAL B 681 -28.62 -9.53 47.38
CA VAL B 681 -27.39 -9.16 48.07
C VAL B 681 -27.37 -7.66 48.38
N GLY B 682 -28.36 -7.22 49.16
CA GLY B 682 -28.53 -5.81 49.47
C GLY B 682 -27.44 -5.27 50.38
N PRO B 683 -27.69 -4.10 50.97
CA PRO B 683 -26.69 -3.50 51.83
C PRO B 683 -26.46 -4.36 53.06
N PRO B 684 -25.25 -4.34 53.61
CA PRO B 684 -24.96 -5.14 54.80
C PRO B 684 -25.82 -4.71 55.99
N ASP B 685 -26.24 -5.70 56.78
CA ASP B 685 -27.08 -5.44 57.94
C ASP B 685 -26.19 -5.17 59.16
N VAL B 686 -26.80 -5.18 60.35
CA VAL B 686 -26.06 -4.90 61.57
C VAL B 686 -24.96 -5.94 61.79
N ASN B 687 -25.29 -7.22 61.57
CA ASN B 687 -24.32 -8.28 61.81
C ASN B 687 -23.12 -8.18 60.87
N ALA B 688 -23.37 -7.95 59.58
CA ALA B 688 -22.29 -7.87 58.62
C ALA B 688 -21.38 -6.68 58.88
N ARG B 689 -21.98 -5.52 59.18
CA ARG B 689 -21.17 -4.33 59.48
C ARG B 689 -20.41 -4.51 60.79
N LEU B 690 -21.02 -5.16 61.78
CA LEU B 690 -20.31 -5.46 63.01
C LEU B 690 -19.11 -6.36 62.74
N GLU B 691 -19.29 -7.38 61.91
CA GLU B 691 -18.19 -8.29 61.59
C GLU B 691 -17.07 -7.58 60.85
N ILE B 692 -17.41 -6.72 59.87
CA ILE B 692 -16.37 -6.03 59.12
C ILE B 692 -15.66 -5.02 60.01
N LEU B 693 -16.39 -4.37 60.93
CA LEU B 693 -15.75 -3.45 61.88
C LEU B 693 -14.82 -4.20 62.82
N LYS B 694 -15.23 -5.37 63.28
CA LYS B 694 -14.35 -6.18 64.14
C LYS B 694 -13.10 -6.60 63.38
N LYS B 695 -13.25 -6.98 62.11
CA LYS B 695 -12.09 -7.34 61.31
C LYS B 695 -11.14 -6.16 61.13
N CYS B 696 -11.69 -4.98 60.86
CA CYS B 696 -10.85 -3.79 60.65
C CYS B 696 -10.27 -3.23 61.93
N THR B 697 -10.84 -3.58 63.09
CA THR B 697 -10.40 -3.05 64.37
C THR B 697 -9.33 -3.91 65.03
N LYS B 698 -9.00 -5.07 64.46
CA LYS B 698 -8.03 -5.96 65.09
C LYS B 698 -6.66 -5.31 65.22
N LYS B 699 -6.34 -4.35 64.35
CA LYS B 699 -5.06 -3.66 64.43
C LYS B 699 -4.95 -2.85 65.72
N PHE B 700 -6.04 -2.21 66.13
CA PHE B 700 -6.05 -1.42 67.35
C PHE B 700 -6.57 -2.25 68.52
N ASN B 701 -6.45 -1.69 69.72
CA ASN B 701 -6.89 -2.36 70.95
C ASN B 701 -8.33 -1.95 71.23
N THR B 702 -9.25 -2.92 71.16
CA THR B 702 -10.66 -2.63 71.40
C THR B 702 -10.92 -2.31 72.88
N GLU B 703 -10.28 -3.04 73.78
CA GLU B 703 -10.51 -2.84 75.20
C GLU B 703 -10.06 -1.45 75.66
N GLU B 704 -8.88 -1.02 75.19
CA GLU B 704 -8.39 0.31 75.57
C GLU B 704 -9.24 1.41 74.97
N SER B 705 -9.73 1.21 73.73
CA SER B 705 -10.57 2.22 73.09
C SER B 705 -11.90 2.41 73.80
N GLY B 706 -12.38 1.40 74.53
CA GLY B 706 -13.62 1.51 75.26
C GLY B 706 -14.87 1.24 74.45
N VAL B 707 -14.74 0.90 73.18
CA VAL B 707 -15.89 0.61 72.32
C VAL B 707 -16.29 -0.86 72.51
N ASP B 708 -17.60 -1.10 72.49
CA ASP B 708 -18.14 -2.44 72.61
C ASP B 708 -18.39 -3.10 71.27
N LEU B 709 -18.05 -2.43 70.16
CA LEU B 709 -18.26 -2.91 68.80
C LEU B 709 -19.72 -3.13 68.46
N HIS B 710 -20.64 -2.67 69.32
CA HIS B 710 -22.07 -2.82 69.09
C HIS B 710 -22.77 -1.47 68.89
N GLU B 711 -22.49 -0.50 69.75
CA GLU B 711 -23.10 0.83 69.60
C GLU B 711 -22.64 1.50 68.31
N LEU B 712 -21.35 1.35 67.97
CA LEU B 712 -20.86 1.93 66.72
C LEU B 712 -21.53 1.30 65.51
N ALA B 713 -21.71 -0.03 65.54
CA ALA B 713 -22.42 -0.70 64.45
C ALA B 713 -23.87 -0.26 64.36
N ASP B 714 -24.52 -0.09 65.52
CA ASP B 714 -25.92 0.37 65.52
C ASP B 714 -26.03 1.78 64.94
N ARG B 715 -25.12 2.67 65.33
CA ARG B 715 -25.12 4.01 64.77
C ARG B 715 -24.82 3.99 63.27
N THR B 716 -23.85 3.17 62.87
CA THR B 716 -23.49 3.02 61.46
C THR B 716 -24.34 1.91 60.84
N GLU B 717 -25.60 2.25 60.59
CA GLU B 717 -26.56 1.30 60.05
C GLU B 717 -26.85 1.50 58.57
N GLY B 718 -26.76 2.73 58.08
CA GLY B 718 -27.04 3.04 56.70
C GLY B 718 -25.86 3.00 55.75
N TYR B 719 -24.70 2.53 56.21
CA TYR B 719 -23.49 2.53 55.40
C TYR B 719 -23.30 1.16 54.76
N SER B 720 -22.16 1.00 54.09
CA SER B 720 -21.81 -0.25 53.41
C SER B 720 -20.40 -0.67 53.84
N GLY B 721 -19.98 -1.84 53.39
CA GLY B 721 -18.68 -2.36 53.79
C GLY B 721 -17.53 -1.45 53.37
N ALA B 722 -17.57 -0.95 52.13
CA ALA B 722 -16.58 0.02 51.70
C ALA B 722 -16.67 1.30 52.53
N GLU B 723 -17.89 1.72 52.86
CA GLU B 723 -18.07 2.88 53.73
C GLU B 723 -17.48 2.63 55.11
N VAL B 724 -17.69 1.43 55.66
CA VAL B 724 -17.12 1.11 56.97
C VAL B 724 -15.60 1.12 56.90
N VAL B 725 -15.02 0.59 55.82
CA VAL B 725 -13.57 0.60 55.67
C VAL B 725 -13.05 2.03 55.60
N LEU B 726 -13.73 2.88 54.83
CA LEU B 726 -13.33 4.28 54.72
C LEU B 726 -13.41 4.99 56.06
N LEU B 727 -14.49 4.74 56.82
CA LEU B 727 -14.62 5.34 58.14
C LEU B 727 -13.52 4.86 59.08
N CYS B 728 -13.19 3.58 59.05
CA CYS B 728 -12.11 3.07 59.89
C CYS B 728 -10.77 3.71 59.53
N GLN B 729 -10.49 3.82 58.23
CA GLN B 729 -9.25 4.45 57.79
C GLN B 729 -9.19 5.92 58.22
N GLU B 730 -10.30 6.64 58.06
CA GLU B 730 -10.33 8.05 58.43
C GLU B 730 -10.16 8.22 59.95
N ALA B 731 -10.80 7.36 60.74
CA ALA B 731 -10.64 7.42 62.18
C ALA B 731 -9.21 7.13 62.59
N GLY B 732 -8.58 6.13 61.97
CA GLY B 732 -7.18 5.84 62.27
C GLY B 732 -6.27 7.00 61.91
N LEU B 733 -6.50 7.62 60.76
CA LEU B 733 -5.70 8.78 60.36
C LEU B 733 -5.89 9.93 61.34
N ALA B 734 -7.13 10.19 61.74
CA ALA B 734 -7.38 11.27 62.69
C ALA B 734 -6.70 10.98 64.02
N ALA B 735 -6.68 9.71 64.43
CA ALA B 735 -6.02 9.35 65.68
C ALA B 735 -4.51 9.49 65.59
N ILE B 736 -3.92 9.19 64.42
CA ILE B 736 -2.46 9.19 64.31
C ILE B 736 -1.88 10.53 63.85
N MET B 737 -2.71 11.49 63.46
CA MET B 737 -2.20 12.84 63.26
C MET B 737 -1.65 13.45 64.55
N GLU B 738 -2.33 13.25 65.67
CA GLU B 738 -1.97 13.98 66.89
C GLU B 738 -0.59 13.57 67.41
N ASP B 739 -0.35 12.26 67.55
CA ASP B 739 0.86 11.79 68.20
C ASP B 739 1.49 10.65 67.42
N LEU B 740 1.46 10.74 66.09
CA LEU B 740 2.15 9.81 65.18
C LEU B 740 1.64 8.40 65.45
N ASP B 741 2.50 7.40 65.59
CA ASP B 741 2.07 6.02 65.75
C ASP B 741 1.44 5.81 67.12
N VAL B 742 0.29 5.13 67.14
CA VAL B 742 -0.40 4.77 68.38
C VAL B 742 -0.86 3.33 68.30
N ALA B 743 -1.10 2.74 69.46
CA ALA B 743 -1.55 1.36 69.56
C ALA B 743 -3.07 1.24 69.67
N LYS B 744 -3.80 2.35 69.64
CA LYS B 744 -5.25 2.31 69.78
C LYS B 744 -5.86 3.52 69.06
N VAL B 745 -7.13 3.41 68.74
CA VAL B 745 -7.90 4.47 68.11
C VAL B 745 -8.93 4.96 69.13
N GLU B 746 -9.09 6.28 69.21
CA GLU B 746 -9.98 6.87 70.22
C GLU B 746 -11.42 6.93 69.71
N LEU B 747 -12.34 6.84 70.66
CA LEU B 747 -13.76 6.93 70.33
C LEU B 747 -14.13 8.30 69.76
N ARG B 748 -13.60 9.37 70.36
CA ARG B 748 -13.87 10.71 69.87
C ARG B 748 -13.51 10.84 68.40
N HIS B 749 -12.41 10.20 67.98
CA HIS B 749 -12.09 10.15 66.55
C HIS B 749 -13.14 9.37 65.77
N PHE B 750 -13.77 8.37 66.39
CA PHE B 750 -14.83 7.63 65.69
C PHE B 750 -16.02 8.54 65.40
N GLU B 751 -16.47 9.31 66.40
CA GLU B 751 -17.54 10.25 66.11
C GLU B 751 -17.10 11.37 65.16
N LYS B 752 -15.84 11.78 65.24
CA LYS B 752 -15.35 12.78 64.29
C LYS B 752 -15.43 12.28 62.86
N ALA B 753 -15.01 11.03 62.64
CA ALA B 753 -15.10 10.42 61.31
C ALA B 753 -16.55 10.27 60.88
N PHE B 754 -17.43 9.86 61.81
CA PHE B 754 -18.84 9.68 61.47
C PHE B 754 -19.48 11.00 61.06
N LYS B 755 -19.16 12.08 61.77
CA LYS B 755 -19.75 13.38 61.46
C LYS B 755 -19.11 14.00 60.21
N GLY B 756 -17.85 13.68 59.92
CA GLY B 756 -17.16 14.29 58.80
C GLY B 756 -17.24 13.49 57.51
N ILE B 757 -18.21 12.58 57.42
CA ILE B 757 -18.37 11.72 56.25
C ILE B 757 -19.81 11.75 55.80
N ALA B 758 -20.01 11.41 54.53
CA ALA B 758 -21.34 11.29 53.94
C ALA B 758 -21.52 9.89 53.39
N ARG B 759 -22.68 9.29 53.68
CA ARG B 759 -22.92 7.91 53.24
C ARG B 759 -22.98 7.81 51.72
N GLY B 760 -23.63 8.77 51.06
CA GLY B 760 -23.80 8.72 49.63
C GLY B 760 -24.88 7.79 49.14
N ILE B 761 -25.68 7.21 50.03
CA ILE B 761 -26.74 6.28 49.67
C ILE B 761 -28.08 6.98 49.84
N THR B 762 -28.96 6.80 48.85
CA THR B 762 -30.26 7.45 48.80
C THR B 762 -31.35 6.40 48.61
N PRO B 763 -32.55 6.64 49.15
CA PRO B 763 -33.60 5.61 49.07
C PRO B 763 -34.07 5.31 47.66
N GLU B 764 -33.81 6.18 46.68
CA GLU B 764 -34.36 5.96 45.35
C GLU B 764 -33.77 4.72 44.69
N MET B 765 -32.47 4.48 44.87
CA MET B 765 -31.88 3.28 44.29
C MET B 765 -32.38 2.02 45.00
N LEU B 766 -32.63 2.10 46.31
CA LEU B 766 -33.21 0.97 47.02
C LEU B 766 -34.61 0.66 46.50
N SER B 767 -35.41 1.69 46.25
CA SER B 767 -36.75 1.48 45.69
C SER B 767 -36.66 0.91 44.28
N TYR B 768 -35.69 1.37 43.49
CA TYR B 768 -35.49 0.82 42.14
C TYR B 768 -35.12 -0.65 42.20
N TYR B 769 -34.23 -1.01 43.13
CA TYR B 769 -33.85 -2.42 43.29
C TYR B 769 -35.04 -3.26 43.74
N GLU B 770 -35.86 -2.74 44.66
CA GLU B 770 -37.05 -3.47 45.09
C GLU B 770 -38.03 -3.66 43.93
N GLU B 771 -38.21 -2.62 43.11
CA GLU B 771 -39.08 -2.73 41.95
C GLU B 771 -38.57 -3.76 40.96
N PHE B 772 -37.26 -3.80 40.74
CA PHE B 772 -36.68 -4.83 39.88
C PHE B 772 -36.90 -6.22 40.48
N ALA B 773 -36.74 -6.36 41.79
CA ALA B 773 -36.87 -7.66 42.43
C ALA B 773 -38.31 -8.18 42.36
N LEU B 774 -39.29 -7.31 42.60
CA LEU B 774 -40.67 -7.77 42.62
C LEU B 774 -41.16 -8.16 41.22
N ARG B 775 -40.67 -7.48 40.18
CA ARG B 775 -41.09 -7.79 38.83
C ARG B 775 -40.42 -9.03 38.25
N SER B 776 -39.41 -9.56 38.93
CA SER B 776 -38.71 -10.75 38.45
C SER B 776 -39.49 -12.02 38.81
N LYS C 29 45.85 2.11 -17.09
CA LYS C 29 45.40 3.30 -16.37
C LYS C 29 44.07 3.79 -16.90
N LEU C 30 44.09 4.39 -18.09
CA LEU C 30 42.90 4.90 -18.77
C LEU C 30 42.16 5.91 -17.91
N PRO C 31 42.72 7.10 -17.69
CA PRO C 31 42.04 8.10 -16.85
C PRO C 31 40.92 8.79 -17.62
N ALA C 32 39.71 8.72 -17.09
CA ALA C 32 38.55 9.29 -17.77
C ALA C 32 38.42 10.79 -17.50
N GLU C 33 38.28 11.16 -16.24
CA GLU C 33 38.07 12.55 -15.85
C GLU C 33 39.28 13.06 -15.06
N PHE C 34 39.36 14.39 -14.96
CA PHE C 34 40.47 15.04 -14.28
C PHE C 34 39.94 16.18 -13.42
N ILE C 35 40.74 16.60 -12.45
CA ILE C 35 40.38 17.64 -11.50
C ILE C 35 41.41 18.76 -11.58
N THR C 36 40.94 20.00 -11.65
CA THR C 36 41.81 21.15 -11.75
C THR C 36 42.36 21.53 -10.38
N ARG C 37 43.66 21.85 -10.33
CA ARG C 37 44.37 22.25 -9.13
C ARG C 37 45.19 23.50 -9.43
N PRO C 38 45.01 24.59 -8.70
CA PRO C 38 45.78 25.80 -8.98
C PRO C 38 47.28 25.58 -8.86
N HIS C 39 48.03 26.23 -9.75
CA HIS C 39 49.48 26.12 -9.73
C HIS C 39 50.05 26.89 -8.55
N PRO C 40 50.85 26.27 -7.69
CA PRO C 40 51.38 26.95 -6.52
C PRO C 40 52.65 27.73 -6.86
N SER C 41 53.23 28.33 -5.82
CA SER C 41 54.52 29.03 -5.87
C SER C 41 54.45 30.33 -6.68
N LYS C 42 53.29 30.61 -7.29
CA LYS C 42 53.08 31.82 -8.07
C LYS C 42 54.18 32.03 -9.10
N ASP C 43 54.98 33.08 -8.91
CA ASP C 43 56.10 33.41 -9.79
C ASP C 43 55.65 33.52 -11.24
N HIS C 44 56.48 33.04 -12.17
CA HIS C 44 56.14 33.05 -13.59
C HIS C 44 55.96 31.64 -14.13
N GLY C 45 57.00 30.80 -14.03
CA GLY C 45 56.92 29.44 -14.55
C GLY C 45 56.44 29.38 -15.99
N LYS C 46 55.40 28.59 -16.24
CA LYS C 46 54.72 28.62 -17.53
C LYS C 46 53.62 29.68 -17.52
N GLU C 47 52.71 29.60 -16.54
CA GLU C 47 51.69 30.60 -16.24
C GLU C 47 50.58 30.59 -17.29
N THR C 48 50.79 29.88 -18.38
CA THR C 48 49.71 29.56 -19.32
C THR C 48 49.72 28.10 -19.78
N CYS C 49 50.87 27.43 -19.81
CA CYS C 49 51.00 26.08 -20.33
C CYS C 49 51.54 25.14 -19.26
N THR C 50 51.01 25.26 -18.04
CA THR C 50 51.46 24.39 -16.94
C THR C 50 51.16 22.93 -17.28
N ALA C 51 49.88 22.59 -17.36
CA ALA C 51 49.40 21.29 -17.82
C ALA C 51 50.26 20.14 -17.29
N TYR C 52 50.38 20.09 -15.97
CA TYR C 52 51.22 19.09 -15.31
C TYR C 52 50.50 17.75 -15.36
N ILE C 53 50.76 16.99 -16.42
CA ILE C 53 50.13 15.70 -16.66
C ILE C 53 51.15 14.61 -16.42
N HIS C 54 50.67 13.48 -15.89
CA HIS C 54 51.56 12.36 -15.60
C HIS C 54 52.14 11.80 -16.91
N PRO C 55 53.42 11.40 -16.90
CA PRO C 55 54.02 10.87 -18.14
C PRO C 55 53.31 9.63 -18.68
N ASN C 56 52.72 8.81 -17.82
CA ASN C 56 51.97 7.65 -18.29
C ASN C 56 50.76 8.09 -19.12
N VAL C 57 50.09 9.16 -18.70
CA VAL C 57 48.99 9.70 -19.49
C VAL C 57 49.50 10.27 -20.81
N LEU C 58 50.69 10.88 -20.79
CA LEU C 58 51.27 11.38 -22.03
C LEU C 58 51.54 10.25 -23.01
N SER C 59 52.07 9.12 -22.52
CA SER C 59 52.31 7.98 -23.39
C SER C 59 51.00 7.35 -23.85
N SER C 60 49.98 7.32 -22.99
CA SER C 60 48.70 6.73 -23.37
C SER C 60 48.01 7.52 -24.48
N LEU C 61 48.09 8.85 -24.44
CA LEU C 61 47.43 9.69 -25.43
C LEU C 61 48.24 9.81 -26.73
N GLU C 62 49.49 9.36 -26.73
CA GLU C 62 50.36 9.41 -27.91
C GLU C 62 50.46 10.84 -28.46
N ILE C 63 50.66 11.80 -27.57
CA ILE C 63 50.75 13.21 -27.93
C ILE C 63 52.05 13.77 -27.38
N ASN C 64 52.72 14.59 -28.20
CA ASN C 64 53.99 15.19 -27.79
C ASN C 64 53.76 16.13 -26.61
N PRO C 65 54.52 16.00 -25.53
CA PRO C 65 54.40 16.97 -24.42
C PRO C 65 54.61 18.41 -24.85
N GLY C 66 55.47 18.65 -25.83
CA GLY C 66 55.67 20.00 -26.35
C GLY C 66 54.67 20.34 -27.44
N SER C 67 53.39 20.10 -27.19
CA SER C 67 52.35 20.36 -28.16
C SER C 67 51.11 20.87 -27.42
N PHE C 68 50.11 21.26 -28.20
CA PHE C 68 48.89 21.82 -27.64
C PHE C 68 48.10 20.75 -26.88
N CYS C 69 47.32 21.20 -25.91
CA CYS C 69 46.49 20.33 -25.09
C CYS C 69 45.09 20.91 -24.98
N THR C 70 44.11 20.02 -24.80
CA THR C 70 42.72 20.40 -24.65
C THR C 70 42.10 19.62 -23.49
N VAL C 71 41.27 20.30 -22.70
CA VAL C 71 40.59 19.70 -21.55
C VAL C 71 39.09 19.84 -21.78
N GLY C 72 38.47 18.77 -22.25
CA GLY C 72 37.15 18.87 -22.87
C GLY C 72 36.09 19.47 -21.96
N LYS C 73 36.05 19.02 -20.69
CA LYS C 73 35.03 19.46 -19.74
C LYS C 73 33.62 19.18 -20.26
N ILE C 74 33.37 17.88 -20.53
CA ILE C 74 32.07 17.33 -20.94
C ILE C 74 31.31 18.27 -21.89
N GLY C 75 31.87 18.49 -23.07
CA GLY C 75 31.22 19.27 -24.10
C GLY C 75 31.99 20.53 -24.46
N GLU C 76 31.27 21.47 -25.07
CA GLU C 76 31.80 22.77 -25.54
C GLU C 76 33.18 22.61 -26.17
N ASN C 77 33.22 21.85 -27.26
CA ASN C 77 34.47 21.50 -27.91
C ASN C 77 35.18 22.74 -28.44
N GLY C 78 36.50 22.63 -28.54
CA GLY C 78 37.36 23.71 -28.97
C GLY C 78 38.34 24.12 -27.87
N ILE C 79 37.82 24.22 -26.64
CA ILE C 79 38.55 24.28 -25.38
C ILE C 79 39.95 24.87 -25.46
N LEU C 80 40.08 26.15 -25.08
CA LEU C 80 41.30 26.71 -24.50
C LEU C 80 42.59 26.16 -25.10
N VAL C 81 42.79 26.35 -26.40
CA VAL C 81 43.99 25.83 -27.05
C VAL C 81 45.21 26.37 -26.35
N ILE C 82 46.07 25.47 -25.87
CA ILE C 82 47.26 25.85 -25.11
C ILE C 82 48.20 24.65 -25.06
N ALA C 83 49.49 24.92 -24.88
CA ALA C 83 50.49 23.86 -24.93
C ALA C 83 50.45 23.02 -23.65
N ARG C 84 51.34 22.03 -23.59
CA ARG C 84 51.41 21.08 -22.49
C ARG C 84 52.82 21.05 -21.92
N ALA C 85 52.97 20.33 -20.81
CA ALA C 85 54.26 20.18 -20.16
C ALA C 85 54.20 18.93 -19.28
N GLY C 86 55.32 18.63 -18.61
CA GLY C 86 55.40 17.47 -17.75
C GLY C 86 55.61 17.81 -16.28
N ASP C 87 55.32 16.86 -15.41
CA ASP C 87 55.48 17.05 -13.97
C ASP C 87 56.75 16.36 -13.48
N GLU C 88 56.93 16.35 -12.16
CA GLU C 88 58.12 15.75 -11.53
C GLU C 88 57.79 14.45 -10.81
N GLU C 89 56.77 13.73 -11.30
CA GLU C 89 56.29 12.45 -10.77
C GLU C 89 55.65 12.57 -9.40
N VAL C 90 55.63 13.77 -8.79
CA VAL C 90 54.93 13.96 -7.53
C VAL C 90 53.48 14.38 -7.75
N HIS C 91 53.15 14.96 -8.91
CA HIS C 91 51.80 15.39 -9.21
C HIS C 91 50.95 14.16 -9.52
N PRO C 92 49.89 13.89 -8.75
CA PRO C 92 49.05 12.73 -9.04
C PRO C 92 48.27 12.90 -10.34
N VAL C 93 47.83 11.76 -10.88
CA VAL C 93 47.17 11.74 -12.18
C VAL C 93 45.86 12.52 -12.15
N ASN C 94 45.09 12.35 -11.07
CA ASN C 94 43.73 12.92 -11.03
C ASN C 94 43.75 14.44 -11.12
N VAL C 95 44.68 15.09 -10.40
CA VAL C 95 44.72 16.55 -10.37
C VAL C 95 45.49 17.06 -11.58
N ILE C 96 45.03 18.19 -12.13
CA ILE C 96 45.68 18.84 -13.26
C ILE C 96 45.76 20.33 -12.97
N THR C 97 46.66 21.01 -13.68
CA THR C 97 46.86 22.45 -13.55
C THR C 97 46.61 23.13 -14.89
N LEU C 98 45.74 24.13 -14.89
CA LEU C 98 45.44 24.90 -16.10
C LEU C 98 45.81 26.37 -15.96
N SER C 99 46.53 26.73 -14.90
CA SER C 99 46.99 28.10 -14.64
C SER C 99 45.83 29.01 -14.24
N THR C 100 46.06 29.88 -13.27
CA THR C 100 45.01 30.75 -12.75
C THR C 100 44.50 31.73 -13.80
N THR C 101 45.30 32.02 -14.82
CA THR C 101 44.84 32.92 -15.88
C THR C 101 43.91 32.20 -16.85
N ILE C 102 44.35 31.03 -17.35
CA ILE C 102 43.56 30.31 -18.34
C ILE C 102 42.28 29.76 -17.73
N ARG C 103 42.34 29.23 -16.50
CA ARG C 103 41.13 28.68 -15.89
C ARG C 103 40.12 29.79 -15.60
N SER C 104 40.59 30.99 -15.31
CA SER C 104 39.68 32.12 -15.14
C SER C 104 39.14 32.63 -16.48
N VAL C 105 39.95 32.55 -17.53
CA VAL C 105 39.47 32.93 -18.86
C VAL C 105 38.35 32.00 -19.32
N GLY C 106 38.54 30.70 -19.10
CA GLY C 106 37.54 29.73 -19.49
C GLY C 106 36.35 29.61 -18.58
N ASN C 107 36.32 30.39 -17.49
CA ASN C 107 35.23 30.37 -16.52
C ASN C 107 35.02 28.96 -15.96
N LEU C 108 36.13 28.26 -15.72
CA LEU C 108 36.10 26.91 -15.19
C LEU C 108 36.35 26.97 -13.69
N ILE C 109 35.41 26.47 -12.90
CA ILE C 109 35.52 26.49 -11.45
C ILE C 109 36.29 25.27 -11.00
N LEU C 110 37.16 25.45 -10.00
CA LEU C 110 38.09 24.41 -9.60
C LEU C 110 37.35 23.19 -9.06
N GLY C 111 37.77 22.01 -9.52
CA GLY C 111 37.21 20.76 -9.04
C GLY C 111 36.18 20.12 -9.93
N ASP C 112 35.85 20.71 -11.08
CA ASP C 112 34.92 20.12 -12.02
C ASP C 112 35.63 19.08 -12.89
N ARG C 113 34.84 18.38 -13.71
CA ARG C 113 35.33 17.24 -14.48
C ARG C 113 35.99 17.73 -15.76
N LEU C 114 37.19 17.22 -16.05
CA LEU C 114 37.93 17.58 -17.25
C LEU C 114 38.32 16.30 -17.99
N GLU C 115 38.20 16.33 -19.32
CA GLU C 115 38.60 15.21 -20.17
C GLU C 115 39.62 15.69 -21.19
N LEU C 116 40.74 14.97 -21.29
CA LEU C 116 41.82 15.34 -22.21
C LEU C 116 41.49 14.88 -23.62
N LYS C 117 41.84 15.72 -24.60
CA LYS C 117 41.67 15.41 -26.01
C LYS C 117 42.94 15.76 -26.77
N LYS C 118 42.98 15.36 -28.04
CA LYS C 118 44.16 15.58 -28.86
C LYS C 118 44.26 17.04 -29.29
N ALA C 119 45.45 17.43 -29.72
CA ALA C 119 45.71 18.80 -30.14
C ALA C 119 45.05 19.10 -31.48
N GLN C 120 44.55 20.33 -31.62
CA GLN C 120 43.90 20.77 -32.83
C GLN C 120 44.91 21.47 -33.74
N VAL C 121 44.41 22.13 -34.78
CA VAL C 121 45.28 22.81 -35.74
C VAL C 121 45.92 24.03 -35.07
N GLN C 122 47.08 24.43 -35.60
CA GLN C 122 47.80 25.57 -35.06
C GLN C 122 47.01 26.86 -35.31
N PRO C 123 47.21 27.87 -34.46
CA PRO C 123 46.49 29.14 -34.66
C PRO C 123 46.89 29.76 -35.98
N PRO C 124 45.92 30.39 -36.67
CA PRO C 124 46.24 31.01 -37.96
C PRO C 124 47.20 32.18 -37.86
N TYR C 125 46.84 33.21 -37.09
CA TYR C 125 47.65 34.42 -36.94
C TYR C 125 46.96 35.34 -35.94
N ALA C 126 47.70 36.35 -35.49
CA ALA C 126 47.17 37.43 -34.68
C ALA C 126 47.35 38.73 -35.46
N THR C 127 46.29 39.53 -35.53
CA THR C 127 46.26 40.67 -36.45
C THR C 127 46.28 42.02 -35.73
N LYS C 128 45.35 42.28 -34.82
CA LYS C 128 45.16 43.62 -34.26
C LYS C 128 45.48 43.68 -32.77
N VAL C 129 44.86 42.81 -31.96
CA VAL C 129 44.98 42.66 -30.51
C VAL C 129 44.77 43.98 -29.75
N THR C 130 43.90 43.95 -28.75
CA THR C 130 43.54 45.15 -28.00
C THR C 130 43.32 44.82 -26.54
N VAL C 131 43.74 45.74 -25.66
CA VAL C 131 43.56 45.57 -24.23
C VAL C 131 42.19 46.09 -23.81
N GLY C 132 41.70 45.60 -22.66
CA GLY C 132 40.38 45.95 -22.18
C GLY C 132 40.35 46.85 -20.97
N SER C 133 41.28 46.65 -20.04
CA SER C 133 41.38 47.44 -18.80
C SER C 133 40.07 47.37 -18.00
N LEU C 134 39.74 46.15 -17.56
CA LEU C 134 38.52 45.94 -16.80
C LEU C 134 38.63 46.54 -15.40
N GLN C 135 37.48 47.00 -14.90
CA GLN C 135 37.30 47.44 -13.51
C GLN C 135 38.01 48.77 -13.26
N GLY C 136 38.80 49.23 -14.23
CA GLY C 136 39.53 50.47 -14.12
C GLY C 136 39.08 51.49 -15.16
N TYR C 137 39.50 52.73 -14.95
CA TYR C 137 39.20 53.82 -15.86
C TYR C 137 40.24 53.97 -16.96
N ASN C 138 41.23 53.09 -17.00
CA ASN C 138 42.30 53.09 -18.02
C ASN C 138 43.06 54.42 -17.87
N ILE C 139 43.58 54.98 -18.98
CA ILE C 139 44.38 56.20 -18.98
C ILE C 139 45.52 56.00 -17.98
N LEU C 140 46.16 54.83 -18.06
CA LEU C 140 47.26 54.52 -17.15
C LEU C 140 48.53 55.29 -17.50
N GLU C 141 48.85 55.38 -18.79
CA GLU C 141 49.98 56.15 -19.30
C GLU C 141 51.27 55.85 -18.55
N CYS C 142 51.49 56.55 -17.42
CA CYS C 142 52.69 56.33 -16.63
C CYS C 142 52.71 54.95 -16.02
N MET C 143 51.54 54.43 -15.65
CA MET C 143 51.46 53.09 -15.06
C MET C 143 51.83 52.00 -16.07
N GLU C 144 51.84 52.31 -17.36
CA GLU C 144 52.07 51.31 -18.39
C GLU C 144 53.45 50.67 -18.29
N GLU C 145 54.49 51.44 -18.57
CA GLU C 145 55.87 50.95 -18.58
C GLU C 145 55.96 49.65 -19.38
N LYS C 146 55.52 49.72 -20.64
CA LYS C 146 55.60 48.60 -21.58
C LYS C 146 54.88 47.35 -21.05
N VAL C 147 53.56 47.48 -20.90
CA VAL C 147 52.74 46.35 -20.46
C VAL C 147 52.74 45.23 -21.50
N ILE C 148 52.87 45.57 -22.78
CA ILE C 148 52.70 44.59 -23.86
C ILE C 148 53.68 43.44 -23.71
N GLN C 149 54.93 43.74 -23.33
CA GLN C 149 55.92 42.69 -23.16
C GLN C 149 55.50 41.67 -22.11
N LYS C 150 55.01 42.16 -20.97
CA LYS C 150 54.53 41.26 -19.93
C LYS C 150 53.32 40.47 -20.39
N LEU C 151 52.43 41.12 -21.15
CA LEU C 151 51.19 40.45 -21.57
C LEU C 151 51.46 39.31 -22.53
N LEU C 152 52.24 39.57 -23.58
CA LEU C 152 52.37 38.64 -24.69
C LEU C 152 53.73 37.96 -24.78
N ASP C 153 54.61 38.18 -23.79
CA ASP C 153 55.90 37.48 -23.80
C ASP C 153 55.70 35.98 -23.63
N ASP C 154 54.81 35.58 -22.73
CA ASP C 154 54.51 34.17 -22.55
C ASP C 154 53.70 33.64 -23.74
N SER C 155 53.95 32.39 -24.08
CA SER C 155 53.22 31.75 -25.18
C SER C 155 51.75 31.62 -24.83
N GLY C 156 50.90 31.77 -25.84
CA GLY C 156 49.47 31.69 -25.64
C GLY C 156 48.76 33.00 -25.88
N VAL C 157 48.27 33.62 -24.81
CA VAL C 157 47.49 34.86 -24.87
C VAL C 157 46.28 34.64 -25.76
N ILE C 158 45.24 34.00 -25.21
CA ILE C 158 44.07 33.63 -25.99
C ILE C 158 43.18 34.86 -26.19
N MET C 159 42.50 34.90 -27.34
CA MET C 159 41.78 36.11 -27.74
C MET C 159 40.67 36.52 -26.79
N PRO C 160 39.74 35.64 -26.39
CA PRO C 160 38.54 36.13 -25.66
C PRO C 160 38.84 36.85 -24.36
N GLY C 161 39.88 36.44 -23.63
CA GLY C 161 40.15 37.08 -22.36
C GLY C 161 41.51 36.77 -21.76
N MET C 162 41.86 37.49 -20.70
CA MET C 162 43.11 37.31 -19.97
C MET C 162 43.00 37.97 -18.60
N ILE C 163 43.56 37.29 -17.59
CA ILE C 163 43.56 37.80 -16.22
C ILE C 163 44.91 37.53 -15.58
N PHE C 164 45.71 38.58 -15.42
CA PHE C 164 46.99 38.49 -14.73
C PHE C 164 47.01 39.48 -13.57
N GLN C 165 47.87 39.19 -12.59
CA GLN C 165 48.00 40.04 -11.42
C GLN C 165 48.65 41.36 -11.78
N ASN C 166 48.42 42.37 -10.93
CA ASN C 166 48.94 43.70 -11.20
C ASN C 166 50.47 43.73 -11.18
N LEU C 167 51.07 42.92 -10.31
CA LEU C 167 52.53 42.89 -10.12
C LEU C 167 52.98 44.28 -9.66
N LYS C 168 54.24 44.63 -9.91
CA LYS C 168 54.79 45.92 -9.52
C LYS C 168 55.37 46.58 -10.76
N THR C 169 54.91 47.80 -11.05
CA THR C 169 55.40 48.58 -12.19
C THR C 169 55.60 50.02 -11.71
N LYS C 170 56.86 50.45 -11.63
CA LYS C 170 57.23 51.81 -11.20
C LYS C 170 56.67 52.01 -9.80
N ALA C 171 55.92 53.08 -9.54
CA ALA C 171 55.33 53.34 -8.24
C ALA C 171 53.82 53.44 -8.38
N GLY C 172 53.14 53.79 -7.29
CA GLY C 172 51.71 53.91 -7.29
C GLY C 172 50.95 52.66 -6.89
N ASP C 173 51.68 51.59 -6.52
CA ASP C 173 51.16 50.32 -6.00
C ASP C 173 49.80 49.94 -6.58
N GLU C 174 48.80 49.73 -5.72
CA GLU C 174 47.41 49.42 -6.05
C GLU C 174 47.30 48.19 -6.95
N SER C 175 46.06 47.87 -7.36
CA SER C 175 45.80 46.71 -8.20
C SER C 175 45.11 47.15 -9.48
N ILE C 176 45.59 46.65 -10.61
CA ILE C 176 45.02 46.94 -11.92
C ILE C 176 44.85 45.65 -12.69
N ASP C 177 43.71 45.50 -13.36
CA ASP C 177 43.41 44.31 -14.15
C ASP C 177 42.96 44.74 -15.54
N VAL C 178 43.36 43.96 -16.54
CA VAL C 178 43.06 44.24 -17.94
C VAL C 178 42.51 42.97 -18.59
N VAL C 179 41.89 43.13 -19.75
CA VAL C 179 41.39 42.01 -20.54
C VAL C 179 41.84 42.23 -21.98
N ILE C 180 41.79 41.17 -22.79
CA ILE C 180 42.30 41.21 -24.16
C ILE C 180 41.12 41.01 -25.10
N THR C 181 39.96 41.55 -24.70
CA THR C 181 38.65 41.18 -25.22
C THR C 181 38.61 40.93 -26.73
N ASP C 182 38.96 41.93 -27.52
CA ASP C 182 38.68 41.89 -28.96
C ASP C 182 39.97 41.81 -29.79
N ALA C 183 39.83 41.21 -30.97
CA ALA C 183 40.89 41.13 -31.94
C ALA C 183 40.26 41.08 -33.33
N SER C 184 41.12 41.01 -34.35
CA SER C 184 40.63 41.04 -35.73
C SER C 184 41.17 39.87 -36.55
N ASP C 185 41.08 38.66 -36.00
CA ASP C 185 41.51 37.45 -36.70
C ASP C 185 40.30 36.54 -36.92
N ASP C 186 40.32 35.82 -38.03
CA ASP C 186 39.24 34.92 -38.40
C ASP C 186 39.78 33.50 -38.53
N SER C 187 39.07 32.54 -37.94
CA SER C 187 39.44 31.12 -38.00
C SER C 187 38.36 30.36 -38.79
N LEU C 188 38.82 29.59 -39.78
CA LEU C 188 37.87 28.82 -40.59
C LEU C 188 37.09 27.79 -39.78
N PRO C 189 37.72 26.94 -38.94
CA PRO C 189 36.92 25.97 -38.19
C PRO C 189 36.10 26.60 -37.08
N ASP C 190 34.78 26.45 -37.15
CA ASP C 190 33.90 26.96 -36.11
C ASP C 190 33.93 26.11 -34.84
N VAL C 191 34.56 24.93 -34.88
CA VAL C 191 34.67 24.10 -33.69
C VAL C 191 35.46 24.81 -32.60
N SER C 192 36.56 25.45 -32.97
CA SER C 192 37.37 26.21 -32.02
C SER C 192 36.58 27.39 -31.49
N GLN C 193 36.15 27.32 -30.24
CA GLN C 193 35.28 28.33 -29.65
C GLN C 193 36.03 29.53 -29.09
N LEU C 194 37.37 29.46 -28.98
CA LEU C 194 38.13 30.59 -28.47
C LEU C 194 39.31 30.98 -29.34
N ASP C 195 39.49 30.33 -30.50
CA ASP C 195 40.36 30.78 -31.60
C ASP C 195 41.68 31.40 -31.12
N LEU C 196 42.48 30.56 -30.46
CA LEU C 196 43.79 30.97 -29.95
C LEU C 196 44.61 31.70 -31.02
N ASN C 197 45.42 32.65 -30.57
CA ASN C 197 46.41 33.33 -31.39
C ASN C 197 47.80 33.13 -30.81
N MET C 198 48.81 33.63 -31.52
CA MET C 198 50.19 33.59 -31.05
C MET C 198 50.72 35.01 -30.89
N ASP C 199 52.00 35.12 -30.52
CA ASP C 199 52.62 36.40 -30.23
C ASP C 199 53.91 36.55 -31.01
N ASP C 200 54.33 37.81 -31.19
CA ASP C 200 55.59 38.12 -31.86
C ASP C 200 56.17 39.40 -31.25
N MET C 201 57.50 39.47 -31.21
CA MET C 201 58.17 40.60 -30.58
C MET C 201 59.28 41.11 -31.49
N TYR C 202 59.54 42.41 -31.37
CA TYR C 202 60.69 43.07 -32.01
C TYR C 202 61.36 43.89 -30.91
N GLY C 203 62.25 43.27 -30.15
CA GLY C 203 62.89 43.95 -29.04
C GLY C 203 63.28 42.96 -27.96
N GLY C 204 63.45 43.49 -26.75
CA GLY C 204 63.83 42.69 -25.61
C GLY C 204 63.32 43.30 -24.32
N LEU C 205 63.59 42.60 -23.22
CA LEU C 205 63.18 43.04 -21.89
C LEU C 205 61.68 43.28 -21.80
N GLY C 220 57.13 46.28 -33.01
CA GLY C 220 56.51 46.26 -31.70
C GLY C 220 55.07 45.76 -31.74
N SER C 221 54.89 44.51 -31.31
CA SER C 221 53.58 43.84 -31.27
C SER C 221 53.02 43.83 -32.70
N THR C 222 51.71 44.00 -32.88
CA THR C 222 51.09 44.02 -34.20
C THR C 222 50.16 45.25 -34.30
N HIS C 223 50.75 46.38 -34.71
CA HIS C 223 50.02 47.63 -34.94
C HIS C 223 49.26 48.08 -33.68
N ILE C 224 50.03 48.23 -32.60
CA ILE C 224 49.61 48.74 -31.28
C ILE C 224 48.50 47.88 -30.68
N THR C 225 48.32 47.99 -29.36
CA THR C 225 47.29 47.23 -28.68
C THR C 225 46.53 48.09 -27.68
N PHE C 226 47.05 49.28 -27.39
CA PHE C 226 46.43 50.15 -26.40
C PHE C 226 45.27 50.91 -27.02
N SER C 227 44.05 50.53 -26.67
CA SER C 227 42.86 51.21 -27.17
C SER C 227 41.64 50.86 -26.32
N LYS C 228 40.77 51.86 -26.11
CA LYS C 228 39.48 51.77 -25.42
C LYS C 228 39.56 51.15 -24.03
N GLU C 229 38.43 51.10 -23.33
CA GLU C 229 38.37 50.55 -21.97
C GLU C 229 37.10 49.77 -21.72
N THR C 230 36.50 49.20 -22.77
CA THR C 230 35.23 48.50 -22.64
C THR C 230 35.42 47.15 -21.93
N GLN C 231 34.29 46.54 -21.59
CA GLN C 231 34.28 45.26 -20.88
C GLN C 231 34.50 44.12 -21.86
N ALA C 232 34.26 42.89 -21.42
CA ALA C 232 34.47 41.72 -22.27
C ALA C 232 33.59 41.77 -23.50
N ASN C 233 34.13 41.26 -24.60
CA ASN C 233 33.41 41.27 -25.87
C ASN C 233 32.14 40.44 -25.79
N ARG C 234 31.06 40.95 -26.38
CA ARG C 234 29.78 40.28 -26.40
C ARG C 234 29.46 39.62 -27.73
N LYS C 235 30.25 39.89 -28.78
CA LYS C 235 29.97 39.31 -30.09
C LYS C 235 30.11 37.78 -30.06
N TYR C 236 31.15 37.27 -29.41
CA TYR C 236 31.38 35.84 -29.34
C TYR C 236 30.61 35.17 -28.20
N ASN C 237 30.00 35.95 -27.31
CA ASN C 237 29.12 35.44 -26.26
C ASN C 237 29.85 34.47 -25.33
N LEU C 238 31.02 34.89 -24.85
CA LEU C 238 31.72 34.13 -23.84
C LEU C 238 30.95 34.19 -22.51
N PRO C 239 31.01 33.12 -21.71
CA PRO C 239 30.33 33.15 -20.41
C PRO C 239 31.00 34.10 -19.44
N GLU C 240 30.36 35.23 -19.17
CA GLU C 240 30.91 36.21 -18.25
C GLU C 240 30.88 35.64 -16.82
N PRO C 241 31.96 35.79 -16.06
CA PRO C 241 31.95 35.29 -14.69
C PRO C 241 31.04 36.11 -13.79
N LEU C 242 29.90 35.54 -13.43
CA LEU C 242 28.95 36.24 -12.57
C LEU C 242 29.53 36.42 -11.17
N SER C 243 29.23 37.57 -10.56
CA SER C 243 29.80 37.91 -9.27
C SER C 243 28.73 38.40 -8.30
N TYR C 244 29.16 38.95 -7.16
CA TYR C 244 28.24 39.41 -6.13
C TYR C 244 27.38 40.58 -6.59
N ALA C 245 27.81 41.31 -7.63
CA ALA C 245 27.05 42.45 -8.10
C ALA C 245 25.77 42.04 -8.82
N ALA C 246 25.68 40.78 -9.27
CA ALA C 246 24.48 40.34 -9.99
C ALA C 246 23.26 40.34 -9.09
N VAL C 247 23.41 39.88 -7.85
CA VAL C 247 22.25 39.80 -6.95
C VAL C 247 21.96 41.16 -6.34
N GLY C 248 20.78 41.28 -5.75
CA GLY C 248 20.36 42.51 -5.12
C GLY C 248 19.17 42.31 -4.19
N GLY C 249 18.98 43.24 -3.25
CA GLY C 249 17.88 43.17 -2.33
C GLY C 249 17.91 42.01 -1.36
N LEU C 250 19.05 41.32 -1.25
CA LEU C 250 19.20 40.19 -0.34
C LEU C 250 20.43 40.37 0.54
N ASP C 251 20.74 41.61 0.91
CA ASP C 251 21.97 41.89 1.64
C ASP C 251 21.95 41.29 3.03
N LYS C 252 20.86 41.54 3.78
CA LYS C 252 20.83 41.25 5.21
C LYS C 252 21.20 39.81 5.51
N GLU C 253 20.94 38.90 4.58
CA GLU C 253 21.44 37.54 4.68
C GLU C 253 22.79 37.36 4.00
N ILE C 254 23.15 38.23 3.05
CA ILE C 254 24.36 37.93 2.28
C ILE C 254 25.62 38.28 3.07
N GLU C 255 25.59 39.32 3.92
CA GLU C 255 26.76 39.51 4.78
C GLU C 255 26.92 38.34 5.76
N SER C 256 25.82 37.82 6.29
CA SER C 256 25.91 36.66 7.18
C SER C 256 26.47 35.46 6.45
N LEU C 257 26.02 35.22 5.21
CA LEU C 257 26.55 34.10 4.43
C LEU C 257 28.03 34.29 4.13
N LYS C 258 28.44 35.50 3.78
CA LYS C 258 29.85 35.77 3.50
C LYS C 258 30.70 35.54 4.74
N SER C 259 30.23 35.99 5.91
CA SER C 259 30.99 35.77 7.14
C SER C 259 31.08 34.29 7.47
N ALA C 260 29.97 33.56 7.32
CA ALA C 260 29.97 32.13 7.63
C ALA C 260 30.79 31.32 6.64
N ILE C 261 30.98 31.83 5.43
CA ILE C 261 31.89 31.18 4.48
C ILE C 261 33.34 31.54 4.79
N GLU C 262 33.58 32.77 5.24
CA GLU C 262 34.94 33.23 5.46
C GLU C 262 35.55 32.61 6.71
N ILE C 263 34.78 32.48 7.79
CA ILE C 263 35.36 32.06 9.07
C ILE C 263 36.02 30.70 9.04
N PRO C 264 35.43 29.63 8.43
CA PRO C 264 36.10 28.32 8.52
C PRO C 264 37.30 28.22 7.60
N LEU C 265 37.14 28.71 6.36
CA LEU C 265 38.18 28.52 5.35
C LEU C 265 39.38 29.42 5.59
N HIS C 266 39.15 30.67 5.97
CA HIS C 266 40.22 31.66 6.02
C HIS C 266 40.87 31.75 7.41
N GLN C 267 40.10 31.61 8.47
CA GLN C 267 40.60 31.80 9.84
C GLN C 267 40.22 30.61 10.70
N PRO C 268 40.94 29.49 10.56
CA PRO C 268 40.74 28.37 11.49
C PRO C 268 41.38 28.57 12.84
N THR C 269 42.23 29.59 12.99
CA THR C 269 42.86 29.85 14.28
C THR C 269 41.84 30.25 15.34
N LEU C 270 40.75 30.89 14.92
CA LEU C 270 39.69 31.23 15.86
C LEU C 270 39.16 29.99 16.57
N PHE C 271 38.83 28.96 15.80
CA PHE C 271 38.33 27.71 16.38
C PHE C 271 39.44 26.91 17.04
N SER C 272 40.68 27.03 16.56
CA SER C 272 41.79 26.36 17.20
C SER C 272 42.00 26.88 18.62
N SER C 273 41.90 28.21 18.80
CA SER C 273 42.04 28.79 20.13
C SER C 273 40.79 28.60 20.96
N PHE C 274 39.61 28.61 20.34
CA PHE C 274 38.37 28.49 21.08
C PHE C 274 38.05 27.04 21.43
N GLY C 275 38.25 26.14 20.49
CA GLY C 275 37.90 24.74 20.69
C GLY C 275 36.44 24.41 20.51
N VAL C 276 35.64 25.35 19.99
CA VAL C 276 34.21 25.12 19.80
C VAL C 276 33.92 24.21 18.62
N SER C 277 34.92 23.95 17.78
CA SER C 277 34.85 23.12 16.57
C SER C 277 34.09 23.87 15.48
N PRO C 278 34.48 23.71 14.21
CA PRO C 278 33.88 24.50 13.14
C PRO C 278 32.59 23.88 12.65
N PRO C 279 31.52 24.67 12.50
CA PRO C 279 30.33 24.16 11.82
C PRO C 279 30.62 23.89 10.35
N ARG C 280 29.95 22.87 9.81
CA ARG C 280 30.19 22.43 8.45
C ARG C 280 28.97 22.56 7.54
N GLY C 281 27.78 22.25 8.01
CA GLY C 281 26.58 22.25 7.18
C GLY C 281 25.85 23.57 7.26
N ILE C 282 25.63 24.18 6.10
CA ILE C 282 24.84 25.39 5.97
C ILE C 282 23.66 25.07 5.07
N LEU C 283 22.45 25.31 5.58
CA LEU C 283 21.21 24.97 4.86
C LEU C 283 20.62 26.25 4.28
N LEU C 284 20.38 26.24 2.97
CA LEU C 284 19.74 27.35 2.28
C LEU C 284 18.33 26.92 1.89
N HIS C 285 17.34 27.64 2.39
CA HIS C 285 15.93 27.32 2.14
C HIS C 285 15.17 28.59 1.80
N GLY C 286 14.10 28.43 1.04
CA GLY C 286 13.26 29.54 0.65
C GLY C 286 12.30 29.15 -0.46
N PRO C 287 11.51 30.13 -0.93
CA PRO C 287 10.60 29.86 -2.03
C PRO C 287 11.37 29.51 -3.29
N PRO C 288 10.80 28.67 -4.15
CA PRO C 288 11.50 28.30 -5.39
C PRO C 288 11.68 29.50 -6.31
N GLY C 289 12.79 29.50 -7.04
CA GLY C 289 13.10 30.58 -7.95
C GLY C 289 13.65 31.82 -7.30
N THR C 290 13.92 31.80 -6.00
CA THR C 290 14.45 32.97 -5.32
C THR C 290 15.89 33.25 -5.71
N GLY C 291 16.67 32.22 -6.01
CA GLY C 291 18.03 32.42 -6.47
C GLY C 291 19.11 31.69 -5.67
N LYS C 292 18.73 30.61 -4.99
CA LYS C 292 19.71 29.85 -4.22
C LYS C 292 20.82 29.30 -5.12
N THR C 293 20.44 28.84 -6.32
CA THR C 293 21.44 28.36 -7.28
C THR C 293 22.41 29.47 -7.66
N MET C 294 21.91 30.69 -7.84
CA MET C 294 22.80 31.80 -8.18
C MET C 294 23.70 32.18 -7.01
N LEU C 295 23.22 32.06 -5.78
CA LEU C 295 24.11 32.25 -4.63
C LEU C 295 25.21 31.20 -4.61
N LEU C 296 24.85 29.95 -4.93
CA LEU C 296 25.87 28.90 -5.02
C LEU C 296 26.89 29.23 -6.10
N ARG C 297 26.42 29.69 -7.27
CA ARG C 297 27.33 30.06 -8.35
C ARG C 297 28.23 31.22 -7.95
N VAL C 298 27.67 32.22 -7.24
CA VAL C 298 28.46 33.37 -6.82
C VAL C 298 29.54 32.95 -5.84
N VAL C 299 29.18 32.15 -4.84
CA VAL C 299 30.17 31.73 -3.85
C VAL C 299 31.18 30.76 -4.45
N ALA C 300 30.83 30.05 -5.53
CA ALA C 300 31.81 29.22 -6.22
C ALA C 300 32.76 30.06 -7.06
N ASN C 301 32.24 31.11 -7.71
CA ASN C 301 33.09 31.95 -8.55
C ASN C 301 34.03 32.81 -7.72
N THR C 302 33.53 33.43 -6.65
CA THR C 302 34.34 34.33 -5.85
C THR C 302 35.37 33.58 -5.00
N SER C 303 35.22 32.27 -4.85
CA SER C 303 36.17 31.47 -4.09
C SER C 303 37.14 30.78 -5.03
N ASN C 304 38.43 30.91 -4.75
CA ASN C 304 39.47 30.29 -5.55
C ASN C 304 39.77 28.87 -5.11
N ALA C 305 39.07 28.35 -4.10
CA ALA C 305 39.34 27.05 -3.55
C ALA C 305 38.56 25.97 -4.31
N HIS C 306 38.73 24.72 -3.86
CA HIS C 306 38.06 23.59 -4.48
C HIS C 306 36.57 23.60 -4.19
N VAL C 307 35.78 23.13 -5.16
CA VAL C 307 34.35 22.95 -4.97
C VAL C 307 33.96 21.56 -5.47
N LEU C 308 32.83 21.07 -4.95
CA LEU C 308 32.27 19.79 -5.40
C LEU C 308 30.77 19.96 -5.57
N THR C 309 30.25 19.51 -6.70
CA THR C 309 28.84 19.61 -7.03
C THR C 309 28.24 18.21 -7.10
N ILE C 310 27.14 17.99 -6.38
CA ILE C 310 26.44 16.72 -6.36
C ILE C 310 25.25 16.81 -7.30
N ASN C 311 25.18 15.88 -8.26
CA ASN C 311 24.11 15.89 -9.24
C ASN C 311 22.75 15.52 -8.65
N GLY C 312 22.73 14.94 -7.45
CA GLY C 312 21.49 14.59 -6.81
C GLY C 312 21.01 13.19 -7.16
N PRO C 313 19.89 13.10 -7.88
CA PRO C 313 19.35 11.78 -8.25
C PRO C 313 20.28 10.97 -9.14
N SER C 314 21.21 11.61 -9.85
CA SER C 314 22.16 10.86 -10.67
C SER C 314 23.10 10.02 -9.80
N ILE C 315 23.37 10.47 -8.57
CA ILE C 315 24.21 9.69 -7.67
C ILE C 315 23.51 8.39 -7.27
N VAL C 316 22.17 8.40 -7.24
CA VAL C 316 21.44 7.19 -6.87
C VAL C 316 21.69 6.10 -7.90
N SER C 317 22.06 4.92 -7.42
CA SER C 317 22.38 3.79 -8.27
C SER C 317 21.66 2.54 -7.76
N LYS C 318 21.52 1.56 -8.66
CA LYS C 318 20.84 0.32 -8.29
C LYS C 318 21.60 -0.44 -7.20
N TYR C 319 22.94 -0.44 -7.28
CA TYR C 319 23.73 -1.11 -6.26
C TYR C 319 23.61 -0.39 -4.93
N LEU C 320 23.45 -1.17 -3.85
CA LEU C 320 23.25 -0.58 -2.53
C LEU C 320 24.50 0.16 -2.06
N GLY C 321 25.66 -0.50 -2.13
CA GLY C 321 26.88 0.09 -1.62
C GLY C 321 27.58 1.07 -2.55
N GLU C 322 27.12 1.17 -3.80
CA GLU C 322 27.76 2.09 -4.74
C GLU C 322 27.59 3.54 -4.29
N THR C 323 26.41 3.91 -3.80
CA THR C 323 26.19 5.27 -3.33
C THR C 323 27.09 5.60 -2.14
N GLU C 324 27.19 4.68 -1.19
CA GLU C 324 28.06 4.90 -0.04
C GLU C 324 29.52 5.00 -0.45
N ALA C 325 29.96 4.15 -1.39
CA ALA C 325 31.33 4.23 -1.87
C ALA C 325 31.60 5.56 -2.56
N ALA C 326 30.66 6.03 -3.38
CA ALA C 326 30.82 7.32 -4.05
C ALA C 326 30.88 8.46 -3.04
N LEU C 327 30.01 8.42 -2.03
CA LEU C 327 30.02 9.48 -1.02
C LEU C 327 31.33 9.47 -0.22
N ARG C 328 31.81 8.27 0.13
CA ARG C 328 33.08 8.18 0.85
C ARG C 328 34.24 8.68 0.01
N ASP C 329 34.25 8.36 -1.30
CA ASP C 329 35.28 8.90 -2.18
C ASP C 329 35.19 10.42 -2.27
N ILE C 330 33.98 10.95 -2.35
CA ILE C 330 33.80 12.40 -2.43
C ILE C 330 34.34 13.07 -1.17
N PHE C 331 34.02 12.50 0.00
CA PHE C 331 34.51 13.06 1.25
C PHE C 331 36.03 12.96 1.35
N ASN C 332 36.59 11.82 0.94
CA ASN C 332 38.04 11.66 0.99
C ASN C 332 38.75 12.66 0.08
N GLU C 333 38.23 12.86 -1.13
CA GLU C 333 38.86 13.82 -2.03
C GLU C 333 38.66 15.25 -1.55
N ALA C 334 37.52 15.55 -0.91
CA ALA C 334 37.31 16.87 -0.34
C ALA C 334 38.30 17.15 0.78
N ARG C 335 38.55 16.15 1.63
CA ARG C 335 39.53 16.30 2.69
C ARG C 335 40.97 16.31 2.18
N LYS C 336 41.22 15.68 1.03
CA LYS C 336 42.58 15.64 0.50
C LYS C 336 43.06 17.04 0.12
N TYR C 337 42.20 17.84 -0.51
CA TYR C 337 42.50 19.25 -0.74
C TYR C 337 42.18 20.02 0.53
N GLN C 338 43.16 20.77 1.04
CA GLN C 338 42.93 21.53 2.27
C GLN C 338 41.80 22.54 2.13
N PRO C 339 41.78 23.44 1.13
CA PRO C 339 40.61 24.32 0.97
C PRO C 339 39.58 23.70 0.04
N SER C 340 38.32 23.63 0.49
CA SER C 340 37.28 23.02 -0.32
C SER C 340 35.92 23.56 0.11
N ILE C 341 34.99 23.54 -0.84
CA ILE C 341 33.60 23.94 -0.60
C ILE C 341 32.71 22.82 -1.14
N ILE C 342 31.72 22.41 -0.35
CA ILE C 342 30.83 21.30 -0.70
C ILE C 342 29.46 21.89 -1.04
N PHE C 343 28.97 21.56 -2.23
CA PHE C 343 27.65 22.01 -2.69
C PHE C 343 26.72 20.81 -2.73
N ILE C 344 25.61 20.90 -2.02
CA ILE C 344 24.59 19.85 -1.99
C ILE C 344 23.27 20.46 -2.43
N ASP C 345 22.60 19.81 -3.38
CA ASP C 345 21.34 20.28 -3.92
C ASP C 345 20.27 19.20 -3.76
N GLU C 346 19.02 19.62 -3.89
CA GLU C 346 17.82 18.78 -3.76
C GLU C 346 17.97 17.77 -2.62
N ILE C 347 18.22 18.31 -1.42
CA ILE C 347 18.39 17.47 -0.25
C ILE C 347 17.09 16.77 0.10
N ASP C 348 15.96 17.46 -0.06
CA ASP C 348 14.67 16.86 0.28
C ASP C 348 14.39 15.62 -0.55
N SER C 349 14.67 15.69 -1.87
CA SER C 349 14.53 14.51 -2.71
C SER C 349 15.56 13.44 -2.35
N ILE C 350 16.80 13.86 -2.09
CA ILE C 350 17.85 12.91 -1.76
C ILE C 350 17.62 12.32 -0.36
N ALA C 351 17.26 13.16 0.60
CA ALA C 351 17.09 12.74 2.00
C ALA C 351 15.71 13.17 2.47
N PRO C 352 14.67 12.41 2.15
CA PRO C 352 13.32 12.75 2.64
C PRO C 352 13.18 12.49 4.13
N ASN C 353 12.02 12.83 4.69
CA ASN C 353 11.78 12.61 6.11
C ASN C 353 11.66 11.12 6.40
N ARG C 354 12.40 10.66 7.41
CA ARG C 354 12.37 9.25 7.78
C ARG C 354 11.01 8.85 8.32
N ALA C 355 10.40 9.70 9.17
CA ALA C 355 9.15 9.33 9.80
C ALA C 355 7.97 9.42 8.85
N ASN C 356 8.02 10.33 7.87
CA ASN C 356 6.91 10.51 6.96
C ASN C 356 6.65 9.26 6.13
N ASP C 357 7.71 8.63 5.61
CA ASP C 357 7.56 7.41 4.82
C ASP C 357 8.86 6.62 4.84
N ASP C 358 8.74 5.31 5.00
CA ASP C 358 9.89 4.40 4.94
C ASP C 358 9.93 3.70 3.57
N SER C 359 10.39 4.44 2.57
CA SER C 359 10.37 3.92 1.20
C SER C 359 11.38 2.79 1.02
N GLY C 360 12.60 2.99 1.47
CA GLY C 360 13.65 2.00 1.31
C GLY C 360 14.65 2.38 0.23
N GLU C 361 15.53 1.43 -0.08
CA GLU C 361 16.58 1.58 -1.09
C GLU C 361 17.45 2.76 -0.70
N VAL C 362 17.61 3.79 -1.54
CA VAL C 362 18.41 4.97 -1.18
C VAL C 362 17.52 5.83 -0.28
N GLU C 363 17.71 5.68 1.02
CA GLU C 363 16.86 6.33 2.02
C GLU C 363 17.72 6.60 3.25
N SER C 364 17.06 6.77 4.40
CA SER C 364 17.64 7.26 5.64
C SER C 364 19.02 6.68 5.95
N ARG C 365 19.32 5.48 5.44
CA ARG C 365 20.68 4.96 5.52
C ARG C 365 21.68 5.94 4.92
N VAL C 366 21.31 6.61 3.83
CA VAL C 366 22.20 7.61 3.26
C VAL C 366 22.33 8.81 4.20
N VAL C 367 21.25 9.16 4.90
CA VAL C 367 21.33 10.23 5.89
C VAL C 367 22.33 9.86 6.98
N ALA C 368 22.26 8.62 7.45
CA ALA C 368 23.19 8.17 8.49
C ALA C 368 24.63 8.17 7.99
N THR C 369 24.85 7.72 6.75
CA THR C 369 26.22 7.67 6.24
C THR C 369 26.79 9.07 6.04
N LEU C 370 25.96 10.04 5.59
CA LEU C 370 26.42 11.42 5.53
C LEU C 370 26.70 11.98 6.92
N LEU C 371 25.87 11.65 7.91
CA LEU C 371 26.11 12.11 9.27
C LEU C 371 27.44 11.59 9.78
N THR C 372 27.72 10.31 9.56
CA THR C 372 28.99 9.73 9.98
C THR C 372 30.16 10.36 9.23
N LEU C 373 29.98 10.62 7.93
CA LEU C 373 31.05 11.18 7.13
C LEU C 373 31.43 12.60 7.58
N MET C 374 30.43 13.44 7.82
CA MET C 374 30.71 14.83 8.17
C MET C 374 30.80 15.07 9.67
N ASP C 375 30.57 14.05 10.50
CA ASP C 375 30.74 14.23 11.94
C ASP C 375 32.18 13.99 12.37
N GLY C 376 32.84 13.02 11.76
CA GLY C 376 34.23 12.71 12.09
C GLY C 376 35.18 12.97 10.94
N MET C 377 34.84 13.95 10.11
CA MET C 377 35.68 14.26 8.95
C MET C 377 37.02 14.85 9.38
N GLY C 378 37.06 15.60 10.46
CA GLY C 378 38.30 16.21 10.92
C GLY C 378 38.07 16.96 12.20
N ALA C 379 39.14 17.59 12.69
CA ALA C 379 39.07 18.35 13.94
C ALA C 379 38.74 19.82 13.68
N ALA C 380 39.64 20.53 13.00
CA ALA C 380 39.36 21.90 12.58
C ALA C 380 39.34 22.05 11.07
N GLY C 381 40.42 21.70 10.38
CA GLY C 381 40.50 21.79 8.93
C GLY C 381 40.03 23.12 8.35
N LYS C 382 39.65 23.10 7.08
CA LYS C 382 38.93 24.22 6.48
C LYS C 382 38.03 23.66 5.36
N VAL C 383 36.80 23.31 5.73
CA VAL C 383 35.83 22.73 4.81
C VAL C 383 34.46 23.29 5.17
N VAL C 384 33.68 23.63 4.14
CA VAL C 384 32.31 24.12 4.33
C VAL C 384 31.38 23.32 3.41
N VAL C 385 30.20 23.00 3.92
CA VAL C 385 29.19 22.25 3.17
C VAL C 385 27.95 23.13 3.05
N ILE C 386 27.48 23.34 1.82
CA ILE C 386 26.33 24.19 1.54
C ILE C 386 25.20 23.31 1.03
N ALA C 387 24.03 23.43 1.66
CA ALA C 387 22.84 22.67 1.29
C ALA C 387 21.76 23.64 0.85
N ALA C 388 21.23 23.43 -0.35
CA ALA C 388 20.17 24.27 -0.91
C ALA C 388 18.94 23.39 -1.15
N THR C 389 17.84 23.72 -0.47
CA THR C 389 16.61 22.94 -0.58
C THR C 389 15.42 23.89 -0.65
N ASN C 390 14.29 23.35 -1.10
CA ASN C 390 13.07 24.14 -1.24
C ASN C 390 12.28 24.18 0.07
N ARG C 391 11.92 23.02 0.61
CA ARG C 391 11.15 22.96 1.85
C ARG C 391 12.01 22.41 2.97
N PRO C 392 12.22 23.17 4.05
CA PRO C 392 13.04 22.66 5.16
C PRO C 392 12.40 21.48 5.87
N ASN C 393 11.07 21.46 5.98
CA ASN C 393 10.39 20.37 6.68
C ASN C 393 10.52 19.04 5.95
N SER C 394 10.62 19.07 4.62
CA SER C 394 10.80 17.83 3.88
C SER C 394 12.14 17.18 4.18
N VAL C 395 13.13 17.97 4.58
CA VAL C 395 14.44 17.43 4.93
C VAL C 395 14.32 16.59 6.19
N ASP C 396 15.18 15.57 6.28
CA ASP C 396 15.20 14.71 7.45
C ASP C 396 15.54 15.53 8.70
N PRO C 397 14.73 15.47 9.75
CA PRO C 397 15.07 16.22 10.98
C PRO C 397 16.38 15.79 11.61
N ALA C 398 16.86 14.58 11.34
CA ALA C 398 18.17 14.18 11.82
C ALA C 398 19.26 15.08 11.25
N LEU C 399 19.19 15.40 9.96
CA LEU C 399 20.11 16.37 9.38
C LEU C 399 19.89 17.75 9.97
N ARG C 400 18.63 18.16 10.14
CA ARG C 400 18.29 19.47 10.70
C ARG C 400 18.51 19.45 12.22
N ARG C 401 19.79 19.42 12.60
CA ARG C 401 20.20 19.38 13.98
C ARG C 401 21.28 20.41 14.23
N PRO C 402 21.30 21.04 15.41
CA PRO C 402 22.40 21.96 15.72
C PRO C 402 23.77 21.31 15.67
N GLY C 403 23.85 20.00 15.87
CA GLY C 403 25.14 19.33 15.78
C GLY C 403 25.67 19.17 14.37
N ARG C 404 24.80 19.27 13.37
CA ARG C 404 25.21 19.03 11.99
C ARG C 404 24.83 20.16 11.05
N PHE C 405 23.69 20.82 11.27
CA PHE C 405 23.20 21.88 10.39
C PHE C 405 22.77 23.09 11.23
N ASP C 406 23.63 23.50 12.15
CA ASP C 406 23.32 24.64 13.00
C ASP C 406 23.18 25.92 12.19
N GLN C 407 24.08 26.14 11.23
CA GLN C 407 24.06 27.38 10.46
C GLN C 407 22.86 27.39 9.52
N GLU C 408 22.03 28.41 9.65
CA GLU C 408 20.83 28.56 8.83
C GLU C 408 20.76 29.99 8.30
N VAL C 409 20.37 30.13 7.03
CA VAL C 409 20.21 31.42 6.39
C VAL C 409 18.75 31.57 5.96
N GLU C 410 18.11 32.63 6.41
CA GLU C 410 16.71 32.88 6.11
C GLU C 410 16.59 33.71 4.84
N ILE C 411 16.02 33.12 3.80
CA ILE C 411 15.80 33.80 2.53
C ILE C 411 14.33 33.66 2.17
N GLY C 412 13.67 34.78 1.90
CA GLY C 412 12.25 34.77 1.62
C GLY C 412 11.86 35.56 0.40
N ILE C 413 10.56 35.82 0.25
CA ILE C 413 10.07 36.58 -0.91
C ILE C 413 10.56 38.03 -0.81
N PRO C 414 11.16 38.58 -1.86
CA PRO C 414 11.61 39.98 -1.80
C PRO C 414 10.44 40.93 -1.60
N ASP C 415 10.70 41.99 -0.82
CA ASP C 415 9.70 43.01 -0.57
C ASP C 415 9.76 44.06 -1.67
N VAL C 416 9.09 45.20 -1.45
CA VAL C 416 9.06 46.26 -2.46
C VAL C 416 10.47 46.81 -2.69
N ASP C 417 11.21 47.06 -1.61
CA ASP C 417 12.56 47.60 -1.75
C ASP C 417 13.48 46.64 -2.47
N ALA C 418 13.42 45.34 -2.12
CA ALA C 418 14.28 44.36 -2.76
C ALA C 418 13.95 44.22 -4.24
N ARG C 419 12.67 44.20 -4.59
CA ARG C 419 12.28 44.09 -5.99
C ARG C 419 12.68 45.34 -6.77
N PHE C 420 12.55 46.51 -6.17
CA PHE C 420 13.01 47.74 -6.82
C PHE C 420 14.51 47.71 -7.05
N ASP C 421 15.27 47.24 -6.06
CA ASP C 421 16.72 47.11 -6.22
C ASP C 421 17.07 46.12 -7.33
N ILE C 422 16.34 45.00 -7.40
CA ILE C 422 16.58 44.02 -8.44
C ILE C 422 16.32 44.62 -9.82
N LEU C 423 15.21 45.35 -9.97
CA LEU C 423 14.91 45.96 -11.25
C LEU C 423 15.96 46.99 -11.64
N THR C 424 16.38 47.83 -10.68
CA THR C 424 17.41 48.83 -10.98
C THR C 424 18.72 48.18 -11.37
N LYS C 425 19.08 47.13 -10.62
CA LYS C 425 20.33 46.35 -10.82
C LYS C 425 20.30 45.70 -12.21
N GLN C 426 19.25 44.95 -12.50
CA GLN C 426 19.16 44.25 -13.81
C GLN C 426 19.17 45.30 -14.93
N PHE C 427 18.40 46.37 -14.77
CA PHE C 427 18.32 47.44 -15.81
C PHE C 427 19.69 48.14 -15.95
N SER C 428 20.38 48.40 -14.84
CA SER C 428 21.71 49.05 -14.93
C SER C 428 22.66 48.12 -15.69
N ARG C 429 22.58 46.82 -15.39
CA ARG C 429 23.42 45.78 -16.03
C ARG C 429 23.12 45.71 -17.52
N MET C 430 21.85 45.85 -17.91
CA MET C 430 21.48 45.74 -19.35
C MET C 430 21.73 47.04 -20.12
N SER C 431 22.11 48.15 -19.42
CA SER C 431 22.55 49.45 -19.91
C SER C 431 21.38 50.32 -20.37
N SER C 432 21.54 51.63 -20.24
CA SER C 432 20.47 52.59 -20.52
C SER C 432 20.32 52.92 -22.00
N ASP C 433 21.21 52.42 -22.86
CA ASP C 433 21.04 52.62 -24.29
C ASP C 433 19.96 51.74 -24.90
N ARG C 434 19.56 50.69 -24.18
CA ARG C 434 18.54 49.76 -24.66
C ARG C 434 17.17 50.00 -24.05
N HIS C 435 17.04 50.98 -23.16
CA HIS C 435 15.78 51.20 -22.47
C HIS C 435 15.71 52.63 -21.95
N VAL C 436 14.49 53.10 -21.71
CA VAL C 436 14.26 54.38 -21.05
C VAL C 436 13.18 54.18 -20.00
N LEU C 437 13.49 54.57 -18.76
CA LEU C 437 12.54 54.47 -17.66
C LEU C 437 13.03 55.25 -16.45
N ASP C 438 12.17 56.06 -15.85
CA ASP C 438 12.55 56.84 -14.68
C ASP C 438 12.52 55.98 -13.43
N SER C 439 13.20 56.48 -12.39
CA SER C 439 13.23 55.76 -11.12
C SER C 439 11.85 55.66 -10.48
N GLU C 440 11.04 56.71 -10.61
CA GLU C 440 9.68 56.67 -10.08
C GLU C 440 8.85 55.61 -10.80
N ALA C 441 9.07 55.43 -12.10
CA ALA C 441 8.38 54.38 -12.83
C ALA C 441 8.81 53.00 -12.35
N ILE C 442 10.10 52.83 -12.06
CA ILE C 442 10.59 51.56 -11.53
C ILE C 442 9.96 51.28 -10.17
N LYS C 443 9.88 52.30 -9.31
CA LYS C 443 9.25 52.13 -8.02
C LYS C 443 7.78 51.77 -8.15
N TYR C 444 7.08 52.41 -9.10
CA TYR C 444 5.68 52.10 -9.33
C TYR C 444 5.51 50.66 -9.81
N ILE C 445 6.40 50.20 -10.69
CA ILE C 445 6.34 48.82 -11.16
C ILE C 445 6.58 47.85 -10.01
N ALA C 446 7.57 48.16 -9.16
CA ALA C 446 7.85 47.30 -8.01
C ALA C 446 6.67 47.26 -7.06
N SER C 447 5.99 48.39 -6.85
CA SER C 447 4.81 48.39 -6.01
C SER C 447 3.69 47.56 -6.63
N LYS C 448 3.51 47.68 -7.95
CA LYS C 448 2.48 46.87 -8.62
C LYS C 448 2.82 45.39 -8.57
N THR C 449 4.09 45.04 -8.78
CA THR C 449 4.53 43.64 -8.75
C THR C 449 4.94 43.31 -7.33
N HIS C 450 4.01 42.79 -6.54
CA HIS C 450 4.23 42.54 -5.12
C HIS C 450 4.45 41.07 -4.79
N GLY C 451 3.60 40.19 -5.28
CA GLY C 451 3.67 38.78 -4.96
C GLY C 451 4.59 37.95 -5.81
N TYR C 452 5.48 38.58 -6.59
CA TYR C 452 6.34 37.86 -7.50
C TYR C 452 7.69 37.55 -6.84
N VAL C 453 8.59 36.99 -7.63
CA VAL C 453 9.94 36.65 -7.21
C VAL C 453 10.91 37.18 -8.26
N GLY C 454 12.21 37.12 -7.93
CA GLY C 454 13.21 37.60 -8.86
C GLY C 454 13.16 36.92 -10.20
N ALA C 455 12.95 35.60 -10.20
CA ALA C 455 12.75 34.88 -11.46
C ALA C 455 11.51 35.39 -12.18
N ASP C 456 10.43 35.66 -11.43
CA ASP C 456 9.25 36.25 -12.03
C ASP C 456 9.52 37.66 -12.55
N LEU C 457 10.37 38.42 -11.86
CA LEU C 457 10.72 39.75 -12.34
C LEU C 457 11.49 39.69 -13.67
N THR C 458 12.45 38.77 -13.77
CA THR C 458 13.18 38.62 -15.02
C THR C 458 12.27 38.11 -16.14
N ALA C 459 11.34 37.21 -15.80
CA ALA C 459 10.35 36.78 -16.79
C ALA C 459 9.48 37.93 -17.23
N LEU C 460 9.15 38.84 -16.30
CA LEU C 460 8.39 40.03 -16.66
C LEU C 460 9.16 40.91 -17.63
N CYS C 461 10.46 41.12 -17.36
CA CYS C 461 11.27 41.91 -18.26
C CYS C 461 11.35 41.27 -19.64
N ARG C 462 11.53 39.95 -19.69
CA ARG C 462 11.60 39.25 -20.97
C ARG C 462 10.28 39.33 -21.72
N GLU C 463 9.16 39.21 -20.99
CA GLU C 463 7.85 39.32 -21.63
C GLU C 463 7.61 40.73 -22.15
N SER C 464 8.09 41.75 -21.43
CA SER C 464 8.00 43.12 -21.94
C SER C 464 8.82 43.28 -23.21
N VAL C 465 10.02 42.70 -23.24
CA VAL C 465 10.85 42.74 -24.44
C VAL C 465 10.15 42.04 -25.60
N MET C 466 9.52 40.89 -25.32
CA MET C 466 8.73 40.20 -26.35
C MET C 466 7.60 41.07 -26.86
N LYS C 467 6.89 41.74 -25.96
CA LYS C 467 5.79 42.61 -26.38
C LYS C 467 6.30 43.72 -27.28
N THR C 468 7.44 44.32 -26.90
CA THR C 468 8.03 45.37 -27.74
C THR C 468 8.42 44.83 -29.10
N ILE C 469 9.00 43.63 -29.15
CA ILE C 469 9.47 43.05 -30.41
C ILE C 469 8.30 42.79 -31.34
N GLN C 470 7.24 42.14 -30.83
CA GLN C 470 6.08 41.87 -31.68
C GLN C 470 5.36 43.15 -32.07
N ARG C 471 5.28 44.13 -31.16
CA ARG C 471 4.64 45.39 -31.51
C ARG C 471 5.40 46.09 -32.64
N GLY C 472 6.73 46.11 -32.57
CA GLY C 472 7.51 46.70 -33.63
C GLY C 472 7.35 45.95 -34.94
N LEU C 473 7.46 44.62 -34.89
CA LEU C 473 7.31 43.82 -36.10
C LEU C 473 5.92 43.94 -36.70
N GLY C 474 4.90 44.28 -35.91
CA GLY C 474 3.56 44.41 -36.41
C GLY C 474 3.23 45.78 -36.97
N THR C 475 3.58 46.85 -36.24
CA THR C 475 3.15 48.18 -36.64
C THR C 475 4.25 49.05 -37.24
N ASP C 476 5.52 48.79 -36.92
CA ASP C 476 6.61 49.63 -37.39
C ASP C 476 7.28 49.08 -38.65
N ALA C 477 6.85 47.92 -39.14
CA ALA C 477 7.39 47.29 -40.34
C ALA C 477 8.90 47.10 -40.23
N ASN C 478 9.30 46.41 -39.16
CA ASN C 478 10.70 46.06 -38.90
C ASN C 478 11.58 47.30 -38.83
N ILE C 479 11.27 48.16 -37.87
CA ILE C 479 12.06 49.37 -37.63
C ILE C 479 13.28 49.00 -36.81
N ASP C 480 14.26 49.91 -36.73
CA ASP C 480 15.43 49.67 -35.91
C ASP C 480 15.04 49.54 -34.44
N LYS C 481 15.57 48.53 -33.77
CA LYS C 481 15.25 48.28 -32.37
C LYS C 481 15.84 49.32 -31.42
N PHE C 482 16.77 50.15 -31.89
CA PHE C 482 17.39 51.14 -31.02
C PHE C 482 16.38 52.17 -30.53
N SER C 483 15.51 52.65 -31.43
CA SER C 483 14.58 53.71 -31.07
C SER C 483 13.44 53.19 -30.20
N LEU C 484 12.94 52.00 -30.52
CA LEU C 484 11.77 51.48 -29.79
C LEU C 484 12.09 51.21 -28.33
N LYS C 485 13.27 50.65 -28.05
CA LYS C 485 13.77 50.31 -26.71
C LYS C 485 12.67 49.74 -25.82
N VAL C 486 12.65 50.17 -24.55
CA VAL C 486 11.70 49.65 -23.57
C VAL C 486 10.81 50.79 -23.10
N THR C 487 9.51 50.56 -23.10
CA THR C 487 8.49 51.53 -22.69
C THR C 487 7.72 50.97 -21.49
N LEU C 488 6.62 51.64 -21.15
CA LEU C 488 5.81 51.21 -20.00
C LEU C 488 4.61 50.36 -20.40
N LYS C 489 4.03 50.60 -21.58
CA LYS C 489 2.83 49.85 -21.98
C LYS C 489 3.13 48.37 -22.18
N ASP C 490 4.29 48.04 -22.74
CA ASP C 490 4.67 46.64 -22.88
C ASP C 490 4.87 46.00 -21.51
N VAL C 491 5.41 46.75 -20.54
CA VAL C 491 5.55 46.23 -19.18
C VAL C 491 4.18 45.97 -18.57
N GLU C 492 3.23 46.87 -18.80
CA GLU C 492 1.87 46.65 -18.30
C GLU C 492 1.25 45.41 -18.94
N SER C 493 1.43 45.23 -20.25
CA SER C 493 0.92 44.03 -20.89
C SER C 493 1.58 42.79 -20.30
N ALA C 494 2.89 42.86 -20.02
CA ALA C 494 3.60 41.73 -19.45
C ALA C 494 3.07 41.37 -18.08
N MET C 495 2.81 42.37 -17.22
CA MET C 495 2.35 42.03 -15.88
C MET C 495 0.87 41.67 -15.87
N VAL C 496 0.12 42.05 -16.90
CA VAL C 496 -1.25 41.53 -17.05
C VAL C 496 -1.20 40.06 -17.45
N ASP C 497 -0.34 39.70 -18.40
CA ASP C 497 -0.30 38.36 -18.96
C ASP C 497 0.74 37.45 -18.31
N ILE C 498 1.32 37.87 -17.17
CA ILE C 498 2.40 37.11 -16.56
C ILE C 498 1.93 35.82 -15.91
N ARG C 499 0.65 35.72 -15.52
CA ARG C 499 0.12 34.57 -14.79
C ARG C 499 0.97 34.34 -13.54
N PRO C 500 0.81 35.15 -12.50
CA PRO C 500 1.62 34.98 -11.29
C PRO C 500 1.42 33.60 -10.67
N SER C 501 2.50 33.06 -10.11
CA SER C 501 2.48 31.73 -9.52
C SER C 501 2.75 31.71 -8.03
N ALA C 502 3.14 32.84 -7.43
CA ALA C 502 3.45 32.93 -6.01
C ALA C 502 2.45 33.81 -5.27
N MET C 503 1.18 33.77 -5.68
CA MET C 503 0.16 34.57 -5.03
C MET C 503 -0.20 34.01 -3.66
N ARG C 504 -0.12 32.69 -3.49
CA ARG C 504 -0.40 32.04 -2.21
C ARG C 504 0.91 31.74 -1.50
N GLU C 505 1.05 32.27 -0.29
CA GLU C 505 2.25 32.02 0.50
C GLU C 505 1.92 32.22 1.97
N ILE C 506 2.91 31.95 2.82
CA ILE C 506 2.71 31.93 4.26
C ILE C 506 2.47 33.33 4.82
N PHE C 507 3.22 34.32 4.34
CA PHE C 507 3.14 35.69 4.86
C PHE C 507 2.67 36.63 3.77
N LEU C 508 1.69 37.47 4.09
CA LEU C 508 1.09 38.41 3.15
C LEU C 508 1.42 39.84 3.56
N GLU C 509 1.71 40.69 2.57
CA GLU C 509 2.02 42.10 2.78
C GLU C 509 1.14 42.92 1.84
N MET C 510 0.00 43.39 2.34
CA MET C 510 -0.88 44.24 1.55
C MET C 510 -0.20 45.58 1.33
N PRO C 511 -0.36 46.20 0.16
CA PRO C 511 0.49 47.34 -0.22
C PRO C 511 0.48 48.46 0.81
N LYS C 512 1.64 49.09 0.99
CA LYS C 512 1.85 50.05 2.07
C LYS C 512 0.85 51.19 2.01
N VAL C 513 0.29 51.51 3.16
CA VAL C 513 -0.73 52.56 3.31
C VAL C 513 -0.36 53.43 4.49
N TYR C 514 -0.61 54.74 4.38
CA TYR C 514 -0.21 55.72 5.37
C TYR C 514 -1.42 56.17 6.18
N TRP C 515 -1.17 57.14 7.08
CA TRP C 515 -2.23 57.64 7.95
C TRP C 515 -3.26 58.47 7.20
N SER C 516 -2.88 59.05 6.05
CA SER C 516 -3.81 59.90 5.30
C SER C 516 -5.02 59.11 4.81
N ASP C 517 -4.79 57.87 4.35
CA ASP C 517 -5.91 57.05 3.89
C ASP C 517 -6.78 56.57 5.04
N ILE C 518 -6.23 56.57 6.27
CA ILE C 518 -6.96 56.07 7.41
C ILE C 518 -7.90 57.15 7.93
N GLY C 519 -9.18 56.81 8.06
CA GLY C 519 -10.17 57.74 8.59
C GLY C 519 -10.89 57.21 9.81
N GLY C 520 -10.71 57.85 10.95
CA GLY C 520 -11.35 57.42 12.17
C GLY C 520 -11.19 58.44 13.26
N GLN C 521 -11.78 58.12 14.42
CA GLN C 521 -11.67 58.96 15.61
C GLN C 521 -10.29 58.80 16.23
N GLU C 522 -9.84 59.84 16.93
CA GLU C 522 -8.47 59.88 17.44
C GLU C 522 -8.27 59.05 18.69
N GLU C 523 -9.34 58.64 19.37
CA GLU C 523 -9.22 57.85 20.59
C GLU C 523 -8.54 56.52 20.32
N LEU C 524 -9.06 55.77 19.34
CA LEU C 524 -8.48 54.48 18.97
C LEU C 524 -7.10 54.65 18.37
N LYS C 525 -6.88 55.75 17.65
CA LYS C 525 -5.55 56.03 17.11
C LYS C 525 -4.53 56.19 18.22
N THR C 526 -4.85 57.01 19.23
CA THR C 526 -3.95 57.18 20.37
C THR C 526 -3.77 55.86 21.11
N LYS C 527 -4.85 55.08 21.25
CA LYS C 527 -4.75 53.82 21.96
C LYS C 527 -3.79 52.85 21.26
N MET C 528 -3.92 52.68 19.94
CA MET C 528 -3.01 51.75 19.28
C MET C 528 -1.61 52.32 19.18
N LYS C 529 -1.48 53.65 19.11
CA LYS C 529 -0.15 54.25 19.14
C LYS C 529 0.56 53.93 20.45
N GLU C 530 -0.16 54.04 21.57
CA GLU C 530 0.41 53.67 22.86
C GLU C 530 0.74 52.18 22.90
N MET C 531 -0.16 51.34 22.37
CA MET C 531 0.07 49.90 22.39
C MET C 531 1.31 49.52 21.60
N ILE C 532 1.54 50.15 20.44
CA ILE C 532 2.70 49.79 19.64
C ILE C 532 3.96 50.46 20.16
N GLN C 533 3.83 51.61 20.85
CA GLN C 533 5.01 52.30 21.37
C GLN C 533 5.52 51.67 22.66
N LEU C 534 4.64 51.02 23.43
CA LEU C 534 5.07 50.46 24.71
C LEU C 534 6.19 49.43 24.58
N PRO C 535 6.07 48.37 23.78
CA PRO C 535 7.13 47.35 23.79
C PRO C 535 8.37 47.75 23.03
N LEU C 536 8.25 48.58 21.99
CA LEU C 536 9.41 48.93 21.18
C LEU C 536 10.42 49.76 21.97
N GLU C 537 9.94 50.70 22.78
CA GLU C 537 10.82 51.60 23.51
C GLU C 537 10.51 51.62 25.00
N ALA C 538 10.00 50.50 25.54
CA ALA C 538 9.78 50.41 26.98
C ALA C 538 10.18 49.04 27.52
N SER C 539 11.04 48.31 26.82
CA SER C 539 11.45 46.98 27.30
C SER C 539 12.20 47.07 28.61
N GLU C 540 13.12 48.03 28.72
CA GLU C 540 13.88 48.19 29.96
C GLU C 540 12.97 48.63 31.10
N THR C 541 12.02 49.52 30.83
CA THR C 541 11.09 49.95 31.86
C THR C 541 10.22 48.79 32.33
N PHE C 542 9.76 47.96 31.40
CA PHE C 542 8.97 46.79 31.78
C PHE C 542 9.81 45.80 32.59
N ALA C 543 11.06 45.59 32.20
CA ALA C 543 11.93 44.68 32.94
C ALA C 543 12.17 45.17 34.36
N ARG C 544 12.42 46.48 34.52
CA ARG C 544 12.61 47.04 35.86
C ARG C 544 11.34 46.95 36.68
N LEU C 545 10.19 47.28 36.08
CA LEU C 545 8.93 47.25 36.81
C LEU C 545 8.38 45.83 36.98
N GLY C 546 8.71 44.93 36.06
CA GLY C 546 8.17 43.58 36.09
C GLY C 546 6.86 43.41 35.36
N ILE C 547 6.30 44.47 34.79
CA ILE C 547 5.03 44.37 34.08
C ILE C 547 5.20 43.53 32.82
N SER C 548 6.36 43.64 32.16
CA SER C 548 6.62 42.99 30.88
C SER C 548 5.65 43.48 29.82
N ALA C 549 5.42 42.67 28.79
CA ALA C 549 4.55 43.06 27.69
C ALA C 549 3.20 42.37 27.83
N PRO C 550 2.12 43.07 28.19
CA PRO C 550 0.81 42.41 28.24
C PRO C 550 0.37 41.83 26.92
N LYS C 551 0.69 42.51 25.81
CA LYS C 551 0.57 41.96 24.46
C LYS C 551 -0.88 41.75 24.04
N GLY C 552 -1.82 42.00 24.95
CA GLY C 552 -3.23 41.76 24.66
C GLY C 552 -3.95 42.92 24.00
N VAL C 553 -4.18 42.83 22.70
CA VAL C 553 -4.90 43.85 21.94
C VAL C 553 -5.94 43.17 21.07
N LEU C 554 -7.17 43.69 21.09
CA LEU C 554 -8.27 43.16 20.30
C LEU C 554 -8.96 44.27 19.54
N LEU C 555 -9.45 43.94 18.35
CA LEU C 555 -10.19 44.87 17.50
C LEU C 555 -11.50 44.21 17.09
N TYR C 556 -12.60 44.66 17.69
CA TYR C 556 -13.93 44.16 17.34
C TYR C 556 -14.83 45.34 17.02
N GLY C 557 -15.57 45.25 15.92
CA GLY C 557 -16.41 46.34 15.49
C GLY C 557 -17.36 45.93 14.38
N PRO C 558 -18.10 46.90 13.84
CA PRO C 558 -19.04 46.61 12.74
C PRO C 558 -18.31 46.08 11.52
N PRO C 559 -18.90 45.11 10.82
CA PRO C 559 -18.26 44.59 9.60
C PRO C 559 -18.07 45.68 8.56
N GLY C 560 -16.97 45.57 7.82
CA GLY C 560 -16.77 46.42 6.66
C GLY C 560 -15.49 47.23 6.63
N CYS C 561 -15.07 47.76 7.77
CA CYS C 561 -13.92 48.66 7.77
C CYS C 561 -13.38 48.83 9.18
N SER C 562 -12.24 49.52 9.26
CA SER C 562 -11.61 50.05 10.47
C SER C 562 -10.99 48.97 11.36
N LYS C 563 -11.01 47.70 10.96
CA LYS C 563 -10.48 46.64 11.81
C LYS C 563 -9.52 45.70 11.08
N THR C 564 -9.29 45.91 9.78
CA THR C 564 -8.40 45.04 9.04
C THR C 564 -7.19 45.79 8.50
N LEU C 565 -7.43 46.89 7.79
CA LEU C 565 -6.32 47.64 7.19
C LEU C 565 -5.64 48.54 8.21
N THR C 566 -6.28 48.75 9.36
CA THR C 566 -5.71 49.65 10.37
C THR C 566 -4.39 49.11 10.92
N ALA C 567 -4.33 47.80 11.19
CA ALA C 567 -3.09 47.21 11.70
C ALA C 567 -1.97 47.33 10.69
N LYS C 568 -2.28 47.08 9.41
CA LYS C 568 -1.27 47.21 8.36
C LYS C 568 -0.80 48.65 8.22
N ALA C 569 -1.71 49.61 8.33
CA ALA C 569 -1.32 51.01 8.27
C ALA C 569 -0.42 51.37 9.45
N LEU C 570 -0.74 50.88 10.65
CA LEU C 570 0.10 51.15 11.81
C LEU C 570 1.48 50.52 11.65
N ALA C 571 1.54 49.31 11.09
CA ALA C 571 2.83 48.66 10.84
C ALA C 571 3.65 49.45 9.82
N THR C 572 3.00 49.95 8.77
CA THR C 572 3.70 50.79 7.80
C THR C 572 4.23 52.06 8.44
N GLU C 573 3.42 52.70 9.28
CA GLU C 573 3.86 53.94 9.93
C GLU C 573 5.04 53.68 10.86
N SER C 574 4.98 52.60 11.64
CA SER C 574 6.03 52.31 12.61
C SER C 574 7.27 51.67 11.98
N GLY C 575 7.18 51.22 10.74
CA GLY C 575 8.32 50.60 10.08
C GLY C 575 8.78 49.32 10.74
N ILE C 576 7.85 48.47 11.16
CA ILE C 576 8.16 47.21 11.82
C ILE C 576 7.70 46.07 10.92
N ASN C 577 8.39 44.94 11.00
CA ASN C 577 8.03 43.76 10.22
C ASN C 577 6.60 43.35 10.53
N PHE C 578 5.86 43.00 9.49
CA PHE C 578 4.44 42.66 9.61
C PHE C 578 4.16 41.38 8.84
N LEU C 579 3.34 40.52 9.44
CA LEU C 579 2.87 39.29 8.80
C LEU C 579 1.35 39.23 8.88
N ALA C 580 0.71 38.97 7.75
CA ALA C 580 -0.74 38.91 7.67
C ALA C 580 -1.18 37.49 7.31
N VAL C 581 -2.04 36.91 8.13
CA VAL C 581 -2.59 35.58 7.90
C VAL C 581 -4.11 35.67 8.02
N LYS C 582 -4.80 35.19 6.98
CA LYS C 582 -6.26 35.20 7.00
C LYS C 582 -6.79 34.13 7.95
N GLY C 583 -8.00 34.36 8.45
CA GLY C 583 -8.63 33.45 9.38
C GLY C 583 -9.07 32.15 8.72
N PRO C 584 -10.06 32.23 7.83
CA PRO C 584 -10.53 31.01 7.15
C PRO C 584 -9.45 30.32 6.32
N GLU C 585 -8.46 31.07 5.83
CA GLU C 585 -7.43 30.48 4.98
C GLU C 585 -6.56 29.49 5.74
N ILE C 586 -6.41 29.67 7.06
CA ILE C 586 -5.59 28.76 7.85
C ILE C 586 -6.24 27.39 7.96
N PHE C 587 -7.54 27.28 7.71
CA PHE C 587 -8.20 25.99 7.74
C PHE C 587 -7.76 25.12 6.57
N ASN C 588 -7.54 23.84 6.84
CA ASN C 588 -7.11 22.90 5.83
C ASN C 588 -7.79 21.56 6.06
N LYS C 589 -7.92 20.78 4.99
CA LYS C 589 -8.54 19.47 5.08
C LYS C 589 -7.73 18.54 5.96
N TYR C 590 -6.41 18.54 5.80
CA TYR C 590 -5.56 17.64 6.57
C TYR C 590 -5.43 18.12 8.00
N VAL C 591 -5.59 17.20 8.95
CA VAL C 591 -5.44 17.51 10.36
C VAL C 591 -3.96 17.59 10.68
N GLY C 592 -3.55 18.71 11.30
CA GLY C 592 -2.17 18.96 11.61
C GLY C 592 -1.46 19.88 10.64
N GLU C 593 -2.00 20.06 9.44
CA GLU C 593 -1.45 21.03 8.51
C GLU C 593 -1.56 22.44 9.07
N SER C 594 -2.71 22.79 9.65
CA SER C 594 -2.85 24.06 10.32
C SER C 594 -1.92 24.15 11.52
N GLU C 595 -1.72 23.04 12.23
CA GLU C 595 -0.81 23.03 13.38
C GLU C 595 0.61 23.35 12.95
N ARG C 596 1.11 22.68 11.91
CA ARG C 596 2.46 22.97 11.45
C ARG C 596 2.55 24.37 10.86
N ALA C 597 1.49 24.85 10.22
CA ALA C 597 1.51 26.21 9.69
C ALA C 597 1.63 27.25 10.80
N ILE C 598 0.83 27.09 11.87
CA ILE C 598 0.89 28.06 12.97
C ILE C 598 2.22 27.93 13.72
N ARG C 599 2.75 26.71 13.85
CA ARG C 599 4.07 26.56 14.47
C ARG C 599 5.13 27.27 13.64
N GLU C 600 5.08 27.13 12.32
CA GLU C 600 6.05 27.80 11.46
C GLU C 600 5.92 29.32 11.54
N ILE C 601 4.69 29.83 11.55
CA ILE C 601 4.51 31.27 11.62
C ILE C 601 4.98 31.82 12.96
N PHE C 602 4.75 31.07 14.04
CA PHE C 602 5.26 31.48 15.35
C PHE C 602 6.78 31.47 15.37
N ARG C 603 7.40 30.44 14.77
CA ARG C 603 8.86 30.39 14.72
C ARG C 603 9.42 31.55 13.93
N LYS C 604 8.82 31.89 12.79
CA LYS C 604 9.29 33.03 12.02
C LYS C 604 9.11 34.33 12.77
N ALA C 605 7.99 34.48 13.47
CA ALA C 605 7.78 35.70 14.27
C ALA C 605 8.82 35.81 15.38
N ARG C 606 9.15 34.69 16.02
CA ARG C 606 10.17 34.72 17.07
C ARG C 606 11.55 35.03 16.51
N SER C 607 11.90 34.43 15.38
CA SER C 607 13.26 34.56 14.84
C SER C 607 13.45 35.76 13.93
N ALA C 608 12.39 36.50 13.63
CA ALA C 608 12.47 37.64 12.71
C ALA C 608 12.42 38.97 13.45
N ALA C 609 13.09 39.07 14.60
CA ALA C 609 13.19 40.27 15.42
C ALA C 609 11.83 40.63 16.00
N PRO C 610 11.74 41.56 16.95
CA PRO C 610 10.42 42.00 17.43
C PRO C 610 9.57 42.52 16.29
N SER C 611 8.29 42.12 16.30
CA SER C 611 7.37 42.46 15.23
C SER C 611 5.95 42.33 15.77
N ILE C 612 4.97 42.38 14.87
CA ILE C 612 3.57 42.25 15.22
C ILE C 612 2.91 41.26 14.27
N ILE C 613 2.03 40.42 14.80
CA ILE C 613 1.28 39.44 14.03
C ILE C 613 -0.20 39.80 14.12
N PHE C 614 -0.88 39.80 12.97
CA PHE C 614 -2.27 40.20 12.88
C PHE C 614 -3.09 39.08 12.24
N PHE C 615 -4.21 38.73 12.87
CA PHE C 615 -5.13 37.73 12.36
C PHE C 615 -6.39 38.41 11.85
N ASP C 616 -6.75 38.15 10.59
CA ASP C 616 -7.90 38.82 10.00
C ASP C 616 -9.20 38.42 10.68
N GLU C 617 -9.38 37.13 10.96
CA GLU C 617 -10.61 36.63 11.56
C GLU C 617 -10.25 35.55 12.57
N ILE C 618 -10.47 35.83 13.86
CA ILE C 618 -10.29 34.82 14.90
C ILE C 618 -11.59 34.20 15.36
N ASP C 619 -12.73 34.63 14.80
CA ASP C 619 -14.03 34.10 15.16
C ASP C 619 -14.43 32.90 14.31
N ALA C 620 -13.57 32.46 13.39
CA ALA C 620 -13.82 31.25 12.62
C ALA C 620 -13.17 30.01 13.22
N LEU C 621 -12.32 30.17 14.22
CA LEU C 621 -11.61 29.07 14.85
C LEU C 621 -12.01 28.85 16.29
N SER C 622 -12.16 29.91 17.08
CA SER C 622 -12.48 29.76 18.49
C SER C 622 -13.83 29.09 18.75
N PRO C 623 -14.95 29.45 18.07
CA PRO C 623 -16.23 28.81 18.43
C PRO C 623 -16.31 27.38 17.96
N ASP C 624 -16.24 26.44 18.90
CA ASP C 624 -16.34 25.01 18.59
C ASP C 624 -17.52 24.33 19.28
N ARG C 625 -17.79 24.69 20.53
CA ARG C 625 -18.93 24.10 21.24
C ARG C 625 -20.25 24.50 20.59
N ASP C 626 -20.39 25.78 20.22
CA ASP C 626 -21.64 26.24 19.62
C ASP C 626 -21.82 25.67 18.22
N GLY C 627 -20.78 25.68 17.40
CA GLY C 627 -20.86 25.22 16.04
C GLY C 627 -20.60 23.74 15.83
N SER C 628 -20.36 22.98 16.90
CA SER C 628 -20.05 21.55 16.81
C SER C 628 -18.88 21.29 15.86
N SER C 629 -17.83 22.08 16.02
CA SER C 629 -16.67 21.99 15.15
C SER C 629 -15.89 20.70 15.43
N THR C 630 -15.04 20.34 14.46
CA THR C 630 -14.25 19.13 14.58
C THR C 630 -13.13 19.30 15.61
N SER C 631 -12.50 18.18 15.95
CA SER C 631 -11.42 18.20 16.94
C SER C 631 -10.19 18.98 16.46
N ALA C 632 -10.03 19.13 15.15
CA ALA C 632 -8.89 19.89 14.64
C ALA C 632 -8.95 21.35 15.08
N ALA C 633 -10.15 21.96 15.02
CA ALA C 633 -10.29 23.34 15.46
C ALA C 633 -10.00 23.48 16.95
N ASN C 634 -10.47 22.53 17.76
CA ASN C 634 -10.18 22.56 19.18
C ASN C 634 -8.69 22.42 19.44
N HIS C 635 -8.02 21.53 18.71
CA HIS C 635 -6.58 21.37 18.87
C HIS C 635 -5.83 22.64 18.50
N VAL C 636 -6.24 23.29 17.41
CA VAL C 636 -5.59 24.54 16.99
C VAL C 636 -5.81 25.62 18.04
N LEU C 637 -7.03 25.72 18.57
CA LEU C 637 -7.32 26.72 19.59
C LEU C 637 -6.49 26.47 20.85
N THR C 638 -6.36 25.21 21.26
CA THR C 638 -5.56 24.90 22.44
C THR C 638 -4.08 25.19 22.19
N SER C 639 -3.60 24.92 20.97
CA SER C 639 -2.23 25.27 20.64
C SER C 639 -2.00 26.77 20.70
N LEU C 640 -2.95 27.55 20.19
CA LEU C 640 -2.84 29.00 20.29
C LEU C 640 -2.86 29.46 21.74
N LEU C 641 -3.71 28.86 22.56
CA LEU C 641 -3.79 29.23 23.97
C LEU C 641 -2.49 28.90 24.70
N ASN C 642 -1.87 27.77 24.37
CA ASN C 642 -0.60 27.42 24.99
C ASN C 642 0.53 28.29 24.46
N GLU C 643 0.43 28.76 23.22
CA GLU C 643 1.49 29.59 22.66
C GLU C 643 1.44 31.02 23.19
N ILE C 644 0.24 31.58 23.38
CA ILE C 644 0.14 33.01 23.72
C ILE C 644 0.69 33.27 25.11
N ASP C 645 0.26 32.49 26.12
CA ASP C 645 0.73 32.69 27.48
C ASP C 645 0.94 31.38 28.24
N GLY C 646 1.05 30.26 27.54
CA GLY C 646 1.24 28.99 28.23
C GLY C 646 2.70 28.70 28.51
N VAL C 647 3.09 28.79 29.78
CA VAL C 647 4.43 28.53 30.31
C VAL C 647 5.50 29.12 29.40
N GLU C 648 5.15 30.21 28.71
CA GLU C 648 6.09 30.89 27.82
C GLU C 648 5.77 32.38 27.81
N GLU C 649 6.78 33.18 27.47
CA GLU C 649 6.62 34.62 27.35
C GLU C 649 7.21 35.06 26.01
N LEU C 650 6.49 35.95 25.33
CA LEU C 650 6.91 36.49 24.03
C LEU C 650 6.86 38.01 24.12
N LYS C 651 7.94 38.60 24.63
CA LYS C 651 7.99 40.06 24.77
C LYS C 651 8.28 40.75 23.44
N GLY C 652 9.06 40.12 22.56
CA GLY C 652 9.41 40.77 21.31
C GLY C 652 8.23 40.97 20.39
N VAL C 653 7.39 39.96 20.24
CA VAL C 653 6.26 40.03 19.32
C VAL C 653 5.03 40.50 20.07
N VAL C 654 4.13 41.17 19.35
CA VAL C 654 2.86 41.63 19.87
C VAL C 654 1.74 41.03 19.02
N ILE C 655 0.78 40.40 19.69
CA ILE C 655 -0.32 39.72 19.00
C ILE C 655 -1.52 40.66 18.98
N VAL C 656 -1.98 41.00 17.78
CA VAL C 656 -3.18 41.80 17.58
C VAL C 656 -4.16 40.97 16.75
N ALA C 657 -5.42 40.94 17.19
CA ALA C 657 -6.44 40.11 16.57
C ALA C 657 -7.68 40.93 16.26
N ALA C 658 -8.30 40.62 15.13
CA ALA C 658 -9.55 41.25 14.72
C ALA C 658 -10.64 40.20 14.63
N THR C 659 -11.79 40.49 15.22
CA THR C 659 -12.91 39.56 15.24
C THR C 659 -14.20 40.28 14.86
N ASN C 660 -15.13 39.53 14.29
CA ASN C 660 -16.44 40.04 13.93
C ASN C 660 -17.53 39.63 14.92
N ARG C 661 -17.43 38.45 15.49
CA ARG C 661 -18.37 37.98 16.51
C ARG C 661 -17.67 37.93 17.86
N PRO C 662 -18.05 38.77 18.82
CA PRO C 662 -17.27 38.84 20.07
C PRO C 662 -17.47 37.66 20.99
N ASP C 663 -18.70 37.16 21.12
CA ASP C 663 -18.96 36.07 22.05
C ASP C 663 -18.49 34.71 21.53
N GLU C 664 -18.16 34.62 20.24
CA GLU C 664 -17.70 33.35 19.69
C GLU C 664 -16.29 33.01 20.14
N ILE C 665 -15.56 33.96 20.74
CA ILE C 665 -14.29 33.63 21.38
C ILE C 665 -14.57 32.97 22.71
N ASP C 666 -13.98 31.79 22.92
CA ASP C 666 -14.26 31.02 24.13
C ASP C 666 -13.73 31.74 25.36
N ALA C 667 -14.32 31.41 26.51
CA ALA C 667 -13.94 32.05 27.77
C ALA C 667 -12.50 31.72 28.14
N ALA C 668 -12.04 30.51 27.80
CA ALA C 668 -10.67 30.14 28.13
C ALA C 668 -9.66 31.03 27.43
N LEU C 669 -9.90 31.32 26.14
CA LEU C 669 -9.01 32.22 25.41
C LEU C 669 -9.12 33.64 25.92
N LEU C 670 -10.33 34.09 26.26
CA LEU C 670 -10.57 35.44 26.74
C LEU C 670 -10.57 35.43 28.26
N ARG C 671 -9.36 35.46 28.83
CA ARG C 671 -9.14 35.47 30.26
C ARG C 671 -8.24 36.62 30.65
N PRO C 672 -8.34 37.10 31.89
CA PRO C 672 -7.42 38.15 32.34
C PRO C 672 -5.97 37.70 32.24
N GLY C 673 -5.10 38.63 31.84
CA GLY C 673 -3.71 38.34 31.62
C GLY C 673 -3.35 37.90 30.21
N ARG C 674 -4.35 37.66 29.36
CA ARG C 674 -4.10 37.27 27.97
C ARG C 674 -5.22 37.84 27.11
N LEU C 675 -4.85 38.63 26.11
CA LEU C 675 -5.81 39.27 25.21
C LEU C 675 -6.87 40.04 25.99
N ASP C 676 -6.40 41.06 26.72
CA ASP C 676 -7.25 41.77 27.67
C ASP C 676 -7.94 42.99 27.05
N ARG C 677 -7.16 43.91 26.49
CA ARG C 677 -7.72 45.16 26.01
C ARG C 677 -8.67 44.95 24.83
N HIS C 678 -9.75 45.72 24.82
CA HIS C 678 -10.74 45.68 23.74
C HIS C 678 -10.96 47.11 23.23
N ILE C 679 -11.13 47.22 21.92
CA ILE C 679 -11.35 48.51 21.26
C ILE C 679 -12.71 48.49 20.59
N TYR C 680 -13.54 49.49 20.89
CA TYR C 680 -14.87 49.55 20.30
C TYR C 680 -14.78 49.71 18.78
N VAL C 681 -13.91 50.60 18.30
CA VAL C 681 -13.66 50.88 16.89
C VAL C 681 -14.95 50.79 16.07
N GLY C 682 -15.99 51.46 16.55
CA GLY C 682 -17.30 51.40 15.92
C GLY C 682 -17.36 52.12 14.60
N PRO C 683 -18.57 52.48 14.17
CA PRO C 683 -18.72 53.15 12.88
C PRO C 683 -18.03 54.50 12.89
N PRO C 684 -17.51 54.94 11.75
CA PRO C 684 -16.84 56.24 11.71
C PRO C 684 -17.80 57.37 12.05
N ASP C 685 -17.27 58.39 12.73
CA ASP C 685 -18.07 59.54 13.14
C ASP C 685 -18.21 60.52 11.97
N VAL C 686 -18.71 61.72 12.25
CA VAL C 686 -18.94 62.70 11.20
C VAL C 686 -17.63 63.13 10.56
N ASN C 687 -16.60 63.38 11.38
CA ASN C 687 -15.32 63.84 10.84
C ASN C 687 -14.66 62.77 9.97
N ALA C 688 -14.67 61.52 10.42
CA ALA C 688 -14.03 60.45 9.66
C ALA C 688 -14.75 60.23 8.32
N ARG C 689 -16.08 60.20 8.35
CA ARG C 689 -16.83 60.04 7.11
C ARG C 689 -16.64 61.23 6.18
N LEU C 690 -16.53 62.43 6.73
CA LEU C 690 -16.24 63.61 5.91
C LEU C 690 -14.88 63.49 5.25
N GLU C 691 -13.87 63.03 5.99
CA GLU C 691 -12.55 62.83 5.43
C GLU C 691 -12.57 61.77 4.32
N ILE C 692 -13.30 60.68 4.55
CA ILE C 692 -13.40 59.62 3.54
C ILE C 692 -14.08 60.16 2.28
N LEU C 693 -15.15 60.93 2.45
CA LEU C 693 -15.84 61.51 1.30
C LEU C 693 -14.93 62.48 0.53
N LYS C 694 -14.16 63.29 1.27
CA LYS C 694 -13.23 64.20 0.61
C LYS C 694 -12.16 63.43 -0.16
N LYS C 695 -11.64 62.35 0.41
CA LYS C 695 -10.65 61.54 -0.28
C LYS C 695 -11.23 60.91 -1.53
N CYS C 696 -12.46 60.37 -1.44
CA CYS C 696 -13.06 59.71 -2.59
C CYS C 696 -13.46 60.70 -3.67
N THR C 697 -13.78 61.93 -3.30
CA THR C 697 -14.19 62.96 -4.24
C THR C 697 -13.00 63.71 -4.82
N LYS C 698 -11.77 63.35 -4.44
CA LYS C 698 -10.59 64.03 -4.95
C LYS C 698 -10.48 63.89 -6.46
N LYS C 699 -10.83 62.71 -6.99
CA LYS C 699 -10.79 62.51 -8.44
C LYS C 699 -11.78 63.45 -9.15
N PHE C 700 -12.96 63.61 -8.58
CA PHE C 700 -13.96 64.50 -9.14
C PHE C 700 -13.69 65.94 -8.70
N ASN C 701 -14.53 66.86 -9.15
CA ASN C 701 -14.42 68.28 -8.82
C ASN C 701 -15.56 68.65 -7.89
N THR C 702 -15.21 69.04 -6.66
CA THR C 702 -16.23 69.39 -5.67
C THR C 702 -16.86 70.75 -5.96
N GLU C 703 -16.06 71.73 -6.38
CA GLU C 703 -16.57 73.08 -6.59
C GLU C 703 -17.57 73.13 -7.74
N GLU C 704 -17.33 72.36 -8.81
CA GLU C 704 -18.25 72.36 -9.94
C GLU C 704 -19.56 71.67 -9.56
N SER C 705 -19.49 70.60 -8.79
CA SER C 705 -20.70 69.89 -8.37
C SER C 705 -21.54 70.69 -7.39
N GLY C 706 -20.93 71.64 -6.68
CA GLY C 706 -21.64 72.45 -5.72
C GLY C 706 -21.80 71.85 -4.34
N VAL C 707 -21.32 70.63 -4.12
CA VAL C 707 -21.42 70.02 -2.80
C VAL C 707 -20.44 70.67 -1.84
N ASP C 708 -20.88 70.87 -0.61
CA ASP C 708 -20.06 71.49 0.43
C ASP C 708 -19.30 70.47 1.27
N LEU C 709 -19.46 69.18 0.98
CA LEU C 709 -18.84 68.07 1.70
C LEU C 709 -19.29 67.99 3.16
N HIS C 710 -20.29 68.78 3.55
CA HIS C 710 -20.84 68.75 4.91
C HIS C 710 -22.26 68.22 4.95
N GLU C 711 -23.13 68.70 4.06
CA GLU C 711 -24.50 68.20 4.03
C GLU C 711 -24.55 66.73 3.63
N LEU C 712 -23.72 66.33 2.67
CA LEU C 712 -23.67 64.93 2.27
C LEU C 712 -23.20 64.05 3.42
N ALA C 713 -22.19 64.51 4.16
CA ALA C 713 -21.72 63.74 5.32
C ALA C 713 -22.79 63.67 6.39
N ASP C 714 -23.52 64.75 6.62
CA ASP C 714 -24.59 64.74 7.60
C ASP C 714 -25.69 63.76 7.20
N ARG C 715 -26.06 63.75 5.92
CA ARG C 715 -27.03 62.77 5.43
C ARG C 715 -26.48 61.35 5.46
N THR C 716 -25.15 61.20 5.42
CA THR C 716 -24.51 59.88 5.50
C THR C 716 -24.07 59.61 6.94
N GLU C 717 -25.07 59.42 7.80
CA GLU C 717 -24.82 59.14 9.21
C GLU C 717 -25.02 57.68 9.58
N GLY C 718 -25.79 56.93 8.80
CA GLY C 718 -26.05 55.54 9.06
C GLY C 718 -25.26 54.56 8.21
N TYR C 719 -24.21 55.03 7.53
CA TYR C 719 -23.42 54.16 6.68
C TYR C 719 -22.12 53.77 7.36
N SER C 720 -21.31 52.98 6.67
CA SER C 720 -20.00 52.56 7.15
C SER C 720 -18.96 52.85 6.06
N GLY C 721 -17.69 52.68 6.41
CA GLY C 721 -16.62 52.98 5.47
C GLY C 721 -16.74 52.19 4.18
N ALA C 722 -17.00 50.89 4.28
CA ALA C 722 -17.27 50.09 3.09
C ALA C 722 -18.54 50.58 2.41
N GLU C 723 -19.58 50.89 3.19
CA GLU C 723 -20.80 51.43 2.60
C GLU C 723 -20.56 52.79 1.96
N VAL C 724 -19.74 53.63 2.59
CA VAL C 724 -19.44 54.94 2.02
C VAL C 724 -18.69 54.80 0.69
N VAL C 725 -17.70 53.91 0.64
CA VAL C 725 -16.94 53.75 -0.60
C VAL C 725 -17.81 53.12 -1.68
N LEU C 726 -18.73 52.22 -1.29
CA LEU C 726 -19.67 51.67 -2.27
C LEU C 726 -20.60 52.76 -2.80
N LEU C 727 -21.05 53.65 -1.92
CA LEU C 727 -21.89 54.78 -2.36
C LEU C 727 -21.13 55.68 -3.32
N CYS C 728 -19.86 55.95 -3.02
CA CYS C 728 -19.04 56.77 -3.91
C CYS C 728 -18.85 56.09 -5.27
N GLN C 729 -18.63 54.78 -5.27
CA GLN C 729 -18.50 54.05 -6.53
C GLN C 729 -19.81 54.10 -7.32
N GLU C 730 -20.95 53.94 -6.63
CA GLU C 730 -22.23 54.02 -7.32
C GLU C 730 -22.46 55.41 -7.91
N ALA C 731 -22.08 56.46 -7.18
CA ALA C 731 -22.20 57.81 -7.70
C ALA C 731 -21.31 58.01 -8.92
N GLY C 732 -20.09 57.47 -8.88
CA GLY C 732 -19.20 57.56 -10.03
C GLY C 732 -19.77 56.85 -11.25
N LEU C 733 -20.31 55.64 -11.06
CA LEU C 733 -20.94 54.93 -12.15
C LEU C 733 -22.13 55.70 -12.70
N ALA C 734 -22.94 56.30 -11.82
CA ALA C 734 -24.07 57.10 -12.27
C ALA C 734 -23.61 58.29 -13.09
N ALA C 735 -22.52 58.94 -12.67
CA ALA C 735 -21.99 60.07 -13.43
C ALA C 735 -21.46 59.62 -14.79
N ILE C 736 -20.79 58.47 -14.84
CA ILE C 736 -20.14 58.08 -16.09
C ILE C 736 -21.08 57.37 -17.06
N MET C 737 -22.22 56.84 -16.60
CA MET C 737 -23.12 56.19 -17.54
C MET C 737 -23.90 57.19 -18.40
N GLU C 738 -23.82 58.48 -18.11
CA GLU C 738 -24.59 59.47 -18.86
C GLU C 738 -23.90 59.81 -20.18
N ASP C 739 -22.68 60.34 -20.11
CA ASP C 739 -21.95 60.77 -21.30
C ASP C 739 -20.49 60.31 -21.23
N LEU C 740 -20.29 59.05 -20.84
CA LEU C 740 -18.96 58.41 -20.80
C LEU C 740 -18.08 59.17 -19.81
N ASP C 741 -16.96 59.73 -20.24
CA ASP C 741 -16.05 60.39 -19.31
C ASP C 741 -16.67 61.67 -18.74
N VAL C 742 -16.50 61.86 -17.43
CA VAL C 742 -17.00 63.03 -16.73
C VAL C 742 -15.90 63.55 -15.81
N ALA C 743 -15.81 64.87 -15.69
CA ALA C 743 -14.85 65.50 -14.80
C ALA C 743 -15.37 65.69 -13.38
N LYS C 744 -16.65 65.39 -13.15
CA LYS C 744 -17.26 65.58 -11.83
C LYS C 744 -18.48 64.68 -11.72
N VAL C 745 -18.95 64.50 -10.49
CA VAL C 745 -20.17 63.77 -10.20
C VAL C 745 -21.19 64.75 -9.63
N GLU C 746 -22.39 64.73 -10.18
CA GLU C 746 -23.42 65.70 -9.79
C GLU C 746 -24.13 65.24 -8.53
N LEU C 747 -24.81 66.20 -7.88
CA LEU C 747 -25.54 65.90 -6.65
C LEU C 747 -26.72 64.98 -6.91
N ARG C 748 -27.37 65.10 -8.07
CA ARG C 748 -28.50 64.24 -8.38
C ARG C 748 -28.06 62.78 -8.49
N HIS C 749 -26.90 62.54 -9.10
CA HIS C 749 -26.38 61.18 -9.16
C HIS C 749 -26.07 60.63 -7.79
N PHE C 750 -25.52 61.47 -6.91
CA PHE C 750 -25.25 61.04 -5.54
C PHE C 750 -26.54 60.69 -4.81
N GLU C 751 -27.59 61.50 -5.00
CA GLU C 751 -28.87 61.21 -4.37
C GLU C 751 -29.48 59.92 -4.91
N LYS C 752 -29.37 59.70 -6.22
CA LYS C 752 -29.88 58.46 -6.81
C LYS C 752 -29.13 57.25 -6.26
N ALA C 753 -27.81 57.35 -6.13
CA ALA C 753 -27.03 56.27 -5.56
C ALA C 753 -27.40 56.03 -4.10
N PHE C 754 -27.64 57.10 -3.35
CA PHE C 754 -28.04 56.96 -1.95
C PHE C 754 -29.39 56.25 -1.84
N LYS C 755 -30.34 56.61 -2.71
CA LYS C 755 -31.63 55.92 -2.71
C LYS C 755 -31.51 54.47 -3.19
N GLY C 756 -30.56 54.17 -4.05
CA GLY C 756 -30.44 52.82 -4.58
C GLY C 756 -30.03 51.80 -3.52
N ILE C 757 -29.11 52.18 -2.64
CA ILE C 757 -28.56 51.27 -1.65
C ILE C 757 -29.06 51.68 -0.27
N ALA C 758 -29.49 50.71 0.52
CA ALA C 758 -30.01 50.95 1.85
C ALA C 758 -28.85 51.14 2.84
N ARG C 759 -29.17 51.17 4.13
CA ARG C 759 -28.14 51.38 5.15
C ARG C 759 -27.17 50.21 5.20
N GLY C 760 -27.69 48.98 5.28
CA GLY C 760 -26.86 47.80 5.38
C GLY C 760 -26.41 47.45 6.78
N ILE C 761 -26.71 48.27 7.78
CA ILE C 761 -26.36 48.00 9.17
C ILE C 761 -27.60 48.20 10.03
N THR C 762 -27.83 47.27 10.95
CA THR C 762 -29.03 47.26 11.77
C THR C 762 -28.72 47.64 13.22
N PRO C 763 -29.66 48.28 13.91
CA PRO C 763 -29.38 48.71 15.30
C PRO C 763 -29.11 47.57 16.27
N GLU C 764 -29.70 46.39 16.08
CA GLU C 764 -29.58 45.35 17.10
C GLU C 764 -28.16 44.80 17.21
N MET C 765 -27.41 44.74 16.10
CA MET C 765 -26.02 44.35 16.21
C MET C 765 -25.19 45.37 16.97
N LEU C 766 -25.48 46.67 16.77
CA LEU C 766 -24.81 47.70 17.54
C LEU C 766 -25.12 47.58 19.03
N SER C 767 -26.39 47.30 19.36
CA SER C 767 -26.76 47.09 20.76
C SER C 767 -26.06 45.86 21.33
N TYR C 768 -25.92 44.80 20.52
CA TYR C 768 -25.21 43.60 20.95
C TYR C 768 -23.74 43.91 21.23
N TYR C 769 -23.11 44.68 20.35
CA TYR C 769 -21.73 45.10 20.60
C TYR C 769 -21.61 45.93 21.86
N GLU C 770 -22.57 46.85 22.07
CA GLU C 770 -22.54 47.69 23.27
C GLU C 770 -22.69 46.85 24.54
N GLU C 771 -23.61 45.89 24.54
CA GLU C 771 -23.80 45.07 25.74
C GLU C 771 -22.64 44.12 25.96
N PHE C 772 -21.96 43.68 24.89
CA PHE C 772 -20.72 42.95 25.06
C PHE C 772 -19.65 43.84 25.69
N ALA C 773 -19.57 45.10 25.26
CA ALA C 773 -18.61 46.03 25.85
C ALA C 773 -18.92 46.31 27.31
N LEU C 774 -20.21 46.27 27.69
CA LEU C 774 -20.57 46.50 29.08
C LEU C 774 -19.98 45.45 30.00
N ARG C 775 -20.03 44.18 29.60
CA ARG C 775 -19.50 43.10 30.41
C ARG C 775 -18.00 42.92 30.26
N SER C 776 -17.37 43.66 29.35
CA SER C 776 -15.93 43.55 29.14
C SER C 776 -15.17 44.57 29.98
N LYS D 29 24.81 -36.18 -20.35
CA LYS D 29 23.58 -36.80 -19.89
C LYS D 29 23.41 -36.60 -18.39
N LEU D 30 23.99 -37.51 -17.59
CA LEU D 30 23.95 -37.47 -16.14
C LEU D 30 22.52 -37.43 -15.63
N PRO D 31 21.76 -38.52 -15.77
CA PRO D 31 20.38 -38.52 -15.29
C PRO D 31 20.32 -38.83 -13.79
N ALA D 32 19.73 -37.90 -13.03
CA ALA D 32 19.66 -38.02 -11.58
C ALA D 32 18.43 -38.79 -11.12
N GLU D 33 17.27 -38.48 -11.71
CA GLU D 33 16.01 -39.11 -11.33
C GLU D 33 15.30 -39.63 -12.57
N PHE D 34 14.47 -40.65 -12.37
CA PHE D 34 13.77 -41.32 -13.45
C PHE D 34 12.30 -41.47 -13.11
N ILE D 35 11.47 -41.50 -14.15
CA ILE D 35 10.02 -41.64 -14.02
C ILE D 35 9.62 -43.06 -14.37
N THR D 36 8.74 -43.63 -13.57
CA THR D 36 8.32 -45.02 -13.75
C THR D 36 7.49 -45.17 -15.03
N ARG D 37 7.41 -46.41 -15.51
CA ARG D 37 6.65 -46.75 -16.70
C ARG D 37 6.18 -48.20 -16.60
N PRO D 38 4.91 -48.49 -16.91
CA PRO D 38 4.43 -49.86 -16.84
C PRO D 38 5.12 -50.76 -17.85
N HIS D 39 5.30 -52.02 -17.47
CA HIS D 39 5.93 -52.98 -18.36
C HIS D 39 4.94 -53.44 -19.42
N PRO D 40 5.24 -53.28 -20.71
CA PRO D 40 4.26 -53.64 -21.74
C PRO D 40 4.33 -55.11 -22.16
N SER D 41 3.44 -55.49 -23.08
CA SER D 41 3.41 -56.79 -23.72
C SER D 41 2.95 -57.90 -22.79
N LYS D 42 2.76 -57.57 -21.50
CA LYS D 42 2.30 -58.53 -20.50
C LYS D 42 3.12 -59.82 -20.54
N ASP D 43 2.45 -60.93 -20.81
CA ASP D 43 3.07 -62.26 -20.90
C ASP D 43 3.78 -62.55 -19.58
N HIS D 44 4.93 -63.24 -19.64
CA HIS D 44 5.75 -63.47 -18.47
C HIS D 44 7.07 -62.72 -18.54
N GLY D 45 7.86 -62.94 -19.60
CA GLY D 45 9.16 -62.31 -19.72
C GLY D 45 10.02 -62.58 -18.51
N LYS D 46 10.27 -61.54 -17.71
CA LYS D 46 10.91 -61.70 -16.41
C LYS D 46 9.95 -61.29 -15.29
N GLU D 47 9.21 -60.19 -15.51
CA GLU D 47 8.03 -59.83 -14.72
C GLU D 47 8.37 -59.33 -13.32
N THR D 48 9.62 -59.46 -12.91
CA THR D 48 10.01 -58.97 -11.59
C THR D 48 11.24 -58.07 -11.62
N CYS D 49 12.20 -58.36 -12.50
CA CYS D 49 13.45 -57.62 -12.54
C CYS D 49 13.74 -57.12 -13.95
N THR D 50 12.72 -56.58 -14.62
CA THR D 50 12.86 -56.13 -16.00
C THR D 50 13.91 -55.02 -16.10
N ALA D 51 13.63 -53.87 -15.51
CA ALA D 51 14.55 -52.74 -15.43
C ALA D 51 15.21 -52.46 -16.77
N TYR D 52 14.38 -52.10 -17.74
CA TYR D 52 14.85 -51.76 -19.09
C TYR D 52 15.48 -50.37 -19.05
N ILE D 53 16.74 -50.33 -18.63
CA ILE D 53 17.48 -49.08 -18.48
C ILE D 53 18.38 -48.90 -19.68
N HIS D 54 18.65 -47.65 -20.03
CA HIS D 54 19.49 -47.35 -21.18
C HIS D 54 20.91 -47.84 -20.92
N PRO D 55 21.59 -48.38 -21.93
CA PRO D 55 22.96 -48.87 -21.72
C PRO D 55 23.93 -47.79 -21.24
N ASN D 56 23.73 -46.54 -21.67
CA ASN D 56 24.56 -45.46 -21.16
C ASN D 56 24.38 -45.28 -19.66
N VAL D 57 23.14 -45.40 -19.18
CA VAL D 57 22.90 -45.35 -17.75
C VAL D 57 23.50 -46.57 -17.05
N LEU D 58 23.48 -47.72 -17.72
CA LEU D 58 24.10 -48.91 -17.14
C LEU D 58 25.59 -48.72 -16.95
N SER D 59 26.26 -48.12 -17.94
CA SER D 59 27.70 -47.88 -17.82
C SER D 59 28.01 -46.74 -16.87
N SER D 60 27.10 -45.77 -16.74
CA SER D 60 27.36 -44.62 -15.88
C SER D 60 27.29 -44.99 -14.40
N LEU D 61 26.57 -46.05 -14.06
CA LEU D 61 26.44 -46.47 -12.67
C LEU D 61 27.59 -47.37 -12.21
N GLU D 62 28.51 -47.71 -13.13
CA GLU D 62 29.70 -48.50 -12.81
C GLU D 62 29.34 -49.86 -12.21
N ILE D 63 28.30 -50.48 -12.75
CA ILE D 63 27.89 -51.82 -12.33
C ILE D 63 27.44 -52.61 -13.55
N ASN D 64 27.80 -53.88 -13.60
CA ASN D 64 27.41 -54.73 -14.71
C ASN D 64 25.89 -54.88 -14.73
N PRO D 65 25.27 -54.87 -15.91
CA PRO D 65 23.80 -55.00 -15.96
C PRO D 65 23.27 -56.28 -15.32
N GLY D 66 24.04 -57.36 -15.36
CA GLY D 66 23.61 -58.60 -14.73
C GLY D 66 23.76 -58.58 -13.23
N SER D 67 23.11 -57.63 -12.57
CA SER D 67 23.17 -57.49 -11.12
C SER D 67 21.93 -56.73 -10.66
N PHE D 68 21.92 -56.40 -9.36
CA PHE D 68 20.77 -55.71 -8.77
C PHE D 68 20.82 -54.22 -9.06
N CYS D 69 19.64 -53.62 -9.17
CA CYS D 69 19.48 -52.18 -9.28
C CYS D 69 18.57 -51.70 -8.16
N THR D 70 18.51 -50.38 -7.99
CA THR D 70 17.75 -49.79 -6.90
C THR D 70 16.94 -48.60 -7.41
N VAL D 71 15.70 -48.48 -6.94
CA VAL D 71 14.81 -47.39 -7.30
C VAL D 71 14.40 -46.66 -6.02
N GLY D 72 14.53 -45.33 -6.04
CA GLY D 72 14.45 -44.56 -4.81
C GLY D 72 13.09 -43.99 -4.43
N LYS D 73 12.46 -43.25 -5.34
CA LYS D 73 11.22 -42.52 -5.06
C LYS D 73 11.42 -41.54 -3.90
N ILE D 74 12.32 -40.57 -4.13
CA ILE D 74 12.66 -39.48 -3.22
C ILE D 74 12.70 -39.93 -1.76
N GLY D 75 13.68 -40.79 -1.44
CA GLY D 75 13.85 -41.26 -0.09
C GLY D 75 13.63 -42.76 0.05
N GLU D 76 13.11 -43.18 1.21
CA GLU D 76 12.77 -44.59 1.46
C GLU D 76 14.00 -45.48 1.29
N ASN D 77 14.93 -45.31 2.21
CA ASN D 77 16.20 -46.05 2.18
C ASN D 77 15.96 -47.55 2.05
N GLY D 78 16.95 -48.23 1.48
CA GLY D 78 16.78 -49.60 1.03
C GLY D 78 16.65 -49.58 -0.48
N ILE D 79 15.89 -48.60 -0.96
CA ILE D 79 15.85 -48.19 -2.37
C ILE D 79 15.40 -49.36 -3.25
N LEU D 80 14.66 -50.30 -2.67
CA LEU D 80 13.96 -51.35 -3.41
C LEU D 80 14.91 -52.12 -4.33
N VAL D 81 15.84 -52.84 -3.72
CA VAL D 81 16.85 -53.59 -4.45
C VAL D 81 16.19 -54.63 -5.35
N ILE D 82 16.34 -54.46 -6.66
CA ILE D 82 15.76 -55.35 -7.67
C ILE D 82 16.79 -55.56 -8.76
N ALA D 83 16.84 -56.78 -9.29
CA ALA D 83 17.82 -57.09 -10.34
C ALA D 83 17.51 -56.30 -11.61
N ARG D 84 18.51 -56.22 -12.48
CA ARG D 84 18.48 -55.32 -13.63
C ARG D 84 18.77 -56.08 -14.91
N ALA D 85 18.32 -55.51 -16.02
CA ALA D 85 18.59 -56.04 -17.36
C ALA D 85 18.79 -54.87 -18.30
N GLY D 86 18.80 -55.15 -19.60
CA GLY D 86 19.01 -54.13 -20.62
C GLY D 86 17.86 -54.07 -21.59
N ASP D 87 17.69 -52.89 -22.20
CA ASP D 87 16.62 -52.65 -23.16
C ASP D 87 17.14 -52.81 -24.58
N GLU D 88 16.30 -52.46 -25.55
CA GLU D 88 16.64 -52.52 -26.97
C GLU D 88 16.84 -51.14 -27.58
N GLU D 89 17.24 -50.15 -26.76
CA GLU D 89 17.52 -48.79 -27.18
C GLU D 89 16.26 -48.03 -27.60
N VAL D 90 15.12 -48.72 -27.64
CA VAL D 90 13.85 -48.04 -27.91
C VAL D 90 13.40 -47.26 -26.69
N HIS D 91 13.57 -47.84 -25.50
CA HIS D 91 13.15 -47.19 -24.26
C HIS D 91 14.00 -45.95 -24.01
N PRO D 92 13.39 -44.77 -23.85
CA PRO D 92 14.18 -43.57 -23.58
C PRO D 92 14.76 -43.58 -22.18
N VAL D 93 15.72 -42.67 -21.96
CA VAL D 93 16.44 -42.63 -20.70
C VAL D 93 15.52 -42.26 -19.53
N ASN D 94 14.62 -41.31 -19.76
CA ASN D 94 13.84 -40.75 -18.65
C ASN D 94 12.96 -41.81 -18.00
N VAL D 95 12.28 -42.63 -18.79
CA VAL D 95 11.32 -43.58 -18.25
C VAL D 95 12.01 -44.91 -17.96
N ILE D 96 11.50 -45.61 -16.94
CA ILE D 96 12.04 -46.91 -16.53
C ILE D 96 10.86 -47.85 -16.27
N THR D 97 11.02 -49.11 -16.65
CA THR D 97 10.00 -50.13 -16.46
C THR D 97 10.44 -51.08 -15.35
N LEU D 98 9.56 -51.28 -14.36
CA LEU D 98 9.87 -52.16 -13.24
C LEU D 98 8.67 -53.01 -12.84
N SER D 99 7.77 -53.29 -13.79
CA SER D 99 6.67 -54.24 -13.65
C SER D 99 5.56 -53.75 -12.72
N THR D 100 4.31 -54.11 -13.06
CA THR D 100 3.16 -53.67 -12.28
C THR D 100 3.15 -54.28 -10.89
N THR D 101 3.70 -55.49 -10.74
CA THR D 101 3.77 -56.11 -9.42
C THR D 101 4.57 -55.24 -8.45
N ILE D 102 5.78 -54.84 -8.85
CA ILE D 102 6.61 -53.98 -8.00
C ILE D 102 5.99 -52.60 -7.89
N ARG D 103 5.38 -52.11 -8.97
CA ARG D 103 4.69 -50.82 -8.90
C ARG D 103 3.64 -50.81 -7.79
N SER D 104 2.87 -51.89 -7.68
CA SER D 104 1.84 -51.98 -6.64
C SER D 104 2.45 -52.23 -5.27
N VAL D 105 3.48 -53.09 -5.19
CA VAL D 105 4.08 -53.42 -3.90
C VAL D 105 4.68 -52.17 -3.26
N GLY D 106 5.41 -51.39 -4.05
CA GLY D 106 5.95 -50.14 -3.57
C GLY D 106 4.99 -48.98 -3.61
N ASN D 107 3.74 -49.22 -4.06
CA ASN D 107 2.75 -48.16 -4.23
C ASN D 107 3.28 -47.05 -5.13
N LEU D 108 3.97 -47.45 -6.19
CA LEU D 108 4.63 -46.51 -7.09
C LEU D 108 3.63 -46.06 -8.15
N ILE D 109 3.08 -44.86 -7.97
CA ILE D 109 2.19 -44.27 -8.96
C ILE D 109 3.03 -43.68 -10.08
N LEU D 110 2.39 -43.38 -11.21
CA LEU D 110 3.12 -42.82 -12.34
C LEU D 110 3.52 -41.38 -12.06
N GLY D 111 4.56 -40.92 -12.74
CA GLY D 111 5.02 -39.55 -12.65
C GLY D 111 5.97 -39.26 -11.50
N ASP D 112 6.19 -40.21 -10.60
CA ASP D 112 7.13 -40.00 -9.51
C ASP D 112 8.57 -40.18 -9.98
N ARG D 113 9.50 -39.52 -9.29
CA ARG D 113 10.91 -39.50 -9.67
C ARG D 113 11.64 -40.60 -8.89
N LEU D 114 12.28 -41.51 -9.62
CA LEU D 114 12.98 -42.64 -9.01
C LEU D 114 14.49 -42.40 -9.09
N GLU D 115 15.18 -42.59 -7.98
CA GLU D 115 16.63 -42.42 -7.92
C GLU D 115 17.34 -43.76 -8.09
N LEU D 116 18.46 -43.73 -8.79
CA LEU D 116 19.29 -44.90 -9.05
C LEU D 116 20.50 -44.88 -8.12
N LYS D 117 20.81 -46.02 -7.51
CA LYS D 117 21.97 -46.15 -6.66
C LYS D 117 22.59 -47.52 -6.87
N LYS D 118 23.74 -47.73 -6.25
CA LYS D 118 24.44 -49.00 -6.36
C LYS D 118 23.69 -50.10 -5.62
N ALA D 119 23.97 -51.34 -6.01
CA ALA D 119 23.28 -52.48 -5.44
C ALA D 119 23.74 -52.74 -4.00
N GLN D 120 22.97 -53.56 -3.30
CA GLN D 120 23.24 -53.95 -1.92
C GLN D 120 23.66 -55.42 -1.89
N VAL D 121 24.30 -55.81 -0.78
CA VAL D 121 24.86 -57.16 -0.69
C VAL D 121 23.75 -58.20 -0.76
N GLN D 122 24.11 -59.39 -1.22
CA GLN D 122 23.12 -60.44 -1.44
C GLN D 122 22.57 -60.95 -0.12
N PRO D 123 21.25 -61.01 0.05
CA PRO D 123 20.69 -61.58 1.27
C PRO D 123 20.96 -63.08 1.33
N PRO D 124 21.03 -63.67 2.53
CA PRO D 124 21.40 -65.08 2.64
C PRO D 124 20.40 -66.05 1.99
N TYR D 125 19.14 -66.02 2.42
CA TYR D 125 18.17 -67.01 1.99
C TYR D 125 16.79 -66.63 2.55
N ALA D 126 15.78 -67.38 2.12
CA ALA D 126 14.42 -67.25 2.62
C ALA D 126 14.10 -68.43 3.53
N THR D 127 13.32 -68.16 4.58
CA THR D 127 13.11 -69.15 5.64
C THR D 127 11.79 -69.89 5.49
N LYS D 128 10.66 -69.17 5.47
CA LYS D 128 9.34 -69.78 5.57
C LYS D 128 8.54 -69.71 4.28
N VAL D 129 8.39 -68.52 3.70
CA VAL D 129 7.53 -68.16 2.58
C VAL D 129 6.11 -68.70 2.74
N THR D 130 5.13 -67.79 2.76
CA THR D 130 3.74 -68.16 3.04
C THR D 130 2.81 -67.33 2.17
N VAL D 131 1.79 -67.99 1.61
CA VAL D 131 0.81 -67.32 0.76
C VAL D 131 -0.36 -66.84 1.61
N GLY D 132 -1.07 -65.83 1.11
CA GLY D 132 -2.16 -65.24 1.84
C GLY D 132 -3.54 -65.38 1.19
N SER D 133 -3.58 -65.40 -0.14
CA SER D 133 -4.82 -65.55 -0.90
C SER D 133 -5.83 -64.45 -0.53
N LEU D 134 -5.45 -63.22 -0.88
CA LEU D 134 -6.27 -62.06 -0.56
C LEU D 134 -7.62 -62.12 -1.27
N GLN D 135 -8.56 -61.35 -0.73
CA GLN D 135 -9.95 -61.24 -1.24
C GLN D 135 -10.56 -62.60 -1.53
N GLY D 136 -10.15 -63.62 -0.79
CA GLY D 136 -10.69 -64.95 -0.97
C GLY D 136 -10.83 -65.65 0.37
N TYR D 137 -11.66 -66.70 0.36
CA TYR D 137 -11.90 -67.49 1.56
C TYR D 137 -10.84 -68.57 1.77
N ASN D 138 -9.87 -68.68 0.87
CA ASN D 138 -8.79 -69.65 0.95
C ASN D 138 -9.31 -71.08 0.95
N ILE D 139 -8.49 -72.02 1.42
CA ILE D 139 -8.79 -73.45 1.38
C ILE D 139 -9.17 -73.82 -0.05
N LEU D 140 -8.21 -73.75 -0.97
CA LEU D 140 -8.48 -74.11 -2.35
C LEU D 140 -8.04 -75.55 -2.64
N GLU D 141 -6.95 -75.99 -2.03
CA GLU D 141 -6.47 -77.38 -2.11
C GLU D 141 -6.32 -77.85 -3.55
N CYS D 142 -7.42 -78.36 -4.14
CA CYS D 142 -7.35 -78.91 -5.49
C CYS D 142 -7.01 -77.84 -6.52
N MET D 143 -7.58 -76.65 -6.37
CA MET D 143 -7.35 -75.59 -7.35
C MET D 143 -5.91 -75.08 -7.32
N GLU D 144 -5.18 -75.36 -6.25
CA GLU D 144 -3.78 -74.93 -6.13
C GLU D 144 -2.93 -75.52 -7.25
N GLU D 145 -2.78 -76.84 -7.26
CA GLU D 145 -1.99 -77.55 -8.27
C GLU D 145 -0.57 -76.97 -8.37
N LYS D 146 0.10 -76.89 -7.23
CA LYS D 146 1.50 -76.47 -7.14
C LYS D 146 1.70 -75.05 -7.69
N VAL D 147 1.07 -74.09 -7.02
CA VAL D 147 1.32 -72.68 -7.34
C VAL D 147 2.75 -72.29 -6.97
N ILE D 148 3.40 -73.07 -6.10
CA ILE D 148 4.74 -72.73 -5.62
C ILE D 148 5.72 -72.62 -6.78
N GLN D 149 5.62 -73.52 -7.76
CA GLN D 149 6.52 -73.48 -8.90
C GLN D 149 6.34 -72.18 -9.69
N LYS D 150 5.08 -71.79 -9.93
CA LYS D 150 4.82 -70.55 -10.67
C LYS D 150 5.30 -69.34 -9.88
N LEU D 151 5.10 -69.33 -8.56
CA LEU D 151 5.48 -68.18 -7.77
C LEU D 151 6.99 -68.02 -7.69
N LEU D 152 7.70 -69.12 -7.42
CA LEU D 152 9.14 -69.06 -7.17
C LEU D 152 9.98 -69.25 -8.42
N ASP D 153 9.38 -69.56 -9.57
CA ASP D 153 10.16 -69.68 -10.79
C ASP D 153 10.73 -68.34 -11.25
N ASP D 154 10.16 -67.24 -10.78
CA ASP D 154 10.61 -65.91 -11.16
C ASP D 154 11.84 -65.52 -10.35
N SER D 155 12.78 -64.85 -11.02
CA SER D 155 13.95 -64.32 -10.33
C SER D 155 13.58 -63.10 -9.50
N GLY D 156 14.47 -62.72 -8.59
CA GLY D 156 14.21 -61.59 -7.73
C GLY D 156 13.52 -61.99 -6.44
N VAL D 157 12.19 -61.87 -6.42
CA VAL D 157 11.36 -62.27 -5.28
C VAL D 157 11.71 -61.42 -4.06
N ILE D 158 11.10 -60.24 -3.97
CA ILE D 158 11.24 -59.39 -2.79
C ILE D 158 10.27 -59.91 -1.75
N MET D 159 10.75 -60.83 -0.91
CA MET D 159 9.99 -61.77 -0.09
C MET D 159 8.70 -61.22 0.50
N PRO D 160 8.70 -60.11 1.24
CA PRO D 160 7.46 -59.69 1.92
C PRO D 160 6.30 -59.36 0.98
N GLY D 161 6.56 -58.77 -0.19
CA GLY D 161 5.45 -58.35 -1.01
C GLY D 161 5.49 -58.66 -2.49
N MET D 162 4.55 -59.48 -2.95
CA MET D 162 4.27 -59.69 -4.37
C MET D 162 2.76 -59.83 -4.55
N ILE D 163 2.29 -59.45 -5.74
CA ILE D 163 0.94 -59.78 -6.17
C ILE D 163 1.02 -60.27 -7.61
N PHE D 164 0.20 -61.27 -7.94
CA PHE D 164 0.18 -61.85 -9.28
C PHE D 164 -1.25 -62.04 -9.74
N GLN D 165 -1.44 -62.01 -11.06
CA GLN D 165 -2.74 -62.26 -11.65
C GLN D 165 -3.09 -63.73 -11.53
N ASN D 166 -4.40 -64.02 -11.58
CA ASN D 166 -4.86 -65.40 -11.48
C ASN D 166 -4.39 -66.25 -12.65
N LEU D 167 -4.18 -65.63 -13.82
CA LEU D 167 -3.80 -66.34 -15.04
C LEU D 167 -4.84 -67.41 -15.38
N LYS D 168 -4.43 -68.41 -16.14
CA LYS D 168 -5.32 -69.50 -16.56
C LYS D 168 -4.89 -70.78 -15.84
N THR D 169 -5.65 -71.16 -14.82
CA THR D 169 -5.40 -72.39 -14.06
C THR D 169 -6.66 -73.23 -14.09
N LYS D 170 -6.56 -74.44 -14.65
CA LYS D 170 -7.64 -75.42 -14.76
C LYS D 170 -8.97 -74.77 -15.14
N ALA D 171 -10.07 -75.27 -14.58
CA ALA D 171 -11.39 -74.71 -14.80
C ALA D 171 -11.78 -73.83 -13.62
N GLY D 172 -13.02 -73.35 -13.65
CA GLY D 172 -13.54 -72.50 -12.58
C GLY D 172 -13.13 -71.05 -12.65
N ASP D 173 -12.60 -70.60 -13.79
CA ASP D 173 -12.16 -69.23 -14.08
C ASP D 173 -11.82 -68.40 -12.83
N GLU D 174 -12.54 -67.29 -12.63
CA GLU D 174 -12.44 -66.36 -11.51
C GLU D 174 -11.02 -65.81 -11.33
N SER D 175 -10.83 -64.92 -10.36
CA SER D 175 -9.55 -64.28 -10.14
C SER D 175 -9.25 -64.21 -8.64
N ILE D 176 -7.98 -64.43 -8.30
CA ILE D 176 -7.51 -64.33 -6.93
C ILE D 176 -6.11 -63.73 -6.92
N ASP D 177 -5.77 -63.08 -5.81
CA ASP D 177 -4.42 -62.57 -5.56
C ASP D 177 -3.96 -63.07 -4.21
N VAL D 178 -2.64 -63.24 -4.06
CA VAL D 178 -2.05 -63.84 -2.87
C VAL D 178 -1.24 -62.78 -2.12
N VAL D 179 -1.07 -62.99 -0.82
CA VAL D 179 -0.26 -62.14 0.03
C VAL D 179 0.89 -62.97 0.57
N ILE D 180 2.11 -62.45 0.43
CA ILE D 180 3.31 -63.23 0.69
C ILE D 180 4.10 -62.59 1.84
N THR D 181 3.38 -61.93 2.75
CA THR D 181 4.04 -61.19 3.82
C THR D 181 4.69 -62.14 4.83
N ASP D 182 3.96 -63.17 5.26
CA ASP D 182 4.40 -63.98 6.40
C ASP D 182 5.75 -64.63 6.12
N ALA D 183 6.67 -64.46 7.06
CA ALA D 183 8.02 -65.02 6.97
C ALA D 183 8.68 -64.93 8.33
N SER D 184 9.77 -65.67 8.49
CA SER D 184 10.55 -65.69 9.74
C SER D 184 12.04 -65.58 9.43
N ASP D 185 12.39 -64.62 8.57
CA ASP D 185 13.78 -64.39 8.21
C ASP D 185 14.26 -63.08 8.82
N ASP D 186 15.46 -63.11 9.40
CA ASP D 186 16.05 -61.95 10.05
C ASP D 186 17.23 -61.45 9.24
N SER D 187 17.25 -60.15 8.97
CA SER D 187 18.33 -59.51 8.23
C SER D 187 19.03 -58.50 9.13
N LEU D 188 20.36 -58.57 9.18
CA LEU D 188 21.12 -57.64 10.00
C LEU D 188 20.94 -56.18 9.58
N PRO D 189 21.05 -55.80 8.31
CA PRO D 189 20.85 -54.38 7.96
C PRO D 189 19.37 -54.03 7.91
N ASP D 190 18.95 -53.10 8.76
CA ASP D 190 17.58 -52.60 8.76
C ASP D 190 17.37 -51.48 7.74
N VAL D 191 18.43 -51.07 7.04
CA VAL D 191 18.29 -50.02 6.04
C VAL D 191 17.42 -50.48 4.87
N SER D 192 17.49 -51.77 4.53
CA SER D 192 16.72 -52.29 3.41
C SER D 192 15.23 -52.04 3.63
N GLN D 193 14.57 -51.53 2.59
CA GLN D 193 13.16 -51.17 2.70
C GLN D 193 12.29 -52.40 2.94
N LEU D 194 12.54 -53.48 2.20
CA LEU D 194 11.68 -54.65 2.29
C LEU D 194 12.50 -55.95 2.25
N ASP D 195 13.77 -55.89 2.63
CA ASP D 195 14.63 -57.04 2.92
C ASP D 195 14.38 -58.26 2.03
N LEU D 196 14.55 -58.11 0.72
CA LEU D 196 14.33 -59.18 -0.24
C LEU D 196 15.14 -60.43 0.09
N ASN D 197 14.72 -61.57 -0.44
CA ASN D 197 15.36 -62.86 -0.17
C ASN D 197 15.70 -63.54 -1.49
N MET D 198 16.44 -64.66 -1.38
CA MET D 198 16.83 -65.47 -2.52
C MET D 198 15.90 -66.67 -2.67
N ASP D 199 16.22 -67.53 -3.64
CA ASP D 199 15.37 -68.65 -4.00
C ASP D 199 16.18 -69.92 -4.14
N ASP D 200 15.53 -71.06 -3.92
CA ASP D 200 16.13 -72.37 -4.15
C ASP D 200 15.00 -73.38 -4.30
N MET D 201 14.81 -73.90 -5.51
CA MET D 201 13.68 -74.77 -5.83
C MET D 201 14.17 -76.20 -6.05
N TYR D 202 13.20 -77.12 -6.02
CA TYR D 202 13.46 -78.52 -6.39
C TYR D 202 12.18 -79.04 -7.04
N GLY D 203 12.12 -78.97 -8.36
CA GLY D 203 10.94 -79.41 -9.08
C GLY D 203 11.03 -79.03 -10.54
N GLY D 204 9.96 -79.32 -11.26
CA GLY D 204 9.88 -79.02 -12.68
C GLY D 204 8.52 -78.50 -13.07
N LEU D 205 8.47 -77.85 -14.23
CA LEU D 205 7.25 -77.29 -14.78
C LEU D 205 6.60 -76.31 -13.81
N GLY D 220 11.50 -78.28 -2.97
CA GLY D 220 10.11 -78.14 -2.56
C GLY D 220 9.91 -77.13 -1.45
N SER D 221 10.34 -75.91 -1.71
CA SER D 221 10.23 -74.78 -0.75
C SER D 221 10.99 -75.17 0.53
N THR D 222 10.57 -74.62 1.67
CA THR D 222 11.20 -74.89 2.97
C THR D 222 10.08 -75.13 3.98
N HIS D 223 9.74 -76.41 4.19
CA HIS D 223 8.77 -76.83 5.19
C HIS D 223 7.41 -76.15 4.95
N ILE D 224 6.82 -76.48 3.78
CA ILE D 224 5.49 -76.08 3.31
C ILE D 224 5.38 -74.56 3.22
N THR D 225 4.37 -74.08 2.49
CA THR D 225 4.18 -72.64 2.32
C THR D 225 2.75 -72.22 2.59
N PHE D 226 1.79 -73.13 2.44
CA PHE D 226 0.39 -72.80 2.62
C PHE D 226 0.04 -72.82 4.10
N SER D 227 -0.26 -71.64 4.65
CA SER D 227 -0.60 -71.53 6.08
C SER D 227 -1.42 -70.25 6.27
N LYS D 228 -2.72 -70.42 6.53
CA LYS D 228 -3.63 -69.33 6.92
C LYS D 228 -3.84 -68.35 5.77
N GLU D 229 -4.87 -67.51 5.88
CA GLU D 229 -5.18 -66.52 4.86
C GLU D 229 -5.00 -65.11 5.42
N THR D 230 -3.91 -64.89 6.15
CA THR D 230 -3.68 -63.61 6.80
C THR D 230 -3.46 -62.50 5.77
N GLN D 231 -3.83 -61.28 6.16
CA GLN D 231 -3.64 -60.11 5.34
C GLN D 231 -2.18 -59.64 5.48
N ALA D 232 -1.86 -58.48 4.92
CA ALA D 232 -0.50 -57.94 5.01
C ALA D 232 -0.10 -57.72 6.46
N ASN D 233 1.09 -58.20 6.81
CA ASN D 233 1.56 -58.10 8.19
C ASN D 233 1.90 -56.65 8.54
N ARG D 234 1.52 -56.25 9.76
CA ARG D 234 1.73 -54.87 10.19
C ARG D 234 3.18 -54.59 10.55
N LYS D 235 3.93 -55.60 10.99
CA LYS D 235 5.29 -55.37 11.46
C LYS D 235 6.24 -55.01 10.31
N TYR D 236 5.88 -55.33 9.07
CA TYR D 236 6.72 -54.95 7.94
C TYR D 236 6.63 -53.44 7.65
N ASN D 237 5.56 -52.80 8.10
CA ASN D 237 5.35 -51.36 7.89
C ASN D 237 5.38 -51.01 6.41
N LEU D 238 4.86 -51.91 5.59
CA LEU D 238 4.78 -51.66 4.15
C LEU D 238 3.72 -50.60 3.86
N PRO D 239 3.93 -49.79 2.83
CA PRO D 239 2.93 -48.77 2.49
C PRO D 239 1.60 -49.40 2.11
N GLU D 240 0.51 -48.76 2.55
CA GLU D 240 -0.82 -49.29 2.30
C GLU D 240 -1.38 -48.72 1.01
N PRO D 241 -1.72 -49.55 0.02
CA PRO D 241 -2.34 -49.05 -1.21
C PRO D 241 -3.77 -48.62 -0.96
N LEU D 242 -4.07 -47.37 -1.28
CA LEU D 242 -5.40 -46.83 -1.03
C LEU D 242 -6.43 -47.50 -1.93
N SER D 243 -7.59 -47.80 -1.35
CA SER D 243 -8.68 -48.45 -2.08
C SER D 243 -9.97 -47.69 -1.77
N TYR D 244 -10.96 -47.82 -2.66
CA TYR D 244 -12.23 -47.13 -2.50
C TYR D 244 -13.03 -47.61 -1.29
N ALA D 245 -12.71 -48.78 -0.74
CA ALA D 245 -13.39 -49.26 0.45
C ALA D 245 -13.08 -48.43 1.68
N ALA D 246 -11.97 -47.68 1.68
CA ALA D 246 -11.64 -46.83 2.81
C ALA D 246 -12.48 -45.55 2.84
N VAL D 247 -12.82 -45.03 1.66
CA VAL D 247 -13.58 -43.78 1.58
C VAL D 247 -15.04 -44.06 1.86
N GLY D 248 -15.64 -43.31 2.78
CA GLY D 248 -17.04 -43.47 3.11
C GLY D 248 -17.74 -42.13 3.19
N GLY D 249 -19.03 -42.15 2.90
CA GLY D 249 -19.84 -40.95 2.92
C GLY D 249 -19.62 -40.02 1.75
N LEU D 250 -18.83 -40.44 0.74
CA LEU D 250 -18.54 -39.62 -0.42
C LEU D 250 -19.01 -40.29 -1.71
N ASP D 251 -19.90 -41.29 -1.60
CA ASP D 251 -20.23 -42.11 -2.75
C ASP D 251 -21.00 -41.33 -3.82
N LYS D 252 -22.04 -40.60 -3.39
CA LYS D 252 -23.02 -40.04 -4.32
C LYS D 252 -22.37 -39.20 -5.40
N GLU D 253 -21.24 -38.57 -5.10
CA GLU D 253 -20.45 -37.91 -6.12
C GLU D 253 -19.24 -38.73 -6.57
N ILE D 254 -18.90 -39.81 -5.85
CA ILE D 254 -17.76 -40.58 -6.31
C ILE D 254 -18.12 -41.37 -7.57
N GLU D 255 -19.39 -41.78 -7.72
CA GLU D 255 -19.72 -42.46 -8.98
C GLU D 255 -19.66 -41.47 -10.14
N SER D 256 -20.07 -40.22 -9.92
CA SER D 256 -19.97 -39.21 -10.95
C SER D 256 -18.52 -38.93 -11.31
N LEU D 257 -17.64 -38.86 -10.30
CA LEU D 257 -16.22 -38.65 -10.56
C LEU D 257 -15.64 -39.84 -11.33
N LYS D 258 -16.03 -41.06 -10.96
CA LYS D 258 -15.57 -42.25 -11.67
C LYS D 258 -16.01 -42.20 -13.13
N SER D 259 -17.26 -41.84 -13.39
CA SER D 259 -17.72 -41.74 -14.77
C SER D 259 -16.97 -40.66 -15.54
N ALA D 260 -16.77 -39.49 -14.93
CA ALA D 260 -16.09 -38.39 -15.59
C ALA D 260 -14.62 -38.68 -15.84
N ILE D 261 -14.01 -39.56 -15.06
CA ILE D 261 -12.64 -39.97 -15.31
C ILE D 261 -12.57 -41.11 -16.32
N GLU D 262 -13.54 -42.02 -16.28
CA GLU D 262 -13.49 -43.21 -17.14
C GLU D 262 -13.86 -42.88 -18.58
N ILE D 263 -14.78 -41.93 -18.79
CA ILE D 263 -15.26 -41.66 -20.14
C ILE D 263 -14.13 -41.21 -21.08
N PRO D 264 -13.31 -40.21 -20.74
CA PRO D 264 -12.27 -39.81 -21.69
C PRO D 264 -11.10 -40.79 -21.74
N LEU D 265 -10.69 -41.32 -20.59
CA LEU D 265 -9.46 -42.11 -20.54
C LEU D 265 -9.65 -43.50 -21.12
N HIS D 266 -10.86 -44.04 -21.06
CA HIS D 266 -11.10 -45.42 -21.45
C HIS D 266 -11.92 -45.57 -22.73
N GLN D 267 -12.93 -44.72 -22.94
CA GLN D 267 -13.78 -44.77 -24.12
C GLN D 267 -13.87 -43.39 -24.75
N PRO D 268 -12.80 -42.92 -25.39
CA PRO D 268 -12.84 -41.60 -26.03
C PRO D 268 -13.36 -41.60 -27.46
N THR D 269 -13.37 -42.76 -28.13
CA THR D 269 -13.84 -42.82 -29.51
C THR D 269 -15.31 -42.47 -29.61
N LEU D 270 -16.13 -42.99 -28.69
CA LEU D 270 -17.57 -42.72 -28.73
C LEU D 270 -17.86 -41.24 -28.54
N PHE D 271 -17.15 -40.59 -27.62
CA PHE D 271 -17.37 -39.17 -27.40
C PHE D 271 -16.82 -38.33 -28.55
N SER D 272 -15.70 -38.76 -29.14
CA SER D 272 -15.12 -38.03 -30.27
C SER D 272 -15.98 -38.17 -31.51
N SER D 273 -16.74 -39.27 -31.63
CA SER D 273 -17.64 -39.43 -32.78
C SER D 273 -18.70 -38.34 -32.80
N PHE D 274 -19.12 -37.85 -31.64
CA PHE D 274 -20.09 -36.76 -31.59
C PHE D 274 -19.48 -35.46 -32.09
N GLY D 275 -18.20 -35.24 -31.84
CA GLY D 275 -17.51 -34.05 -32.28
C GLY D 275 -17.62 -32.86 -31.35
N VAL D 276 -18.24 -33.02 -30.18
CA VAL D 276 -18.35 -31.92 -29.22
C VAL D 276 -17.11 -31.76 -28.36
N SER D 277 -16.08 -32.59 -28.57
CA SER D 277 -14.79 -32.59 -27.87
C SER D 277 -14.97 -33.06 -26.43
N PRO D 278 -14.01 -33.78 -25.88
CA PRO D 278 -14.14 -34.28 -24.51
C PRO D 278 -13.63 -33.26 -23.50
N PRO D 279 -14.31 -33.13 -22.37
CA PRO D 279 -13.84 -32.18 -21.35
C PRO D 279 -12.51 -32.61 -20.75
N ARG D 280 -11.73 -31.61 -20.34
CA ARG D 280 -10.40 -31.85 -19.80
C ARG D 280 -10.23 -31.43 -18.35
N GLY D 281 -11.17 -30.70 -17.77
CA GLY D 281 -11.00 -30.19 -16.42
C GLY D 281 -12.21 -30.36 -15.51
N ILE D 282 -11.97 -30.85 -14.30
CA ILE D 282 -12.99 -30.98 -13.28
C ILE D 282 -12.47 -30.35 -11.99
N LEU D 283 -13.28 -29.49 -11.38
CA LEU D 283 -12.94 -28.80 -10.15
C LEU D 283 -13.53 -29.52 -8.96
N LEU D 284 -12.72 -29.73 -7.92
CA LEU D 284 -13.16 -30.28 -6.66
C LEU D 284 -13.00 -29.20 -5.59
N HIS D 285 -14.08 -28.89 -4.88
CA HIS D 285 -14.07 -27.83 -3.89
C HIS D 285 -14.97 -28.21 -2.72
N GLY D 286 -14.71 -27.59 -1.57
CA GLY D 286 -15.44 -27.85 -0.37
C GLY D 286 -14.69 -27.41 0.87
N PRO D 287 -15.27 -27.63 2.04
CA PRO D 287 -14.58 -27.27 3.28
C PRO D 287 -13.32 -28.11 3.46
N PRO D 288 -12.31 -27.58 4.14
CA PRO D 288 -11.10 -28.36 4.38
C PRO D 288 -11.36 -29.54 5.29
N GLY D 289 -10.55 -30.59 5.12
CA GLY D 289 -10.72 -31.81 5.86
C GLY D 289 -11.68 -32.81 5.25
N THR D 290 -12.11 -32.60 4.02
CA THR D 290 -13.03 -33.50 3.32
C THR D 290 -12.29 -34.59 2.55
N GLY D 291 -10.97 -34.65 2.66
CA GLY D 291 -10.21 -35.67 1.98
C GLY D 291 -10.09 -35.50 0.48
N LYS D 292 -9.90 -34.26 0.01
CA LYS D 292 -9.67 -34.04 -1.41
C LYS D 292 -8.39 -34.72 -1.87
N THR D 293 -7.31 -34.54 -1.11
CA THR D 293 -6.04 -35.16 -1.47
C THR D 293 -6.10 -36.67 -1.36
N MET D 294 -6.80 -37.19 -0.35
CA MET D 294 -6.96 -38.64 -0.24
C MET D 294 -7.75 -39.20 -1.41
N LEU D 295 -8.79 -38.48 -1.83
CA LEU D 295 -9.57 -38.91 -3.00
C LEU D 295 -8.71 -38.90 -4.26
N LEU D 296 -7.88 -37.86 -4.42
CA LEU D 296 -6.97 -37.82 -5.57
C LEU D 296 -5.98 -38.99 -5.53
N ARG D 297 -5.43 -39.28 -4.35
CA ARG D 297 -4.49 -40.38 -4.23
C ARG D 297 -5.14 -41.71 -4.54
N VAL D 298 -6.36 -41.95 -4.04
CA VAL D 298 -7.01 -43.23 -4.26
C VAL D 298 -7.43 -43.38 -5.72
N VAL D 299 -7.87 -42.30 -6.36
CA VAL D 299 -8.25 -42.41 -7.77
C VAL D 299 -7.01 -42.58 -8.64
N ALA D 300 -5.86 -42.03 -8.21
CA ALA D 300 -4.62 -42.30 -8.91
C ALA D 300 -4.20 -43.75 -8.77
N ASN D 301 -4.32 -44.30 -7.55
CA ASN D 301 -3.95 -45.69 -7.32
C ASN D 301 -4.83 -46.65 -8.12
N THR D 302 -6.14 -46.39 -8.14
CA THR D 302 -7.05 -47.26 -8.89
C THR D 302 -6.80 -47.16 -10.39
N SER D 303 -6.55 -45.96 -10.89
CA SER D 303 -6.30 -45.79 -12.32
C SER D 303 -4.94 -46.36 -12.69
N ASN D 304 -4.91 -47.16 -13.75
CA ASN D 304 -3.68 -47.79 -14.22
C ASN D 304 -2.93 -46.96 -15.26
N ALA D 305 -3.51 -45.84 -15.70
CA ALA D 305 -2.88 -45.00 -16.71
C ALA D 305 -1.88 -44.05 -16.06
N HIS D 306 -1.19 -43.27 -16.89
CA HIS D 306 -0.22 -42.31 -16.40
C HIS D 306 -0.89 -41.22 -15.59
N VAL D 307 -0.30 -40.91 -14.44
CA VAL D 307 -0.80 -39.87 -13.55
C VAL D 307 0.31 -38.85 -13.31
N LEU D 308 -0.04 -37.57 -13.33
CA LEU D 308 0.91 -36.50 -13.11
C LEU D 308 0.41 -35.60 -11.99
N THR D 309 1.28 -35.30 -11.04
CA THR D 309 0.95 -34.45 -9.90
C THR D 309 2.06 -33.44 -9.68
N ILE D 310 1.69 -32.32 -9.06
CA ILE D 310 2.63 -31.25 -8.73
C ILE D 310 2.65 -31.07 -7.23
N ASN D 311 3.76 -30.53 -6.73
CA ASN D 311 3.94 -30.29 -5.30
C ASN D 311 3.26 -29.03 -4.82
N GLY D 312 2.73 -28.21 -5.72
CA GLY D 312 2.01 -27.02 -5.34
C GLY D 312 2.73 -25.75 -5.71
N PRO D 313 3.06 -24.92 -4.71
CA PRO D 313 3.68 -23.63 -5.00
C PRO D 313 5.18 -23.67 -5.15
N SER D 314 5.83 -24.81 -4.90
CA SER D 314 7.29 -24.87 -4.96
C SER D 314 7.82 -24.76 -6.38
N ILE D 315 6.95 -24.89 -7.39
CA ILE D 315 7.38 -24.65 -8.77
C ILE D 315 7.78 -23.20 -8.96
N VAL D 316 7.19 -22.29 -8.18
CA VAL D 316 7.47 -20.87 -8.30
C VAL D 316 8.97 -20.63 -8.11
N SER D 317 9.59 -19.96 -9.09
CA SER D 317 11.02 -19.71 -9.07
C SER D 317 11.29 -18.30 -9.58
N LYS D 318 12.54 -18.01 -9.87
CA LYS D 318 12.94 -16.68 -10.32
C LYS D 318 13.02 -16.62 -11.84
N TYR D 319 13.29 -15.41 -12.34
CA TYR D 319 13.51 -15.14 -13.75
C TYR D 319 12.25 -15.30 -14.60
N LEU D 320 11.16 -15.74 -13.97
CA LEU D 320 9.84 -15.84 -14.60
C LEU D 320 9.85 -16.76 -15.82
N GLY D 321 10.92 -17.54 -15.99
CA GLY D 321 10.99 -18.46 -17.13
C GLY D 321 11.09 -19.91 -16.71
N GLU D 322 11.66 -20.18 -15.53
CA GLU D 322 11.78 -21.54 -15.05
C GLU D 322 10.42 -22.16 -14.81
N THR D 323 9.48 -21.40 -14.25
CA THR D 323 8.13 -21.91 -14.04
C THR D 323 7.45 -22.25 -15.36
N GLU D 324 7.59 -21.38 -16.36
CA GLU D 324 7.00 -21.64 -17.66
C GLU D 324 7.61 -22.88 -18.30
N ALA D 325 8.93 -23.01 -18.21
CA ALA D 325 9.59 -24.19 -18.76
C ALA D 325 9.12 -25.46 -18.05
N ALA D 326 8.98 -25.40 -16.73
CA ALA D 326 8.53 -26.57 -15.98
C ALA D 326 7.11 -26.97 -16.36
N LEU D 327 6.19 -26.00 -16.45
CA LEU D 327 4.82 -26.33 -16.77
C LEU D 327 4.69 -26.85 -18.20
N ARG D 328 5.43 -26.24 -19.15
CA ARG D 328 5.37 -26.74 -20.52
C ARG D 328 6.01 -28.12 -20.63
N ASP D 329 7.04 -28.41 -19.83
CA ASP D 329 7.62 -29.75 -19.82
C ASP D 329 6.62 -30.76 -19.28
N ILE D 330 5.89 -30.40 -18.21
CA ILE D 330 4.88 -31.30 -17.66
C ILE D 330 3.79 -31.56 -18.70
N PHE D 331 3.34 -30.51 -19.38
CA PHE D 331 2.32 -30.69 -20.41
C PHE D 331 2.83 -31.56 -21.57
N ASN D 332 4.07 -31.34 -22.00
CA ASN D 332 4.65 -32.12 -23.08
C ASN D 332 4.77 -33.59 -22.68
N GLU D 333 5.19 -33.86 -21.44
CA GLU D 333 5.23 -35.22 -20.93
C GLU D 333 3.85 -35.87 -20.86
N ALA D 334 2.84 -35.12 -20.42
CA ALA D 334 1.49 -35.67 -20.35
C ALA D 334 0.96 -36.01 -21.74
N ARG D 335 1.18 -35.12 -22.71
CA ARG D 335 0.70 -35.34 -24.07
C ARG D 335 1.51 -36.37 -24.84
N LYS D 336 2.79 -36.55 -24.48
CA LYS D 336 3.65 -37.48 -25.22
C LYS D 336 3.12 -38.91 -25.13
N TYR D 337 2.68 -39.32 -23.96
CA TYR D 337 2.10 -40.65 -23.75
C TYR D 337 0.59 -40.53 -23.88
N GLN D 338 0.01 -41.42 -24.70
CA GLN D 338 -1.38 -41.24 -25.14
C GLN D 338 -2.37 -41.25 -23.97
N PRO D 339 -2.32 -42.20 -23.01
CA PRO D 339 -3.14 -42.06 -21.80
C PRO D 339 -2.36 -41.34 -20.69
N SER D 340 -2.97 -40.32 -20.11
CA SER D 340 -2.34 -39.58 -19.02
C SER D 340 -3.39 -38.81 -18.23
N ILE D 341 -3.11 -38.59 -16.95
CA ILE D 341 -3.96 -37.84 -16.03
C ILE D 341 -3.08 -36.85 -15.28
N ILE D 342 -3.58 -35.63 -15.10
CA ILE D 342 -2.84 -34.55 -14.46
C ILE D 342 -3.58 -34.11 -13.21
N PHE D 343 -2.86 -33.98 -12.10
CA PHE D 343 -3.40 -33.47 -10.84
C PHE D 343 -2.86 -32.08 -10.57
N ILE D 344 -3.75 -31.18 -10.12
CA ILE D 344 -3.38 -29.83 -9.70
C ILE D 344 -3.88 -29.66 -8.27
N ASP D 345 -2.99 -29.25 -7.38
CA ASP D 345 -3.29 -29.12 -5.96
C ASP D 345 -3.13 -27.67 -5.51
N GLU D 346 -4.02 -27.25 -4.62
CA GLU D 346 -4.16 -25.85 -4.19
C GLU D 346 -3.93 -24.88 -5.35
N ILE D 347 -4.77 -25.05 -6.39
CA ILE D 347 -4.72 -24.18 -7.55
C ILE D 347 -5.04 -22.74 -7.20
N ASP D 348 -5.76 -22.51 -6.09
CA ASP D 348 -6.07 -21.15 -5.68
C ASP D 348 -4.81 -20.35 -5.38
N SER D 349 -3.84 -20.98 -4.69
CA SER D 349 -2.56 -20.33 -4.47
C SER D 349 -1.80 -20.14 -5.79
N ILE D 350 -1.85 -21.15 -6.67
CA ILE D 350 -1.18 -21.05 -7.95
C ILE D 350 -1.87 -20.01 -8.84
N ALA D 351 -3.20 -20.02 -8.87
CA ALA D 351 -3.98 -19.14 -9.73
C ALA D 351 -5.00 -18.38 -8.89
N PRO D 352 -4.57 -17.35 -8.19
CA PRO D 352 -5.52 -16.54 -7.41
C PRO D 352 -6.37 -15.66 -8.31
N ASN D 353 -7.41 -15.07 -7.72
CA ASN D 353 -8.27 -14.16 -8.45
C ASN D 353 -7.48 -12.93 -8.88
N ARG D 354 -7.62 -12.58 -10.17
CA ARG D 354 -6.86 -11.44 -10.70
C ARG D 354 -7.26 -10.13 -10.04
N ALA D 355 -8.56 -9.92 -9.83
CA ALA D 355 -9.03 -8.67 -9.25
C ALA D 355 -8.73 -8.60 -7.76
N ASN D 356 -8.60 -9.77 -7.12
CA ASN D 356 -8.39 -9.79 -5.67
C ASN D 356 -7.03 -9.22 -5.29
N ASP D 357 -5.97 -9.67 -5.93
CA ASP D 357 -4.61 -9.25 -5.61
C ASP D 357 -3.81 -9.06 -6.89
N ASP D 358 -2.77 -8.23 -6.83
CA ASP D 358 -1.91 -7.98 -7.97
C ASP D 358 -0.45 -8.01 -7.55
N SER D 359 -0.06 -9.05 -6.80
CA SER D 359 1.31 -9.12 -6.28
C SER D 359 2.34 -9.20 -7.40
N GLY D 360 2.08 -10.00 -8.42
CA GLY D 360 2.99 -10.13 -9.53
C GLY D 360 3.72 -11.47 -9.53
N GLU D 361 4.84 -11.49 -10.25
CA GLU D 361 5.68 -12.68 -10.43
C GLU D 361 4.82 -13.77 -11.05
N VAL D 362 4.58 -14.90 -10.39
CA VAL D 362 3.71 -15.94 -10.92
C VAL D 362 2.27 -15.48 -10.78
N GLU D 363 1.67 -15.05 -11.89
CA GLU D 363 0.35 -14.44 -11.88
C GLU D 363 -0.34 -14.79 -13.19
N SER D 364 -1.34 -13.99 -13.56
CA SER D 364 -2.23 -14.25 -14.70
C SER D 364 -1.52 -14.66 -15.98
N ARG D 365 -0.23 -14.34 -16.11
CA ARG D 365 0.52 -14.80 -17.28
C ARG D 365 0.59 -16.32 -17.33
N VAL D 366 0.87 -16.96 -16.19
CA VAL D 366 0.90 -18.43 -16.17
C VAL D 366 -0.51 -18.99 -16.36
N VAL D 367 -1.53 -18.28 -15.88
CA VAL D 367 -2.91 -18.69 -16.11
C VAL D 367 -3.20 -18.71 -17.60
N ALA D 368 -2.80 -17.65 -18.30
CA ALA D 368 -3.02 -17.57 -19.74
C ALA D 368 -2.28 -18.67 -20.47
N THR D 369 -1.01 -18.91 -20.11
CA THR D 369 -0.24 -19.93 -20.81
C THR D 369 -0.82 -21.32 -20.55
N LEU D 370 -1.31 -21.59 -19.34
CA LEU D 370 -1.87 -22.90 -19.07
C LEU D 370 -3.22 -23.09 -19.76
N LEU D 371 -4.04 -22.05 -19.82
CA LEU D 371 -5.32 -22.18 -20.50
C LEU D 371 -5.13 -22.35 -22.00
N THR D 372 -4.14 -21.65 -22.58
CA THR D 372 -3.83 -21.86 -23.99
C THR D 372 -3.29 -23.26 -24.24
N LEU D 373 -2.45 -23.77 -23.33
CA LEU D 373 -1.93 -25.12 -23.50
C LEU D 373 -3.03 -26.16 -23.42
N MET D 374 -3.95 -25.99 -22.46
CA MET D 374 -5.01 -26.98 -22.26
C MET D 374 -6.07 -26.91 -23.35
N ASP D 375 -6.36 -25.71 -23.85
CA ASP D 375 -7.43 -25.54 -24.84
C ASP D 375 -7.11 -26.28 -26.14
N GLY D 376 -5.87 -26.20 -26.60
CA GLY D 376 -5.50 -26.80 -27.86
C GLY D 376 -4.44 -27.87 -27.75
N MET D 377 -4.44 -28.61 -26.64
CA MET D 377 -3.46 -29.67 -26.46
C MET D 377 -3.71 -30.85 -27.40
N GLY D 378 -4.98 -31.14 -27.67
CA GLY D 378 -5.34 -32.24 -28.56
C GLY D 378 -6.80 -32.16 -28.93
N ALA D 379 -7.18 -33.01 -29.88
CA ALA D 379 -8.56 -33.01 -30.36
C ALA D 379 -9.41 -34.03 -29.61
N ALA D 380 -9.10 -35.31 -29.74
CA ALA D 380 -9.78 -36.36 -28.97
C ALA D 380 -8.99 -36.77 -27.74
N GLY D 381 -7.80 -37.36 -27.94
CA GLY D 381 -6.92 -37.75 -26.86
C GLY D 381 -7.56 -38.57 -25.76
N LYS D 382 -6.84 -38.72 -24.64
CA LYS D 382 -7.45 -39.15 -23.37
C LYS D 382 -6.64 -38.50 -22.26
N VAL D 383 -7.06 -37.31 -21.85
CA VAL D 383 -6.34 -36.52 -20.86
C VAL D 383 -7.37 -35.79 -19.99
N VAL D 384 -7.18 -35.86 -18.68
CA VAL D 384 -8.03 -35.16 -17.72
C VAL D 384 -7.14 -34.45 -16.72
N VAL D 385 -7.51 -33.22 -16.38
CA VAL D 385 -6.79 -32.41 -15.40
C VAL D 385 -7.73 -32.12 -14.24
N ILE D 386 -7.31 -32.48 -13.04
CA ILE D 386 -8.11 -32.30 -11.83
C ILE D 386 -7.45 -31.24 -10.97
N ALA D 387 -8.22 -30.21 -10.60
CA ALA D 387 -7.74 -29.12 -9.76
C ALA D 387 -8.47 -29.14 -8.44
N ALA D 388 -7.71 -29.10 -7.34
CA ALA D 388 -8.27 -29.11 -5.99
C ALA D 388 -8.02 -27.75 -5.36
N THR D 389 -9.10 -27.13 -4.86
CA THR D 389 -9.03 -25.83 -4.22
C THR D 389 -9.86 -25.83 -2.95
N ASN D 390 -9.42 -25.04 -1.97
CA ASN D 390 -10.15 -24.96 -0.71
C ASN D 390 -11.43 -24.15 -0.84
N ARG D 391 -11.41 -23.09 -1.65
CA ARG D 391 -12.58 -22.24 -1.85
C ARG D 391 -12.67 -21.89 -3.33
N PRO D 392 -13.86 -22.01 -3.94
CA PRO D 392 -13.98 -21.72 -5.38
C PRO D 392 -13.98 -20.22 -5.67
N ASN D 393 -14.37 -19.42 -4.68
CA ASN D 393 -14.42 -17.97 -4.89
C ASN D 393 -13.04 -17.39 -5.13
N SER D 394 -12.04 -17.86 -4.38
CA SER D 394 -10.67 -17.36 -4.56
C SER D 394 -10.07 -17.80 -5.88
N VAL D 395 -10.64 -18.82 -6.54
CA VAL D 395 -10.14 -19.29 -7.82
C VAL D 395 -10.36 -18.20 -8.87
N ASP D 396 -9.39 -18.08 -9.78
CA ASP D 396 -9.51 -17.11 -10.86
C ASP D 396 -10.74 -17.41 -11.70
N PRO D 397 -11.62 -16.43 -11.94
CA PRO D 397 -12.81 -16.70 -12.77
C PRO D 397 -12.47 -17.12 -14.19
N ALA D 398 -11.27 -16.81 -14.68
CA ALA D 398 -10.86 -17.32 -15.98
C ALA D 398 -10.78 -18.85 -15.97
N LEU D 399 -10.27 -19.42 -14.87
CA LEU D 399 -10.28 -20.87 -14.74
C LEU D 399 -11.70 -21.40 -14.67
N ARG D 400 -12.58 -20.71 -13.94
CA ARG D 400 -13.98 -21.11 -13.81
C ARG D 400 -14.76 -20.69 -15.06
N ARG D 401 -14.41 -21.31 -16.18
CA ARG D 401 -15.03 -21.05 -17.46
C ARG D 401 -15.46 -22.36 -18.10
N PRO D 402 -16.54 -22.34 -18.88
CA PRO D 402 -16.97 -23.58 -19.55
C PRO D 402 -15.91 -24.18 -20.47
N GLY D 403 -15.03 -23.35 -21.04
CA GLY D 403 -14.04 -23.87 -21.95
C GLY D 403 -12.98 -24.73 -21.28
N ARG D 404 -12.76 -24.53 -19.99
CA ARG D 404 -11.72 -25.24 -19.26
C ARG D 404 -12.25 -26.11 -18.14
N PHE D 405 -13.08 -25.54 -17.25
CA PHE D 405 -13.51 -26.22 -16.02
C PHE D 405 -15.03 -26.21 -15.92
N ASP D 406 -15.70 -26.61 -16.99
CA ASP D 406 -17.16 -26.64 -17.02
C ASP D 406 -17.77 -27.59 -15.99
N GLN D 407 -17.01 -28.58 -15.52
CA GLN D 407 -17.53 -29.55 -14.56
C GLN D 407 -17.22 -29.09 -13.14
N GLU D 408 -18.25 -29.13 -12.28
CA GLU D 408 -18.12 -28.73 -10.89
C GLU D 408 -18.60 -29.87 -10.00
N VAL D 409 -17.83 -30.19 -8.98
CA VAL D 409 -18.16 -31.24 -8.03
C VAL D 409 -18.28 -30.62 -6.64
N GLU D 410 -19.41 -30.89 -5.98
CA GLU D 410 -19.67 -30.37 -4.64
C GLU D 410 -19.31 -31.43 -3.61
N ILE D 411 -18.42 -31.08 -2.69
CA ILE D 411 -17.98 -31.96 -1.62
C ILE D 411 -18.27 -31.24 -0.31
N GLY D 412 -19.45 -31.50 0.26
CA GLY D 412 -19.84 -30.89 1.51
C GLY D 412 -19.44 -31.71 2.72
N ILE D 413 -19.81 -31.21 3.89
CA ILE D 413 -19.52 -31.89 5.15
C ILE D 413 -20.38 -33.15 5.22
N PRO D 414 -19.89 -34.22 5.84
CA PRO D 414 -20.71 -35.43 5.97
C PRO D 414 -21.96 -35.18 6.79
N ASP D 415 -23.05 -35.84 6.40
CA ASP D 415 -24.31 -35.74 7.13
C ASP D 415 -24.35 -36.81 8.21
N VAL D 416 -25.52 -37.00 8.82
CA VAL D 416 -25.66 -38.03 9.85
C VAL D 416 -25.41 -39.41 9.26
N ASP D 417 -26.03 -39.69 8.11
CA ASP D 417 -25.84 -40.99 7.47
C ASP D 417 -24.40 -41.17 6.98
N ALA D 418 -23.81 -40.11 6.41
CA ALA D 418 -22.43 -40.21 5.94
C ALA D 418 -21.47 -40.43 7.10
N ARG D 419 -21.67 -39.71 8.21
CA ARG D 419 -20.81 -39.90 9.37
C ARG D 419 -21.00 -41.29 9.96
N PHE D 420 -22.23 -41.78 9.94
CA PHE D 420 -22.50 -43.16 10.42
C PHE D 420 -21.65 -44.10 9.56
N ASP D 421 -21.75 -43.98 8.23
CA ASP D 421 -20.99 -44.86 7.31
C ASP D 421 -19.48 -44.66 7.52
N ILE D 422 -19.03 -43.42 7.69
CA ILE D 422 -17.58 -43.14 7.86
C ILE D 422 -17.07 -43.84 9.13
N LEU D 423 -17.86 -43.78 10.21
CA LEU D 423 -17.47 -44.43 11.49
C LEU D 423 -17.48 -45.95 11.32
N THR D 424 -18.62 -46.52 10.87
CA THR D 424 -18.72 -47.98 10.64
C THR D 424 -17.53 -48.43 9.78
N LYS D 425 -17.19 -47.66 8.74
CA LYS D 425 -16.11 -48.04 7.80
C LYS D 425 -14.75 -48.15 8.51
N GLN D 426 -14.38 -47.14 9.32
CA GLN D 426 -13.07 -47.21 10.03
C GLN D 426 -13.10 -48.36 11.05
N PHE D 427 -14.20 -48.48 11.78
CA PHE D 427 -14.36 -49.55 12.80
C PHE D 427 -14.36 -50.93 12.14
N SER D 428 -15.01 -51.07 10.98
CA SER D 428 -15.04 -52.38 10.28
C SER D 428 -13.60 -52.76 9.94
N ARG D 429 -12.82 -51.80 9.42
CA ARG D 429 -11.39 -52.01 9.11
C ARG D 429 -10.62 -52.22 10.42
N MET D 430 -11.04 -51.52 11.48
CA MET D 430 -10.38 -51.57 12.81
C MET D 430 -10.39 -52.98 13.41
N SER D 431 -11.52 -53.73 13.27
CA SER D 431 -11.82 -55.09 13.70
C SER D 431 -12.12 -55.17 15.18
N SER D 432 -12.98 -56.12 15.56
CA SER D 432 -13.47 -56.23 16.93
C SER D 432 -12.41 -56.72 17.92
N ASP D 433 -11.25 -57.16 17.44
CA ASP D 433 -10.23 -57.63 18.36
C ASP D 433 -9.62 -56.48 19.17
N ARG D 434 -9.78 -55.25 18.70
CA ARG D 434 -9.22 -54.08 19.38
C ARG D 434 -10.28 -53.16 19.95
N HIS D 435 -11.57 -53.45 19.75
CA HIS D 435 -12.63 -52.59 20.24
C HIS D 435 -13.90 -53.41 20.42
N VAL D 436 -14.74 -52.97 21.35
CA VAL D 436 -16.06 -53.57 21.58
C VAL D 436 -17.09 -52.44 21.63
N LEU D 437 -17.70 -52.14 20.49
CA LEU D 437 -18.76 -51.14 20.40
C LEU D 437 -19.72 -51.57 19.31
N ASP D 438 -20.99 -51.72 19.65
CA ASP D 438 -21.99 -52.23 18.72
C ASP D 438 -22.51 -51.12 17.82
N SER D 439 -23.50 -51.48 16.99
CA SER D 439 -24.00 -50.55 15.98
C SER D 439 -24.72 -49.37 16.62
N GLU D 440 -25.48 -49.60 17.68
CA GLU D 440 -26.24 -48.52 18.31
C GLU D 440 -25.31 -47.46 18.90
N ALA D 441 -24.18 -47.89 19.48
CA ALA D 441 -23.21 -46.93 20.00
C ALA D 441 -22.62 -46.09 18.88
N ILE D 442 -22.33 -46.72 17.73
CA ILE D 442 -21.81 -46.00 16.58
C ILE D 442 -22.82 -44.97 16.09
N LYS D 443 -24.10 -45.37 16.01
CA LYS D 443 -25.14 -44.45 15.59
C LYS D 443 -25.30 -43.30 16.56
N TYR D 444 -25.22 -43.59 17.87
CA TYR D 444 -25.34 -42.54 18.89
C TYR D 444 -24.19 -41.54 18.79
N ILE D 445 -22.97 -42.05 18.60
CA ILE D 445 -21.81 -41.17 18.43
C ILE D 445 -21.96 -40.34 17.17
N ALA D 446 -22.39 -40.95 16.07
CA ALA D 446 -22.56 -40.23 14.81
C ALA D 446 -23.62 -39.15 14.93
N SER D 447 -24.71 -39.45 15.66
CA SER D 447 -25.74 -38.45 15.90
C SER D 447 -25.20 -37.28 16.71
N LYS D 448 -24.38 -37.57 17.73
CA LYS D 448 -23.80 -36.48 18.51
C LYS D 448 -22.84 -35.64 17.68
N THR D 449 -22.06 -36.29 16.80
CA THR D 449 -21.12 -35.56 15.95
C THR D 449 -21.88 -34.88 14.82
N HIS D 450 -21.91 -33.55 14.83
CA HIS D 450 -22.60 -32.80 13.79
C HIS D 450 -21.67 -31.89 13.01
N GLY D 451 -20.91 -31.02 13.68
CA GLY D 451 -20.08 -30.04 13.03
C GLY D 451 -18.72 -30.51 12.59
N TYR D 452 -18.40 -31.79 12.77
CA TYR D 452 -17.09 -32.31 12.45
C TYR D 452 -16.95 -32.52 10.93
N VAL D 453 -15.70 -32.68 10.49
CA VAL D 453 -15.37 -32.95 9.10
C VAL D 453 -14.61 -34.27 9.06
N GLY D 454 -14.31 -34.73 7.84
CA GLY D 454 -13.65 -36.02 7.67
C GLY D 454 -12.34 -36.15 8.42
N ALA D 455 -11.50 -35.11 8.42
CA ALA D 455 -10.28 -35.12 9.19
C ALA D 455 -10.54 -35.04 10.70
N ASP D 456 -11.63 -34.37 11.10
CA ASP D 456 -11.96 -34.26 12.51
C ASP D 456 -12.26 -35.63 13.11
N LEU D 457 -12.95 -36.49 12.36
CA LEU D 457 -13.26 -37.82 12.89
C LEU D 457 -11.99 -38.64 13.08
N THR D 458 -11.06 -38.59 12.13
CA THR D 458 -9.81 -39.32 12.28
C THR D 458 -8.98 -38.79 13.44
N ALA D 459 -8.92 -37.46 13.60
CA ALA D 459 -8.21 -36.89 14.74
C ALA D 459 -8.86 -37.30 16.05
N LEU D 460 -10.20 -37.31 16.09
CA LEU D 460 -10.91 -37.71 17.29
C LEU D 460 -10.63 -39.17 17.62
N CYS D 461 -10.58 -40.04 16.62
CA CYS D 461 -10.25 -41.43 16.86
C CYS D 461 -8.82 -41.58 17.38
N ARG D 462 -7.89 -40.82 16.80
CA ARG D 462 -6.49 -40.90 17.24
C ARG D 462 -6.35 -40.46 18.69
N GLU D 463 -6.96 -39.33 19.05
CA GLU D 463 -6.86 -38.88 20.43
C GLU D 463 -7.74 -39.70 21.37
N SER D 464 -8.75 -40.40 20.85
CA SER D 464 -9.46 -41.39 21.66
C SER D 464 -8.55 -42.56 22.00
N VAL D 465 -7.75 -43.01 21.04
CA VAL D 465 -6.75 -44.03 21.31
C VAL D 465 -5.74 -43.51 22.33
N MET D 466 -5.34 -42.24 22.19
CA MET D 466 -4.47 -41.62 23.20
C MET D 466 -5.08 -41.69 24.59
N LYS D 467 -6.36 -41.31 24.71
CA LYS D 467 -7.04 -41.31 26.00
C LYS D 467 -7.15 -42.73 26.55
N THR D 468 -7.42 -43.70 25.69
CA THR D 468 -7.51 -45.09 26.12
C THR D 468 -6.17 -45.58 26.67
N ILE D 469 -5.08 -45.26 25.95
CA ILE D 469 -3.76 -45.65 26.41
C ILE D 469 -3.43 -45.00 27.75
N GLN D 470 -3.77 -43.72 27.90
CA GLN D 470 -3.53 -43.04 29.17
C GLN D 470 -4.33 -43.68 30.30
N ARG D 471 -5.63 -43.91 30.07
CA ARG D 471 -6.49 -44.48 31.10
C ARG D 471 -6.06 -45.89 31.47
N GLY D 472 -5.47 -46.63 30.54
CA GLY D 472 -4.94 -47.93 30.87
C GLY D 472 -3.66 -47.83 31.68
N LEU D 473 -2.66 -47.13 31.14
CA LEU D 473 -1.35 -47.08 31.77
C LEU D 473 -1.42 -46.41 33.14
N GLY D 474 -1.81 -45.14 33.18
CA GLY D 474 -1.74 -44.37 34.41
C GLY D 474 -2.62 -44.90 35.52
N THR D 475 -3.57 -45.78 35.21
CA THR D 475 -4.45 -46.35 36.22
C THR D 475 -4.00 -47.75 36.65
N ASP D 476 -3.83 -48.67 35.70
CA ASP D 476 -3.54 -50.05 36.04
C ASP D 476 -2.04 -50.37 36.09
N ALA D 477 -1.17 -49.37 35.94
CA ALA D 477 0.27 -49.53 36.05
C ALA D 477 0.79 -50.56 35.05
N ASN D 478 0.64 -50.21 33.77
CA ASN D 478 1.18 -50.99 32.65
C ASN D 478 0.56 -52.38 32.58
N ILE D 479 -0.77 -52.45 32.60
CA ILE D 479 -1.47 -53.72 32.41
C ILE D 479 -1.58 -54.00 30.93
N ASP D 480 -1.95 -55.24 30.57
CA ASP D 480 -2.16 -55.57 29.17
C ASP D 480 -3.28 -54.71 28.59
N LYS D 481 -3.01 -54.12 27.42
CA LYS D 481 -3.97 -53.23 26.78
C LYS D 481 -5.03 -53.96 25.97
N PHE D 482 -4.88 -55.27 25.78
CA PHE D 482 -5.85 -56.03 24.99
C PHE D 482 -7.21 -56.08 25.67
N SER D 483 -7.22 -56.25 26.99
CA SER D 483 -8.48 -56.42 27.71
C SER D 483 -9.30 -55.12 27.74
N LEU D 484 -8.65 -54.00 28.04
CA LEU D 484 -9.37 -52.74 28.20
C LEU D 484 -9.95 -52.28 26.85
N LYS D 485 -9.11 -52.24 25.82
CA LYS D 485 -9.45 -51.84 24.45
C LYS D 485 -10.30 -50.56 24.42
N VAL D 486 -11.15 -50.42 23.41
CA VAL D 486 -11.91 -49.20 23.18
C VAL D 486 -13.30 -49.35 23.78
N THR D 487 -13.74 -48.35 24.52
CA THR D 487 -15.06 -48.33 25.14
C THR D 487 -15.82 -47.06 24.76
N LEU D 488 -16.92 -46.78 25.44
CA LEU D 488 -17.70 -45.59 25.16
C LEU D 488 -17.32 -44.39 26.03
N LYS D 489 -16.90 -44.64 27.26
CA LYS D 489 -16.58 -43.54 28.18
C LYS D 489 -15.38 -42.74 27.67
N ASP D 490 -14.34 -43.42 27.21
CA ASP D 490 -13.18 -42.71 26.69
C ASP D 490 -13.53 -41.95 25.42
N VAL D 491 -14.42 -42.51 24.58
CA VAL D 491 -14.86 -41.80 23.39
C VAL D 491 -15.61 -40.52 23.76
N GLU D 492 -16.49 -40.61 24.77
CA GLU D 492 -17.22 -39.42 25.20
C GLU D 492 -16.27 -38.36 25.76
N SER D 493 -15.32 -38.77 26.60
CA SER D 493 -14.35 -37.80 27.13
C SER D 493 -13.50 -37.21 26.01
N ALA D 494 -13.14 -38.03 25.02
CA ALA D 494 -12.37 -37.56 23.88
C ALA D 494 -13.14 -36.51 23.09
N MET D 495 -14.44 -36.72 22.89
CA MET D 495 -15.26 -35.71 22.23
C MET D 495 -15.39 -34.46 23.08
N VAL D 496 -15.40 -34.62 24.42
CA VAL D 496 -15.44 -33.45 25.28
C VAL D 496 -14.18 -32.61 25.11
N ASP D 497 -13.02 -33.27 25.02
CA ASP D 497 -11.75 -32.54 24.96
C ASP D 497 -11.21 -32.32 23.55
N ILE D 498 -11.97 -32.70 22.51
CA ILE D 498 -11.44 -32.58 21.15
C ILE D 498 -11.30 -31.13 20.73
N ARG D 499 -12.24 -30.26 21.13
CA ARG D 499 -12.25 -28.85 20.77
C ARG D 499 -12.28 -28.68 19.25
N PRO D 500 -13.41 -28.98 18.60
CA PRO D 500 -13.47 -28.84 17.14
C PRO D 500 -13.37 -27.39 16.70
N SER D 501 -12.87 -27.20 15.48
CA SER D 501 -12.70 -25.88 14.91
C SER D 501 -13.53 -25.63 13.66
N ALA D 502 -14.56 -26.44 13.41
CA ALA D 502 -15.42 -26.30 12.23
C ALA D 502 -16.85 -25.96 12.63
N MET D 503 -17.01 -25.22 13.73
CA MET D 503 -18.34 -24.85 14.19
C MET D 503 -18.99 -23.82 13.26
N ARG D 504 -18.22 -22.88 12.75
CA ARG D 504 -18.75 -21.83 11.88
C ARG D 504 -18.99 -22.41 10.49
N GLU D 505 -20.25 -22.56 10.12
CA GLU D 505 -20.63 -23.10 8.82
C GLU D 505 -21.73 -22.25 8.22
N ILE D 506 -21.74 -22.16 6.90
CA ILE D 506 -22.76 -21.38 6.21
C ILE D 506 -24.13 -22.05 6.34
N PHE D 507 -24.16 -23.39 6.31
CA PHE D 507 -25.37 -24.16 6.49
C PHE D 507 -25.20 -25.12 7.66
N LEU D 508 -26.24 -25.25 8.48
CA LEU D 508 -26.19 -26.06 9.69
C LEU D 508 -27.28 -27.12 9.64
N GLU D 509 -26.92 -28.34 10.03
CA GLU D 509 -27.87 -29.45 10.11
C GLU D 509 -28.44 -29.49 11.52
N MET D 510 -29.57 -28.82 11.71
CA MET D 510 -30.18 -28.74 13.02
C MET D 510 -30.67 -30.12 13.46
N PRO D 511 -30.51 -30.47 14.74
CA PRO D 511 -30.86 -31.82 15.19
C PRO D 511 -32.32 -32.16 14.94
N LYS D 512 -32.56 -33.43 14.62
CA LYS D 512 -33.89 -33.90 14.27
C LYS D 512 -34.65 -34.36 15.52
N VAL D 513 -35.97 -34.43 15.38
CA VAL D 513 -36.84 -34.90 16.45
C VAL D 513 -38.14 -35.41 15.83
N TYR D 514 -38.56 -36.60 16.24
CA TYR D 514 -39.73 -37.25 15.66
C TYR D 514 -41.03 -36.69 16.25
N TRP D 515 -42.14 -37.03 15.58
CA TRP D 515 -43.44 -36.49 15.98
C TRP D 515 -43.87 -36.97 17.36
N SER D 516 -43.30 -38.08 17.84
CA SER D 516 -43.66 -38.58 19.16
C SER D 516 -43.30 -37.59 20.26
N ASP D 517 -42.13 -36.96 20.16
CA ASP D 517 -41.72 -35.96 21.13
C ASP D 517 -42.37 -34.60 20.91
N ILE D 518 -43.02 -34.40 19.76
CA ILE D 518 -43.59 -33.11 19.43
C ILE D 518 -44.91 -32.94 20.18
N GLY D 519 -45.02 -31.85 20.94
CA GLY D 519 -46.27 -31.48 21.57
C GLY D 519 -46.88 -30.24 20.95
N GLY D 520 -47.96 -30.42 20.19
CA GLY D 520 -48.58 -29.30 19.52
C GLY D 520 -50.01 -29.57 19.09
N GLN D 521 -50.64 -28.58 18.43
CA GLN D 521 -52.00 -28.69 17.96
C GLN D 521 -52.05 -29.45 16.65
N GLU D 522 -53.15 -30.20 16.45
CA GLU D 522 -53.29 -30.99 15.24
C GLU D 522 -53.50 -30.13 14.01
N GLU D 523 -54.09 -28.94 14.18
CA GLU D 523 -54.39 -28.08 13.03
C GLU D 523 -53.12 -27.63 12.33
N LEU D 524 -52.15 -27.13 13.09
CA LEU D 524 -50.90 -26.67 12.49
C LEU D 524 -50.12 -27.81 11.86
N LYS D 525 -50.11 -28.98 12.51
CA LYS D 525 -49.43 -30.14 11.94
C LYS D 525 -50.06 -30.55 10.61
N THR D 526 -51.40 -30.60 10.58
CA THR D 526 -52.09 -30.97 9.34
C THR D 526 -51.83 -29.94 8.24
N LYS D 527 -51.86 -28.65 8.58
CA LYS D 527 -51.60 -27.62 7.58
C LYS D 527 -50.19 -27.74 7.02
N MET D 528 -49.19 -27.91 7.91
CA MET D 528 -47.81 -28.02 7.43
C MET D 528 -47.62 -29.27 6.59
N LYS D 529 -48.25 -30.38 6.99
CA LYS D 529 -48.20 -31.58 6.17
C LYS D 529 -48.82 -31.33 4.81
N GLU D 530 -49.88 -30.53 4.75
CA GLU D 530 -50.49 -30.20 3.46
C GLU D 530 -49.55 -29.39 2.58
N MET D 531 -48.97 -28.32 3.14
CA MET D 531 -48.08 -27.49 2.32
C MET D 531 -46.76 -28.17 2.01
N ILE D 532 -46.41 -29.27 2.67
CA ILE D 532 -45.26 -30.04 2.24
C ILE D 532 -45.66 -31.19 1.29
N GLN D 533 -46.91 -31.64 1.34
CA GLN D 533 -47.36 -32.67 0.42
C GLN D 533 -47.67 -32.11 -0.96
N LEU D 534 -48.13 -30.86 -1.05
CA LEU D 534 -48.40 -30.29 -2.37
C LEU D 534 -47.19 -30.28 -3.31
N PRO D 535 -46.03 -29.71 -2.92
CA PRO D 535 -44.95 -29.56 -3.90
C PRO D 535 -44.39 -30.87 -4.43
N LEU D 536 -43.91 -31.73 -3.52
CA LEU D 536 -43.09 -32.87 -3.92
C LEU D 536 -43.86 -33.83 -4.84
N GLU D 537 -45.11 -34.13 -4.50
CA GLU D 537 -45.92 -35.05 -5.29
C GLU D 537 -47.04 -34.33 -6.04
N ALA D 538 -46.92 -33.02 -6.25
CA ALA D 538 -47.88 -32.30 -7.06
C ALA D 538 -47.22 -31.26 -7.96
N SER D 539 -45.91 -31.30 -8.15
CA SER D 539 -45.28 -30.42 -9.13
C SER D 539 -45.85 -30.66 -10.52
N GLU D 540 -46.07 -31.92 -10.90
CA GLU D 540 -46.65 -32.21 -12.20
C GLU D 540 -48.08 -31.68 -12.30
N THR D 541 -48.85 -31.79 -11.21
CA THR D 541 -50.21 -31.25 -11.21
C THR D 541 -50.18 -29.73 -11.36
N PHE D 542 -49.25 -29.07 -10.68
CA PHE D 542 -49.11 -27.62 -10.82
C PHE D 542 -48.73 -27.24 -12.25
N ALA D 543 -47.83 -28.00 -12.87
CA ALA D 543 -47.45 -27.73 -14.24
C ALA D 543 -48.63 -27.90 -15.19
N ARG D 544 -49.42 -28.96 -14.99
CA ARG D 544 -50.59 -29.17 -15.84
C ARG D 544 -51.63 -28.07 -15.65
N LEU D 545 -51.85 -27.64 -14.40
CA LEU D 545 -52.88 -26.65 -14.11
C LEU D 545 -52.38 -25.21 -14.19
N GLY D 546 -51.06 -25.00 -14.13
CA GLY D 546 -50.52 -23.66 -14.18
C GLY D 546 -50.51 -22.92 -12.86
N ILE D 547 -50.97 -23.54 -11.77
CA ILE D 547 -51.00 -22.87 -10.48
C ILE D 547 -49.58 -22.64 -9.95
N SER D 548 -48.66 -23.55 -10.24
CA SER D 548 -47.28 -23.52 -9.74
C SER D 548 -47.34 -23.62 -8.21
N ALA D 549 -46.36 -23.03 -7.52
CA ALA D 549 -46.32 -23.10 -6.08
C ALA D 549 -46.07 -21.72 -5.48
N PRO D 550 -46.75 -21.38 -4.38
CA PRO D 550 -46.47 -20.10 -3.72
C PRO D 550 -45.04 -19.98 -3.21
N LYS D 551 -44.41 -21.09 -2.86
CA LYS D 551 -43.02 -21.17 -2.39
C LYS D 551 -42.71 -20.16 -1.28
N GLY D 552 -43.73 -19.73 -0.55
CA GLY D 552 -43.53 -18.83 0.57
C GLY D 552 -44.50 -19.05 1.70
N VAL D 553 -43.98 -19.29 2.90
CA VAL D 553 -44.80 -19.49 4.10
C VAL D 553 -44.19 -18.67 5.23
N LEU D 554 -45.01 -17.84 5.87
CA LEU D 554 -44.57 -16.98 6.96
C LEU D 554 -45.15 -17.50 8.27
N LEU D 555 -44.29 -17.68 9.26
CA LEU D 555 -44.68 -18.16 10.58
C LEU D 555 -44.47 -17.04 11.59
N TYR D 556 -45.54 -16.68 12.31
CA TYR D 556 -45.49 -15.63 13.32
C TYR D 556 -46.15 -16.13 14.59
N GLY D 557 -45.66 -15.69 15.76
CA GLY D 557 -46.34 -16.18 16.98
C GLY D 557 -45.66 -15.73 18.26
N PRO D 558 -46.08 -16.26 19.43
CA PRO D 558 -45.37 -16.07 20.68
C PRO D 558 -43.97 -16.70 20.60
N PRO D 559 -42.95 -16.11 21.25
CA PRO D 559 -41.59 -16.62 21.23
C PRO D 559 -41.34 -17.72 22.27
N GLY D 560 -42.41 -18.20 22.90
CA GLY D 560 -42.28 -19.30 23.87
C GLY D 560 -41.88 -20.59 23.15
N CYS D 561 -42.73 -21.07 22.25
CA CYS D 561 -42.42 -22.32 21.48
C CYS D 561 -43.30 -22.42 20.23
N SER D 562 -43.18 -23.60 19.58
CA SER D 562 -43.92 -24.13 18.39
C SER D 562 -43.29 -23.79 17.04
N LYS D 563 -42.83 -22.55 16.83
CA LYS D 563 -42.25 -22.14 15.52
C LYS D 563 -41.10 -23.08 15.13
N THR D 564 -40.00 -23.01 15.88
CA THR D 564 -38.82 -23.88 15.60
C THR D 564 -39.19 -25.35 15.81
N LEU D 565 -40.05 -25.66 16.79
CA LEU D 565 -40.49 -27.05 17.02
C LEU D 565 -41.19 -27.57 15.76
N THR D 566 -42.08 -26.76 15.15
CA THR D 566 -42.76 -27.19 13.89
C THR D 566 -41.72 -27.31 12.77
N ALA D 567 -40.72 -26.43 12.76
CA ALA D 567 -39.65 -26.50 11.73
C ALA D 567 -38.91 -27.83 11.86
N LYS D 568 -38.64 -28.25 13.10
CA LYS D 568 -37.92 -29.53 13.40
C LYS D 568 -38.75 -30.71 12.88
N ALA D 569 -40.01 -30.81 13.31
CA ALA D 569 -40.90 -31.91 12.88
C ALA D 569 -40.86 -32.03 11.35
N LEU D 570 -40.84 -30.88 10.68
CA LEU D 570 -40.84 -30.81 9.20
C LEU D 570 -39.53 -31.38 8.66
N ALA D 571 -38.41 -31.18 9.36
CA ALA D 571 -37.16 -31.70 8.81
C ALA D 571 -37.00 -33.19 9.09
N THR D 572 -37.49 -33.65 10.24
CA THR D 572 -37.36 -35.09 10.57
C THR D 572 -38.38 -35.90 9.74
N GLU D 573 -39.67 -35.57 9.92
CA GLU D 573 -40.84 -36.24 9.29
C GLU D 573 -40.63 -36.49 7.80
N SER D 574 -40.62 -35.43 6.99
CA SER D 574 -40.48 -35.60 5.52
C SER D 574 -39.13 -36.27 5.20
N GLY D 575 -38.07 -35.84 5.89
CA GLY D 575 -36.71 -36.42 5.70
C GLY D 575 -35.98 -35.79 4.52
N ILE D 576 -36.59 -34.78 3.88
CA ILE D 576 -35.98 -34.07 2.71
C ILE D 576 -34.89 -33.12 3.23
N ASN D 577 -33.96 -32.73 2.34
CA ASN D 577 -32.83 -31.81 2.68
C ASN D 577 -33.32 -30.60 3.50
N PHE D 578 -32.57 -30.24 4.54
CA PHE D 578 -32.91 -29.11 5.39
C PHE D 578 -31.66 -28.29 5.66
N LEU D 579 -31.78 -26.97 5.50
CA LEU D 579 -30.67 -26.04 5.72
C LEU D 579 -31.14 -25.02 6.77
N ALA D 580 -30.66 -25.16 7.99
CA ALA D 580 -31.03 -24.26 9.07
C ALA D 580 -30.23 -22.97 8.97
N VAL D 581 -30.93 -21.86 8.73
CA VAL D 581 -30.31 -20.55 8.61
C VAL D 581 -30.87 -19.66 9.71
N LYS D 582 -29.98 -19.06 10.50
CA LYS D 582 -30.37 -18.15 11.57
C LYS D 582 -30.28 -16.70 11.08
N GLY D 583 -30.93 -15.82 11.82
CA GLY D 583 -31.00 -14.42 11.47
C GLY D 583 -29.68 -13.69 11.62
N PRO D 584 -29.21 -13.53 12.85
CA PRO D 584 -27.98 -12.76 13.07
C PRO D 584 -26.73 -13.37 12.45
N GLU D 585 -26.73 -14.67 12.14
CA GLU D 585 -25.50 -15.30 11.66
C GLU D 585 -25.14 -14.91 10.24
N ILE D 586 -26.13 -14.54 9.41
CA ILE D 586 -25.81 -14.09 8.06
C ILE D 586 -25.26 -12.66 8.07
N PHE D 587 -25.49 -11.91 9.15
CA PHE D 587 -24.98 -10.55 9.23
C PHE D 587 -23.46 -10.56 9.33
N ASN D 588 -22.82 -9.74 8.51
CA ASN D 588 -21.37 -9.63 8.48
C ASN D 588 -20.97 -8.17 8.52
N LYS D 589 -19.88 -7.88 9.24
CA LYS D 589 -19.41 -6.49 9.32
C LYS D 589 -18.96 -5.98 7.96
N TYR D 590 -18.29 -6.82 7.18
CA TYR D 590 -17.87 -6.43 5.84
C TYR D 590 -19.09 -6.27 4.93
N VAL D 591 -19.08 -5.22 4.13
CA VAL D 591 -20.18 -4.94 3.21
C VAL D 591 -20.05 -5.82 1.98
N GLY D 592 -21.10 -6.57 1.67
CA GLY D 592 -21.11 -7.46 0.53
C GLY D 592 -20.85 -8.91 0.86
N GLU D 593 -20.27 -9.20 2.02
CA GLU D 593 -20.04 -10.59 2.42
C GLU D 593 -21.36 -11.32 2.62
N SER D 594 -22.34 -10.65 3.22
CA SER D 594 -23.66 -11.25 3.39
C SER D 594 -24.30 -11.55 2.04
N GLU D 595 -24.08 -10.69 1.04
CA GLU D 595 -24.58 -10.96 -0.30
C GLU D 595 -23.99 -12.24 -0.87
N ARG D 596 -22.67 -12.41 -0.70
CA ARG D 596 -22.03 -13.63 -1.16
C ARG D 596 -22.57 -14.85 -0.42
N ALA D 597 -22.78 -14.71 0.89
CA ALA D 597 -23.28 -15.84 1.68
C ALA D 597 -24.69 -16.25 1.23
N ILE D 598 -25.57 -15.27 1.03
CA ILE D 598 -26.94 -15.60 0.62
C ILE D 598 -26.96 -16.15 -0.80
N ARG D 599 -26.12 -15.61 -1.69
CA ARG D 599 -26.04 -16.17 -3.03
C ARG D 599 -25.54 -17.61 -2.99
N GLU D 600 -24.54 -17.90 -2.16
CA GLU D 600 -24.02 -19.25 -2.05
C GLU D 600 -25.07 -20.21 -1.51
N ILE D 601 -25.81 -19.80 -0.47
CA ILE D 601 -26.81 -20.70 0.10
C ILE D 601 -27.95 -20.91 -0.89
N PHE D 602 -28.33 -19.87 -1.64
CA PHE D 602 -29.39 -20.02 -2.63
C PHE D 602 -28.97 -20.95 -3.75
N ARG D 603 -27.73 -20.82 -4.26
CA ARG D 603 -27.29 -21.71 -5.32
C ARG D 603 -27.12 -23.13 -4.82
N LYS D 604 -26.68 -23.30 -3.55
CA LYS D 604 -26.60 -24.64 -2.98
C LYS D 604 -27.98 -25.28 -2.87
N ALA D 605 -28.98 -24.51 -2.45
CA ALA D 605 -30.33 -25.03 -2.39
C ALA D 605 -30.85 -25.39 -3.79
N ARG D 606 -30.55 -24.54 -4.77
CA ARG D 606 -31.01 -24.81 -6.14
C ARG D 606 -30.37 -26.09 -6.70
N SER D 607 -29.07 -26.26 -6.48
CA SER D 607 -28.33 -27.38 -7.06
C SER D 607 -28.30 -28.61 -6.16
N ALA D 608 -28.94 -28.57 -5.00
CA ALA D 608 -28.94 -29.68 -4.05
C ALA D 608 -30.32 -30.33 -3.96
N ALA D 609 -30.99 -30.49 -5.10
CA ALA D 609 -32.30 -31.14 -5.23
C ALA D 609 -33.37 -30.31 -4.53
N PRO D 610 -34.66 -30.62 -4.72
CA PRO D 610 -35.69 -29.91 -3.97
C PRO D 610 -35.48 -30.05 -2.46
N SER D 611 -35.70 -28.95 -1.75
CA SER D 611 -35.43 -28.89 -0.32
C SER D 611 -36.30 -27.80 0.30
N ILE D 612 -36.03 -27.48 1.56
CA ILE D 612 -36.76 -26.44 2.29
C ILE D 612 -35.75 -25.55 2.99
N ILE D 613 -35.99 -24.23 2.92
CA ILE D 613 -35.12 -23.24 3.54
C ILE D 613 -35.89 -22.59 4.67
N PHE D 614 -35.36 -22.67 5.88
CA PHE D 614 -36.01 -22.16 7.07
C PHE D 614 -35.16 -21.07 7.71
N PHE D 615 -35.80 -19.99 8.13
CA PHE D 615 -35.14 -18.89 8.83
C PHE D 615 -35.60 -18.90 10.28
N ASP D 616 -34.64 -19.02 11.20
CA ASP D 616 -34.97 -19.08 12.62
C ASP D 616 -35.56 -17.76 13.10
N GLU D 617 -34.99 -16.63 12.66
CA GLU D 617 -35.44 -15.32 13.12
C GLU D 617 -35.28 -14.34 11.96
N ILE D 618 -36.41 -14.03 11.30
CA ILE D 618 -36.39 -13.14 10.14
C ILE D 618 -36.67 -11.69 10.51
N ASP D 619 -37.03 -11.41 11.76
CA ASP D 619 -37.36 -10.05 12.18
C ASP D 619 -36.13 -9.22 12.54
N ALA D 620 -34.94 -9.63 12.08
CA ALA D 620 -33.72 -8.84 12.27
C ALA D 620 -33.28 -8.13 10.99
N LEU D 621 -33.25 -8.86 9.87
CA LEU D 621 -32.91 -8.25 8.60
C LEU D 621 -34.05 -7.44 8.01
N SER D 622 -35.29 -7.86 8.25
CA SER D 622 -36.44 -7.17 7.66
C SER D 622 -36.63 -5.73 8.14
N PRO D 623 -36.57 -5.41 9.45
CA PRO D 623 -36.91 -4.03 9.87
C PRO D 623 -35.76 -3.07 9.58
N ASP D 624 -35.99 -2.17 8.63
CA ASP D 624 -35.01 -1.16 8.27
C ASP D 624 -35.52 0.27 8.43
N ARG D 625 -36.79 0.53 8.07
CA ARG D 625 -37.34 1.87 8.25
C ARG D 625 -37.46 2.23 9.72
N ASP D 626 -37.96 1.31 10.54
CA ASP D 626 -38.12 1.57 11.96
C ASP D 626 -36.78 1.59 12.68
N GLY D 627 -35.92 0.63 12.39
CA GLY D 627 -34.63 0.52 13.04
C GLY D 627 -33.53 1.39 12.49
N SER D 628 -33.79 2.14 11.42
CA SER D 628 -32.80 3.00 10.78
C SER D 628 -31.54 2.21 10.42
N SER D 629 -31.75 1.05 9.83
CA SER D 629 -30.64 0.18 9.45
C SER D 629 -29.83 0.79 8.31
N THR D 630 -28.59 0.34 8.18
CA THR D 630 -27.70 0.85 7.15
C THR D 630 -28.13 0.33 5.77
N SER D 631 -27.41 0.78 4.74
CA SER D 631 -27.74 0.38 3.37
C SER D 631 -27.50 -1.09 3.12
N ALA D 632 -26.67 -1.75 3.95
CA ALA D 632 -26.42 -3.18 3.76
C ALA D 632 -27.69 -4.00 3.95
N ALA D 633 -28.50 -3.65 4.96
CA ALA D 633 -29.75 -4.36 5.18
C ALA D 633 -30.72 -4.17 4.02
N ASN D 634 -30.79 -2.94 3.50
CA ASN D 634 -31.66 -2.69 2.34
C ASN D 634 -31.18 -3.46 1.12
N HIS D 635 -29.86 -3.52 0.90
CA HIS D 635 -29.33 -4.28 -0.21
C HIS D 635 -29.64 -5.77 -0.06
N VAL D 636 -29.51 -6.30 1.16
CA VAL D 636 -29.83 -7.71 1.40
C VAL D 636 -31.31 -7.96 1.14
N LEU D 637 -32.17 -7.06 1.60
CA LEU D 637 -33.61 -7.22 1.37
C LEU D 637 -33.93 -7.21 -0.12
N THR D 638 -33.35 -6.27 -0.87
CA THR D 638 -33.60 -6.21 -2.31
C THR D 638 -33.08 -7.47 -3.01
N SER D 639 -31.90 -7.95 -2.61
CA SER D 639 -31.34 -9.15 -3.22
C SER D 639 -32.21 -10.37 -2.95
N LEU D 640 -32.70 -10.52 -1.71
CA LEU D 640 -33.54 -11.67 -1.40
C LEU D 640 -34.89 -11.58 -2.11
N LEU D 641 -35.44 -10.37 -2.23
CA LEU D 641 -36.68 -10.20 -2.98
C LEU D 641 -36.48 -10.57 -4.45
N ASN D 642 -35.38 -10.12 -5.04
CA ASN D 642 -35.10 -10.45 -6.44
C ASN D 642 -34.83 -11.94 -6.62
N GLU D 643 -34.27 -12.59 -5.60
CA GLU D 643 -34.04 -14.03 -5.71
C GLU D 643 -35.34 -14.81 -5.61
N ILE D 644 -36.21 -14.43 -4.67
CA ILE D 644 -37.45 -15.18 -4.46
C ILE D 644 -38.41 -14.95 -5.62
N ASP D 645 -38.63 -13.69 -6.00
CA ASP D 645 -39.64 -13.40 -7.02
C ASP D 645 -39.16 -12.38 -8.04
N GLY D 646 -37.91 -12.50 -8.51
CA GLY D 646 -37.44 -11.65 -9.56
C GLY D 646 -36.94 -12.42 -10.77
N VAL D 647 -37.68 -12.31 -11.88
CA VAL D 647 -37.37 -12.90 -13.20
C VAL D 647 -36.91 -14.35 -13.08
N GLU D 648 -37.20 -14.98 -11.95
CA GLU D 648 -36.82 -16.37 -11.70
C GLU D 648 -37.87 -17.03 -10.82
N GLU D 649 -37.95 -18.35 -10.92
CA GLU D 649 -38.87 -19.15 -10.11
C GLU D 649 -38.13 -20.34 -9.53
N LEU D 650 -38.34 -20.60 -8.24
CA LEU D 650 -37.73 -21.72 -7.54
C LEU D 650 -38.85 -22.68 -7.15
N LYS D 651 -39.21 -23.57 -8.09
CA LYS D 651 -40.28 -24.52 -7.85
C LYS D 651 -39.83 -25.66 -6.95
N GLY D 652 -38.57 -26.09 -7.08
CA GLY D 652 -38.10 -27.23 -6.31
C GLY D 652 -38.04 -26.95 -4.82
N VAL D 653 -37.53 -25.79 -4.43
CA VAL D 653 -37.32 -25.47 -3.03
C VAL D 653 -38.52 -24.70 -2.51
N VAL D 654 -38.71 -24.77 -1.19
CA VAL D 654 -39.78 -24.07 -0.49
C VAL D 654 -39.15 -23.18 0.58
N ILE D 655 -39.52 -21.91 0.59
CA ILE D 655 -38.95 -20.94 1.52
C ILE D 655 -39.95 -20.70 2.64
N VAL D 656 -39.53 -20.95 3.87
CA VAL D 656 -40.34 -20.73 5.06
C VAL D 656 -39.54 -19.89 6.04
N ALA D 657 -40.22 -18.96 6.71
CA ALA D 657 -39.58 -18.05 7.64
C ALA D 657 -40.39 -17.96 8.94
N ALA D 658 -39.68 -17.75 10.04
CA ALA D 658 -40.29 -17.60 11.35
C ALA D 658 -39.89 -16.26 11.94
N THR D 659 -40.85 -15.56 12.54
CA THR D 659 -40.62 -14.24 13.12
C THR D 659 -41.28 -14.15 14.48
N ASN D 660 -40.72 -13.26 15.32
CA ASN D 660 -41.28 -12.99 16.64
C ASN D 660 -42.15 -11.74 16.67
N ARG D 661 -41.79 -10.71 15.90
CA ARG D 661 -42.56 -9.48 15.81
C ARG D 661 -42.93 -9.26 14.36
N PRO D 662 -44.17 -9.55 13.97
CA PRO D 662 -44.51 -9.63 12.55
C PRO D 662 -44.65 -8.28 11.83
N ASP D 663 -45.08 -7.24 12.55
CA ASP D 663 -45.32 -5.96 11.91
C ASP D 663 -44.04 -5.21 11.56
N GLU D 664 -42.91 -5.60 12.13
CA GLU D 664 -41.64 -4.94 11.79
C GLU D 664 -41.08 -5.40 10.45
N ILE D 665 -41.57 -6.51 9.90
CA ILE D 665 -41.20 -6.90 8.55
C ILE D 665 -41.81 -5.91 7.56
N ASP D 666 -40.98 -5.46 6.61
CA ASP D 666 -41.42 -4.45 5.66
C ASP D 666 -42.56 -4.96 4.80
N ALA D 667 -43.43 -4.04 4.38
CA ALA D 667 -44.59 -4.40 3.57
C ALA D 667 -44.18 -4.96 2.21
N ALA D 668 -42.96 -4.69 1.76
CA ALA D 668 -42.50 -5.25 0.50
C ALA D 668 -42.44 -6.78 0.57
N LEU D 669 -41.98 -7.32 1.70
CA LEU D 669 -41.99 -8.77 1.89
C LEU D 669 -43.42 -9.29 1.96
N LEU D 670 -44.31 -8.57 2.62
CA LEU D 670 -45.71 -8.95 2.72
C LEU D 670 -46.51 -8.51 1.49
N ARG D 671 -46.01 -8.88 0.32
CA ARG D 671 -46.61 -8.66 -0.98
C ARG D 671 -47.26 -9.95 -1.48
N PRO D 672 -48.41 -9.87 -2.15
CA PRO D 672 -49.03 -11.08 -2.69
C PRO D 672 -48.09 -11.81 -3.64
N GLY D 673 -48.06 -13.13 -3.50
CA GLY D 673 -47.18 -13.99 -4.26
C GLY D 673 -45.93 -14.42 -3.52
N ARG D 674 -45.58 -13.76 -2.43
CA ARG D 674 -44.42 -14.12 -1.62
C ARG D 674 -44.79 -14.07 -0.14
N LEU D 675 -44.45 -15.14 0.58
CA LEU D 675 -44.67 -15.22 2.02
C LEU D 675 -46.14 -14.98 2.37
N ASP D 676 -47.03 -15.52 1.55
CA ASP D 676 -48.46 -15.27 1.73
C ASP D 676 -49.05 -16.07 2.88
N ARG D 677 -48.56 -17.28 3.11
CA ARG D 677 -49.12 -18.13 4.16
C ARG D 677 -48.84 -17.54 5.54
N HIS D 678 -49.85 -17.59 6.41
CA HIS D 678 -49.74 -17.08 7.77
C HIS D 678 -50.35 -18.09 8.73
N ILE D 679 -49.60 -18.44 9.77
CA ILE D 679 -50.05 -19.37 10.80
C ILE D 679 -49.95 -18.68 12.15
N TYR D 680 -51.06 -18.68 12.90
CA TYR D 680 -51.08 -18.05 14.21
C TYR D 680 -50.12 -18.73 15.17
N VAL D 681 -50.15 -20.07 15.22
CA VAL D 681 -49.30 -20.94 16.05
C VAL D 681 -49.00 -20.28 17.40
N GLY D 682 -50.06 -19.90 18.11
CA GLY D 682 -49.92 -19.23 19.38
C GLY D 682 -49.46 -20.15 20.50
N PRO D 683 -49.81 -19.80 21.73
CA PRO D 683 -49.42 -20.65 22.86
C PRO D 683 -50.01 -22.03 22.72
N PRO D 684 -49.29 -23.06 23.18
CA PRO D 684 -49.81 -24.43 23.07
C PRO D 684 -51.06 -24.61 23.93
N ASP D 685 -51.95 -25.49 23.46
CA ASP D 685 -53.20 -25.76 24.14
C ASP D 685 -52.94 -26.69 25.33
N VAL D 686 -54.02 -27.14 25.97
CA VAL D 686 -53.89 -28.01 27.13
C VAL D 686 -53.29 -29.36 26.74
N ASN D 687 -53.64 -29.86 25.55
CA ASN D 687 -53.14 -31.17 25.12
C ASN D 687 -51.63 -31.14 24.90
N ALA D 688 -51.13 -30.11 24.23
CA ALA D 688 -49.69 -30.03 23.97
C ALA D 688 -48.90 -29.89 25.27
N ARG D 689 -49.38 -29.04 26.18
CA ARG D 689 -48.71 -28.88 27.46
C ARG D 689 -48.74 -30.16 28.27
N LEU D 690 -49.88 -30.87 28.24
CA LEU D 690 -49.98 -32.15 28.95
C LEU D 690 -49.00 -33.16 28.37
N GLU D 691 -48.88 -33.22 27.04
CA GLU D 691 -47.95 -34.14 26.42
C GLU D 691 -46.51 -33.79 26.77
N ILE D 692 -46.18 -32.50 26.77
CA ILE D 692 -44.83 -32.07 27.13
C ILE D 692 -44.52 -32.42 28.58
N LEU D 693 -45.47 -32.20 29.48
CA LEU D 693 -45.29 -32.54 30.88
C LEU D 693 -45.11 -34.05 31.06
N LYS D 694 -45.90 -34.85 30.34
CA LYS D 694 -45.74 -36.30 30.42
C LYS D 694 -44.38 -36.74 29.91
N LYS D 695 -43.90 -36.14 28.82
CA LYS D 695 -42.58 -36.47 28.30
C LYS D 695 -41.48 -36.10 29.31
N CYS D 696 -41.60 -34.92 29.92
CA CYS D 696 -40.57 -34.48 30.85
C CYS D 696 -40.59 -35.29 32.15
N THR D 697 -41.77 -35.73 32.58
CA THR D 697 -41.93 -36.48 33.82
C THR D 697 -41.65 -37.97 33.64
N LYS D 698 -41.37 -38.41 32.40
CA LYS D 698 -41.12 -39.82 32.15
C LYS D 698 -39.97 -40.36 33.01
N LYS D 699 -38.95 -39.53 33.26
CA LYS D 699 -37.86 -39.96 34.11
C LYS D 699 -38.34 -40.22 35.54
N PHE D 700 -39.22 -39.38 36.05
CA PHE D 700 -39.77 -39.56 37.39
C PHE D 700 -40.91 -40.57 37.37
N ASN D 701 -41.34 -40.97 38.57
CA ASN D 701 -42.45 -41.91 38.74
C ASN D 701 -43.69 -41.13 39.13
N THR D 702 -44.70 -41.13 38.26
CA THR D 702 -45.93 -40.41 38.54
C THR D 702 -46.81 -41.12 39.55
N GLU D 703 -46.79 -42.46 39.54
CA GLU D 703 -47.65 -43.21 40.45
C GLU D 703 -47.28 -42.98 41.90
N GLU D 704 -45.98 -42.98 42.21
CA GLU D 704 -45.54 -42.74 43.58
C GLU D 704 -45.88 -41.32 44.03
N SER D 705 -45.69 -40.34 43.14
CA SER D 705 -46.01 -38.96 43.49
C SER D 705 -47.51 -38.74 43.63
N GLY D 706 -48.31 -39.46 42.84
CA GLY D 706 -49.75 -39.32 42.89
C GLY D 706 -50.33 -38.27 41.98
N VAL D 707 -49.51 -37.59 41.16
CA VAL D 707 -50.03 -36.59 40.25
C VAL D 707 -50.84 -37.27 39.16
N ASP D 708 -51.96 -36.65 38.80
CA ASP D 708 -52.86 -37.19 37.80
C ASP D 708 -52.54 -36.70 36.38
N LEU D 709 -51.55 -35.83 36.24
CA LEU D 709 -51.11 -35.27 34.96
C LEU D 709 -52.20 -34.46 34.26
N HIS D 710 -53.31 -34.18 34.93
CA HIS D 710 -54.38 -33.36 34.37
C HIS D 710 -54.59 -32.08 35.15
N GLU D 711 -54.56 -32.13 36.48
CA GLU D 711 -54.68 -30.91 37.28
C GLU D 711 -53.50 -29.98 37.06
N LEU D 712 -52.30 -30.54 36.90
CA LEU D 712 -51.12 -29.72 36.61
C LEU D 712 -51.29 -28.97 35.29
N ALA D 713 -51.79 -29.67 34.26
CA ALA D 713 -52.04 -29.02 32.98
C ALA D 713 -53.15 -27.99 33.08
N ASP D 714 -54.19 -28.26 33.88
CA ASP D 714 -55.26 -27.29 34.07
C ASP D 714 -54.74 -26.01 34.72
N ARG D 715 -53.88 -26.16 35.73
CA ARG D 715 -53.28 -24.98 36.35
C ARG D 715 -52.27 -24.30 35.44
N THR D 716 -51.56 -25.09 34.63
CA THR D 716 -50.54 -24.56 33.71
C THR D 716 -51.19 -24.35 32.35
N GLU D 717 -51.86 -23.19 32.19
CA GLU D 717 -52.53 -22.83 30.96
C GLU D 717 -51.83 -21.71 30.21
N GLY D 718 -51.44 -20.64 30.90
CA GLY D 718 -50.79 -19.51 30.25
C GLY D 718 -49.32 -19.70 29.96
N TYR D 719 -48.73 -20.80 30.42
CA TYR D 719 -47.31 -21.03 30.18
C TYR D 719 -47.09 -21.61 28.79
N SER D 720 -45.83 -21.66 28.38
CA SER D 720 -45.42 -22.23 27.10
C SER D 720 -44.69 -23.54 27.32
N GLY D 721 -44.37 -24.21 26.21
CA GLY D 721 -43.64 -25.46 26.29
C GLY D 721 -42.28 -25.31 26.95
N ALA D 722 -41.54 -24.26 26.56
CA ALA D 722 -40.27 -23.98 27.22
C ALA D 722 -40.48 -23.64 28.69
N GLU D 723 -41.55 -22.89 29.00
CA GLU D 723 -41.87 -22.61 30.39
C GLU D 723 -42.18 -23.87 31.16
N VAL D 724 -42.93 -24.80 30.55
CA VAL D 724 -43.23 -26.06 31.21
C VAL D 724 -41.95 -26.85 31.47
N VAL D 725 -41.05 -26.88 30.48
CA VAL D 725 -39.79 -27.59 30.64
C VAL D 725 -38.97 -26.98 31.78
N LEU D 726 -38.90 -25.66 31.83
CA LEU D 726 -38.15 -24.99 32.89
C LEU D 726 -38.77 -25.26 34.26
N LEU D 727 -40.11 -25.25 34.35
CA LEU D 727 -40.77 -25.55 35.61
C LEU D 727 -40.47 -26.98 36.06
N CYS D 728 -40.52 -27.93 35.13
CA CYS D 728 -40.19 -29.31 35.47
C CYS D 728 -38.75 -29.44 35.92
N GLN D 729 -37.83 -28.75 35.25
CA GLN D 729 -36.43 -28.78 35.64
C GLN D 729 -36.22 -28.21 37.04
N GLU D 730 -36.89 -27.08 37.34
CA GLU D 730 -36.76 -26.48 38.67
C GLU D 730 -37.36 -27.38 39.74
N ALA D 731 -38.50 -28.02 39.45
CA ALA D 731 -39.08 -28.94 40.41
C ALA D 731 -38.16 -30.14 40.66
N GLY D 732 -37.56 -30.66 39.60
CA GLY D 732 -36.60 -31.75 39.78
C GLY D 732 -35.39 -31.32 40.58
N LEU D 733 -34.90 -30.11 40.34
CA LEU D 733 -33.77 -29.59 41.13
C LEU D 733 -34.14 -29.48 42.60
N ALA D 734 -35.33 -28.95 42.89
CA ALA D 734 -35.77 -28.84 44.28
C ALA D 734 -35.91 -30.22 44.92
N ALA D 735 -36.42 -31.19 44.16
CA ALA D 735 -36.55 -32.55 44.69
C ALA D 735 -35.19 -33.17 44.97
N ILE D 736 -34.21 -32.98 44.08
CA ILE D 736 -32.92 -33.62 44.26
C ILE D 736 -32.03 -32.88 45.26
N MET D 737 -32.34 -31.63 45.59
CA MET D 737 -31.59 -30.95 46.64
C MET D 737 -32.09 -31.25 48.04
N GLU D 738 -33.15 -32.07 48.17
CA GLU D 738 -33.64 -32.45 49.50
C GLU D 738 -32.83 -33.61 50.07
N ASP D 739 -32.83 -34.74 49.37
CA ASP D 739 -32.15 -35.95 49.85
C ASP D 739 -31.37 -36.60 48.71
N LEU D 740 -30.63 -35.78 47.97
CA LEU D 740 -29.75 -36.22 46.88
C LEU D 740 -30.62 -36.89 45.81
N ASP D 741 -30.27 -38.07 45.31
CA ASP D 741 -31.02 -38.69 44.22
C ASP D 741 -32.40 -39.09 44.69
N VAL D 742 -33.39 -38.85 43.82
CA VAL D 742 -34.78 -39.20 44.08
C VAL D 742 -35.34 -39.93 42.86
N ALA D 743 -36.20 -40.91 43.10
CA ALA D 743 -36.85 -41.66 42.03
C ALA D 743 -38.12 -41.00 41.54
N LYS D 744 -38.53 -39.88 42.15
CA LYS D 744 -39.76 -39.21 41.78
C LYS D 744 -39.66 -37.75 42.18
N VAL D 745 -40.56 -36.94 41.62
CA VAL D 745 -40.69 -35.53 41.98
C VAL D 745 -42.04 -35.35 42.66
N GLU D 746 -42.05 -34.63 43.78
CA GLU D 746 -43.26 -34.47 44.57
C GLU D 746 -44.09 -33.29 44.05
N LEU D 747 -45.40 -33.37 44.32
CA LEU D 747 -46.30 -32.30 43.90
C LEU D 747 -46.01 -31.01 44.64
N ARG D 748 -45.57 -31.09 45.90
CA ARG D 748 -45.24 -29.90 46.65
C ARG D 748 -44.08 -29.13 46.00
N HIS D 749 -43.09 -29.86 45.49
CA HIS D 749 -41.98 -29.21 44.79
C HIS D 749 -42.47 -28.50 43.53
N PHE D 750 -43.38 -29.15 42.78
CA PHE D 750 -43.93 -28.53 41.58
C PHE D 750 -44.70 -27.27 41.93
N GLU D 751 -45.50 -27.31 43.00
CA GLU D 751 -46.28 -26.13 43.38
C GLU D 751 -45.37 -25.01 43.88
N LYS D 752 -44.30 -25.36 44.60
CA LYS D 752 -43.33 -24.36 45.03
C LYS D 752 -42.65 -23.71 43.83
N ALA D 753 -42.31 -24.51 42.81
CA ALA D 753 -41.77 -23.96 41.58
C ALA D 753 -42.80 -23.05 40.90
N PHE D 754 -44.07 -23.42 40.98
CA PHE D 754 -45.13 -22.58 40.42
C PHE D 754 -45.18 -21.22 41.11
N LYS D 755 -45.06 -21.20 42.44
CA LYS D 755 -44.97 -19.92 43.13
C LYS D 755 -43.72 -19.15 42.73
N GLY D 756 -42.59 -19.85 42.61
CA GLY D 756 -41.30 -19.22 42.38
C GLY D 756 -41.00 -18.81 40.96
N ILE D 757 -41.98 -18.90 40.05
CA ILE D 757 -41.76 -18.56 38.65
C ILE D 757 -42.80 -17.53 38.24
N ALA D 758 -42.48 -16.78 37.19
CA ALA D 758 -43.38 -15.80 36.60
C ALA D 758 -43.99 -16.34 35.33
N ARG D 759 -45.19 -15.85 34.99
CA ARG D 759 -45.88 -16.33 33.81
C ARG D 759 -45.10 -16.01 32.53
N GLY D 760 -44.57 -14.79 32.44
CA GLY D 760 -43.76 -14.41 31.31
C GLY D 760 -44.50 -14.07 30.03
N ILE D 761 -45.83 -14.08 30.06
CA ILE D 761 -46.65 -13.78 28.89
C ILE D 761 -47.61 -12.64 29.26
N THR D 762 -47.79 -11.70 28.33
CA THR D 762 -48.67 -10.56 28.54
C THR D 762 -49.80 -10.57 27.53
N PRO D 763 -51.03 -10.25 27.97
CA PRO D 763 -52.16 -10.22 27.02
C PRO D 763 -52.02 -9.15 25.95
N GLU D 764 -51.22 -8.11 26.19
CA GLU D 764 -51.10 -7.04 25.20
C GLU D 764 -50.45 -7.55 23.91
N MET D 765 -49.41 -8.38 24.02
CA MET D 765 -48.78 -8.91 22.81
C MET D 765 -49.64 -9.98 22.17
N LEU D 766 -50.43 -10.71 22.96
CA LEU D 766 -51.40 -11.65 22.38
C LEU D 766 -52.43 -10.90 21.54
N SER D 767 -52.95 -9.78 22.06
CA SER D 767 -53.88 -8.97 21.28
C SER D 767 -53.20 -8.35 20.07
N TYR D 768 -51.91 -8.00 20.20
CA TYR D 768 -51.15 -7.50 19.06
C TYR D 768 -51.07 -8.55 17.95
N TYR D 769 -50.76 -9.79 18.33
CA TYR D 769 -50.73 -10.87 17.35
C TYR D 769 -52.11 -11.10 16.74
N GLU D 770 -53.16 -11.04 17.56
CA GLU D 770 -54.51 -11.25 17.05
C GLU D 770 -54.89 -10.16 16.05
N GLU D 771 -54.56 -8.91 16.34
CA GLU D 771 -54.92 -7.82 15.42
C GLU D 771 -54.06 -7.85 14.18
N PHE D 772 -52.81 -8.34 14.27
CA PHE D 772 -52.03 -8.56 13.07
C PHE D 772 -52.66 -9.65 12.21
N ALA D 773 -53.15 -10.72 12.84
CA ALA D 773 -53.81 -11.79 12.09
C ALA D 773 -55.08 -11.28 11.41
N LEU D 774 -55.87 -10.47 12.13
CA LEU D 774 -57.11 -9.95 11.54
C LEU D 774 -56.83 -9.03 10.36
N ARG D 775 -55.81 -8.18 10.47
CA ARG D 775 -55.51 -7.24 9.38
C ARG D 775 -54.88 -7.94 8.18
N SER D 776 -54.41 -9.18 8.34
CA SER D 776 -53.80 -9.91 7.24
C SER D 776 -54.80 -10.88 6.62
N LYS E 29 47.32 -15.33 2.38
CA LYS E 29 47.07 -14.54 3.56
C LYS E 29 46.43 -13.20 3.20
N LEU E 30 47.27 -12.24 2.80
CA LEU E 30 46.86 -10.91 2.37
C LEU E 30 46.02 -10.22 3.45
N PRO E 31 46.62 -9.82 4.57
CA PRO E 31 45.86 -9.16 5.64
C PRO E 31 45.52 -7.73 5.25
N ALA E 32 44.26 -7.34 5.47
CA ALA E 32 43.80 -6.00 5.13
C ALA E 32 43.39 -5.18 6.34
N GLU E 33 43.01 -5.83 7.44
CA GLU E 33 42.59 -5.14 8.65
C GLU E 33 43.38 -5.66 9.84
N PHE E 34 43.50 -4.83 10.87
CA PHE E 34 44.26 -5.18 12.06
C PHE E 34 43.46 -4.82 13.30
N ILE E 35 43.74 -5.54 14.39
CA ILE E 35 43.09 -5.36 15.67
C ILE E 35 44.16 -5.11 16.72
N THR E 36 43.92 -4.14 17.59
CA THR E 36 44.91 -3.74 18.59
C THR E 36 44.56 -4.35 19.95
N ARG E 37 45.59 -4.84 20.63
CA ARG E 37 45.49 -5.40 21.97
C ARG E 37 46.67 -4.91 22.80
N PRO E 38 46.51 -4.76 24.11
CA PRO E 38 47.60 -4.24 24.94
C PRO E 38 48.79 -5.19 24.97
N HIS E 39 49.97 -4.61 25.10
CA HIS E 39 51.19 -5.39 25.16
C HIS E 39 51.26 -6.14 26.49
N PRO E 40 51.42 -7.46 26.47
CA PRO E 40 51.43 -8.25 27.71
C PRO E 40 52.81 -8.22 28.36
N SER E 41 52.88 -8.88 29.52
CA SER E 41 54.09 -9.09 30.33
C SER E 41 54.61 -7.81 30.96
N LYS E 42 54.01 -6.65 30.68
CA LYS E 42 54.46 -5.37 31.23
C LYS E 42 55.95 -5.16 31.02
N ASP E 43 56.71 -5.14 32.12
CA ASP E 43 58.15 -4.95 32.10
C ASP E 43 58.53 -3.70 31.32
N HIS E 44 59.60 -3.77 30.53
CA HIS E 44 60.01 -2.67 29.67
C HIS E 44 59.87 -3.03 28.20
N GLY E 45 60.53 -4.10 27.75
CA GLY E 45 60.45 -4.50 26.35
C GLY E 45 60.83 -3.37 25.43
N LYS E 46 59.99 -3.16 24.40
CA LYS E 46 60.14 -1.98 23.56
C LYS E 46 59.43 -0.78 24.18
N GLU E 47 58.17 -0.97 24.58
CA GLU E 47 57.36 0.00 25.30
C GLU E 47 56.94 1.15 24.40
N THR E 48 57.50 1.22 23.20
CA THR E 48 57.07 2.21 22.21
C THR E 48 56.90 1.64 20.81
N CYS E 49 57.63 0.60 20.43
CA CYS E 49 57.64 0.07 19.07
C CYS E 49 57.56 -1.45 19.08
N THR E 50 56.62 -2.00 19.86
CA THR E 50 56.46 -3.45 19.92
C THR E 50 56.15 -4.03 18.54
N ALA E 51 55.00 -3.68 17.99
CA ALA E 51 54.62 -4.02 16.62
C ALA E 51 54.84 -5.51 16.32
N TYR E 52 54.25 -6.36 17.17
CA TYR E 52 54.37 -7.81 17.00
C TYR E 52 53.62 -8.22 15.74
N ILE E 53 54.38 -8.54 14.69
CA ILE E 53 53.82 -8.81 13.37
C ILE E 53 54.36 -10.16 12.88
N HIS E 54 53.48 -10.96 12.31
CA HIS E 54 53.87 -12.27 11.81
C HIS E 54 54.91 -12.14 10.70
N PRO E 55 55.86 -13.05 10.60
CA PRO E 55 56.88 -12.95 9.55
C PRO E 55 56.31 -12.94 8.14
N ASN E 56 55.22 -13.67 7.89
CA ASN E 56 54.57 -13.60 6.58
C ASN E 56 54.06 -12.19 6.30
N VAL E 57 53.46 -11.55 7.31
CA VAL E 57 53.05 -10.16 7.15
C VAL E 57 54.26 -9.25 7.07
N LEU E 58 55.35 -9.61 7.74
CA LEU E 58 56.59 -8.83 7.63
C LEU E 58 57.08 -8.80 6.20
N SER E 59 57.07 -9.95 5.52
CA SER E 59 57.52 -10.01 4.14
C SER E 59 56.46 -9.57 3.15
N SER E 60 55.19 -9.48 3.58
CA SER E 60 54.13 -9.06 2.67
C SER E 60 54.33 -7.60 2.23
N LEU E 61 54.72 -6.73 3.14
CA LEU E 61 54.93 -5.33 2.81
C LEU E 61 56.29 -5.05 2.19
N GLU E 62 57.18 -6.06 2.14
CA GLU E 62 58.52 -5.90 1.57
C GLU E 62 59.27 -4.76 2.23
N ILE E 63 59.20 -4.70 3.56
CA ILE E 63 59.84 -3.66 4.35
C ILE E 63 60.67 -4.33 5.45
N ASN E 64 61.83 -3.74 5.74
CA ASN E 64 62.72 -4.30 6.74
C ASN E 64 62.04 -4.31 8.10
N PRO E 65 61.98 -5.45 8.79
CA PRO E 65 61.39 -5.47 10.14
C PRO E 65 62.09 -4.53 11.12
N GLY E 66 63.39 -4.32 10.95
CA GLY E 66 64.11 -3.39 11.80
C GLY E 66 64.01 -1.95 11.32
N SER E 67 62.84 -1.56 10.82
CA SER E 67 62.61 -0.22 10.32
C SER E 67 61.25 0.27 10.82
N PHE E 68 60.89 1.48 10.42
CA PHE E 68 59.64 2.08 10.86
C PHE E 68 58.44 1.43 10.17
N CYS E 69 57.29 1.55 10.82
CA CYS E 69 56.03 1.03 10.28
C CYS E 69 54.94 2.06 10.50
N THR E 70 53.90 1.99 9.67
CA THR E 70 52.79 2.92 9.71
C THR E 70 51.48 2.16 9.81
N VAL E 71 50.60 2.59 10.72
CA VAL E 71 49.29 2.00 10.91
C VAL E 71 48.23 3.02 10.51
N GLY E 72 47.30 2.60 9.65
CA GLY E 72 46.41 3.57 9.01
C GLY E 72 45.43 4.21 9.97
N LYS E 73 44.76 3.40 10.79
CA LYS E 73 43.65 3.84 11.63
C LYS E 73 42.56 4.52 10.78
N ILE E 74 42.32 3.95 9.60
CA ILE E 74 41.27 4.35 8.65
C ILE E 74 41.08 5.87 8.61
N GLY E 75 42.11 6.58 8.15
CA GLY E 75 42.04 8.02 8.00
C GLY E 75 43.16 8.72 8.76
N GLU E 76 42.93 10.00 9.06
CA GLU E 76 43.83 10.86 9.84
C GLU E 76 45.28 10.68 9.43
N ASN E 77 45.61 11.10 8.21
CA ASN E 77 46.92 10.91 7.61
C ASN E 77 48.07 11.30 8.54
N GLY E 78 49.22 10.67 8.36
CA GLY E 78 50.30 10.70 9.33
C GLY E 78 50.63 9.27 9.71
N ILE E 79 49.58 8.46 9.83
CA ILE E 79 49.63 7.01 9.83
C ILE E 79 50.54 6.46 10.92
N LEU E 80 50.77 7.24 11.96
CA LEU E 80 51.43 6.78 13.19
C LEU E 80 52.74 6.07 12.90
N VAL E 81 53.71 6.84 12.40
CA VAL E 81 55.01 6.27 12.02
C VAL E 81 55.72 5.81 13.29
N ILE E 82 55.81 4.49 13.46
CA ILE E 82 56.48 3.87 14.60
C ILE E 82 57.36 2.74 14.08
N ALA E 83 58.42 2.43 14.83
CA ALA E 83 59.30 1.34 14.44
C ALA E 83 58.60 0.00 14.61
N ARG E 84 59.09 -1.00 13.88
CA ARG E 84 58.50 -2.34 13.86
C ARG E 84 59.46 -3.36 14.45
N ALA E 85 58.92 -4.54 14.74
CA ALA E 85 59.69 -5.66 15.27
C ALA E 85 58.96 -6.95 14.94
N GLY E 86 59.52 -8.07 15.39
CA GLY E 86 58.95 -9.38 15.14
C GLY E 86 58.23 -9.94 16.35
N ASP E 87 57.71 -11.16 16.18
CA ASP E 87 57.00 -11.87 17.22
C ASP E 87 57.60 -13.27 17.39
N GLU E 88 56.94 -14.11 18.19
CA GLU E 88 57.38 -15.46 18.48
C GLU E 88 56.47 -16.52 17.87
N GLU E 89 55.79 -16.20 16.78
CA GLU E 89 54.88 -17.06 16.03
C GLU E 89 53.60 -17.40 16.79
N VAL E 90 53.46 -16.93 18.03
CA VAL E 90 52.22 -17.16 18.78
C VAL E 90 51.20 -16.07 18.55
N HIS E 91 51.64 -14.86 18.22
CA HIS E 91 50.73 -13.74 17.99
C HIS E 91 49.87 -14.01 16.77
N PRO E 92 48.55 -13.90 16.87
CA PRO E 92 47.69 -14.08 15.69
C PRO E 92 47.98 -13.03 14.62
N VAL E 93 47.70 -13.42 13.37
CA VAL E 93 48.05 -12.58 12.22
C VAL E 93 47.31 -11.24 12.28
N ASN E 94 46.01 -11.28 12.55
CA ASN E 94 45.21 -10.06 12.49
C ASN E 94 45.58 -9.09 13.59
N VAL E 95 45.84 -9.58 14.79
CA VAL E 95 46.06 -8.69 15.94
C VAL E 95 47.45 -8.07 15.85
N ILE E 96 47.55 -6.82 16.29
CA ILE E 96 48.81 -6.08 16.33
C ILE E 96 48.88 -5.32 17.64
N THR E 97 50.10 -5.17 18.16
CA THR E 97 50.34 -4.48 19.42
C THR E 97 51.11 -3.19 19.16
N LEU E 98 50.61 -2.08 19.71
CA LEU E 98 51.23 -0.77 19.52
C LEU E 98 51.70 -0.16 20.84
N SER E 99 51.60 -0.89 21.95
CA SER E 99 52.05 -0.45 23.28
C SER E 99 51.14 0.63 23.85
N THR E 100 50.90 0.58 25.17
CA THR E 100 49.96 1.47 25.82
C THR E 100 50.35 2.94 25.69
N THR E 101 51.64 3.25 25.57
CA THR E 101 52.06 4.63 25.39
C THR E 101 51.50 5.20 24.09
N ILE E 102 51.72 4.48 22.98
CA ILE E 102 51.18 4.93 21.70
C ILE E 102 49.65 4.87 21.70
N ARG E 103 49.07 3.88 22.40
CA ARG E 103 47.62 3.80 22.49
C ARG E 103 47.04 5.06 23.13
N SER E 104 47.67 5.54 24.20
CA SER E 104 47.23 6.76 24.86
C SER E 104 47.53 8.00 24.03
N VAL E 105 48.67 8.03 23.34
CA VAL E 105 49.05 9.20 22.56
C VAL E 105 48.09 9.40 21.38
N GLY E 106 47.85 8.33 20.62
CA GLY E 106 47.01 8.38 19.44
C GLY E 106 45.55 8.10 19.67
N ASN E 107 45.11 7.95 20.92
CA ASN E 107 43.72 7.60 21.25
C ASN E 107 43.31 6.32 20.56
N LEU E 108 44.22 5.35 20.51
CA LEU E 108 43.96 4.08 19.84
C LEU E 108 43.01 3.22 20.67
N ILE E 109 41.71 3.29 20.38
CA ILE E 109 40.75 2.46 21.08
C ILE E 109 40.98 0.99 20.70
N LEU E 110 40.68 0.11 21.66
CA LEU E 110 41.01 -1.30 21.52
C LEU E 110 40.02 -1.97 20.57
N GLY E 111 40.31 -1.89 19.28
CA GLY E 111 39.44 -2.51 18.29
C GLY E 111 39.15 -1.65 17.08
N ASP E 112 39.82 -0.50 16.98
CA ASP E 112 39.63 0.38 15.84
C ASP E 112 40.18 -0.27 14.56
N ARG E 113 39.55 0.06 13.44
CA ARG E 113 40.00 -0.44 12.15
C ARG E 113 41.37 0.15 11.83
N LEU E 114 42.28 -0.69 11.35
CA LEU E 114 43.66 -0.29 11.11
C LEU E 114 44.10 -0.74 9.72
N GLU E 115 45.07 0.00 9.17
CA GLU E 115 45.67 -0.30 7.87
C GLU E 115 47.17 -0.42 8.02
N LEU E 116 47.84 -0.73 6.92
CA LEU E 116 49.29 -0.86 6.89
C LEU E 116 49.84 -0.24 5.62
N LYS E 117 50.88 0.58 5.76
CA LYS E 117 51.50 1.26 4.64
C LYS E 117 53.01 1.37 4.87
N LYS E 118 53.73 1.69 3.80
CA LYS E 118 55.18 1.80 3.87
C LYS E 118 55.59 3.00 4.73
N ALA E 119 56.75 2.87 5.37
CA ALA E 119 57.26 3.91 6.24
C ALA E 119 57.77 5.11 5.44
N GLN E 120 57.92 6.24 6.14
CA GLN E 120 58.37 7.48 5.55
C GLN E 120 59.85 7.71 5.90
N VAL E 121 60.36 8.89 5.56
CA VAL E 121 61.75 9.22 5.82
C VAL E 121 62.01 9.28 7.32
N GLN E 122 63.27 9.03 7.70
CA GLN E 122 63.65 9.02 9.11
C GLN E 122 63.48 10.41 9.72
N PRO E 123 63.15 10.48 11.01
CA PRO E 123 62.96 11.77 11.68
C PRO E 123 64.23 12.59 11.69
N PRO E 124 64.13 13.91 11.50
CA PRO E 124 65.34 14.75 11.50
C PRO E 124 66.05 14.81 12.84
N TYR E 125 65.36 15.26 13.89
CA TYR E 125 65.97 15.49 15.20
C TYR E 125 64.87 15.96 16.16
N ALA E 126 65.21 15.96 17.44
CA ALA E 126 64.38 16.54 18.49
C ALA E 126 65.09 17.76 19.07
N THR E 127 64.31 18.79 19.40
CA THR E 127 64.89 20.10 19.72
C THR E 127 64.76 20.48 21.18
N LYS E 128 63.55 20.53 21.73
CA LYS E 128 63.35 21.07 23.08
C LYS E 128 62.87 20.02 24.08
N VAL E 129 61.72 19.40 23.82
CA VAL E 129 60.94 18.54 24.72
C VAL E 129 60.81 19.09 26.15
N THR E 130 59.62 18.96 26.73
CA THR E 130 59.39 19.46 28.09
C THR E 130 58.26 18.66 28.71
N VAL E 131 58.51 18.08 29.89
CA VAL E 131 57.49 17.33 30.59
C VAL E 131 56.39 18.25 31.08
N GLY E 132 55.18 17.72 31.20
CA GLY E 132 54.03 18.52 31.57
C GLY E 132 53.56 18.32 33.00
N SER E 133 53.78 17.13 33.55
CA SER E 133 53.37 16.79 34.91
C SER E 133 51.87 17.01 35.10
N LEU E 134 51.09 16.23 34.36
CA LEU E 134 49.65 16.37 34.38
C LEU E 134 49.08 15.96 35.74
N GLN E 135 47.84 16.38 35.99
CA GLN E 135 47.07 16.15 37.21
C GLN E 135 47.93 16.34 38.46
N GLY E 136 48.84 17.32 38.44
CA GLY E 136 49.68 17.60 39.58
C GLY E 136 50.11 19.05 39.58
N TYR E 137 50.72 19.45 40.69
CA TYR E 137 51.19 20.81 40.87
C TYR E 137 52.63 21.00 40.45
N ASN E 138 53.27 19.97 39.89
CA ASN E 138 54.66 20.01 39.43
C ASN E 138 55.54 20.28 40.66
N ILE E 139 56.59 21.10 40.52
CA ILE E 139 57.53 21.40 41.59
C ILE E 139 58.08 20.09 42.16
N LEU E 140 58.80 19.35 41.34
CA LEU E 140 59.34 18.05 41.74
C LEU E 140 60.82 18.11 42.11
N GLU E 141 61.66 18.76 41.30
CA GLU E 141 63.08 18.94 41.56
C GLU E 141 63.77 17.65 42.00
N CYS E 142 63.71 17.35 43.30
CA CYS E 142 64.40 16.19 43.83
C CYS E 142 63.81 14.89 43.29
N MET E 143 62.49 14.82 43.17
CA MET E 143 61.82 13.61 42.70
C MET E 143 62.11 13.33 41.23
N GLU E 144 62.62 14.33 40.48
CA GLU E 144 62.87 14.14 39.06
C GLU E 144 63.87 13.02 38.80
N GLU E 145 64.95 12.97 39.59
CA GLU E 145 65.98 11.93 39.52
C GLU E 145 66.37 11.58 38.08
N LYS E 146 66.38 12.59 37.20
CA LYS E 146 66.76 12.42 35.80
C LYS E 146 65.82 11.43 35.08
N VAL E 147 64.56 11.84 34.96
CA VAL E 147 63.60 11.12 34.13
C VAL E 147 64.06 11.12 32.67
N ILE E 148 64.89 12.08 32.28
CA ILE E 148 65.34 12.20 30.89
C ILE E 148 66.01 10.91 30.42
N GLN E 149 66.74 10.25 31.33
CA GLN E 149 67.39 8.99 30.98
C GLN E 149 66.36 7.94 30.57
N LYS E 150 65.28 7.80 31.36
CA LYS E 150 64.25 6.84 31.01
C LYS E 150 63.48 7.25 29.76
N LEU E 151 63.26 8.55 29.57
CA LEU E 151 62.50 9.02 28.42
C LEU E 151 63.26 8.77 27.12
N LEU E 152 64.54 9.12 27.08
CA LEU E 152 65.33 9.05 25.86
C LEU E 152 66.12 7.75 25.73
N ASP E 153 66.04 6.86 26.72
CA ASP E 153 66.68 5.55 26.58
C ASP E 153 65.87 4.61 25.69
N ASP E 154 64.59 4.88 25.52
CA ASP E 154 63.72 4.04 24.71
C ASP E 154 63.76 4.50 23.26
N SER E 155 63.69 3.54 22.34
CA SER E 155 63.61 3.86 20.93
C SER E 155 62.24 4.45 20.59
N GLY E 156 62.20 5.22 19.51
CA GLY E 156 60.96 5.88 19.12
C GLY E 156 60.86 7.28 19.66
N VAL E 157 60.13 7.44 20.76
CA VAL E 157 59.93 8.74 21.40
C VAL E 157 59.28 9.69 20.40
N ILE E 158 57.99 9.55 20.20
CA ILE E 158 57.26 10.28 19.18
C ILE E 158 56.99 11.70 19.68
N MET E 159 56.85 12.63 18.74
CA MET E 159 56.74 14.06 19.04
C MET E 159 55.57 14.42 19.97
N PRO E 160 54.33 13.95 19.73
CA PRO E 160 53.21 14.47 20.52
C PRO E 160 53.20 14.02 21.98
N GLY E 161 53.51 12.77 22.27
CA GLY E 161 53.37 12.30 23.64
C GLY E 161 54.22 11.13 24.08
N MET E 162 54.67 11.16 25.33
CA MET E 162 55.25 10.02 26.02
C MET E 162 54.56 9.90 27.37
N ILE E 163 53.57 9.00 27.46
CA ILE E 163 52.84 8.77 28.71
C ILE E 163 53.23 7.39 29.23
N PHE E 164 53.74 7.36 30.45
CA PHE E 164 54.15 6.12 31.10
C PHE E 164 53.60 6.08 32.52
N GLN E 165 53.68 4.89 33.12
CA GLN E 165 53.26 4.71 34.50
C GLN E 165 54.25 5.39 35.44
N ASN E 166 53.82 5.58 36.70
CA ASN E 166 54.68 6.24 37.68
C ASN E 166 55.93 5.44 37.97
N LEU E 167 55.89 4.13 37.80
CA LEU E 167 57.01 3.22 38.10
C LEU E 167 57.36 3.39 39.59
N LYS E 168 58.63 3.38 39.96
CA LYS E 168 59.03 3.53 41.35
C LYS E 168 60.29 4.39 41.40
N THR E 169 60.15 5.63 41.85
CA THR E 169 61.27 6.55 42.02
C THR E 169 61.37 6.90 43.50
N LYS E 170 62.52 6.59 44.11
CA LYS E 170 62.82 6.81 45.52
C LYS E 170 61.63 6.48 46.42
N ALA E 171 61.44 7.26 47.48
CA ALA E 171 60.30 7.09 48.38
C ALA E 171 59.26 8.17 48.10
N GLY E 172 57.99 7.79 48.30
CA GLY E 172 56.87 8.69 48.07
C GLY E 172 55.84 8.19 47.07
N ASP E 173 55.88 6.90 46.70
CA ASP E 173 54.96 6.21 45.80
C ASP E 173 54.19 7.12 44.85
N GLU E 174 52.85 7.11 44.95
CA GLU E 174 51.89 7.93 44.19
C GLU E 174 52.03 7.73 42.68
N SER E 175 51.11 8.31 41.92
CA SER E 175 51.06 8.14 40.46
C SER E 175 51.17 9.50 39.78
N ILE E 176 52.00 9.58 38.75
CA ILE E 176 52.20 10.80 37.99
C ILE E 176 52.22 10.48 36.50
N ASP E 177 51.93 11.49 35.69
CA ASP E 177 52.00 11.41 34.25
C ASP E 177 52.50 12.73 33.69
N VAL E 178 53.06 12.68 32.48
CA VAL E 178 53.74 13.83 31.89
C VAL E 178 53.18 14.11 30.51
N VAL E 179 53.29 15.35 30.07
CA VAL E 179 52.86 15.79 28.74
C VAL E 179 54.03 16.50 28.08
N ILE E 180 54.31 16.14 26.83
CA ILE E 180 55.53 16.58 26.15
C ILE E 180 55.16 17.52 25.00
N THR E 181 53.92 17.99 24.96
CA THR E 181 53.38 18.71 23.81
C THR E 181 53.97 20.12 23.75
N ASP E 182 55.24 20.21 23.36
CA ASP E 182 55.88 21.47 23.05
C ASP E 182 57.25 21.20 22.46
N ALA E 183 57.66 22.07 21.54
CA ALA E 183 58.98 22.01 20.91
C ALA E 183 59.14 23.28 20.07
N SER E 184 60.29 23.40 19.42
CA SER E 184 60.60 24.53 18.55
C SER E 184 61.17 24.05 17.22
N ASP E 185 60.56 23.02 16.64
CA ASP E 185 61.00 22.48 15.37
C ASP E 185 59.79 22.29 14.45
N ASP E 186 60.06 22.36 13.15
CA ASP E 186 59.02 22.21 12.14
C ASP E 186 59.36 21.06 11.21
N SER E 187 58.31 20.37 10.74
CA SER E 187 58.45 19.25 9.82
C SER E 187 58.08 19.71 8.42
N LEU E 188 58.92 19.36 7.44
CA LEU E 188 58.66 19.77 6.06
C LEU E 188 57.33 19.24 5.53
N PRO E 189 56.98 17.95 5.67
CA PRO E 189 55.67 17.51 5.16
C PRO E 189 54.56 17.70 6.20
N ASP E 190 53.50 18.41 5.82
CA ASP E 190 52.35 18.60 6.70
C ASP E 190 51.46 17.38 6.75
N VAL E 191 51.68 16.39 5.89
CA VAL E 191 50.86 15.18 5.90
C VAL E 191 51.05 14.42 7.21
N SER E 192 52.30 14.28 7.66
CA SER E 192 52.61 13.55 8.88
C SER E 192 52.23 14.41 10.08
N GLN E 193 51.05 14.15 10.66
CA GLN E 193 50.63 14.89 11.84
C GLN E 193 51.26 14.37 13.12
N LEU E 194 51.92 13.21 13.06
CA LEU E 194 52.63 12.67 14.22
C LEU E 194 54.10 13.09 14.27
N ASP E 195 54.71 13.31 13.10
CA ASP E 195 56.04 13.91 12.91
C ASP E 195 57.04 13.55 14.01
N LEU E 196 57.31 12.25 14.16
CA LEU E 196 58.23 11.74 15.16
C LEU E 196 59.61 12.40 15.06
N ASN E 197 60.38 12.38 16.15
CA ASN E 197 61.69 13.01 16.19
C ASN E 197 62.74 11.99 16.60
N MET E 198 63.93 12.14 16.04
CA MET E 198 65.03 11.23 16.32
C MET E 198 65.63 11.53 17.69
N ASP E 199 66.12 10.49 18.36
CA ASP E 199 66.52 10.57 19.76
C ASP E 199 68.03 10.57 19.90
N ASP E 200 68.56 11.54 20.64
CA ASP E 200 69.98 11.59 20.97
C ASP E 200 70.11 11.90 22.45
N MET E 201 70.83 11.06 23.18
CA MET E 201 70.97 11.22 24.62
C MET E 201 72.31 10.65 25.07
N TYR E 202 72.98 11.39 25.96
CA TYR E 202 74.25 10.98 26.54
C TYR E 202 74.08 10.93 28.05
N GLY E 203 74.21 9.74 28.63
CA GLY E 203 74.07 9.59 30.06
C GLY E 203 74.24 8.13 30.46
N GLY E 204 74.14 7.91 31.77
CA GLY E 204 74.28 6.58 32.33
C GLY E 204 73.08 6.20 33.16
N LEU E 205 72.76 4.91 33.16
CA LEU E 205 71.62 4.37 33.91
C LEU E 205 70.32 5.08 33.56
N GLY E 220 73.39 14.77 26.70
CA GLY E 220 72.36 15.00 27.69
C GLY E 220 71.27 15.93 27.23
N SER E 221 70.40 15.42 26.36
CA SER E 221 69.27 16.18 25.80
C SER E 221 69.83 17.40 25.07
N THR E 222 69.02 18.45 24.93
CA THR E 222 69.42 19.69 24.24
C THR E 222 68.96 20.87 25.08
N HIS E 223 69.87 21.37 25.92
CA HIS E 223 69.65 22.58 26.72
C HIS E 223 68.41 22.44 27.60
N ILE E 224 68.46 21.45 28.50
CA ILE E 224 67.48 21.14 29.54
C ILE E 224 66.10 20.88 28.96
N THR E 225 65.22 20.26 29.74
CA THR E 225 63.88 19.97 29.28
C THR E 225 62.79 20.44 30.23
N PHE E 226 63.01 20.38 31.54
CA PHE E 226 61.96 20.66 32.51
C PHE E 226 61.75 22.16 32.65
N SER E 227 60.59 22.64 32.22
CA SER E 227 60.23 24.05 32.38
C SER E 227 58.72 24.19 32.27
N LYS E 228 58.06 24.51 33.39
CA LYS E 228 56.64 24.84 33.43
C LYS E 228 55.77 23.62 33.14
N GLU E 229 54.51 23.64 33.59
CA GLU E 229 53.68 22.44 33.62
C GLU E 229 52.40 22.60 32.78
N THR E 230 52.53 23.06 31.55
CA THR E 230 51.38 23.26 30.68
C THR E 230 50.70 21.94 30.35
N GLN E 231 49.45 22.03 29.90
CA GLN E 231 48.68 20.88 29.47
C GLN E 231 48.98 20.61 28.00
N ALA E 232 48.19 19.76 27.36
CA ALA E 232 48.38 19.46 25.94
C ALA E 232 48.25 20.73 25.10
N ASN E 233 49.22 20.95 24.23
CA ASN E 233 49.23 22.16 23.42
C ASN E 233 48.13 22.11 22.36
N ARG E 234 47.49 23.26 22.12
CA ARG E 234 46.40 23.35 21.17
C ARG E 234 46.86 23.51 19.74
N LYS E 235 48.14 23.80 19.50
CA LYS E 235 48.62 23.99 18.14
C LYS E 235 48.76 22.67 17.39
N TYR E 236 48.91 21.56 18.10
CA TYR E 236 48.95 20.26 17.43
C TYR E 236 47.59 19.89 16.85
N ASN E 237 46.50 20.34 17.48
CA ASN E 237 45.14 20.05 17.04
C ASN E 237 44.84 18.55 17.05
N LEU E 238 45.57 17.79 17.87
CA LEU E 238 45.32 16.38 18.02
C LEU E 238 44.08 16.13 18.88
N PRO E 239 43.32 15.08 18.59
CA PRO E 239 42.14 14.77 19.41
C PRO E 239 42.54 14.41 20.83
N GLU E 240 41.65 14.74 21.77
CA GLU E 240 41.88 14.48 23.18
C GLU E 240 41.03 13.30 23.65
N PRO E 241 41.53 12.51 24.60
CA PRO E 241 40.75 11.37 25.10
C PRO E 241 39.60 11.84 25.97
N LEU E 242 38.38 11.43 25.60
CA LEU E 242 37.21 11.79 26.38
C LEU E 242 37.21 11.06 27.72
N SER E 243 36.79 11.77 28.77
CA SER E 243 36.75 11.22 30.12
C SER E 243 35.43 11.60 30.77
N TYR E 244 35.18 11.00 31.94
CA TYR E 244 33.96 11.30 32.69
C TYR E 244 33.93 12.75 33.18
N ALA E 245 35.09 13.39 33.31
CA ALA E 245 35.15 14.77 33.77
C ALA E 245 34.61 15.76 32.73
N ALA E 246 34.40 15.32 31.49
CA ALA E 246 33.88 16.18 30.45
C ALA E 246 32.37 16.12 30.32
N VAL E 247 31.71 15.30 31.15
CA VAL E 247 30.25 15.17 31.13
C VAL E 247 29.73 15.54 32.52
N GLY E 248 28.74 16.44 32.56
CA GLY E 248 28.18 16.89 33.81
C GLY E 248 26.65 16.83 33.77
N GLY E 249 26.07 17.02 34.95
CA GLY E 249 24.62 17.04 35.07
C GLY E 249 23.95 15.70 34.87
N LEU E 250 24.72 14.61 34.74
CA LEU E 250 24.17 13.29 34.49
C LEU E 250 24.66 12.30 35.56
N ASP E 251 24.98 12.81 36.75
CA ASP E 251 25.65 11.99 37.75
C ASP E 251 24.78 10.83 38.23
N LYS E 252 23.56 11.15 38.67
CA LYS E 252 22.75 10.19 39.43
C LYS E 252 22.53 8.89 38.65
N GLU E 253 22.64 8.94 37.32
CA GLU E 253 22.72 7.72 36.54
C GLU E 253 24.14 7.37 36.13
N ILE E 254 25.11 8.28 36.27
CA ILE E 254 26.46 7.93 35.84
C ILE E 254 27.10 6.97 36.83
N GLU E 255 26.81 7.11 38.14
CA GLU E 255 27.32 6.08 39.06
C GLU E 255 26.67 4.73 38.80
N SER E 256 25.38 4.71 38.47
CA SER E 256 24.73 3.45 38.13
C SER E 256 25.34 2.82 36.88
N LEU E 257 25.62 3.64 35.87
CA LEU E 257 26.26 3.14 34.66
C LEU E 257 27.67 2.62 34.96
N LYS E 258 28.41 3.32 35.81
CA LYS E 258 29.75 2.86 36.20
C LYS E 258 29.68 1.52 36.92
N SER E 259 28.73 1.36 37.83
CA SER E 259 28.57 0.08 38.51
C SER E 259 28.20 -1.03 37.53
N ALA E 260 27.27 -0.74 36.61
CA ALA E 260 26.82 -1.76 35.65
C ALA E 260 27.90 -2.12 34.65
N ILE E 261 28.83 -1.20 34.38
CA ILE E 261 29.93 -1.50 33.46
C ILE E 261 31.13 -2.11 34.18
N GLU E 262 31.22 -1.94 35.51
CA GLU E 262 32.37 -2.44 36.25
C GLU E 262 32.13 -3.83 36.84
N ILE E 263 30.93 -4.10 37.38
CA ILE E 263 30.71 -5.37 38.08
C ILE E 263 30.88 -6.59 37.19
N PRO E 264 30.40 -6.63 35.91
CA PRO E 264 30.48 -7.89 35.17
C PRO E 264 31.89 -8.20 34.69
N LEU E 265 32.64 -7.16 34.32
CA LEU E 265 33.96 -7.36 33.73
C LEU E 265 35.03 -7.56 34.79
N HIS E 266 35.22 -6.58 35.67
CA HIS E 266 36.34 -6.61 36.60
C HIS E 266 36.15 -7.66 37.69
N GLN E 267 34.92 -7.92 38.10
CA GLN E 267 34.63 -8.89 39.16
C GLN E 267 33.57 -9.88 38.68
N PRO E 268 33.94 -10.80 37.78
CA PRO E 268 32.95 -11.78 37.30
C PRO E 268 32.85 -13.00 38.20
N THR E 269 33.93 -13.33 38.91
CA THR E 269 33.93 -14.53 39.75
C THR E 269 33.01 -14.37 40.96
N LEU E 270 32.99 -13.18 41.56
CA LEU E 270 32.15 -12.97 42.74
C LEU E 270 30.68 -13.17 42.42
N PHE E 271 30.22 -12.66 41.28
CA PHE E 271 28.83 -12.86 40.89
C PHE E 271 28.60 -14.28 40.37
N SER E 272 29.57 -14.84 39.65
CA SER E 272 29.43 -16.19 39.13
C SER E 272 29.35 -17.22 40.24
N SER E 273 29.88 -16.91 41.43
CA SER E 273 29.71 -17.79 42.57
C SER E 273 28.24 -17.99 42.93
N PHE E 274 27.40 -16.98 42.71
CA PHE E 274 25.98 -17.11 42.94
C PHE E 274 25.35 -18.14 42.00
N GLY E 275 25.76 -18.11 40.73
CA GLY E 275 25.27 -19.06 39.75
C GLY E 275 23.96 -18.72 39.09
N VAL E 276 23.54 -17.46 39.10
CA VAL E 276 22.27 -17.06 38.50
C VAL E 276 22.47 -16.41 37.13
N SER E 277 23.65 -16.53 36.54
CA SER E 277 24.02 -16.04 35.21
C SER E 277 24.07 -14.52 35.19
N PRO E 278 25.01 -13.93 34.44
CA PRO E 278 25.14 -12.48 34.43
C PRO E 278 24.34 -11.87 33.30
N PRO E 279 23.76 -10.69 33.51
CA PRO E 279 23.13 -9.96 32.40
C PRO E 279 24.18 -9.58 31.36
N ARG E 280 23.76 -9.57 30.09
CA ARG E 280 24.69 -9.38 28.99
C ARG E 280 24.47 -8.09 28.21
N GLY E 281 23.25 -7.54 28.19
CA GLY E 281 22.98 -6.35 27.42
C GLY E 281 22.54 -5.16 28.24
N ILE E 282 23.00 -3.97 27.87
CA ILE E 282 22.64 -2.73 28.54
C ILE E 282 21.93 -1.84 27.53
N LEU E 283 20.75 -1.35 27.90
CA LEU E 283 19.94 -0.51 27.02
C LEU E 283 20.03 0.94 27.48
N LEU E 284 20.44 1.82 26.57
CA LEU E 284 20.51 3.25 26.83
C LEU E 284 19.55 3.96 25.89
N HIS E 285 18.78 4.91 26.44
CA HIS E 285 17.77 5.59 25.65
C HIS E 285 17.49 6.96 26.25
N GLY E 286 16.86 7.81 25.44
CA GLY E 286 16.52 9.15 25.85
C GLY E 286 16.26 10.05 24.67
N PRO E 287 15.95 11.31 24.93
CA PRO E 287 15.78 12.26 23.83
C PRO E 287 17.10 12.46 23.10
N PRO E 288 17.04 12.78 21.80
CA PRO E 288 18.29 13.00 21.06
C PRO E 288 19.07 14.18 21.60
N GLY E 289 20.39 14.06 21.57
CA GLY E 289 21.27 15.12 22.04
C GLY E 289 21.54 15.14 23.52
N THR E 290 21.11 14.12 24.27
CA THR E 290 21.36 14.07 25.70
C THR E 290 22.80 13.72 26.04
N GLY E 291 23.55 13.11 25.12
CA GLY E 291 24.95 12.81 25.37
C GLY E 291 25.26 11.32 25.49
N LYS E 292 24.50 10.48 24.78
CA LYS E 292 24.77 9.05 24.78
C LYS E 292 26.10 8.75 24.08
N THR E 293 26.40 9.50 23.02
CA THR E 293 27.66 9.30 22.31
C THR E 293 28.86 9.55 23.21
N MET E 294 28.76 10.57 24.07
CA MET E 294 29.82 10.83 25.03
C MET E 294 29.99 9.64 25.98
N LEU E 295 28.89 9.06 26.45
CA LEU E 295 28.99 7.91 27.33
C LEU E 295 29.67 6.74 26.64
N LEU E 296 29.29 6.47 25.38
CA LEU E 296 29.93 5.39 24.64
C LEU E 296 31.42 5.65 24.47
N ARG E 297 31.79 6.86 24.07
CA ARG E 297 33.20 7.18 23.85
C ARG E 297 34.00 7.10 25.14
N VAL E 298 33.42 7.57 26.25
CA VAL E 298 34.14 7.58 27.52
C VAL E 298 34.33 6.16 28.04
N VAL E 299 33.28 5.32 27.97
CA VAL E 299 33.44 3.94 28.42
C VAL E 299 34.34 3.16 27.49
N ALA E 300 34.48 3.58 26.23
CA ALA E 300 35.45 2.94 25.35
C ALA E 300 36.87 3.34 25.71
N ASN E 301 37.09 4.64 25.96
CA ASN E 301 38.45 5.12 26.20
C ASN E 301 38.96 4.71 27.58
N THR E 302 38.13 4.84 28.61
CA THR E 302 38.58 4.58 29.97
C THR E 302 38.77 3.10 30.26
N SER E 303 38.28 2.23 29.39
CA SER E 303 38.38 0.78 29.57
C SER E 303 39.41 0.23 28.61
N ASN E 304 40.33 -0.60 29.13
CA ASN E 304 41.34 -1.24 28.30
C ASN E 304 40.80 -2.44 27.54
N ALA E 305 39.55 -2.81 27.77
CA ALA E 305 38.95 -3.95 27.07
C ALA E 305 38.72 -3.63 25.60
N HIS E 306 38.52 -4.69 24.82
CA HIS E 306 38.23 -4.54 23.40
C HIS E 306 36.92 -3.80 23.21
N VAL E 307 36.87 -2.95 22.18
CA VAL E 307 35.68 -2.17 21.86
C VAL E 307 35.28 -2.44 20.41
N LEU E 308 33.97 -2.48 20.16
CA LEU E 308 33.44 -2.75 18.83
C LEU E 308 32.26 -1.81 18.59
N THR E 309 32.42 -0.92 17.62
CA THR E 309 31.37 0.03 17.24
C THR E 309 30.85 -0.34 15.86
N ILE E 310 29.54 -0.50 15.74
CA ILE E 310 28.92 -0.85 14.47
C ILE E 310 28.47 0.43 13.77
N ASN E 311 28.45 0.40 12.45
CA ASN E 311 28.07 1.54 11.64
C ASN E 311 26.59 1.56 11.28
N GLY E 312 25.84 0.54 11.67
CA GLY E 312 24.42 0.49 11.40
C GLY E 312 24.10 -0.10 10.03
N PRO E 313 23.59 0.75 9.13
CA PRO E 313 23.21 0.26 7.80
C PRO E 313 24.38 -0.24 6.97
N SER E 314 25.62 0.11 7.33
CA SER E 314 26.78 -0.38 6.58
C SER E 314 26.88 -1.90 6.67
N ILE E 315 26.58 -2.47 7.84
CA ILE E 315 26.57 -3.92 7.99
C ILE E 315 25.47 -4.54 7.15
N VAL E 316 24.33 -3.84 7.02
CA VAL E 316 23.22 -4.35 6.23
C VAL E 316 23.66 -4.51 4.77
N SER E 317 23.44 -5.70 4.22
CA SER E 317 23.82 -6.02 2.86
C SER E 317 22.69 -6.75 2.17
N LYS E 318 22.72 -6.72 0.84
CA LYS E 318 21.68 -7.39 0.06
C LYS E 318 21.69 -8.90 0.30
N TYR E 319 22.88 -9.49 0.41
CA TYR E 319 22.99 -10.92 0.65
C TYR E 319 22.49 -11.26 2.06
N LEU E 320 21.67 -12.31 2.15
CA LEU E 320 21.11 -12.69 3.43
C LEU E 320 22.16 -13.27 4.36
N GLY E 321 23.02 -14.16 3.84
CA GLY E 321 24.00 -14.83 4.67
C GLY E 321 25.20 -13.98 5.05
N GLU E 322 25.48 -12.92 4.31
CA GLU E 322 26.63 -12.08 4.61
C GLU E 322 26.49 -11.39 5.97
N THR E 323 25.30 -10.86 6.26
CA THR E 323 25.07 -10.21 7.55
C THR E 323 25.21 -11.20 8.70
N GLU E 324 24.66 -12.41 8.54
CA GLU E 324 24.77 -13.43 9.58
C GLU E 324 26.22 -13.83 9.79
N ALA E 325 26.97 -14.01 8.70
CA ALA E 325 28.38 -14.37 8.82
C ALA E 325 29.17 -13.27 9.52
N ALA E 326 28.93 -12.02 9.15
CA ALA E 326 29.62 -10.91 9.79
C ALA E 326 29.30 -10.84 11.27
N LEU E 327 28.02 -11.00 11.63
CA LEU E 327 27.62 -10.94 13.03
C LEU E 327 28.26 -12.06 13.84
N ARG E 328 28.23 -13.29 13.30
CA ARG E 328 28.79 -14.42 14.04
C ARG E 328 30.31 -14.30 14.16
N ASP E 329 30.98 -13.80 13.11
CA ASP E 329 32.42 -13.58 13.19
C ASP E 329 32.76 -12.51 14.22
N ILE E 330 31.96 -11.43 14.25
CA ILE E 330 32.20 -10.37 15.24
C ILE E 330 32.03 -10.92 16.65
N PHE E 331 30.97 -11.69 16.87
CA PHE E 331 30.75 -12.27 18.20
C PHE E 331 31.88 -13.23 18.58
N ASN E 332 32.33 -14.06 17.63
CA ASN E 332 33.40 -15.01 17.91
C ASN E 332 34.71 -14.30 18.24
N GLU E 333 35.06 -13.26 17.49
CA GLU E 333 36.29 -12.54 17.78
C GLU E 333 36.17 -11.64 19.01
N ALA E 334 34.94 -11.27 19.39
CA ALA E 334 34.77 -10.53 20.64
C ALA E 334 34.90 -11.45 21.84
N ARG E 335 34.38 -12.68 21.75
CA ARG E 335 34.53 -13.64 22.83
C ARG E 335 35.91 -14.28 22.86
N LYS E 336 36.66 -14.21 21.76
CA LYS E 336 38.02 -14.74 21.75
C LYS E 336 38.91 -13.95 22.69
N TYR E 337 38.88 -12.62 22.60
CA TYR E 337 39.57 -11.75 23.54
C TYR E 337 38.63 -11.52 24.71
N GLN E 338 38.96 -12.09 25.86
CA GLN E 338 38.03 -12.17 26.99
C GLN E 338 37.46 -10.81 27.42
N PRO E 339 38.27 -9.74 27.59
CA PRO E 339 37.66 -8.42 27.86
C PRO E 339 37.27 -7.73 26.56
N SER E 340 35.97 -7.53 26.38
CA SER E 340 35.45 -6.90 25.16
C SER E 340 34.23 -6.05 25.50
N ILE E 341 34.02 -5.00 24.69
CA ILE E 341 32.89 -4.10 24.83
C ILE E 341 32.17 -4.05 23.48
N ILE E 342 30.84 -4.09 23.52
CA ILE E 342 30.01 -4.09 22.32
C ILE E 342 29.20 -2.81 22.29
N PHE E 343 29.29 -2.07 21.19
CA PHE E 343 28.52 -0.85 20.96
C PHE E 343 27.54 -1.09 19.84
N ILE E 344 26.27 -0.81 20.09
CA ILE E 344 25.21 -0.90 19.08
C ILE E 344 24.52 0.45 19.04
N ASP E 345 24.40 1.02 17.83
CA ASP E 345 23.79 2.33 17.65
C ASP E 345 22.65 2.26 16.64
N GLU E 346 21.61 3.06 16.89
CA GLU E 346 20.43 3.14 16.03
C GLU E 346 19.79 1.76 15.86
N ILE E 347 19.36 1.20 16.99
CA ILE E 347 18.85 -0.16 17.00
C ILE E 347 17.53 -0.25 16.24
N ASP E 348 16.68 0.78 16.36
CA ASP E 348 15.37 0.74 15.74
C ASP E 348 15.44 0.51 14.24
N SER E 349 16.47 1.06 13.58
CA SER E 349 16.67 0.79 12.17
C SER E 349 17.15 -0.64 11.95
N ILE E 350 18.13 -1.08 12.76
CA ILE E 350 18.64 -2.44 12.64
C ILE E 350 17.61 -3.45 13.12
N ALA E 351 16.92 -3.15 14.22
CA ALA E 351 15.98 -4.08 14.85
C ALA E 351 14.64 -3.37 15.03
N PRO E 352 13.86 -3.25 13.96
CA PRO E 352 12.53 -2.62 14.08
C PRO E 352 11.55 -3.54 14.81
N ASN E 353 10.44 -2.94 15.23
CA ASN E 353 9.39 -3.69 15.89
C ASN E 353 8.79 -4.71 14.93
N ARG E 354 8.60 -5.93 15.44
CA ARG E 354 8.06 -7.00 14.61
C ARG E 354 6.63 -6.71 14.17
N ALA E 355 5.78 -6.25 15.09
CA ALA E 355 4.38 -6.01 14.75
C ALA E 355 4.20 -4.71 13.98
N ASN E 356 5.01 -3.69 14.27
CA ASN E 356 4.80 -2.38 13.66
C ASN E 356 5.05 -2.41 12.15
N ASP E 357 6.13 -3.06 11.72
CA ASP E 357 6.48 -3.11 10.29
C ASP E 357 7.14 -4.44 9.94
N ASP E 358 6.51 -5.17 9.03
CA ASP E 358 7.10 -6.38 8.46
C ASP E 358 7.67 -6.08 7.07
N SER E 359 8.69 -5.22 7.05
CA SER E 359 9.26 -4.76 5.78
C SER E 359 9.91 -5.91 5.02
N GLY E 360 10.61 -6.79 5.71
CA GLY E 360 11.33 -7.88 5.09
C GLY E 360 12.82 -7.55 4.99
N GLU E 361 13.54 -8.47 4.33
CA GLU E 361 15.00 -8.40 4.17
C GLU E 361 15.59 -8.32 5.57
N VAL E 362 16.19 -7.20 5.98
CA VAL E 362 16.62 -7.04 7.36
C VAL E 362 15.38 -6.80 8.22
N GLU E 363 14.97 -7.80 8.97
CA GLU E 363 13.72 -7.78 9.72
C GLU E 363 13.92 -8.60 10.99
N SER E 364 12.82 -9.02 11.61
CA SER E 364 12.87 -9.74 12.88
C SER E 364 13.79 -10.95 12.85
N ARG E 365 14.19 -11.42 11.66
CA ARG E 365 15.14 -12.52 11.58
C ARG E 365 16.48 -12.16 12.22
N VAL E 366 16.99 -10.96 11.92
CA VAL E 366 18.25 -10.54 12.55
C VAL E 366 18.05 -10.33 14.03
N VAL E 367 16.86 -9.88 14.44
CA VAL E 367 16.55 -9.76 15.87
C VAL E 367 16.68 -11.13 16.55
N ALA E 368 16.06 -12.15 15.96
CA ALA E 368 16.09 -13.48 16.54
C ALA E 368 17.52 -14.03 16.57
N THR E 369 18.29 -13.82 15.50
CA THR E 369 19.64 -14.35 15.48
C THR E 369 20.53 -13.63 16.50
N LEU E 370 20.34 -12.31 16.70
CA LEU E 370 21.09 -11.62 17.73
C LEU E 370 20.72 -12.10 19.12
N LEU E 371 19.42 -12.32 19.37
CA LEU E 371 19.01 -12.83 20.66
C LEU E 371 19.61 -14.21 20.91
N THR E 372 19.60 -15.08 19.90
CA THR E 372 20.23 -16.39 20.04
C THR E 372 21.72 -16.26 20.29
N LEU E 373 22.37 -15.28 19.65
CA LEU E 373 23.81 -15.11 19.82
C LEU E 373 24.16 -14.69 21.24
N MET E 374 23.49 -13.65 21.76
CA MET E 374 23.91 -13.14 23.07
C MET E 374 23.22 -13.83 24.24
N ASP E 375 22.21 -14.68 24.00
CA ASP E 375 21.56 -15.35 25.11
C ASP E 375 22.40 -16.50 25.64
N GLY E 376 23.08 -17.23 24.76
CA GLY E 376 23.86 -18.39 25.17
C GLY E 376 25.31 -18.35 24.73
N MET E 377 25.92 -17.16 24.78
CA MET E 377 27.31 -17.03 24.35
C MET E 377 28.25 -17.74 25.32
N GLY E 378 28.26 -17.34 26.59
CA GLY E 378 29.11 -17.95 27.58
C GLY E 378 28.38 -18.11 28.90
N ALA E 379 29.02 -18.83 29.81
CA ALA E 379 28.40 -19.09 31.11
C ALA E 379 28.57 -17.90 32.05
N ALA E 380 29.81 -17.59 32.43
CA ALA E 380 30.10 -16.39 33.21
C ALA E 380 30.73 -15.30 32.34
N GLY E 381 31.89 -15.57 31.76
CA GLY E 381 32.58 -14.64 30.89
C GLY E 381 32.80 -13.26 31.47
N LYS E 382 33.21 -12.32 30.61
CA LYS E 382 33.16 -10.90 30.95
C LYS E 382 32.95 -10.14 29.63
N VAL E 383 31.68 -9.92 29.30
CA VAL E 383 31.29 -9.25 28.05
C VAL E 383 30.03 -8.44 28.33
N VAL E 384 30.02 -7.19 27.90
CA VAL E 384 28.87 -6.31 28.05
C VAL E 384 28.49 -5.74 26.69
N VAL E 385 27.19 -5.66 26.43
CA VAL E 385 26.66 -5.06 25.21
C VAL E 385 25.84 -3.84 25.62
N ILE E 386 26.29 -2.67 25.18
CA ILE E 386 25.62 -1.41 25.49
C ILE E 386 25.10 -0.83 24.18
N ALA E 387 23.82 -0.42 24.19
CA ALA E 387 23.15 0.04 22.99
C ALA E 387 22.40 1.33 23.30
N ALA E 388 22.51 2.30 22.40
CA ALA E 388 21.88 3.60 22.54
C ALA E 388 20.82 3.77 21.45
N THR E 389 19.59 4.03 21.86
CA THR E 389 18.48 4.20 20.92
C THR E 389 17.68 5.42 21.30
N ASN E 390 16.99 5.98 20.31
CA ASN E 390 16.17 7.17 20.55
C ASN E 390 14.88 6.84 21.29
N ARG E 391 14.25 5.72 20.95
CA ARG E 391 12.96 5.35 21.55
C ARG E 391 12.83 3.84 21.62
N PRO E 392 12.85 3.26 22.82
CA PRO E 392 12.68 1.80 22.93
C PRO E 392 11.34 1.30 22.40
N ASN E 393 10.32 2.15 22.33
CA ASN E 393 9.04 1.73 21.78
C ASN E 393 9.17 1.33 20.32
N SER E 394 9.94 2.11 19.54
CA SER E 394 10.19 1.75 18.16
C SER E 394 11.04 0.49 18.05
N VAL E 395 11.90 0.25 19.04
CA VAL E 395 12.72 -0.96 19.04
C VAL E 395 11.84 -2.18 19.27
N ASP E 396 12.28 -3.31 18.73
CA ASP E 396 11.56 -4.56 18.90
C ASP E 396 11.42 -4.90 20.38
N PRO E 397 10.22 -5.15 20.89
CA PRO E 397 10.07 -5.53 22.31
C PRO E 397 10.79 -6.82 22.68
N ALA E 398 11.16 -7.64 21.69
CA ALA E 398 11.95 -8.84 21.98
C ALA E 398 13.27 -8.48 22.65
N LEU E 399 13.87 -7.35 22.27
CA LEU E 399 15.05 -6.87 22.99
C LEU E 399 14.70 -6.46 24.41
N ARG E 400 13.55 -5.81 24.60
CA ARG E 400 13.11 -5.36 25.92
C ARG E 400 12.46 -6.53 26.66
N ARG E 401 13.31 -7.48 27.03
CA ARG E 401 12.91 -8.69 27.74
C ARG E 401 13.87 -8.90 28.91
N PRO E 402 13.44 -9.63 29.94
CA PRO E 402 14.35 -9.92 31.06
C PRO E 402 15.61 -10.66 30.65
N GLY E 403 15.54 -11.45 29.56
CA GLY E 403 16.72 -12.17 29.11
C GLY E 403 17.77 -11.31 28.44
N ARG E 404 17.39 -10.13 27.95
CA ARG E 404 18.30 -9.28 27.21
C ARG E 404 18.54 -7.93 27.86
N PHE E 405 17.49 -7.19 28.21
CA PHE E 405 17.60 -5.83 28.72
C PHE E 405 16.81 -5.66 29.99
N ASP E 406 17.00 -6.57 30.94
CA ASP E 406 16.30 -6.49 32.22
C ASP E 406 16.71 -5.29 33.06
N GLN E 407 17.82 -4.63 32.74
CA GLN E 407 18.19 -3.38 33.40
C GLN E 407 17.87 -2.21 32.48
N GLU E 408 17.38 -1.12 33.06
CA GLU E 408 16.92 0.04 32.32
C GLU E 408 17.75 1.25 32.71
N VAL E 409 18.21 2.00 31.71
CA VAL E 409 18.92 3.25 31.92
C VAL E 409 18.13 4.36 31.26
N GLU E 410 17.77 5.38 32.04
CA GLU E 410 16.93 6.48 31.57
C GLU E 410 17.68 7.79 31.70
N ILE E 411 17.73 8.55 30.61
CA ILE E 411 18.31 9.89 30.60
C ILE E 411 17.24 10.85 30.08
N GLY E 412 16.89 11.84 30.88
CA GLY E 412 15.88 12.81 30.52
C GLY E 412 16.47 14.20 30.26
N ILE E 413 15.55 15.15 30.08
CA ILE E 413 15.96 16.54 29.87
C ILE E 413 16.58 17.07 31.15
N PRO E 414 17.79 17.65 31.09
CA PRO E 414 18.43 18.14 32.32
C PRO E 414 17.60 19.23 32.99
N ASP E 415 17.59 19.20 34.32
CA ASP E 415 16.88 20.19 35.12
C ASP E 415 17.81 21.37 35.44
N VAL E 416 17.39 22.23 36.36
CA VAL E 416 18.06 23.51 36.55
C VAL E 416 19.49 23.31 37.05
N ASP E 417 19.67 22.52 38.11
CA ASP E 417 21.01 22.37 38.69
C ASP E 417 21.92 21.55 37.78
N ALA E 418 21.37 20.55 37.09
CA ALA E 418 22.18 19.80 36.13
C ALA E 418 22.64 20.70 34.98
N ARG E 419 21.75 21.55 34.48
CA ARG E 419 22.13 22.47 33.41
C ARG E 419 23.17 23.47 33.90
N PHE E 420 23.02 23.95 35.14
CA PHE E 420 24.02 24.85 35.72
C PHE E 420 25.37 24.15 35.82
N ASP E 421 25.38 22.89 36.25
CA ASP E 421 26.62 22.13 36.33
C ASP E 421 27.27 21.97 34.96
N ILE E 422 26.46 21.67 33.94
CA ILE E 422 27.00 21.53 32.59
C ILE E 422 27.60 22.85 32.11
N LEU E 423 26.88 23.95 32.34
CA LEU E 423 27.36 25.26 31.92
C LEU E 423 28.67 25.61 32.61
N THR E 424 28.75 25.32 33.91
CA THR E 424 30.01 25.56 34.66
C THR E 424 31.12 24.76 33.96
N LYS E 425 30.85 23.48 33.68
CA LYS E 425 31.81 22.58 33.00
C LYS E 425 32.12 23.07 31.59
N GLN E 426 31.09 23.49 30.84
CA GLN E 426 31.32 23.97 29.45
C GLN E 426 32.21 25.20 29.45
N PHE E 427 31.94 26.15 30.36
CA PHE E 427 32.73 27.40 30.49
C PHE E 427 34.18 27.07 30.88
N SER E 428 34.34 26.07 31.76
CA SER E 428 35.66 25.64 32.26
C SER E 428 36.55 25.15 31.11
N ARG E 429 35.96 24.48 30.12
CA ARG E 429 36.75 23.93 28.97
C ARG E 429 37.50 25.05 28.26
N MET E 430 36.86 26.21 28.05
CA MET E 430 37.56 27.35 27.39
C MET E 430 38.28 28.21 28.44
N SER E 431 38.04 27.91 29.73
CA SER E 431 38.62 28.57 30.93
C SER E 431 38.13 30.01 31.13
N SER E 432 38.78 30.75 32.03
CA SER E 432 38.40 32.14 32.27
C SER E 432 39.12 33.13 31.37
N ASP E 433 40.14 32.71 30.63
CA ASP E 433 40.85 33.61 29.73
C ASP E 433 40.05 33.95 28.49
N ARG E 434 39.02 33.18 28.18
CA ARG E 434 38.22 33.40 26.98
C ARG E 434 36.82 33.94 27.29
N HIS E 435 36.43 34.00 28.56
CA HIS E 435 35.12 34.49 28.93
C HIS E 435 35.14 34.95 30.38
N VAL E 436 34.20 35.83 30.71
CA VAL E 436 34.01 36.31 32.08
C VAL E 436 32.53 36.14 32.42
N LEU E 437 32.21 34.99 33.00
CA LEU E 437 30.83 34.67 33.40
C LEU E 437 30.86 34.24 34.86
N ASP E 438 30.36 35.10 35.74
CA ASP E 438 30.29 34.79 37.16
C ASP E 438 29.16 33.80 37.45
N SER E 439 29.16 33.27 38.66
CA SER E 439 28.32 32.12 39.00
C SER E 439 26.84 32.46 38.87
N GLU E 440 26.42 33.63 39.36
CA GLU E 440 24.99 33.96 39.32
C GLU E 440 24.49 34.15 37.89
N ALA E 441 25.32 34.72 37.00
CA ALA E 441 24.94 34.82 35.60
C ALA E 441 24.78 33.43 34.97
N ILE E 442 25.67 32.50 35.32
CA ILE E 442 25.58 31.13 34.83
C ILE E 442 24.28 30.50 35.31
N LYS E 443 23.95 30.68 36.59
CA LYS E 443 22.72 30.12 37.13
C LYS E 443 21.49 30.73 36.45
N TYR E 444 21.52 32.04 36.21
CA TYR E 444 20.39 32.69 35.54
C TYR E 444 20.23 32.17 34.11
N ILE E 445 21.33 32.00 33.39
CA ILE E 445 21.26 31.48 32.02
C ILE E 445 20.73 30.05 32.03
N ALA E 446 21.19 29.23 32.97
CA ALA E 446 20.70 27.85 33.06
C ALA E 446 19.22 27.82 33.38
N SER E 447 18.76 28.69 34.29
CA SER E 447 17.34 28.74 34.63
C SER E 447 16.50 29.18 33.45
N LYS E 448 17.02 30.11 32.63
CA LYS E 448 16.28 30.54 31.45
C LYS E 448 16.10 29.40 30.46
N THR E 449 17.02 28.43 30.44
CA THR E 449 16.93 27.30 29.53
C THR E 449 16.07 26.17 30.12
N HIS E 450 14.82 26.48 30.47
CA HIS E 450 13.97 25.47 31.10
C HIS E 450 13.66 24.33 30.13
N GLY E 451 13.39 24.65 28.88
CA GLY E 451 13.04 23.66 27.88
C GLY E 451 14.12 23.28 26.90
N TYR E 452 15.38 23.62 27.18
CA TYR E 452 16.47 23.34 26.26
C TYR E 452 16.98 21.91 26.45
N VAL E 453 17.68 21.43 25.43
CA VAL E 453 18.28 20.10 25.46
C VAL E 453 19.80 20.28 25.56
N GLY E 454 20.50 19.17 25.82
CA GLY E 454 21.94 19.24 26.02
C GLY E 454 22.67 19.82 24.83
N ALA E 455 22.29 19.40 23.62
CA ALA E 455 22.91 19.97 22.42
C ALA E 455 22.51 21.42 22.21
N ASP E 456 21.34 21.82 22.71
CA ASP E 456 20.91 23.20 22.57
C ASP E 456 21.85 24.16 23.30
N LEU E 457 22.42 23.73 24.42
CA LEU E 457 23.30 24.62 25.16
C LEU E 457 24.63 24.82 24.43
N THR E 458 25.19 23.77 23.83
CA THR E 458 26.40 23.96 23.05
C THR E 458 26.11 24.75 21.78
N ALA E 459 24.90 24.60 21.22
CA ALA E 459 24.51 25.45 20.10
C ALA E 459 24.44 26.91 20.54
N LEU E 460 23.93 27.16 21.75
CA LEU E 460 23.88 28.50 22.30
C LEU E 460 25.29 29.07 22.46
N CYS E 461 26.21 28.26 22.97
CA CYS E 461 27.59 28.72 23.14
C CYS E 461 28.24 29.03 21.81
N ARG E 462 28.06 28.16 20.82
CA ARG E 462 28.64 28.38 19.50
C ARG E 462 28.06 29.62 18.83
N GLU E 463 26.74 29.81 18.96
CA GLU E 463 26.13 31.01 18.38
C GLU E 463 26.55 32.27 19.10
N SER E 464 26.78 32.20 20.42
CA SER E 464 27.31 33.35 21.14
C SER E 464 28.71 33.69 20.65
N VAL E 465 29.53 32.68 20.41
CA VAL E 465 30.86 32.91 19.83
C VAL E 465 30.74 33.55 18.46
N MET E 466 29.81 33.06 17.64
CA MET E 466 29.61 33.63 16.31
C MET E 466 29.17 35.09 16.39
N LYS E 467 28.24 35.39 17.30
CA LYS E 467 27.77 36.76 17.46
C LYS E 467 28.91 37.66 17.91
N THR E 468 29.75 37.18 18.82
CA THR E 468 30.91 37.95 19.24
C THR E 468 31.85 38.22 18.08
N ILE E 469 32.09 37.20 17.24
CA ILE E 469 33.01 37.37 16.11
C ILE E 469 32.47 38.40 15.14
N GLN E 470 31.19 38.27 14.76
CA GLN E 470 30.63 39.22 13.80
C GLN E 470 30.55 40.62 14.36
N ARG E 471 30.16 40.78 15.64
CA ARG E 471 30.09 42.12 16.21
C ARG E 471 31.47 42.75 16.30
N GLY E 472 32.49 41.96 16.65
CA GLY E 472 33.85 42.50 16.69
C GLY E 472 34.34 42.91 15.32
N LEU E 473 34.08 42.09 14.30
CA LEU E 473 34.47 42.45 12.95
C LEU E 473 33.76 43.71 12.49
N GLY E 474 32.46 43.83 12.80
CA GLY E 474 31.70 44.98 12.35
C GLY E 474 32.11 46.28 13.04
N THR E 475 32.35 46.22 14.36
CA THR E 475 32.58 47.44 15.13
C THR E 475 34.05 47.69 15.43
N ASP E 476 34.74 46.73 16.06
CA ASP E 476 36.09 46.96 16.54
C ASP E 476 37.14 46.92 15.43
N ALA E 477 36.77 46.49 14.23
CA ALA E 477 37.67 46.46 13.08
C ALA E 477 38.91 45.59 13.36
N ASN E 478 38.66 44.30 13.58
CA ASN E 478 39.70 43.30 13.77
C ASN E 478 40.56 43.61 15.00
N ILE E 479 39.89 43.72 16.15
CA ILE E 479 40.56 43.93 17.43
C ILE E 479 41.05 42.58 17.94
N ASP E 480 41.90 42.61 18.98
CA ASP E 480 42.42 41.39 19.55
C ASP E 480 41.29 40.52 20.10
N LYS E 481 41.44 39.21 19.95
CA LYS E 481 40.39 38.27 20.36
C LYS E 481 40.15 38.34 21.87
N PHE E 482 41.22 38.44 22.66
CA PHE E 482 41.09 38.39 24.11
C PHE E 482 40.47 39.66 24.68
N SER E 483 40.45 40.75 23.92
CA SER E 483 39.89 42.00 24.43
C SER E 483 38.38 41.92 24.58
N LEU E 484 37.70 41.30 23.61
CA LEU E 484 36.23 41.27 23.59
C LEU E 484 35.67 40.06 24.33
N LYS E 485 36.35 38.91 24.22
CA LYS E 485 35.96 37.64 24.85
C LYS E 485 34.47 37.35 24.72
N VAL E 486 33.89 36.70 25.72
CA VAL E 486 32.49 36.25 25.68
C VAL E 486 31.73 36.93 26.80
N THR E 487 30.55 37.47 26.48
CA THR E 487 29.73 38.18 27.44
C THR E 487 28.31 37.62 27.48
N LEU E 488 27.39 38.34 28.11
CA LEU E 488 26.02 37.90 28.29
C LEU E 488 25.09 38.31 27.14
N LYS E 489 25.25 39.53 26.61
CA LYS E 489 24.32 40.03 25.61
C LYS E 489 24.29 39.14 24.37
N ASP E 490 25.46 38.66 23.93
CA ASP E 490 25.46 37.73 22.80
C ASP E 490 24.82 36.40 23.17
N VAL E 491 24.83 36.03 24.45
CA VAL E 491 24.13 34.81 24.87
C VAL E 491 22.62 34.98 24.70
N GLU E 492 22.07 36.13 25.13
CA GLU E 492 20.65 36.36 24.87
C GLU E 492 20.36 36.51 23.39
N SER E 493 21.31 37.04 22.61
CA SER E 493 21.12 37.11 21.17
C SER E 493 21.02 35.71 20.57
N ALA E 494 21.88 34.79 21.02
CA ALA E 494 21.79 33.40 20.57
C ALA E 494 20.48 32.77 21.01
N MET E 495 20.03 33.10 22.21
CA MET E 495 18.73 32.61 22.68
C MET E 495 17.60 33.08 21.77
N VAL E 496 17.65 34.34 21.36
CA VAL E 496 16.63 34.88 20.47
C VAL E 496 16.68 34.18 19.11
N ASP E 497 17.88 33.97 18.57
CA ASP E 497 18.02 33.44 17.22
C ASP E 497 18.57 32.01 17.27
N ILE E 498 18.05 31.19 18.18
CA ILE E 498 18.42 29.77 18.22
C ILE E 498 17.26 28.84 17.88
N ARG E 499 16.01 29.31 17.99
CA ARG E 499 14.78 28.59 17.71
C ARG E 499 14.84 27.15 18.23
N PRO E 500 14.77 26.96 19.55
CA PRO E 500 14.90 25.61 20.10
C PRO E 500 13.78 24.69 19.63
N SER E 501 14.13 23.41 19.46
CA SER E 501 13.18 22.41 19.00
C SER E 501 12.76 21.42 20.09
N ALA E 502 13.15 21.66 21.35
CA ALA E 502 12.81 20.77 22.45
C ALA E 502 11.68 21.31 23.32
N MET E 503 10.77 22.08 22.72
CA MET E 503 9.67 22.64 23.48
C MET E 503 8.68 21.57 23.92
N ARG E 504 8.34 20.66 23.01
CA ARG E 504 7.35 19.63 23.31
C ARG E 504 7.99 18.52 24.13
N GLU E 505 7.39 18.22 25.29
CA GLU E 505 7.89 17.17 26.16
C GLU E 505 6.74 16.66 27.02
N ILE E 506 6.82 15.38 27.40
CA ILE E 506 5.78 14.79 28.23
C ILE E 506 5.78 15.40 29.63
N PHE E 507 6.95 15.61 30.21
CA PHE E 507 7.09 16.23 31.51
C PHE E 507 7.76 17.59 31.37
N LEU E 508 7.26 18.57 32.11
CA LEU E 508 7.73 19.94 32.02
C LEU E 508 8.15 20.45 33.40
N GLU E 509 9.34 21.04 33.47
CA GLU E 509 9.87 21.62 34.69
C GLU E 509 9.71 23.13 34.62
N MET E 510 8.52 23.61 34.97
CA MET E 510 8.27 25.04 35.03
C MET E 510 9.00 25.64 36.23
N PRO E 511 9.53 26.86 36.08
CA PRO E 511 10.38 27.43 37.14
C PRO E 511 9.72 27.42 38.52
N LYS E 512 10.56 27.35 39.55
CA LYS E 512 10.12 27.07 40.91
C LYS E 512 9.92 28.35 41.70
N VAL E 513 9.00 28.30 42.67
CA VAL E 513 8.72 29.43 43.55
C VAL E 513 8.70 28.92 44.99
N TYR E 514 8.87 29.85 45.93
CA TYR E 514 8.92 29.57 47.35
C TYR E 514 7.60 29.96 48.01
N TRP E 515 7.45 29.60 49.28
CA TRP E 515 6.24 29.92 50.03
C TRP E 515 6.00 31.43 50.16
N SER E 516 7.02 32.26 49.94
CA SER E 516 6.81 33.69 49.96
C SER E 516 5.85 34.13 48.86
N ASP E 517 5.96 33.51 47.68
CA ASP E 517 5.05 33.81 46.58
C ASP E 517 3.64 33.30 46.85
N ILE E 518 3.46 32.40 47.82
CA ILE E 518 2.15 31.83 48.09
C ILE E 518 1.25 32.88 48.71
N GLY E 519 0.19 33.25 48.01
CA GLY E 519 -0.84 34.10 48.57
C GLY E 519 -2.09 33.32 48.91
N GLY E 520 -2.29 33.03 50.19
CA GLY E 520 -3.44 32.25 50.59
C GLY E 520 -3.52 32.15 52.11
N GLN E 521 -4.54 31.44 52.56
CA GLN E 521 -4.77 31.23 53.98
C GLN E 521 -3.98 30.03 54.48
N GLU E 522 -3.60 30.08 55.76
CA GLU E 522 -2.85 28.97 56.35
C GLU E 522 -3.67 27.70 56.46
N GLU E 523 -5.01 27.80 56.37
CA GLU E 523 -5.85 26.62 56.47
C GLU E 523 -5.55 25.63 55.36
N LEU E 524 -5.39 26.11 54.14
CA LEU E 524 -5.00 25.23 53.04
C LEU E 524 -3.53 24.86 53.09
N LYS E 525 -2.69 25.76 53.60
CA LYS E 525 -1.26 25.49 53.67
C LYS E 525 -0.96 24.31 54.59
N THR E 526 -1.60 24.28 55.77
CA THR E 526 -1.35 23.18 56.70
C THR E 526 -1.86 21.86 56.14
N LYS E 527 -2.99 21.89 55.43
CA LYS E 527 -3.50 20.67 54.80
C LYS E 527 -2.53 20.17 53.71
N MET E 528 -2.04 21.08 52.87
CA MET E 528 -1.08 20.67 51.85
C MET E 528 0.18 20.10 52.48
N LYS E 529 0.66 20.72 53.55
CA LYS E 529 1.81 20.17 54.27
C LYS E 529 1.51 18.79 54.81
N GLU E 530 0.30 18.59 55.34
CA GLU E 530 -0.08 17.29 55.88
C GLU E 530 -0.06 16.21 54.81
N MET E 531 -0.69 16.48 53.66
CA MET E 531 -0.76 15.45 52.62
C MET E 531 0.58 15.26 51.92
N ILE E 532 1.48 16.25 51.97
CA ILE E 532 2.80 16.01 51.38
C ILE E 532 3.76 15.37 52.37
N GLN E 533 3.52 15.49 53.67
CA GLN E 533 4.42 14.89 54.66
C GLN E 533 3.92 13.54 55.17
N LEU E 534 2.66 13.18 54.91
CA LEU E 534 2.16 11.88 55.37
C LEU E 534 2.92 10.71 54.77
N PRO E 535 3.09 10.58 53.44
CA PRO E 535 3.67 9.34 52.89
C PRO E 535 5.13 9.14 53.25
N LEU E 536 5.94 10.19 53.08
CA LEU E 536 7.39 10.04 53.14
C LEU E 536 7.85 9.48 54.47
N GLU E 537 7.31 10.00 55.58
CA GLU E 537 7.67 9.51 56.90
C GLU E 537 6.51 8.81 57.60
N ALA E 538 5.52 8.33 56.84
CA ALA E 538 4.46 7.51 57.41
C ALA E 538 4.20 6.24 56.61
N SER E 539 5.04 5.92 55.63
CA SER E 539 4.85 4.69 54.88
C SER E 539 4.95 3.47 55.79
N GLU E 540 5.94 3.44 56.68
CA GLU E 540 6.07 2.31 57.61
C GLU E 540 4.91 2.27 58.61
N THR E 541 4.44 3.44 59.07
CA THR E 541 3.30 3.47 59.98
C THR E 541 2.05 2.92 59.30
N PHE E 542 1.83 3.30 58.04
CA PHE E 542 0.69 2.76 57.29
C PHE E 542 0.84 1.27 57.04
N ALA E 543 2.06 0.82 56.76
CA ALA E 543 2.28 -0.62 56.55
C ALA E 543 1.97 -1.41 57.81
N ARG E 544 2.39 -0.91 58.98
CA ARG E 544 2.09 -1.60 60.22
C ARG E 544 0.60 -1.54 60.55
N LEU E 545 -0.02 -0.36 60.44
CA LEU E 545 -1.43 -0.23 60.78
C LEU E 545 -2.35 -0.76 59.71
N GLY E 546 -1.89 -0.83 58.45
CA GLY E 546 -2.71 -1.30 57.36
C GLY E 546 -3.61 -0.27 56.73
N ILE E 547 -3.56 0.98 57.20
CA ILE E 547 -4.40 2.03 56.63
C ILE E 547 -3.97 2.38 55.22
N SER E 548 -2.67 2.28 54.91
CA SER E 548 -2.11 2.65 53.60
C SER E 548 -2.35 4.15 53.39
N ALA E 549 -2.45 4.59 52.14
CA ALA E 549 -2.67 5.99 51.84
C ALA E 549 -3.81 6.15 50.84
N PRO E 550 -4.64 7.18 51.01
CA PRO E 550 -5.70 7.43 50.02
C PRO E 550 -5.17 7.72 48.62
N LYS E 551 -4.00 8.36 48.53
CA LYS E 551 -3.31 8.66 47.27
C LYS E 551 -4.18 9.43 46.28
N GLY E 552 -5.31 9.98 46.74
CA GLY E 552 -6.17 10.76 45.88
C GLY E 552 -6.66 12.05 46.50
N VAL E 553 -6.30 13.18 45.90
CA VAL E 553 -6.72 14.49 46.38
C VAL E 553 -7.25 15.29 45.19
N LEU E 554 -8.41 15.89 45.36
CA LEU E 554 -9.03 16.71 44.31
C LEU E 554 -8.96 18.18 44.72
N LEU E 555 -8.52 19.02 43.78
CA LEU E 555 -8.39 20.46 44.01
C LEU E 555 -9.43 21.17 43.16
N TYR E 556 -10.52 21.62 43.80
CA TYR E 556 -11.55 22.40 43.15
C TYR E 556 -11.56 23.80 43.74
N GLY E 557 -11.57 24.81 42.87
CA GLY E 557 -11.60 26.22 43.33
C GLY E 557 -11.99 27.14 42.20
N PRO E 558 -12.40 28.40 42.47
CA PRO E 558 -12.77 29.33 41.40
C PRO E 558 -11.52 29.58 40.55
N PRO E 559 -11.62 29.59 39.20
CA PRO E 559 -10.46 29.83 38.34
C PRO E 559 -9.92 31.25 38.57
N GLY E 560 -8.60 31.41 38.63
CA GLY E 560 -7.98 32.73 38.83
C GLY E 560 -6.80 32.68 39.77
N CYS E 561 -6.90 31.91 40.86
CA CYS E 561 -5.77 31.83 41.83
C CYS E 561 -5.80 30.52 42.62
N SER E 562 -4.62 30.12 43.13
CA SER E 562 -4.44 28.89 43.96
C SER E 562 -4.89 27.62 43.24
N LYS E 563 -4.68 27.54 41.93
CA LYS E 563 -5.07 26.32 41.17
C LYS E 563 -3.84 25.66 40.53
N THR E 564 -2.65 26.23 40.73
CA THR E 564 -1.41 25.66 40.15
C THR E 564 -0.19 26.08 40.99
N LEU E 565 0.04 27.39 41.12
CA LEU E 565 1.15 27.95 41.88
C LEU E 565 1.31 27.26 43.23
N THR E 566 0.19 26.89 43.87
CA THR E 566 0.28 26.16 45.13
C THR E 566 0.97 24.81 44.93
N ALA E 567 0.60 24.09 43.87
CA ALA E 567 1.26 22.81 43.59
C ALA E 567 2.75 23.01 43.30
N LYS E 568 3.08 24.05 42.54
CA LYS E 568 4.50 24.33 42.26
C LYS E 568 5.26 24.61 43.55
N ALA E 569 4.69 25.42 44.44
CA ALA E 569 5.36 25.75 45.69
C ALA E 569 5.51 24.52 46.58
N LEU E 570 4.48 23.68 46.66
CA LEU E 570 4.59 22.45 47.44
C LEU E 570 5.66 21.53 46.88
N ALA E 571 5.73 21.41 45.55
CA ALA E 571 6.78 20.59 44.94
C ALA E 571 8.15 21.17 45.23
N THR E 572 8.29 22.50 45.17
CA THR E 572 9.57 23.13 45.44
C THR E 572 10.02 22.91 46.87
N GLU E 573 9.10 23.05 47.83
CA GLU E 573 9.47 22.94 49.23
C GLU E 573 9.72 21.48 49.62
N SER E 574 8.89 20.56 49.13
CA SER E 574 9.02 19.16 49.49
C SER E 574 10.26 18.51 48.91
N GLY E 575 10.80 19.07 47.83
CA GLY E 575 11.98 18.48 47.20
C GLY E 575 11.77 17.10 46.65
N ILE E 576 10.63 16.87 46.00
CA ILE E 576 10.29 15.57 45.43
C ILE E 576 10.08 15.74 43.93
N ASN E 577 10.22 14.64 43.20
CA ASN E 577 9.99 14.67 41.76
C ASN E 577 8.57 15.10 41.45
N PHE E 578 8.43 15.97 40.45
CA PHE E 578 7.14 16.54 40.09
C PHE E 578 6.86 16.27 38.62
N LEU E 579 5.60 15.92 38.33
CA LEU E 579 5.14 15.69 36.98
C LEU E 579 4.05 16.70 36.63
N ALA E 580 4.21 17.39 35.52
CA ALA E 580 3.28 18.42 35.07
C ALA E 580 2.55 17.91 33.84
N VAL E 581 1.23 17.82 33.93
CA VAL E 581 0.38 17.36 32.83
C VAL E 581 -0.67 18.43 32.54
N LYS E 582 -0.76 18.85 31.28
CA LYS E 582 -1.77 19.78 30.86
C LYS E 582 -3.02 19.03 30.38
N GLY E 583 -4.17 19.71 30.48
CA GLY E 583 -5.43 19.13 30.08
C GLY E 583 -5.49 18.81 28.60
N PRO E 584 -5.48 19.85 27.76
CA PRO E 584 -5.53 19.62 26.31
C PRO E 584 -4.31 18.88 25.76
N GLU E 585 -3.19 18.87 26.49
CA GLU E 585 -1.99 18.23 25.97
C GLU E 585 -2.19 16.73 25.78
N ILE E 586 -2.86 16.07 26.73
CA ILE E 586 -3.04 14.63 26.63
C ILE E 586 -3.97 14.27 25.47
N PHE E 587 -4.85 15.19 25.08
CA PHE E 587 -5.76 14.92 23.97
C PHE E 587 -4.98 14.84 22.66
N ASN E 588 -5.33 13.85 21.84
CA ASN E 588 -4.69 13.68 20.54
C ASN E 588 -5.68 13.02 19.59
N LYS E 589 -5.56 13.35 18.30
CA LYS E 589 -6.42 12.77 17.29
C LYS E 589 -6.20 11.26 17.17
N TYR E 590 -4.95 10.83 17.19
CA TYR E 590 -4.62 9.43 17.02
C TYR E 590 -5.14 8.61 18.20
N VAL E 591 -5.65 7.42 17.90
CA VAL E 591 -6.16 6.53 18.93
C VAL E 591 -4.99 5.77 19.56
N GLY E 592 -4.89 5.83 20.88
CA GLY E 592 -3.83 5.17 21.60
C GLY E 592 -2.66 6.07 21.99
N GLU E 593 -2.55 7.26 21.39
CA GLU E 593 -1.50 8.19 21.78
C GLU E 593 -1.67 8.63 23.23
N SER E 594 -2.91 8.93 23.63
CA SER E 594 -3.17 9.29 25.02
C SER E 594 -2.89 8.12 25.95
N GLU E 595 -3.27 6.91 25.55
CA GLU E 595 -3.04 5.73 26.38
C GLU E 595 -1.55 5.46 26.55
N ARG E 596 -0.78 5.53 25.46
CA ARG E 596 0.66 5.32 25.57
C ARG E 596 1.31 6.41 26.39
N ALA E 597 0.85 7.66 26.24
CA ALA E 597 1.41 8.76 27.03
C ALA E 597 1.15 8.56 28.51
N ILE E 598 -0.08 8.18 28.88
CA ILE E 598 -0.39 8.04 30.30
C ILE E 598 0.33 6.84 30.90
N ARG E 599 0.44 5.75 30.13
CA ARG E 599 1.17 4.60 30.67
C ARG E 599 2.66 4.89 30.80
N GLU E 600 3.22 5.65 29.85
CA GLU E 600 4.64 6.02 29.93
C GLU E 600 4.89 6.92 31.14
N ILE E 601 4.03 7.92 31.35
CA ILE E 601 4.24 8.80 32.49
C ILE E 601 4.02 8.05 33.80
N PHE E 602 3.07 7.11 33.83
CA PHE E 602 2.84 6.34 35.05
C PHE E 602 4.03 5.44 35.38
N ARG E 603 4.60 4.77 34.37
CA ARG E 603 5.76 3.94 34.64
C ARG E 603 6.99 4.78 34.99
N LYS E 604 7.11 5.98 34.40
CA LYS E 604 8.19 6.88 34.78
C LYS E 604 8.06 7.31 36.23
N ALA E 605 6.83 7.63 36.67
CA ALA E 605 6.61 7.99 38.06
C ALA E 605 6.90 6.81 38.98
N ARG E 606 6.51 5.60 38.57
CA ARG E 606 6.76 4.41 39.37
C ARG E 606 8.26 4.17 39.54
N SER E 607 9.03 4.31 38.45
CA SER E 607 10.46 4.05 38.49
C SER E 607 11.27 5.23 38.98
N ALA E 608 10.65 6.39 39.17
CA ALA E 608 11.35 7.61 39.62
C ALA E 608 11.13 7.88 41.09
N ALA E 609 11.06 6.82 41.92
CA ALA E 609 10.90 6.89 43.36
C ALA E 609 9.52 7.45 43.73
N PRO E 610 9.10 7.35 45.01
CA PRO E 610 7.82 7.98 45.39
C PRO E 610 7.79 9.47 45.08
N SER E 611 6.89 9.86 44.17
CA SER E 611 6.78 11.22 43.70
C SER E 611 5.33 11.68 43.79
N ILE E 612 5.06 12.85 43.21
CA ILE E 612 3.72 13.43 43.19
C ILE E 612 3.34 13.74 41.75
N ILE E 613 2.12 13.38 41.38
CA ILE E 613 1.60 13.60 40.03
C ILE E 613 0.47 14.61 40.13
N PHE E 614 0.57 15.69 39.37
CA PHE E 614 -0.40 16.78 39.41
C PHE E 614 -0.96 17.01 38.02
N PHE E 615 -2.26 17.26 37.94
CA PHE E 615 -2.96 17.52 36.69
C PHE E 615 -3.45 18.97 36.69
N ASP E 616 -3.20 19.67 35.58
CA ASP E 616 -3.56 21.08 35.51
C ASP E 616 -5.06 21.27 35.38
N GLU E 617 -5.65 20.76 34.30
CA GLU E 617 -7.07 20.91 34.00
C GLU E 617 -7.66 19.54 33.70
N ILE E 618 -8.13 18.85 34.76
CA ILE E 618 -8.75 17.55 34.60
C ILE E 618 -10.20 17.65 34.16
N ASP E 619 -10.81 18.83 34.27
CA ASP E 619 -12.21 19.04 33.91
C ASP E 619 -12.45 19.06 32.41
N ALA E 620 -11.45 18.70 31.59
CA ALA E 620 -11.61 18.66 30.14
C ALA E 620 -11.92 17.26 29.64
N LEU E 621 -11.16 16.26 30.10
CA LEU E 621 -11.38 14.89 29.66
C LEU E 621 -12.37 14.15 30.55
N SER E 622 -12.45 14.52 31.83
CA SER E 622 -13.37 13.84 32.76
C SER E 622 -14.83 13.94 32.35
N PRO E 623 -15.37 15.11 31.89
CA PRO E 623 -16.80 15.15 31.57
C PRO E 623 -17.16 14.31 30.35
N ASP E 624 -17.85 13.20 30.57
CA ASP E 624 -18.32 12.34 29.49
C ASP E 624 -19.83 12.13 29.52
N ARG E 625 -20.53 12.67 30.52
CA ARG E 625 -21.97 12.53 30.65
C ARG E 625 -22.71 13.81 30.31
N ASP E 626 -22.25 14.95 30.85
CA ASP E 626 -22.90 16.23 30.52
C ASP E 626 -22.73 16.56 29.05
N GLY E 627 -21.56 16.31 28.49
CA GLY E 627 -21.32 16.54 27.07
C GLY E 627 -20.97 15.27 26.33
N SER E 628 -21.43 15.16 25.09
CA SER E 628 -21.18 13.96 24.28
C SER E 628 -19.71 13.95 23.85
N SER E 629 -18.96 12.98 24.37
CA SER E 629 -17.54 12.83 24.06
C SER E 629 -17.30 11.51 23.32
N THR E 630 -16.14 11.43 22.68
CA THR E 630 -15.78 10.23 21.93
C THR E 630 -15.43 9.11 22.89
N SER E 631 -15.38 7.89 22.34
CA SER E 631 -15.03 6.72 23.14
C SER E 631 -13.60 6.76 23.65
N ALA E 632 -12.73 7.56 23.02
CA ALA E 632 -11.36 7.68 23.48
C ALA E 632 -11.29 8.28 24.88
N ALA E 633 -12.13 9.29 25.14
CA ALA E 633 -12.16 9.89 26.47
C ALA E 633 -12.60 8.87 27.53
N ASN E 634 -13.63 8.07 27.23
CA ASN E 634 -14.07 7.04 28.16
C ASN E 634 -12.98 5.99 28.38
N HIS E 635 -12.29 5.59 27.31
CA HIS E 635 -11.21 4.63 27.44
C HIS E 635 -10.09 5.18 28.31
N VAL E 636 -9.72 6.44 28.12
CA VAL E 636 -8.69 7.06 28.95
C VAL E 636 -9.14 7.13 30.40
N LEU E 637 -10.41 7.48 30.63
CA LEU E 637 -10.93 7.57 31.99
C LEU E 637 -10.88 6.21 32.69
N THR E 638 -11.33 5.17 32.01
CA THR E 638 -11.32 3.85 32.64
C THR E 638 -9.90 3.33 32.82
N SER E 639 -8.99 3.64 31.89
CA SER E 639 -7.60 3.24 32.05
C SER E 639 -6.96 3.92 33.26
N LEU E 640 -7.20 5.23 33.43
CA LEU E 640 -6.62 5.92 34.57
C LEU E 640 -7.26 5.45 35.88
N LEU E 641 -8.56 5.14 35.86
CA LEU E 641 -9.21 4.60 37.05
C LEU E 641 -8.62 3.25 37.42
N ASN E 642 -8.38 2.39 36.43
CA ASN E 642 -7.74 1.10 36.69
C ASN E 642 -6.33 1.28 37.22
N GLU E 643 -5.58 2.23 36.67
CA GLU E 643 -4.21 2.46 37.13
C GLU E 643 -4.19 2.99 38.56
N ILE E 644 -5.16 3.83 38.91
CA ILE E 644 -5.17 4.44 40.25
C ILE E 644 -5.68 3.45 41.29
N ASP E 645 -6.90 2.95 41.12
CA ASP E 645 -7.52 2.10 42.13
C ASP E 645 -8.20 0.90 41.48
N GLY E 646 -7.53 0.28 40.50
CA GLY E 646 -8.03 -0.93 39.91
C GLY E 646 -7.00 -2.05 39.92
N VAL E 647 -7.27 -3.11 40.68
CA VAL E 647 -6.42 -4.30 40.83
C VAL E 647 -4.95 -3.91 41.02
N GLU E 648 -4.72 -2.70 41.52
CA GLU E 648 -3.38 -2.17 41.72
C GLU E 648 -3.41 -1.12 42.82
N GLU E 649 -2.32 -1.08 43.59
CA GLU E 649 -2.16 -0.09 44.65
C GLU E 649 -0.78 0.54 44.52
N LEU E 650 -0.74 1.87 44.52
CA LEU E 650 0.49 2.64 44.36
C LEU E 650 0.71 3.46 45.62
N LYS E 651 1.45 2.90 46.58
CA LYS E 651 1.66 3.57 47.86
C LYS E 651 2.62 4.75 47.72
N GLY E 652 3.70 4.57 46.97
CA GLY E 652 4.74 5.59 46.93
C GLY E 652 4.30 6.89 46.28
N VAL E 653 3.61 6.79 45.14
CA VAL E 653 3.24 7.99 44.40
C VAL E 653 1.96 8.60 44.98
N VAL E 654 1.81 9.90 44.77
CA VAL E 654 0.63 10.65 45.19
C VAL E 654 0.03 11.33 43.96
N ILE E 655 -1.27 11.15 43.78
CA ILE E 655 -1.98 11.70 42.62
C ILE E 655 -2.90 12.80 43.11
N VAL E 656 -2.71 14.01 42.59
CA VAL E 656 -3.55 15.16 42.90
C VAL E 656 -4.05 15.76 41.60
N ALA E 657 -5.32 16.14 41.58
CA ALA E 657 -5.97 16.68 40.39
C ALA E 657 -6.56 18.05 40.69
N ALA E 658 -6.40 18.98 39.75
CA ALA E 658 -6.95 20.32 39.87
C ALA E 658 -8.03 20.49 38.82
N THR E 659 -9.20 20.97 39.25
CA THR E 659 -10.35 21.12 38.37
C THR E 659 -10.96 22.51 38.55
N ASN E 660 -11.57 23.01 37.48
CA ASN E 660 -12.29 24.27 37.52
C ASN E 660 -13.80 24.10 37.65
N ARG E 661 -14.38 23.12 36.97
CA ARG E 661 -15.79 22.82 37.10
C ARG E 661 -15.95 21.51 37.86
N PRO E 662 -16.50 21.53 39.08
CA PRO E 662 -16.46 20.32 39.91
C PRO E 662 -17.40 19.22 39.46
N ASP E 663 -18.62 19.57 39.06
CA ASP E 663 -19.60 18.55 38.71
C ASP E 663 -19.24 17.80 37.44
N GLU E 664 -18.35 18.34 36.62
CA GLU E 664 -17.91 17.66 35.40
C GLU E 664 -16.94 16.52 35.68
N ILE E 665 -16.45 16.38 36.91
CA ILE E 665 -15.62 15.25 37.27
C ILE E 665 -16.44 13.97 37.22
N ASP E 666 -15.85 12.90 36.70
CA ASP E 666 -16.57 11.65 36.52
C ASP E 666 -17.05 11.10 37.87
N ALA E 667 -18.27 10.55 37.86
CA ALA E 667 -18.83 9.98 39.08
C ALA E 667 -18.00 8.81 39.59
N ALA E 668 -17.50 7.98 38.67
CA ALA E 668 -16.66 6.86 39.07
C ALA E 668 -15.38 7.35 39.75
N LEU E 669 -14.80 8.45 39.25
CA LEU E 669 -13.64 9.04 39.91
C LEU E 669 -14.01 9.57 41.29
N LEU E 670 -15.20 10.18 41.41
CA LEU E 670 -15.67 10.70 42.68
C LEU E 670 -16.39 9.60 43.47
N ARG E 671 -15.58 8.65 43.94
CA ARG E 671 -16.07 7.52 44.71
C ARG E 671 -15.23 7.37 45.97
N PRO E 672 -15.80 6.79 47.04
CA PRO E 672 -15.02 6.57 48.27
C PRO E 672 -13.83 5.66 48.02
N GLY E 673 -12.64 6.18 48.30
CA GLY E 673 -11.39 5.47 48.09
C GLY E 673 -10.45 6.17 47.13
N ARG E 674 -11.01 6.90 46.15
CA ARG E 674 -10.21 7.64 45.17
C ARG E 674 -10.62 9.10 45.19
N LEU E 675 -9.64 9.98 45.32
CA LEU E 675 -9.86 11.43 45.33
C LEU E 675 -10.88 11.83 46.39
N ASP E 676 -10.78 11.19 47.55
CA ASP E 676 -11.71 11.50 48.65
C ASP E 676 -11.49 12.90 49.18
N ARG E 677 -10.24 13.32 49.33
CA ARG E 677 -9.93 14.63 49.87
C ARG E 677 -10.38 15.73 48.92
N HIS E 678 -10.97 16.79 49.49
CA HIS E 678 -11.42 17.93 48.72
C HIS E 678 -11.00 19.21 49.44
N ILE E 679 -10.42 20.15 48.69
CA ILE E 679 -9.97 21.43 49.22
C ILE E 679 -10.70 22.53 48.47
N TYR E 680 -11.31 23.45 49.23
CA TYR E 680 -12.07 24.53 48.61
C TYR E 680 -11.17 25.51 47.88
N VAL E 681 -9.99 25.78 48.44
CA VAL E 681 -8.99 26.73 47.92
C VAL E 681 -9.67 27.94 47.28
N GLY E 682 -10.55 28.59 48.04
CA GLY E 682 -11.33 29.69 47.53
C GLY E 682 -10.52 30.94 47.27
N PRO E 683 -11.22 32.07 47.10
CA PRO E 683 -10.52 33.32 46.83
C PRO E 683 -9.67 33.74 48.00
N PRO E 684 -8.57 34.45 47.76
CA PRO E 684 -7.71 34.87 48.87
C PRO E 684 -8.43 35.85 49.80
N ASP E 685 -8.07 35.80 51.07
CA ASP E 685 -8.66 36.66 52.07
C ASP E 685 -7.95 38.02 52.06
N VAL E 686 -8.21 38.84 53.08
CA VAL E 686 -7.61 40.17 53.14
C VAL E 686 -6.10 40.06 53.35
N ASN E 687 -5.66 39.09 54.16
CA ASN E 687 -4.23 38.95 54.43
C ASN E 687 -3.46 38.54 53.18
N ALA E 688 -3.98 37.54 52.46
CA ALA E 688 -3.31 37.09 51.24
C ALA E 688 -3.30 38.17 50.17
N ARG E 689 -4.41 38.89 50.02
CA ARG E 689 -4.47 39.98 49.05
C ARG E 689 -3.50 41.09 49.42
N LEU E 690 -3.40 41.42 50.71
CA LEU E 690 -2.41 42.40 51.15
C LEU E 690 -1.00 41.94 50.85
N GLU E 691 -0.71 40.65 51.10
CA GLU E 691 0.62 40.13 50.85
C GLU E 691 0.98 40.19 49.37
N ILE E 692 0.05 39.78 48.50
CA ILE E 692 0.35 39.80 47.06
C ILE E 692 0.44 41.24 46.55
N LEU E 693 -0.38 42.14 47.09
CA LEU E 693 -0.27 43.55 46.71
C LEU E 693 1.08 44.13 47.12
N LYS E 694 1.55 43.78 48.32
CA LYS E 694 2.87 44.23 48.76
C LYS E 694 3.98 43.66 47.89
N LYS E 695 3.86 42.38 47.52
CA LYS E 695 4.86 41.77 46.65
C LYS E 695 4.91 42.44 45.29
N CYS E 696 3.73 42.73 44.71
CA CYS E 696 3.70 43.42 43.43
C CYS E 696 4.19 44.86 43.55
N THR E 697 3.99 45.48 44.72
CA THR E 697 4.43 46.84 44.97
C THR E 697 5.92 46.92 45.31
N LYS E 698 6.57 45.77 45.54
CA LYS E 698 7.98 45.78 45.93
C LYS E 698 8.84 46.50 44.88
N LYS E 699 8.50 46.37 43.60
CA LYS E 699 9.22 47.08 42.56
C LYS E 699 9.02 48.59 42.66
N PHE E 700 7.96 49.04 43.31
CA PHE E 700 7.69 50.45 43.52
C PHE E 700 8.04 50.84 44.95
N ASN E 701 7.74 52.09 45.31
CA ASN E 701 7.98 52.61 46.65
C ASN E 701 6.64 52.85 47.33
N THR E 702 6.44 52.19 48.48
CA THR E 702 5.19 52.33 49.21
C THR E 702 5.10 53.67 49.93
N GLU E 703 6.23 54.16 50.47
CA GLU E 703 6.21 55.42 51.21
C GLU E 703 5.90 56.59 50.28
N GLU E 704 6.43 56.57 49.06
CA GLU E 704 6.16 57.66 48.12
C GLU E 704 4.74 57.58 47.56
N SER E 705 4.19 56.37 47.45
CA SER E 705 2.82 56.23 46.97
C SER E 705 1.82 56.82 47.96
N GLY E 706 2.08 56.69 49.25
CA GLY E 706 1.19 57.19 50.27
C GLY E 706 0.06 56.27 50.66
N VAL E 707 0.00 55.07 50.10
CA VAL E 707 -1.04 54.10 50.43
C VAL E 707 -0.56 53.26 51.61
N ASP E 708 -1.51 52.78 52.39
CA ASP E 708 -1.22 51.96 53.57
C ASP E 708 -1.24 50.47 53.27
N LEU E 709 -1.48 50.07 52.02
CA LEU E 709 -1.55 48.70 51.53
C LEU E 709 -2.71 47.91 52.14
N HIS E 710 -3.53 48.52 52.98
CA HIS E 710 -4.69 47.86 53.58
C HIS E 710 -6.01 48.40 53.05
N GLU E 711 -6.13 49.72 52.88
CA GLU E 711 -7.33 50.28 52.28
C GLU E 711 -7.50 49.79 50.84
N LEU E 712 -6.39 49.69 50.09
CA LEU E 712 -6.45 49.15 48.74
C LEU E 712 -6.93 47.70 48.76
N ALA E 713 -6.43 46.89 49.69
CA ALA E 713 -6.86 45.50 49.80
C ALA E 713 -8.34 45.41 50.15
N ASP E 714 -8.81 46.28 51.05
CA ASP E 714 -10.23 46.30 51.38
C ASP E 714 -11.08 46.68 50.18
N ARG E 715 -10.64 47.69 49.42
CA ARG E 715 -11.35 48.03 48.18
C ARG E 715 -11.26 46.91 47.16
N THR E 716 -10.08 46.32 47.02
CA THR E 716 -9.87 45.23 46.06
C THR E 716 -10.06 43.89 46.77
N GLU E 717 -11.31 43.66 47.19
CA GLU E 717 -11.67 42.44 47.90
C GLU E 717 -12.36 41.41 47.02
N GLY E 718 -13.07 41.85 45.97
CA GLY E 718 -13.76 40.93 45.08
C GLY E 718 -12.92 40.36 43.96
N TYR E 719 -11.66 40.76 43.86
CA TYR E 719 -10.79 40.29 42.79
C TYR E 719 -10.07 39.02 43.24
N SER E 720 -9.15 38.53 42.42
CA SER E 720 -8.36 37.34 42.71
C SER E 720 -6.89 37.69 42.59
N GLY E 721 -6.04 36.68 42.81
CA GLY E 721 -4.60 36.91 42.75
C GLY E 721 -4.14 37.37 41.39
N ALA E 722 -4.58 36.68 40.33
CA ALA E 722 -4.24 37.11 38.98
C ALA E 722 -4.90 38.44 38.66
N GLU E 723 -6.12 38.65 39.15
CA GLU E 723 -6.76 39.96 38.99
C GLU E 723 -5.96 41.05 39.68
N VAL E 724 -5.44 40.76 40.87
CA VAL E 724 -4.61 41.74 41.57
C VAL E 724 -3.34 42.04 40.79
N VAL E 725 -2.71 41.00 40.23
CA VAL E 725 -1.49 41.20 39.45
C VAL E 725 -1.78 42.05 38.21
N LEU E 726 -2.88 41.75 37.52
CA LEU E 726 -3.25 42.53 36.35
C LEU E 726 -3.58 43.98 36.72
N LEU E 727 -4.24 44.17 37.86
CA LEU E 727 -4.54 45.51 38.33
C LEU E 727 -3.26 46.29 38.60
N CYS E 728 -2.29 45.65 39.26
CA CYS E 728 -1.01 46.31 39.52
C CYS E 728 -0.28 46.63 38.22
N GLN E 729 -0.30 45.70 37.26
CA GLN E 729 0.35 45.95 35.98
C GLN E 729 -0.27 47.13 35.25
N GLU E 730 -1.61 47.19 35.24
CA GLU E 730 -2.29 48.29 34.56
C GLU E 730 -2.08 49.61 35.29
N ALA E 731 -2.00 49.57 36.62
CA ALA E 731 -1.67 50.78 37.37
C ALA E 731 -0.26 51.27 37.04
N GLY E 732 0.68 50.34 36.93
CA GLY E 732 2.04 50.72 36.53
C GLY E 732 2.07 51.30 35.12
N LEU E 733 1.27 50.73 34.22
CA LEU E 733 1.16 51.31 32.88
C LEU E 733 0.62 52.73 32.93
N ALA E 734 -0.47 52.94 33.69
CA ALA E 734 -1.02 54.28 33.83
C ALA E 734 0.00 55.24 34.43
N ALA E 735 0.86 54.74 35.32
CA ALA E 735 1.94 55.54 35.89
C ALA E 735 3.03 55.84 34.86
N ILE E 736 3.27 54.95 33.89
CA ILE E 736 4.35 55.17 32.94
C ILE E 736 3.94 55.95 31.70
N MET E 737 2.66 56.03 31.37
CA MET E 737 2.33 56.86 30.20
C MET E 737 2.52 58.36 30.42
N GLU E 738 2.75 58.83 31.64
CA GLU E 738 3.02 60.27 31.77
C GLU E 738 4.45 60.62 31.36
N ASP E 739 5.44 60.07 32.04
CA ASP E 739 6.83 60.43 31.80
C ASP E 739 7.70 59.18 31.77
N LEU E 740 7.23 58.15 31.08
CA LEU E 740 7.99 56.92 30.86
C LEU E 740 8.41 56.28 32.18
N ASP E 741 9.72 56.23 32.43
CA ASP E 741 10.22 55.62 33.66
C ASP E 741 9.78 56.43 34.87
N VAL E 742 9.26 55.75 35.88
CA VAL E 742 8.78 56.36 37.11
C VAL E 742 9.35 55.61 38.30
N ALA E 743 9.69 56.36 39.36
CA ALA E 743 10.15 55.75 40.60
C ALA E 743 9.03 55.47 41.58
N LYS E 744 7.80 55.87 41.27
CA LYS E 744 6.67 55.67 42.17
C LYS E 744 5.39 55.67 41.35
N VAL E 745 4.32 55.16 41.97
CA VAL E 745 2.98 55.16 41.39
C VAL E 745 2.03 55.83 42.37
N GLU E 746 1.20 56.74 41.87
CA GLU E 746 0.34 57.55 42.72
C GLU E 746 -1.01 56.87 42.95
N LEU E 747 -1.77 57.42 43.90
CA LEU E 747 -3.08 56.86 44.23
C LEU E 747 -4.09 57.11 43.13
N ARG E 748 -3.93 58.19 42.36
CA ARG E 748 -4.83 58.44 41.24
C ARG E 748 -4.72 57.34 40.19
N HIS E 749 -3.50 56.85 39.95
CA HIS E 749 -3.32 55.72 39.05
C HIS E 749 -4.01 54.48 39.58
N PHE E 750 -3.95 54.26 40.90
CA PHE E 750 -4.66 53.13 41.50
C PHE E 750 -6.16 53.24 41.29
N GLU E 751 -6.72 54.44 41.51
CA GLU E 751 -8.15 54.64 41.32
C GLU E 751 -8.55 54.44 39.86
N LYS E 752 -7.73 54.95 38.94
CA LYS E 752 -8.01 54.77 37.51
C LYS E 752 -7.97 53.29 37.13
N ALA E 753 -6.99 52.55 37.66
CA ALA E 753 -6.92 51.11 37.40
C ALA E 753 -8.13 50.39 37.97
N PHE E 754 -8.55 50.76 39.19
CA PHE E 754 -9.69 50.09 39.81
C PHE E 754 -10.97 50.35 39.02
N LYS E 755 -11.18 51.59 38.56
CA LYS E 755 -12.40 51.90 37.82
C LYS E 755 -12.36 51.35 36.40
N GLY E 756 -11.17 51.23 35.81
CA GLY E 756 -11.08 50.74 34.44
C GLY E 756 -11.47 49.28 34.30
N ILE E 757 -11.04 48.44 35.24
CA ILE E 757 -11.31 47.02 35.17
C ILE E 757 -12.53 46.70 36.03
N ALA E 758 -13.18 45.58 35.71
CA ALA E 758 -14.37 45.12 36.41
C ALA E 758 -14.02 43.92 37.29
N ARG E 759 -15.05 43.36 37.92
CA ARG E 759 -14.84 42.22 38.81
C ARG E 759 -14.63 40.93 38.03
N GLY E 760 -15.59 40.56 37.19
CA GLY E 760 -15.53 39.32 36.45
C GLY E 760 -15.95 38.09 37.22
N ILE E 761 -16.44 38.25 38.44
CA ILE E 761 -16.86 37.14 39.29
C ILE E 761 -18.33 37.33 39.62
N THR E 762 -19.09 36.23 39.60
CA THR E 762 -20.52 36.26 39.85
C THR E 762 -20.88 35.48 41.11
N PRO E 763 -21.88 35.91 41.87
CA PRO E 763 -22.23 35.18 43.10
C PRO E 763 -22.92 33.84 42.84
N GLU E 764 -23.52 33.63 41.66
CA GLU E 764 -24.13 32.34 41.38
C GLU E 764 -23.08 31.25 41.28
N MET E 765 -21.90 31.57 40.76
CA MET E 765 -20.78 30.63 40.77
C MET E 765 -20.35 30.29 42.18
N LEU E 766 -20.28 31.28 43.07
CA LEU E 766 -19.95 31.01 44.47
C LEU E 766 -21.00 30.12 45.12
N SER E 767 -22.28 30.37 44.85
CA SER E 767 -23.34 29.53 45.39
C SER E 767 -23.25 28.11 44.83
N TYR E 768 -22.90 27.98 43.55
CA TYR E 768 -22.74 26.65 42.95
C TYR E 768 -21.61 25.88 43.63
N TYR E 769 -20.48 26.52 43.87
CA TYR E 769 -19.38 25.82 44.55
C TYR E 769 -19.73 25.50 45.99
N GLU E 770 -20.48 26.39 46.66
CA GLU E 770 -20.94 26.09 48.02
C GLU E 770 -21.86 24.88 48.02
N GLU E 771 -22.77 24.80 47.05
CA GLU E 771 -23.66 23.65 46.95
C GLU E 771 -22.88 22.36 46.68
N PHE E 772 -21.87 22.43 45.82
CA PHE E 772 -21.03 21.26 45.59
C PHE E 772 -20.27 20.86 46.85
N ALA E 773 -19.80 21.85 47.62
CA ALA E 773 -19.04 21.54 48.83
C ALA E 773 -19.93 20.89 49.89
N LEU E 774 -21.15 21.39 50.06
CA LEU E 774 -22.02 20.85 51.11
C LEU E 774 -22.54 19.46 50.77
N ARG E 775 -22.56 19.07 49.49
CA ARG E 775 -23.04 17.76 49.10
C ARG E 775 -21.99 16.67 49.22
N SER E 776 -20.74 17.03 49.51
CA SER E 776 -19.67 16.04 49.64
C SER E 776 -19.28 15.86 51.11
N LYS F 29 35.28 1.61 -38.44
CA LYS F 29 34.24 2.59 -38.71
C LYS F 29 32.85 1.95 -38.58
N LEU F 30 32.47 1.17 -39.59
CA LEU F 30 31.18 0.48 -39.64
C LEU F 30 30.03 1.45 -39.50
N PRO F 31 29.78 2.31 -40.49
CA PRO F 31 28.68 3.27 -40.37
C PRO F 31 27.32 2.57 -40.48
N ALA F 32 26.42 2.93 -39.57
CA ALA F 32 25.09 2.33 -39.52
C ALA F 32 24.00 3.29 -39.95
N GLU F 33 24.06 4.56 -39.53
CA GLU F 33 23.04 5.53 -39.85
C GLU F 33 23.70 6.80 -40.40
N PHE F 34 22.91 7.55 -41.17
CA PHE F 34 23.39 8.76 -41.83
C PHE F 34 22.40 9.90 -41.62
N ILE F 35 22.90 11.12 -41.78
CA ILE F 35 22.13 12.34 -41.55
C ILE F 35 22.13 13.16 -42.83
N THR F 36 20.98 13.77 -43.15
CA THR F 36 20.84 14.59 -44.33
C THR F 36 21.41 15.98 -44.12
N ARG F 37 21.66 16.68 -45.24
CA ARG F 37 22.19 18.04 -45.25
C ARG F 37 22.01 18.64 -46.64
N PRO F 38 21.58 19.89 -46.75
CA PRO F 38 21.39 20.48 -48.08
C PRO F 38 22.71 20.71 -48.79
N HIS F 39 22.66 20.70 -50.11
CA HIS F 39 23.85 20.96 -50.92
C HIS F 39 24.22 22.43 -50.83
N PRO F 40 25.44 22.77 -50.43
CA PRO F 40 25.82 24.18 -50.28
C PRO F 40 26.20 24.79 -51.62
N SER F 41 26.41 26.10 -51.60
CA SER F 41 26.87 26.94 -52.71
C SER F 41 25.82 27.08 -53.82
N LYS F 42 24.66 26.43 -53.70
CA LYS F 42 23.60 26.49 -54.70
C LYS F 42 24.13 26.15 -56.09
N ASP F 43 23.99 27.08 -57.03
CA ASP F 43 24.43 26.91 -58.42
C ASP F 43 23.75 25.66 -58.98
N HIS F 44 24.46 24.90 -59.81
CA HIS F 44 23.94 23.64 -60.33
C HIS F 44 24.68 22.44 -59.76
N GLY F 45 26.00 22.37 -59.94
CA GLY F 45 26.79 21.26 -59.47
C GLY F 45 26.23 19.91 -59.87
N LYS F 46 25.79 19.13 -58.89
CA LYS F 46 25.04 17.91 -59.16
C LYS F 46 23.53 18.18 -59.11
N GLU F 47 23.05 18.65 -57.95
CA GLU F 47 21.66 19.09 -57.73
C GLU F 47 20.71 17.89 -57.73
N THR F 48 21.20 16.71 -58.11
CA THR F 48 20.42 15.49 -58.01
C THR F 48 21.21 14.31 -57.47
N CYS F 49 22.53 14.29 -57.60
CA CYS F 49 23.35 13.14 -57.24
C CYS F 49 24.61 13.59 -56.50
N THR F 50 24.47 14.51 -55.56
CA THR F 50 25.61 15.00 -54.80
C THR F 50 26.24 13.87 -53.98
N ALA F 51 25.49 13.36 -53.00
CA ALA F 51 25.89 12.21 -52.20
C ALA F 51 27.32 12.34 -51.70
N TYR F 52 27.59 13.42 -50.97
CA TYR F 52 28.92 13.64 -50.40
C TYR F 52 29.14 12.65 -49.27
N ILE F 53 29.85 11.56 -49.58
CA ILE F 53 30.07 10.46 -48.64
C ILE F 53 31.56 10.16 -48.58
N HIS F 54 32.04 9.85 -47.38
CA HIS F 54 33.45 9.55 -47.20
C HIS F 54 33.85 8.35 -48.04
N PRO F 55 35.04 8.36 -48.65
CA PRO F 55 35.45 7.21 -49.48
C PRO F 55 35.54 5.91 -48.72
N ASN F 56 35.74 5.95 -47.40
CA ASN F 56 35.77 4.72 -46.61
C ASN F 56 34.43 3.99 -46.68
N VAL F 57 33.32 4.73 -46.58
CA VAL F 57 32.00 4.13 -46.71
C VAL F 57 31.78 3.63 -48.13
N LEU F 58 32.30 4.36 -49.13
CA LEU F 58 32.16 3.93 -50.51
C LEU F 58 32.85 2.59 -50.74
N SER F 59 34.06 2.42 -50.18
CA SER F 59 34.78 1.16 -50.32
C SER F 59 34.15 0.06 -49.46
N SER F 60 33.56 0.43 -48.33
CA SER F 60 32.96 -0.56 -47.43
C SER F 60 31.75 -1.25 -48.04
N LEU F 61 31.05 -0.59 -48.96
CA LEU F 61 29.88 -1.18 -49.61
C LEU F 61 30.27 -1.92 -50.89
N GLU F 62 31.57 -1.98 -51.21
CA GLU F 62 32.13 -2.72 -52.34
C GLU F 62 31.35 -2.46 -53.64
N ILE F 63 31.18 -1.18 -53.96
CA ILE F 63 30.61 -0.76 -55.23
C ILE F 63 31.49 0.34 -55.81
N ASN F 64 31.52 0.41 -57.14
CA ASN F 64 32.34 1.41 -57.81
C ASN F 64 31.73 2.80 -57.64
N PRO F 65 32.56 3.85 -57.64
CA PRO F 65 32.00 5.21 -57.50
C PRO F 65 31.02 5.58 -58.60
N GLY F 66 31.22 5.08 -59.81
CA GLY F 66 30.32 5.37 -60.91
C GLY F 66 29.07 4.51 -60.90
N SER F 67 28.32 4.58 -59.81
CA SER F 67 27.10 3.79 -59.67
C SER F 67 26.07 4.62 -58.90
N PHE F 68 25.02 3.95 -58.44
CA PHE F 68 23.93 4.61 -57.73
C PHE F 68 24.06 4.39 -56.23
N CYS F 69 23.46 5.30 -55.47
CA CYS F 69 23.43 5.21 -54.01
C CYS F 69 21.98 5.20 -53.54
N THR F 70 21.77 4.60 -52.36
CA THR F 70 20.43 4.41 -51.84
C THR F 70 20.33 5.02 -50.45
N VAL F 71 19.23 5.72 -50.19
CA VAL F 71 18.93 6.30 -48.89
C VAL F 71 17.67 5.64 -48.35
N GLY F 72 17.78 5.06 -47.16
CA GLY F 72 16.71 4.24 -46.64
C GLY F 72 15.67 4.97 -45.80
N LYS F 73 16.02 6.16 -45.32
CA LYS F 73 15.17 6.97 -44.43
C LYS F 73 14.42 6.12 -43.41
N ILE F 74 15.17 5.20 -42.78
CA ILE F 74 14.71 4.21 -41.81
C ILE F 74 13.29 3.70 -42.11
N GLY F 75 13.21 2.57 -42.80
CA GLY F 75 11.93 2.01 -43.18
C GLY F 75 11.44 2.53 -44.52
N GLU F 76 10.22 2.10 -44.88
CA GLU F 76 9.58 2.48 -46.13
C GLU F 76 10.46 2.10 -47.33
N ASN F 77 10.60 0.79 -47.51
CA ASN F 77 11.47 0.21 -48.52
C ASN F 77 11.18 0.81 -49.90
N GLY F 78 12.22 0.80 -50.74
CA GLY F 78 12.24 1.51 -52.00
C GLY F 78 13.53 2.29 -52.11
N ILE F 79 13.96 2.82 -50.95
CA ILE F 79 15.32 3.24 -50.64
C ILE F 79 15.89 4.25 -51.64
N LEU F 80 15.05 4.75 -52.54
CA LEU F 80 15.37 5.93 -53.37
C LEU F 80 16.73 5.79 -54.05
N VAL F 81 16.81 4.82 -54.96
CA VAL F 81 18.06 4.55 -55.68
C VAL F 81 18.39 5.73 -56.58
N ILE F 82 19.43 6.49 -56.22
CA ILE F 82 19.87 7.65 -56.98
C ILE F 82 21.39 7.55 -57.17
N ALA F 83 21.89 8.15 -58.24
CA ALA F 83 23.33 8.14 -58.48
C ALA F 83 24.06 8.93 -57.40
N ARG F 84 25.38 8.72 -57.33
CA ARG F 84 26.19 9.28 -56.26
C ARG F 84 27.41 9.96 -56.86
N ALA F 85 28.26 10.49 -55.99
CA ALA F 85 29.50 11.16 -56.38
C ALA F 85 30.46 11.09 -55.19
N GLY F 86 31.54 11.86 -55.25
CA GLY F 86 32.54 11.86 -54.21
C GLY F 86 32.67 13.20 -53.50
N ASP F 87 33.17 13.17 -52.26
CA ASP F 87 33.33 14.38 -51.47
C ASP F 87 34.77 14.90 -51.60
N GLU F 88 35.10 15.90 -50.78
CA GLU F 88 36.42 16.52 -50.78
C GLU F 88 37.19 16.26 -49.49
N GLU F 89 36.86 15.16 -48.80
CA GLU F 89 37.46 14.73 -47.53
C GLU F 89 37.14 15.67 -46.37
N VAL F 90 36.38 16.73 -46.60
CA VAL F 90 35.97 17.61 -45.51
C VAL F 90 34.61 17.22 -44.92
N HIS F 91 33.74 16.63 -45.72
CA HIS F 91 32.42 16.23 -45.23
C HIS F 91 32.55 15.11 -44.21
N PRO F 92 31.99 15.26 -43.01
CA PRO F 92 32.10 14.18 -42.02
C PRO F 92 31.33 12.94 -42.44
N VAL F 93 31.73 11.81 -41.86
CA VAL F 93 31.19 10.52 -42.25
C VAL F 93 29.71 10.41 -41.87
N ASN F 94 29.32 11.01 -40.75
CA ASN F 94 27.96 10.81 -40.24
C ASN F 94 26.92 11.45 -41.17
N VAL F 95 27.15 12.69 -41.58
CA VAL F 95 26.16 13.43 -42.35
C VAL F 95 26.39 13.19 -43.84
N ILE F 96 25.30 13.18 -44.61
CA ILE F 96 25.34 13.04 -46.06
C ILE F 96 24.42 14.08 -46.68
N THR F 97 24.44 14.13 -48.02
CA THR F 97 23.63 15.06 -48.78
C THR F 97 22.87 14.34 -49.88
N LEU F 98 21.66 14.83 -50.18
CA LEU F 98 20.87 14.28 -51.26
C LEU F 98 20.18 15.37 -52.08
N SER F 99 20.63 16.62 -51.94
CA SER F 99 20.15 17.77 -52.70
C SER F 99 18.73 18.19 -52.31
N THR F 100 18.45 19.49 -52.42
CA THR F 100 17.15 20.01 -52.03
C THR F 100 16.03 19.47 -52.91
N THR F 101 16.33 19.14 -54.17
CA THR F 101 15.32 18.58 -55.05
C THR F 101 14.74 17.29 -54.47
N ILE F 102 15.58 16.28 -54.27
CA ILE F 102 15.12 15.02 -53.70
C ILE F 102 14.64 15.22 -52.27
N ARG F 103 15.24 16.18 -51.56
CA ARG F 103 14.80 16.48 -50.19
C ARG F 103 13.33 16.87 -50.17
N SER F 104 12.92 17.75 -51.09
CA SER F 104 11.52 18.14 -51.18
C SER F 104 10.66 17.04 -51.80
N VAL F 105 11.24 16.23 -52.69
CA VAL F 105 10.48 15.15 -53.32
C VAL F 105 10.04 14.13 -52.28
N GLY F 106 10.97 13.67 -51.46
CA GLY F 106 10.69 12.68 -50.44
C GLY F 106 10.26 13.24 -49.10
N ASN F 107 10.12 14.56 -48.99
CA ASN F 107 9.78 15.22 -47.73
C ASN F 107 10.77 14.84 -46.62
N LEU F 108 12.04 14.74 -46.98
CA LEU F 108 13.11 14.39 -46.04
C LEU F 108 13.42 15.62 -45.20
N ILE F 109 12.87 15.66 -43.99
CA ILE F 109 13.16 16.75 -43.07
C ILE F 109 14.60 16.64 -42.62
N LEU F 110 15.21 17.79 -42.32
CA LEU F 110 16.64 17.83 -42.01
C LEU F 110 16.88 17.22 -40.64
N GLY F 111 17.29 15.95 -40.62
CA GLY F 111 17.56 15.27 -39.36
C GLY F 111 17.04 13.85 -39.33
N ASP F 112 16.41 13.41 -40.42
CA ASP F 112 15.89 12.06 -40.49
C ASP F 112 17.02 11.05 -40.55
N ARG F 113 16.82 9.91 -39.91
CA ARG F 113 17.82 8.85 -39.90
C ARG F 113 17.84 8.15 -41.26
N LEU F 114 19.04 8.00 -41.82
CA LEU F 114 19.21 7.45 -43.17
C LEU F 114 20.24 6.33 -43.15
N GLU F 115 20.13 5.42 -44.12
CA GLU F 115 21.04 4.30 -44.26
C GLU F 115 21.43 4.15 -45.73
N LEU F 116 22.58 3.52 -45.95
CA LEU F 116 23.13 3.32 -47.29
C LEU F 116 23.13 1.84 -47.65
N LYS F 117 22.87 1.56 -48.92
CA LYS F 117 22.82 0.18 -49.41
C LYS F 117 23.11 0.18 -50.90
N LYS F 118 23.36 -1.01 -51.44
CA LYS F 118 23.73 -1.16 -52.84
C LYS F 118 22.53 -0.85 -53.74
N ALA F 119 22.84 -0.50 -54.99
CA ALA F 119 21.82 -0.12 -55.95
C ALA F 119 21.07 -1.33 -56.47
N GLN F 120 19.90 -1.07 -57.07
CA GLN F 120 19.04 -2.11 -57.60
C GLN F 120 19.35 -2.33 -59.09
N VAL F 121 18.46 -3.08 -59.77
CA VAL F 121 18.67 -3.39 -61.18
C VAL F 121 18.55 -2.12 -62.02
N GLN F 122 19.17 -2.15 -63.20
CA GLN F 122 19.18 -1.02 -64.10
C GLN F 122 17.77 -0.71 -64.59
N PRO F 123 17.34 0.55 -64.58
CA PRO F 123 15.97 0.87 -64.97
C PRO F 123 15.76 0.64 -66.45
N PRO F 124 14.57 0.16 -66.86
CA PRO F 124 14.35 -0.17 -68.28
C PRO F 124 14.30 1.02 -69.22
N TYR F 125 13.38 1.97 -68.99
CA TYR F 125 13.14 3.07 -69.93
C TYR F 125 12.06 3.98 -69.37
N ALA F 126 12.04 5.22 -69.85
CA ALA F 126 11.04 6.22 -69.45
C ALA F 126 10.09 6.49 -70.62
N THR F 127 8.84 6.84 -70.30
CA THR F 127 7.78 6.81 -71.28
C THR F 127 7.25 8.19 -71.67
N LYS F 128 6.72 8.98 -70.72
CA LYS F 128 6.01 10.19 -71.08
C LYS F 128 6.66 11.48 -70.58
N VAL F 129 6.84 11.65 -69.27
CA VAL F 129 7.23 12.91 -68.65
C VAL F 129 6.19 13.99 -68.94
N THR F 130 5.63 14.58 -67.89
CA THR F 130 4.55 15.57 -68.06
C THR F 130 4.67 16.64 -66.98
N VAL F 131 4.46 17.90 -67.37
CA VAL F 131 4.64 19.05 -66.49
C VAL F 131 3.36 19.32 -65.71
N GLY F 132 3.51 19.77 -64.46
CA GLY F 132 2.37 20.05 -63.60
C GLY F 132 2.12 21.51 -63.30
N SER F 133 3.18 22.29 -63.09
CA SER F 133 3.09 23.74 -62.89
C SER F 133 2.20 24.10 -61.70
N LEU F 134 2.67 23.73 -60.52
CA LEU F 134 1.94 23.99 -59.29
C LEU F 134 1.88 25.50 -59.00
N GLN F 135 0.96 25.86 -58.09
CA GLN F 135 0.71 27.22 -57.64
C GLN F 135 0.72 28.24 -58.77
N GLY F 136 0.19 27.84 -59.92
CA GLY F 136 0.11 28.72 -61.07
C GLY F 136 -1.01 28.30 -61.99
N TYR F 137 -1.35 29.20 -62.91
CA TYR F 137 -2.39 28.96 -63.89
C TYR F 137 -1.86 28.32 -65.17
N ASN F 138 -0.57 27.98 -65.21
CA ASN F 138 0.09 27.39 -66.38
C ASN F 138 -0.04 28.40 -67.52
N ILE F 139 -0.29 27.95 -68.76
CA ILE F 139 -0.42 28.84 -69.91
C ILE F 139 0.84 29.68 -70.01
N LEU F 140 2.00 29.04 -69.89
CA LEU F 140 3.25 29.78 -69.80
C LEU F 140 3.81 30.12 -71.18
N GLU F 141 3.87 29.15 -72.08
CA GLU F 141 4.49 29.28 -73.39
C GLU F 141 5.77 30.10 -73.38
N CYS F 142 5.64 31.43 -73.30
CA CYS F 142 6.79 32.30 -73.53
C CYS F 142 7.87 32.12 -72.47
N MET F 143 7.48 32.10 -71.19
CA MET F 143 8.45 31.98 -70.11
C MET F 143 9.07 30.59 -70.01
N GLU F 144 8.54 29.61 -70.74
CA GLU F 144 9.13 28.28 -70.76
C GLU F 144 10.56 28.33 -71.30
N GLU F 145 10.70 28.72 -72.57
CA GLU F 145 12.01 28.85 -73.21
C GLU F 145 12.83 27.57 -73.08
N LYS F 146 12.20 26.45 -73.43
CA LYS F 146 12.84 25.13 -73.44
C LYS F 146 13.32 24.74 -72.04
N VAL F 147 12.37 24.57 -71.12
CA VAL F 147 12.68 24.08 -69.78
C VAL F 147 13.19 22.65 -69.83
N ILE F 148 12.85 21.89 -70.88
CA ILE F 148 13.18 20.48 -70.96
C ILE F 148 14.69 20.26 -70.84
N GLN F 149 15.47 21.11 -71.52
CA GLN F 149 16.92 21.00 -71.43
C GLN F 149 17.40 21.19 -70.00
N LYS F 150 16.84 22.17 -69.29
CA LYS F 150 17.18 22.37 -67.89
C LYS F 150 16.69 21.22 -67.02
N LEU F 151 15.53 20.64 -67.35
CA LEU F 151 14.99 19.56 -66.54
C LEU F 151 15.86 18.29 -66.63
N LEU F 152 16.18 17.85 -67.84
CA LEU F 152 16.87 16.58 -68.01
C LEU F 152 18.32 16.73 -68.47
N ASP F 153 18.90 17.92 -68.31
CA ASP F 153 20.35 18.03 -68.46
C ASP F 153 21.07 17.47 -67.23
N ASP F 154 20.42 17.52 -66.07
CA ASP F 154 20.97 16.97 -64.85
C ASP F 154 20.93 15.44 -64.90
N SER F 155 21.90 14.83 -64.24
CA SER F 155 21.92 13.37 -64.13
C SER F 155 20.80 12.90 -63.20
N GLY F 156 20.23 11.75 -63.53
CA GLY F 156 19.14 11.20 -62.73
C GLY F 156 17.77 11.57 -63.24
N VAL F 157 17.18 12.62 -62.65
CA VAL F 157 15.84 13.08 -62.99
C VAL F 157 14.85 11.95 -62.80
N ILE F 158 14.55 11.62 -61.55
CA ILE F 158 13.61 10.56 -61.23
C ILE F 158 12.20 11.04 -61.55
N MET F 159 11.43 10.20 -62.26
CA MET F 159 10.20 10.68 -62.89
C MET F 159 9.16 11.19 -61.90
N PRO F 160 8.75 10.44 -60.87
CA PRO F 160 7.59 10.87 -60.08
C PRO F 160 7.80 12.15 -59.28
N GLY F 161 9.03 12.62 -59.14
CA GLY F 161 9.26 13.87 -58.43
C GLY F 161 10.55 14.58 -58.72
N MET F 162 10.47 15.87 -59.05
CA MET F 162 11.62 16.76 -59.02
C MET F 162 11.10 18.19 -58.88
N ILE F 163 11.78 18.97 -58.04
CA ILE F 163 11.43 20.38 -57.82
C ILE F 163 12.71 21.21 -57.96
N PHE F 164 12.64 22.26 -58.79
CA PHE F 164 13.73 23.19 -58.96
C PHE F 164 13.24 24.61 -58.71
N GLN F 165 14.18 25.48 -58.36
CA GLN F 165 13.84 26.88 -58.12
C GLN F 165 13.50 27.57 -59.44
N ASN F 166 12.93 28.77 -59.32
CA ASN F 166 12.54 29.53 -60.51
C ASN F 166 13.76 29.93 -61.34
N LEU F 167 14.89 30.18 -60.71
CA LEU F 167 16.13 30.64 -61.36
C LEU F 167 15.79 31.95 -62.08
N LYS F 168 16.32 32.19 -63.29
CA LYS F 168 16.05 33.40 -64.05
C LYS F 168 15.68 33.01 -65.47
N THR F 169 14.41 33.17 -65.83
CA THR F 169 13.92 32.88 -67.16
C THR F 169 13.45 34.18 -67.80
N LYS F 170 14.21 34.68 -68.77
CA LYS F 170 14.01 35.95 -69.46
C LYS F 170 13.53 37.05 -68.51
N ALA F 171 12.57 37.86 -68.95
CA ALA F 171 11.98 38.89 -68.13
C ALA F 171 10.73 38.38 -67.43
N GLY F 172 10.26 39.16 -66.46
CA GLY F 172 9.08 38.80 -65.69
C GLY F 172 9.36 38.19 -64.34
N ASP F 173 10.63 38.18 -63.91
CA ASP F 173 11.12 37.68 -62.61
C ASP F 173 10.21 36.65 -61.94
N GLU F 174 9.71 36.96 -60.74
CA GLU F 174 8.77 36.15 -59.96
C GLU F 174 9.29 34.74 -59.69
N SER F 175 8.48 33.93 -59.01
CA SER F 175 8.87 32.58 -58.64
C SER F 175 7.85 31.59 -59.23
N ILE F 176 8.37 30.57 -59.91
CA ILE F 176 7.54 29.52 -60.50
C ILE F 176 8.14 28.17 -60.16
N ASP F 177 7.29 27.14 -60.17
CA ASP F 177 7.70 25.77 -59.89
C ASP F 177 7.08 24.84 -60.91
N VAL F 178 7.74 23.70 -61.14
CA VAL F 178 7.30 22.71 -62.11
C VAL F 178 7.03 21.40 -61.38
N VAL F 179 5.94 20.74 -61.75
CA VAL F 179 5.56 19.47 -61.15
C VAL F 179 5.46 18.44 -62.27
N ILE F 180 5.60 17.17 -61.90
CA ILE F 180 5.79 16.07 -62.84
C ILE F 180 4.68 15.05 -62.65
N THR F 181 3.47 15.54 -62.36
CA THR F 181 2.37 14.76 -61.80
C THR F 181 2.27 13.33 -62.33
N ASP F 182 2.06 13.17 -63.63
CA ASP F 182 1.65 11.88 -64.18
C ASP F 182 2.62 11.40 -65.25
N ALA F 183 2.69 10.08 -65.39
CA ALA F 183 3.48 9.41 -66.41
C ALA F 183 2.92 8.01 -66.59
N SER F 184 3.33 7.36 -67.67
CA SER F 184 2.83 6.02 -67.96
C SER F 184 3.97 5.02 -68.14
N ASP F 185 4.93 5.04 -67.22
CA ASP F 185 6.06 4.12 -67.23
C ASP F 185 5.79 2.99 -66.24
N ASP F 186 6.00 1.75 -66.68
CA ASP F 186 5.74 0.57 -65.87
C ASP F 186 7.05 -0.15 -65.59
N SER F 187 7.29 -0.49 -64.33
CA SER F 187 8.47 -1.22 -63.91
C SER F 187 8.05 -2.51 -63.22
N LEU F 188 8.75 -3.60 -63.54
CA LEU F 188 8.42 -4.89 -62.93
C LEU F 188 8.54 -4.92 -61.40
N PRO F 189 9.58 -4.34 -60.76
CA PRO F 189 9.65 -4.47 -59.30
C PRO F 189 8.84 -3.42 -58.56
N ASP F 190 7.92 -3.87 -57.71
CA ASP F 190 7.12 -2.95 -56.92
C ASP F 190 7.80 -2.51 -55.63
N VAL F 191 9.00 -3.05 -55.35
CA VAL F 191 9.71 -2.66 -54.13
C VAL F 191 10.11 -1.19 -54.20
N SER F 192 10.61 -0.75 -55.36
CA SER F 192 11.06 0.63 -55.50
C SER F 192 9.88 1.59 -55.36
N GLN F 193 10.06 2.61 -54.51
CA GLN F 193 8.99 3.58 -54.30
C GLN F 193 8.87 4.55 -55.47
N LEU F 194 10.00 4.97 -56.04
CA LEU F 194 10.00 6.07 -56.99
C LEU F 194 10.57 5.69 -58.35
N ASP F 195 11.04 4.44 -58.51
CA ASP F 195 11.25 3.76 -59.80
C ASP F 195 11.82 4.67 -60.89
N LEU F 196 13.05 5.14 -60.66
CA LEU F 196 13.73 6.01 -61.60
C LEU F 196 13.95 5.34 -62.95
N ASN F 197 14.37 6.15 -63.92
CA ASN F 197 14.80 5.68 -65.25
C ASN F 197 15.96 6.57 -65.69
N MET F 198 16.29 6.50 -66.98
CA MET F 198 17.34 7.32 -67.56
C MET F 198 16.72 8.52 -68.27
N ASP F 199 17.57 9.37 -68.85
CA ASP F 199 17.15 10.58 -69.55
C ASP F 199 17.72 10.57 -70.96
N ASP F 200 16.87 10.87 -71.94
CA ASP F 200 17.32 10.98 -73.33
C ASP F 200 16.43 12.01 -74.02
N MET F 201 16.87 13.27 -74.00
CA MET F 201 16.17 14.38 -74.63
C MET F 201 16.96 14.87 -75.85
N TYR F 202 16.48 15.97 -76.44
CA TYR F 202 17.19 16.64 -77.52
C TYR F 202 17.26 18.13 -77.21
N GLY F 203 18.39 18.73 -77.54
CA GLY F 203 18.55 20.16 -77.33
C GLY F 203 20.01 20.54 -77.25
N GLY F 204 20.23 21.84 -77.11
CA GLY F 204 21.57 22.37 -76.99
C GLY F 204 21.59 23.59 -76.09
N LEU F 205 22.75 23.84 -75.50
CA LEU F 205 22.96 24.97 -74.59
C LEU F 205 21.96 24.97 -73.44
N GLY F 220 15.30 12.85 -79.20
CA GLY F 220 13.93 12.92 -79.70
C GLY F 220 12.90 13.06 -78.59
N SER F 221 13.38 13.19 -77.36
CA SER F 221 12.54 13.31 -76.17
C SER F 221 11.57 12.14 -76.05
N THR F 222 10.51 12.30 -75.25
CA THR F 222 9.50 11.27 -75.08
C THR F 222 8.12 11.91 -75.26
N HIS F 223 7.70 12.03 -76.52
CA HIS F 223 6.35 12.46 -76.91
C HIS F 223 5.87 13.67 -76.10
N ILE F 224 6.72 14.71 -76.10
CA ILE F 224 6.50 16.03 -75.49
C ILE F 224 6.22 15.89 -73.99
N THR F 225 6.21 17.01 -73.27
CA THR F 225 5.97 16.98 -71.83
C THR F 225 4.95 18.03 -71.40
N PHE F 226 4.75 19.06 -72.22
CA PHE F 226 3.85 20.15 -71.86
C PHE F 226 2.40 19.70 -72.00
N SER F 227 1.74 19.42 -70.88
CA SER F 227 0.34 19.04 -70.86
C SER F 227 -0.17 19.11 -69.43
N LYS F 228 -1.40 19.57 -69.27
CA LYS F 228 -2.11 19.59 -67.99
C LYS F 228 -1.48 20.53 -66.97
N GLU F 229 -2.24 20.89 -65.93
CA GLU F 229 -1.76 21.75 -64.86
C GLU F 229 -2.24 21.30 -63.49
N THR F 230 -2.63 20.04 -63.36
CA THR F 230 -3.23 19.56 -62.12
C THR F 230 -2.16 19.23 -61.09
N GLN F 231 -2.61 18.79 -59.92
CA GLN F 231 -1.73 18.40 -58.82
C GLN F 231 -1.11 17.04 -59.12
N ALA F 232 -0.12 16.65 -58.31
CA ALA F 232 0.58 15.39 -58.52
C ALA F 232 -0.38 14.22 -58.53
N ASN F 233 -0.13 13.29 -59.46
CA ASN F 233 -1.04 12.16 -59.67
C ASN F 233 -1.13 11.31 -58.42
N ARG F 234 -2.35 10.85 -58.12
CA ARG F 234 -2.63 10.12 -56.90
C ARG F 234 -2.40 8.62 -57.04
N LYS F 235 -2.16 8.12 -58.25
CA LYS F 235 -1.92 6.68 -58.41
C LYS F 235 -0.59 6.26 -57.79
N TYR F 236 0.40 7.15 -57.81
CA TYR F 236 1.69 6.87 -57.18
C TYR F 236 1.70 7.14 -55.68
N ASN F 237 0.60 7.68 -55.14
CA ASN F 237 0.35 7.95 -53.73
C ASN F 237 1.60 8.37 -52.96
N LEU F 238 2.36 9.30 -53.54
CA LEU F 238 3.54 9.81 -52.86
C LEU F 238 3.15 10.73 -51.70
N PRO F 239 3.96 10.77 -50.65
CA PRO F 239 3.66 11.69 -49.54
C PRO F 239 3.71 13.14 -49.99
N GLU F 240 2.84 13.96 -49.42
CA GLU F 240 2.77 15.37 -49.78
C GLU F 240 3.30 16.24 -48.65
N PRO F 241 3.97 17.35 -48.97
CA PRO F 241 4.49 18.24 -47.92
C PRO F 241 3.35 18.96 -47.22
N LEU F 242 3.25 18.77 -45.91
CA LEU F 242 2.21 19.43 -45.13
C LEU F 242 2.46 20.92 -45.06
N SER F 243 1.40 21.71 -45.22
CA SER F 243 1.52 23.17 -45.19
C SER F 243 0.49 23.76 -44.24
N TYR F 244 0.42 25.09 -44.19
CA TYR F 244 -0.54 25.77 -43.33
C TYR F 244 -1.97 25.67 -43.84
N ALA F 245 -2.17 25.21 -45.08
CA ALA F 245 -3.52 25.04 -45.58
C ALA F 245 -4.18 23.77 -45.02
N ALA F 246 -3.39 22.89 -44.41
CA ALA F 246 -3.96 21.69 -43.81
C ALA F 246 -4.63 21.99 -42.48
N VAL F 247 -4.10 22.95 -41.74
CA VAL F 247 -4.62 23.28 -40.41
C VAL F 247 -5.39 24.59 -40.48
N GLY F 248 -6.54 24.63 -39.83
CA GLY F 248 -7.36 25.83 -39.80
C GLY F 248 -8.10 25.96 -38.50
N GLY F 249 -8.56 27.18 -38.23
CA GLY F 249 -9.27 27.47 -37.00
C GLY F 249 -8.39 27.65 -35.78
N LEU F 250 -7.06 27.66 -35.95
CA LEU F 250 -6.12 27.83 -34.86
C LEU F 250 -5.19 28.99 -35.11
N ASP F 251 -5.70 30.08 -35.67
CA ASP F 251 -4.85 31.22 -36.04
C ASP F 251 -4.25 31.88 -34.81
N LYS F 252 -5.08 32.18 -33.82
CA LYS F 252 -4.65 32.99 -32.68
C LYS F 252 -3.44 32.38 -31.98
N GLU F 253 -3.25 31.07 -32.12
CA GLU F 253 -2.01 30.43 -31.71
C GLU F 253 -1.03 30.23 -32.87
N ILE F 254 -1.50 30.22 -34.12
CA ILE F 254 -0.59 29.92 -35.23
C ILE F 254 0.36 31.08 -35.47
N GLU F 255 -0.13 32.33 -35.40
CA GLU F 255 0.82 33.44 -35.55
C GLU F 255 1.72 33.58 -34.32
N SER F 256 1.23 33.25 -33.13
CA SER F 256 2.10 33.25 -31.96
C SER F 256 3.23 32.23 -32.12
N LEU F 257 2.90 31.04 -32.59
CA LEU F 257 3.93 30.02 -32.84
C LEU F 257 4.87 30.46 -33.94
N LYS F 258 4.35 31.09 -34.99
CA LYS F 258 5.20 31.59 -36.06
C LYS F 258 6.20 32.61 -35.55
N SER F 259 5.74 33.55 -34.72
CA SER F 259 6.66 34.52 -34.13
C SER F 259 7.69 33.84 -33.23
N ALA F 260 7.24 32.92 -32.38
CA ALA F 260 8.13 32.26 -31.44
C ALA F 260 9.12 31.33 -32.12
N ILE F 261 8.85 30.90 -33.36
CA ILE F 261 9.81 30.09 -34.11
C ILE F 261 10.66 30.93 -35.06
N GLU F 262 10.20 32.13 -35.43
CA GLU F 262 10.94 32.96 -36.37
C GLU F 262 11.92 33.90 -35.67
N ILE F 263 11.45 34.66 -34.67
CA ILE F 263 12.29 35.70 -34.07
C ILE F 263 13.56 35.15 -33.43
N PRO F 264 13.56 33.99 -32.69
CA PRO F 264 14.82 33.56 -32.07
C PRO F 264 15.79 32.96 -33.07
N LEU F 265 15.27 32.16 -34.00
CA LEU F 265 16.15 31.41 -34.90
C LEU F 265 16.66 32.28 -36.05
N HIS F 266 15.73 32.96 -36.74
CA HIS F 266 16.10 33.72 -37.93
C HIS F 266 16.91 34.97 -37.60
N GLN F 267 16.56 35.69 -36.54
CA GLN F 267 17.22 36.94 -36.17
C GLN F 267 17.67 36.86 -34.71
N PRO F 268 18.74 36.12 -34.42
CA PRO F 268 19.22 36.06 -33.04
C PRO F 268 20.01 37.28 -32.60
N THR F 269 20.52 38.09 -33.54
CA THR F 269 21.31 39.26 -33.17
C THR F 269 20.47 40.33 -32.51
N LEU F 270 19.19 40.44 -32.89
CA LEU F 270 18.32 41.43 -32.25
C LEU F 270 18.19 41.18 -30.76
N PHE F 271 18.06 39.91 -30.35
CA PHE F 271 18.04 39.58 -28.93
C PHE F 271 19.44 39.66 -28.33
N SER F 272 20.46 39.20 -29.06
CA SER F 272 21.82 39.23 -28.56
C SER F 272 22.29 40.63 -28.24
N SER F 273 21.70 41.64 -28.89
CA SER F 273 21.98 43.02 -28.49
C SER F 273 21.56 43.26 -27.04
N PHE F 274 20.39 42.75 -26.66
CA PHE F 274 19.98 42.83 -25.26
C PHE F 274 20.81 41.88 -24.38
N GLY F 275 21.07 40.67 -24.88
CA GLY F 275 21.87 39.71 -24.14
C GLY F 275 21.27 39.24 -22.83
N VAL F 276 19.99 38.88 -22.83
CA VAL F 276 19.29 38.44 -21.63
C VAL F 276 18.75 37.02 -21.77
N SER F 277 19.49 36.14 -22.46
CA SER F 277 19.20 34.71 -22.53
C SER F 277 17.86 34.39 -23.18
N PRO F 278 17.77 34.49 -24.51
CA PRO F 278 16.48 34.28 -25.21
C PRO F 278 15.91 32.90 -24.93
N PRO F 279 14.57 32.78 -24.94
CA PRO F 279 13.95 31.50 -24.60
C PRO F 279 14.29 30.41 -25.59
N ARG F 280 14.30 29.17 -25.10
CA ARG F 280 14.58 28.01 -25.92
C ARG F 280 13.41 27.04 -26.05
N GLY F 281 12.52 26.97 -25.07
CA GLY F 281 11.44 26.00 -25.06
C GLY F 281 10.11 26.65 -25.37
N ILE F 282 9.34 26.00 -26.24
CA ILE F 282 7.99 26.42 -26.60
C ILE F 282 7.04 25.31 -26.18
N LEU F 283 6.02 25.66 -25.40
CA LEU F 283 5.10 24.69 -24.84
C LEU F 283 3.86 24.58 -25.73
N LEU F 284 3.59 23.36 -26.19
CA LEU F 284 2.39 23.06 -26.98
C LEU F 284 1.56 22.06 -26.18
N HIS F 285 0.54 22.56 -25.49
CA HIS F 285 -0.29 21.74 -24.63
C HIS F 285 -1.76 21.99 -24.93
N GLY F 286 -2.57 20.96 -24.70
CA GLY F 286 -3.99 21.03 -24.94
C GLY F 286 -4.64 19.66 -24.95
N PRO F 287 -5.93 19.62 -25.26
CA PRO F 287 -6.63 18.33 -25.31
C PRO F 287 -6.05 17.46 -26.41
N PRO F 288 -6.13 16.14 -26.26
CA PRO F 288 -5.64 15.26 -27.32
C PRO F 288 -6.46 15.40 -28.59
N GLY F 289 -5.80 15.24 -29.73
CA GLY F 289 -6.46 15.29 -31.02
C GLY F 289 -6.72 16.69 -31.56
N THR F 290 -6.10 17.72 -30.99
CA THR F 290 -6.29 19.08 -31.46
C THR F 290 -5.41 19.44 -32.66
N GLY F 291 -4.47 18.57 -33.04
CA GLY F 291 -3.67 18.81 -34.23
C GLY F 291 -2.25 19.26 -33.99
N LYS F 292 -1.76 19.00 -32.77
CA LYS F 292 -0.43 19.44 -32.29
C LYS F 292 0.71 18.92 -33.18
N THR F 293 1.01 17.62 -33.10
CA THR F 293 2.19 17.09 -33.83
C THR F 293 2.08 17.34 -35.34
N MET F 294 0.88 17.26 -35.93
CA MET F 294 0.76 17.54 -37.38
C MET F 294 1.14 19.02 -37.65
N LEU F 295 0.73 19.93 -36.76
CA LEU F 295 1.11 21.36 -36.87
C LEU F 295 2.63 21.48 -36.75
N LEU F 296 3.23 20.71 -35.83
CA LEU F 296 4.70 20.72 -35.63
C LEU F 296 5.37 20.28 -36.94
N ARG F 297 4.84 19.26 -37.59
CA ARG F 297 5.38 18.76 -38.88
C ARG F 297 5.48 19.95 -39.83
N VAL F 298 4.41 20.74 -39.94
CA VAL F 298 4.45 21.91 -40.80
C VAL F 298 5.62 22.81 -40.44
N VAL F 299 5.86 23.02 -39.14
CA VAL F 299 6.98 23.89 -38.77
C VAL F 299 8.30 23.24 -39.15
N ALA F 300 8.36 21.90 -39.16
CA ALA F 300 9.58 21.24 -39.62
C ALA F 300 9.74 21.32 -41.13
N ASN F 301 8.64 21.19 -41.86
CA ASN F 301 8.72 21.20 -43.33
C ASN F 301 9.03 22.59 -43.86
N THR F 302 8.36 23.62 -43.34
CA THR F 302 8.57 24.97 -43.85
C THR F 302 9.91 25.55 -43.44
N SER F 303 10.59 24.94 -42.46
CA SER F 303 11.90 25.41 -42.03
C SER F 303 12.99 24.56 -42.67
N ASN F 304 14.03 25.23 -43.16
CA ASN F 304 15.16 24.57 -43.78
C ASN F 304 16.23 24.16 -42.78
N ALA F 305 15.99 24.40 -41.49
CA ALA F 305 16.95 24.09 -40.45
C ALA F 305 16.89 22.61 -40.08
N HIS F 306 17.92 22.15 -39.38
CA HIS F 306 17.98 20.79 -38.91
C HIS F 306 16.91 20.53 -37.85
N VAL F 307 16.41 19.29 -37.79
CA VAL F 307 15.43 18.89 -36.80
C VAL F 307 15.92 17.63 -36.12
N LEU F 308 15.38 17.38 -34.93
CA LEU F 308 15.73 16.20 -34.15
C LEU F 308 14.51 15.71 -33.40
N THR F 309 14.10 14.48 -33.65
CA THR F 309 12.91 13.89 -33.04
C THR F 309 13.35 12.86 -32.00
N ILE F 310 12.80 12.97 -30.80
CA ILE F 310 13.10 12.04 -29.72
C ILE F 310 11.94 11.06 -29.60
N ASN F 311 12.24 9.77 -29.70
CA ASN F 311 11.21 8.75 -29.60
C ASN F 311 10.67 8.57 -28.19
N GLY F 312 11.38 9.06 -27.18
CA GLY F 312 10.92 8.97 -25.82
C GLY F 312 11.43 7.72 -25.12
N PRO F 313 10.51 6.85 -24.71
CA PRO F 313 10.91 5.62 -24.01
C PRO F 313 11.75 4.68 -24.87
N SER F 314 11.67 4.79 -26.20
CA SER F 314 12.54 3.99 -27.06
C SER F 314 14.01 4.33 -26.84
N ILE F 315 14.31 5.62 -26.67
CA ILE F 315 15.68 6.03 -26.37
C ILE F 315 16.10 5.53 -24.99
N VAL F 316 15.14 5.37 -24.08
CA VAL F 316 15.44 4.91 -22.73
C VAL F 316 15.95 3.48 -22.78
N SER F 317 17.07 3.23 -22.11
CA SER F 317 17.69 1.91 -22.08
C SER F 317 17.94 1.51 -20.64
N LYS F 318 18.32 0.24 -20.45
CA LYS F 318 18.54 -0.28 -19.11
C LYS F 318 19.76 0.37 -18.45
N TYR F 319 20.79 0.69 -19.23
CA TYR F 319 22.00 1.30 -18.67
C TYR F 319 21.71 2.72 -18.20
N LEU F 320 22.24 3.06 -17.02
CA LEU F 320 22.01 4.40 -16.47
C LEU F 320 22.66 5.47 -17.32
N GLY F 321 23.89 5.23 -17.80
CA GLY F 321 24.62 6.22 -18.56
C GLY F 321 24.42 6.20 -20.06
N GLU F 322 23.80 5.14 -20.59
CA GLU F 322 23.59 5.05 -22.03
C GLU F 322 22.66 6.15 -22.52
N THR F 323 21.54 6.37 -21.81
CA THR F 323 20.62 7.43 -22.18
C THR F 323 21.29 8.79 -22.09
N GLU F 324 22.09 9.00 -21.04
CA GLU F 324 22.79 10.26 -20.87
C GLU F 324 23.74 10.51 -22.04
N ALA F 325 24.52 9.50 -22.41
CA ALA F 325 25.45 9.65 -23.52
C ALA F 325 24.71 9.91 -24.83
N ALA F 326 23.64 9.16 -25.09
CA ALA F 326 22.91 9.31 -26.34
C ALA F 326 22.28 10.70 -26.45
N LEU F 327 21.69 11.19 -25.36
CA LEU F 327 21.01 12.47 -25.41
C LEU F 327 22.00 13.63 -25.42
N ARG F 328 23.12 13.51 -24.70
CA ARG F 328 24.17 14.51 -24.80
C ARG F 328 24.74 14.57 -26.21
N ASP F 329 24.90 13.41 -26.86
CA ASP F 329 25.30 13.41 -28.26
C ASP F 329 24.26 14.14 -29.11
N ILE F 330 22.99 13.74 -28.97
CA ILE F 330 21.90 14.39 -29.70
C ILE F 330 22.03 15.91 -29.61
N PHE F 331 22.27 16.44 -28.41
CA PHE F 331 22.52 17.86 -28.27
C PHE F 331 23.81 18.30 -28.96
N ASN F 332 24.83 17.44 -28.99
CA ASN F 332 26.09 17.82 -29.62
C ASN F 332 25.92 18.04 -31.12
N GLU F 333 25.30 17.09 -31.82
CA GLU F 333 24.97 17.34 -33.22
C GLU F 333 23.87 18.37 -33.42
N ALA F 334 23.03 18.64 -32.41
CA ALA F 334 22.04 19.70 -32.55
C ALA F 334 22.72 21.07 -32.58
N ARG F 335 23.66 21.29 -31.68
CA ARG F 335 24.36 22.58 -31.61
C ARG F 335 25.56 22.66 -32.54
N LYS F 336 25.98 21.53 -33.13
CA LYS F 336 27.08 21.56 -34.09
C LYS F 336 26.69 22.35 -35.32
N TYR F 337 25.48 22.14 -35.82
CA TYR F 337 24.96 22.92 -36.94
C TYR F 337 24.12 24.07 -36.39
N GLN F 338 24.43 25.28 -36.83
CA GLN F 338 23.76 26.46 -36.27
C GLN F 338 22.25 26.44 -36.48
N PRO F 339 21.72 26.23 -37.71
CA PRO F 339 20.26 26.16 -37.86
C PRO F 339 19.74 24.78 -37.45
N SER F 340 19.08 24.73 -36.29
CA SER F 340 18.59 23.48 -35.75
C SER F 340 17.23 23.69 -35.08
N ILE F 341 16.41 22.65 -35.11
CA ILE F 341 15.10 22.63 -34.49
C ILE F 341 15.03 21.40 -33.59
N ILE F 342 14.49 21.57 -32.38
CA ILE F 342 14.39 20.48 -31.41
C ILE F 342 12.91 20.19 -31.17
N PHE F 343 12.52 18.94 -31.38
CA PHE F 343 11.16 18.48 -31.14
C PHE F 343 11.17 17.46 -30.00
N ILE F 344 10.37 17.71 -28.98
CA ILE F 344 10.21 16.79 -27.86
C ILE F 344 8.73 16.40 -27.76
N ASP F 345 8.47 15.10 -27.78
CA ASP F 345 7.11 14.59 -27.83
C ASP F 345 6.88 13.58 -26.71
N GLU F 346 5.62 13.49 -26.27
CA GLU F 346 5.22 12.71 -25.10
C GLU F 346 6.20 12.91 -23.94
N ILE F 347 6.29 14.17 -23.51
CA ILE F 347 7.14 14.50 -22.36
C ILE F 347 6.55 13.95 -21.07
N ASP F 348 5.27 13.55 -21.10
CA ASP F 348 4.62 13.05 -19.88
C ASP F 348 5.33 11.82 -19.34
N SER F 349 5.65 10.87 -20.22
CA SER F 349 6.43 9.71 -19.79
C SER F 349 7.90 10.07 -19.66
N ILE F 350 8.40 10.97 -20.50
CA ILE F 350 9.80 11.36 -20.44
C ILE F 350 10.11 12.08 -19.13
N ALA F 351 9.24 13.00 -18.71
CA ALA F 351 9.46 13.83 -17.53
C ALA F 351 8.26 13.72 -16.60
N PRO F 352 8.14 12.61 -15.86
CA PRO F 352 7.06 12.49 -14.87
C PRO F 352 7.33 13.38 -13.66
N ASN F 353 6.27 13.62 -12.89
CA ASN F 353 6.40 14.44 -11.69
C ASN F 353 7.21 13.69 -10.64
N ARG F 354 8.20 14.38 -10.08
CA ARG F 354 9.09 13.76 -9.09
C ARG F 354 8.32 13.39 -7.83
N ALA F 355 7.48 14.31 -7.33
CA ALA F 355 6.76 14.05 -6.09
C ALA F 355 5.64 13.03 -6.27
N ASN F 356 5.02 13.00 -7.46
CA ASN F 356 3.89 12.11 -7.68
C ASN F 356 4.31 10.64 -7.60
N ASP F 357 5.45 10.29 -8.20
CA ASP F 357 5.90 8.91 -8.24
C ASP F 357 7.41 8.87 -8.12
N ASP F 358 7.90 8.17 -7.10
CA ASP F 358 9.34 7.94 -6.93
C ASP F 358 9.69 6.56 -7.48
N SER F 359 9.53 6.43 -8.80
CA SER F 359 9.75 5.15 -9.46
C SER F 359 11.20 4.72 -9.39
N GLY F 360 12.13 5.63 -9.63
CA GLY F 360 13.54 5.30 -9.65
C GLY F 360 14.02 4.95 -11.04
N GLU F 361 15.28 4.52 -11.10
CA GLU F 361 15.97 4.17 -12.34
C GLU F 361 15.94 5.39 -13.24
N VAL F 362 15.34 5.34 -14.43
CA VAL F 362 15.17 6.53 -15.26
C VAL F 362 14.15 7.44 -14.58
N GLU F 363 14.63 8.55 -14.04
CA GLU F 363 13.81 9.41 -13.18
C GLU F 363 14.27 10.85 -13.37
N SER F 364 13.94 11.71 -12.41
CA SER F 364 14.18 13.14 -12.49
C SER F 364 15.64 13.50 -12.68
N ARG F 365 16.54 12.52 -12.60
CA ARG F 365 17.94 12.77 -12.96
C ARG F 365 18.06 13.15 -14.44
N VAL F 366 17.26 12.51 -15.30
CA VAL F 366 17.21 12.91 -16.70
C VAL F 366 16.74 14.35 -16.82
N VAL F 367 15.73 14.73 -16.04
CA VAL F 367 15.22 16.10 -16.08
C VAL F 367 16.30 17.08 -15.65
N ALA F 368 17.04 16.75 -14.59
CA ALA F 368 18.10 17.64 -14.12
C ALA F 368 19.19 17.79 -15.16
N THR F 369 19.57 16.70 -15.82
CA THR F 369 20.58 16.78 -16.87
C THR F 369 20.10 17.62 -18.05
N LEU F 370 18.83 17.46 -18.44
CA LEU F 370 18.27 18.30 -19.50
C LEU F 370 18.28 19.77 -19.10
N LEU F 371 17.92 20.08 -17.86
CA LEU F 371 17.95 21.47 -17.39
C LEU F 371 19.36 22.03 -17.45
N THR F 372 20.33 21.31 -16.90
CA THR F 372 21.71 21.81 -16.90
C THR F 372 22.33 21.80 -18.28
N LEU F 373 21.73 21.08 -19.24
CA LEU F 373 22.23 21.11 -20.61
C LEU F 373 21.67 22.30 -21.37
N MET F 374 20.36 22.52 -21.28
CA MET F 374 19.75 23.64 -22.01
C MET F 374 20.08 24.98 -21.38
N ASP F 375 20.41 25.00 -20.09
CA ASP F 375 20.81 26.24 -19.42
C ASP F 375 22.31 26.34 -19.22
N GLY F 376 23.10 25.49 -19.86
CA GLY F 376 24.53 25.45 -19.62
C GLY F 376 25.38 26.31 -20.52
N MET F 377 25.23 26.14 -21.84
CA MET F 377 26.09 26.82 -22.80
C MET F 377 25.34 27.72 -23.77
N GLY F 378 24.04 27.92 -23.55
CA GLY F 378 23.27 28.77 -24.45
C GLY F 378 23.18 30.21 -24.00
N ALA F 379 24.02 31.08 -24.58
CA ALA F 379 23.97 32.51 -24.28
C ALA F 379 23.09 33.27 -25.27
N ALA F 380 23.46 33.27 -26.54
CA ALA F 380 22.59 33.77 -27.59
C ALA F 380 22.24 32.68 -28.60
N GLY F 381 23.25 32.11 -29.27
CA GLY F 381 23.07 31.00 -30.19
C GLY F 381 21.94 31.12 -31.19
N LYS F 382 21.49 29.99 -31.72
CA LYS F 382 20.22 29.90 -32.44
C LYS F 382 19.70 28.48 -32.26
N VAL F 383 18.88 28.29 -31.21
CA VAL F 383 18.36 26.98 -30.85
C VAL F 383 16.96 27.17 -30.27
N VAL F 384 16.01 26.36 -30.72
CA VAL F 384 14.64 26.38 -30.22
C VAL F 384 14.21 24.94 -29.94
N VAL F 385 13.50 24.75 -28.83
CA VAL F 385 13.01 23.44 -28.41
C VAL F 385 11.50 23.49 -28.41
N ILE F 386 10.87 22.53 -29.09
CA ILE F 386 9.42 22.44 -29.15
C ILE F 386 8.96 21.38 -28.17
N ALA F 387 8.09 21.76 -27.24
CA ALA F 387 7.60 20.87 -26.20
C ALA F 387 6.13 20.59 -26.44
N ALA F 388 5.77 19.30 -26.51
CA ALA F 388 4.40 18.87 -26.73
C ALA F 388 3.99 17.93 -25.60
N THR F 389 2.82 18.18 -25.02
CA THR F 389 2.31 17.36 -23.94
C THR F 389 0.79 17.38 -23.97
N ASN F 390 0.19 16.38 -23.32
CA ASN F 390 -1.26 16.27 -23.26
C ASN F 390 -1.83 17.10 -22.11
N ARG F 391 -1.43 16.80 -20.88
CA ARG F 391 -1.86 17.56 -19.71
C ARG F 391 -0.64 18.16 -19.03
N PRO F 392 -0.52 19.49 -18.97
CA PRO F 392 0.77 20.11 -18.61
C PRO F 392 1.30 19.74 -17.25
N ASN F 393 0.43 19.51 -16.26
CA ASN F 393 0.90 19.29 -14.89
C ASN F 393 1.65 17.97 -14.74
N SER F 394 1.59 17.07 -15.73
CA SER F 394 2.40 15.86 -15.67
C SER F 394 3.89 16.20 -15.70
N VAL F 395 4.27 17.17 -16.54
CA VAL F 395 5.64 17.67 -16.52
C VAL F 395 5.89 18.37 -15.19
N ASP F 396 7.05 18.10 -14.60
CA ASP F 396 7.36 18.61 -13.27
C ASP F 396 7.46 20.13 -13.29
N PRO F 397 7.21 20.81 -12.17
CA PRO F 397 7.30 22.28 -12.16
C PRO F 397 8.69 22.81 -12.47
N ALA F 398 9.74 22.00 -12.31
CA ALA F 398 11.08 22.46 -12.64
C ALA F 398 11.19 22.81 -14.13
N LEU F 399 10.63 21.97 -15.00
CA LEU F 399 10.61 22.31 -16.41
C LEU F 399 9.56 23.36 -16.71
N ARG F 400 8.43 23.32 -15.99
CA ARG F 400 7.38 24.32 -16.15
C ARG F 400 7.72 25.58 -15.36
N ARG F 401 8.85 26.17 -15.74
CA ARG F 401 9.41 27.35 -15.10
C ARG F 401 9.79 28.35 -16.17
N PRO F 402 9.71 29.66 -15.88
CA PRO F 402 10.22 30.65 -16.83
C PRO F 402 11.68 30.43 -17.20
N GLY F 403 12.42 29.71 -16.35
CA GLY F 403 13.78 29.36 -16.67
C GLY F 403 13.92 28.36 -17.80
N ARG F 404 12.91 27.50 -18.00
CA ARG F 404 12.98 26.44 -18.98
C ARG F 404 11.90 26.53 -20.05
N PHE F 405 10.64 26.71 -19.65
CA PHE F 405 9.50 26.72 -20.57
C PHE F 405 8.69 27.99 -20.40
N ASP F 406 9.37 29.14 -20.43
CA ASP F 406 8.71 30.42 -20.24
C ASP F 406 7.64 30.68 -21.30
N GLN F 407 7.80 30.13 -22.50
CA GLN F 407 6.87 30.36 -23.58
C GLN F 407 5.75 29.33 -23.54
N GLU F 408 4.51 29.81 -23.51
CA GLU F 408 3.33 28.96 -23.48
C GLU F 408 2.43 29.31 -24.66
N VAL F 409 1.94 28.27 -25.34
CA VAL F 409 0.99 28.41 -26.45
C VAL F 409 -0.25 27.63 -26.07
N GLU F 410 -1.41 28.30 -26.14
CA GLU F 410 -2.67 27.70 -25.71
C GLU F 410 -3.39 27.11 -26.93
N ILE F 411 -3.65 25.81 -26.88
CA ILE F 411 -4.42 25.11 -27.90
C ILE F 411 -5.60 24.44 -27.21
N GLY F 412 -6.81 24.79 -27.63
CA GLY F 412 -8.01 24.25 -27.02
C GLY F 412 -8.97 23.61 -28.00
N ILE F 413 -10.15 23.25 -27.51
CA ILE F 413 -11.16 22.64 -28.38
C ILE F 413 -11.65 23.68 -29.38
N PRO F 414 -11.82 23.34 -30.65
CA PRO F 414 -12.32 24.32 -31.62
C PRO F 414 -13.74 24.74 -31.31
N ASP F 415 -14.03 26.00 -31.61
CA ASP F 415 -15.38 26.55 -31.45
C ASP F 415 -16.15 26.35 -32.74
N VAL F 416 -17.31 27.00 -32.85
CA VAL F 416 -18.15 26.85 -34.04
C VAL F 416 -17.41 27.34 -35.28
N ASP F 417 -16.78 28.51 -35.18
CA ASP F 417 -16.08 29.08 -36.33
C ASP F 417 -14.90 28.20 -36.75
N ALA F 418 -14.11 27.75 -35.78
CA ALA F 418 -12.95 26.91 -36.11
C ALA F 418 -13.39 25.58 -36.70
N ARG F 419 -14.46 24.98 -36.16
CA ARG F 419 -14.96 23.73 -36.71
C ARG F 419 -15.48 23.91 -38.13
N PHE F 420 -16.19 25.01 -38.37
CA PHE F 420 -16.65 25.31 -39.73
C PHE F 420 -15.47 25.48 -40.67
N ASP F 421 -14.43 26.19 -40.23
CA ASP F 421 -13.26 26.42 -41.08
C ASP F 421 -12.56 25.11 -41.41
N ILE F 422 -12.35 24.24 -40.40
CA ILE F 422 -11.65 22.99 -40.65
C ILE F 422 -12.48 22.07 -41.53
N LEU F 423 -13.81 22.04 -41.34
CA LEU F 423 -14.65 21.23 -42.21
C LEU F 423 -14.59 21.74 -43.65
N THR F 424 -14.63 23.05 -43.85
CA THR F 424 -14.53 23.59 -45.20
C THR F 424 -13.19 23.27 -45.84
N LYS F 425 -12.14 23.30 -45.00
CA LYS F 425 -10.75 23.01 -45.43
C LYS F 425 -10.62 21.54 -45.84
N GLN F 426 -11.11 20.62 -45.00
CA GLN F 426 -11.01 19.17 -45.31
C GLN F 426 -11.78 18.88 -46.62
N PHE F 427 -13.02 19.37 -46.70
CA PHE F 427 -13.87 19.12 -47.90
C PHE F 427 -13.23 19.79 -49.11
N SER F 428 -12.71 21.01 -48.94
CA SER F 428 -12.07 21.72 -50.08
C SER F 428 -10.86 20.93 -50.56
N ARG F 429 -10.04 20.43 -49.63
CA ARG F 429 -8.85 19.62 -50.01
C ARG F 429 -9.33 18.31 -50.66
N MET F 430 -10.38 17.72 -50.10
CA MET F 430 -10.92 16.42 -50.58
C MET F 430 -11.52 16.56 -51.98
N SER F 431 -11.88 17.81 -52.39
CA SER F 431 -12.42 18.29 -53.65
C SER F 431 -13.91 17.99 -53.79
N SER F 432 -14.62 18.82 -54.55
CA SER F 432 -16.07 18.68 -54.72
C SER F 432 -16.45 17.56 -55.67
N ASP F 433 -15.48 16.92 -56.33
CA ASP F 433 -15.81 15.81 -57.23
C ASP F 433 -16.26 14.58 -56.44
N ARG F 434 -16.04 14.57 -55.13
CA ARG F 434 -16.39 13.44 -54.28
C ARG F 434 -17.56 13.72 -53.34
N HIS F 435 -17.97 14.98 -53.20
CA HIS F 435 -19.05 15.32 -52.28
C HIS F 435 -19.81 16.51 -52.83
N VAL F 436 -21.06 16.64 -52.39
CA VAL F 436 -21.91 17.78 -52.73
C VAL F 436 -22.54 18.29 -51.43
N LEU F 437 -22.01 19.40 -50.92
CA LEU F 437 -22.53 20.02 -49.71
C LEU F 437 -22.26 21.52 -49.80
N ASP F 438 -23.21 22.32 -49.32
CA ASP F 438 -23.12 23.77 -49.39
C ASP F 438 -22.69 24.33 -48.04
N SER F 439 -22.60 25.66 -47.96
CA SER F 439 -22.09 26.31 -46.75
C SER F 439 -23.01 26.08 -45.56
N GLU F 440 -24.33 26.13 -45.78
CA GLU F 440 -25.27 25.97 -44.68
C GLU F 440 -25.22 24.56 -44.11
N ALA F 441 -25.01 23.54 -44.94
CA ALA F 441 -24.87 22.19 -44.42
C ALA F 441 -23.63 22.06 -43.54
N ILE F 442 -22.52 22.68 -43.95
CA ILE F 442 -21.30 22.65 -43.15
C ILE F 442 -21.52 23.38 -41.83
N LYS F 443 -22.22 24.52 -41.87
CA LYS F 443 -22.50 25.26 -40.65
C LYS F 443 -23.38 24.44 -39.70
N TYR F 444 -24.39 23.75 -40.25
CA TYR F 444 -25.24 22.91 -39.43
C TYR F 444 -24.44 21.76 -38.80
N ILE F 445 -23.54 21.16 -39.57
CA ILE F 445 -22.69 20.09 -39.04
C ILE F 445 -21.82 20.62 -37.92
N ALA F 446 -21.22 21.81 -38.13
CA ALA F 446 -20.37 22.40 -37.09
C ALA F 446 -21.17 22.70 -35.82
N SER F 447 -22.39 23.21 -35.98
CA SER F 447 -23.23 23.49 -34.82
C SER F 447 -23.59 22.20 -34.09
N LYS F 448 -23.92 21.15 -34.85
CA LYS F 448 -24.25 19.86 -34.23
C LYS F 448 -23.04 19.26 -33.52
N THR F 449 -21.85 19.40 -34.10
CA THR F 449 -20.63 18.88 -33.50
C THR F 449 -20.17 19.81 -32.39
N HIS F 450 -20.94 19.79 -31.29
CA HIS F 450 -20.68 20.70 -30.19
C HIS F 450 -19.39 20.34 -29.45
N GLY F 451 -19.21 19.08 -29.11
CA GLY F 451 -18.10 18.64 -28.29
C GLY F 451 -17.00 17.88 -28.98
N TYR F 452 -16.97 17.85 -30.30
CA TYR F 452 -15.96 17.08 -31.01
C TYR F 452 -14.69 17.90 -31.23
N VAL F 453 -13.60 17.18 -31.49
CA VAL F 453 -12.30 17.78 -31.77
C VAL F 453 -11.94 17.43 -33.22
N GLY F 454 -10.84 18.01 -33.70
CA GLY F 454 -10.41 17.79 -35.07
C GLY F 454 -10.22 16.33 -35.43
N ALA F 455 -9.64 15.54 -34.52
CA ALA F 455 -9.56 14.10 -34.74
C ALA F 455 -10.95 13.49 -34.86
N ASP F 456 -11.87 13.95 -34.01
CA ASP F 456 -13.25 13.46 -34.10
C ASP F 456 -13.91 13.87 -35.42
N LEU F 457 -13.62 15.07 -35.92
CA LEU F 457 -14.17 15.48 -37.21
C LEU F 457 -13.61 14.66 -38.36
N THR F 458 -12.31 14.36 -38.32
CA THR F 458 -11.72 13.48 -39.33
C THR F 458 -12.33 12.09 -39.25
N ALA F 459 -12.57 11.60 -38.04
CA ALA F 459 -13.25 10.31 -37.88
C ALA F 459 -14.66 10.37 -38.43
N LEU F 460 -15.36 11.50 -38.23
CA LEU F 460 -16.68 11.67 -38.83
C LEU F 460 -16.62 11.57 -40.34
N CYS F 461 -15.65 12.25 -40.96
CA CYS F 461 -15.52 12.19 -42.42
C CYS F 461 -15.23 10.77 -42.89
N ARG F 462 -14.31 10.08 -42.20
CA ARG F 462 -13.95 8.73 -42.61
C ARG F 462 -15.12 7.77 -42.45
N GLU F 463 -15.87 7.89 -41.35
CA GLU F 463 -17.04 7.04 -41.14
C GLU F 463 -18.15 7.36 -42.14
N SER F 464 -18.29 8.63 -42.53
CA SER F 464 -19.23 8.98 -43.58
C SER F 464 -18.84 8.32 -44.89
N VAL F 465 -17.54 8.31 -45.21
CA VAL F 465 -17.06 7.63 -46.41
C VAL F 465 -17.35 6.13 -46.32
N MET F 466 -17.12 5.54 -45.15
CA MET F 466 -17.40 4.12 -44.97
C MET F 466 -18.88 3.81 -45.15
N LYS F 467 -19.73 4.62 -44.49
CA LYS F 467 -21.20 4.45 -44.58
C LYS F 467 -21.58 4.37 -46.05
N THR F 468 -20.91 5.20 -46.86
CA THR F 468 -21.11 5.19 -48.32
C THR F 468 -20.69 3.82 -48.85
N ILE F 469 -19.56 3.27 -48.37
CA ILE F 469 -19.07 1.94 -48.86
C ILE F 469 -20.12 0.89 -48.53
N GLN F 470 -20.60 0.88 -47.28
CA GLN F 470 -21.65 -0.09 -46.87
C GLN F 470 -22.88 0.12 -47.75
N ARG F 471 -23.49 1.31 -47.68
CA ARG F 471 -24.70 1.64 -48.48
C ARG F 471 -24.45 1.32 -49.96
N GLY F 472 -23.42 1.94 -50.55
CA GLY F 472 -23.06 1.74 -51.97
C GLY F 472 -22.95 0.28 -52.33
N LEU F 473 -22.28 -0.54 -51.51
CA LEU F 473 -22.22 -1.97 -51.93
C LEU F 473 -23.58 -2.66 -51.77
N GLY F 474 -24.01 -2.89 -50.52
CA GLY F 474 -25.27 -3.60 -50.24
C GLY F 474 -26.52 -3.05 -50.89
N THR F 475 -26.50 -1.88 -51.53
CA THR F 475 -27.79 -1.48 -52.09
C THR F 475 -27.77 -1.41 -53.62
N ASP F 476 -26.85 -0.62 -54.18
CA ASP F 476 -26.85 -0.35 -55.61
C ASP F 476 -26.16 -1.41 -56.43
N ALA F 477 -25.72 -2.48 -55.75
CA ALA F 477 -25.04 -3.67 -56.33
C ALA F 477 -23.75 -3.28 -57.06
N ASN F 478 -22.73 -2.86 -56.29
CA ASN F 478 -21.40 -2.50 -56.84
C ASN F 478 -21.51 -1.41 -57.91
N ILE F 479 -22.32 -0.37 -57.65
CA ILE F 479 -22.45 0.78 -58.58
C ILE F 479 -21.26 1.71 -58.36
N ASP F 480 -20.92 2.55 -59.34
CA ASP F 480 -19.76 3.46 -59.20
C ASP F 480 -20.00 4.44 -58.05
N LYS F 481 -18.98 4.63 -57.20
CA LYS F 481 -19.07 5.56 -56.05
C LYS F 481 -19.27 6.99 -56.58
N PHE F 482 -18.58 7.33 -57.67
CA PHE F 482 -18.66 8.67 -58.30
C PHE F 482 -20.12 9.08 -58.47
N SER F 483 -20.92 8.25 -59.14
CA SER F 483 -22.35 8.56 -59.38
C SER F 483 -23.12 8.44 -58.06
N LEU F 484 -22.39 8.37 -56.94
CA LEU F 484 -23.01 8.23 -55.60
C LEU F 484 -22.58 9.38 -54.67
N LYS F 485 -21.29 9.79 -54.74
CA LYS F 485 -20.52 10.78 -53.99
C LYS F 485 -20.82 10.74 -52.50
N VAL F 486 -20.85 11.90 -51.85
CA VAL F 486 -21.04 11.98 -50.40
C VAL F 486 -22.21 12.91 -50.11
N THR F 487 -23.12 12.45 -49.27
CA THR F 487 -24.29 13.21 -48.83
C THR F 487 -24.21 13.42 -47.31
N LEU F 488 -25.30 13.93 -46.75
CA LEU F 488 -25.39 14.11 -45.30
C LEU F 488 -26.07 12.96 -44.59
N LYS F 489 -26.82 12.15 -45.34
CA LYS F 489 -27.54 10.98 -44.77
C LYS F 489 -26.52 10.10 -44.04
N ASP F 490 -25.51 9.60 -44.76
CA ASP F 490 -24.47 8.73 -44.16
C ASP F 490 -23.71 9.53 -43.10
N VAL F 491 -23.39 10.79 -43.41
CA VAL F 491 -22.65 11.69 -42.46
C VAL F 491 -23.42 11.74 -41.14
N GLU F 492 -24.73 12.05 -41.21
CA GLU F 492 -25.60 12.14 -40.01
C GLU F 492 -25.44 10.84 -39.21
N SER F 493 -25.43 9.70 -39.90
CA SER F 493 -25.26 8.40 -39.19
C SER F 493 -23.92 8.39 -38.44
N ALA F 494 -22.83 8.56 -39.20
CA ALA F 494 -21.45 8.58 -38.76
C ALA F 494 -21.28 9.28 -37.42
N MET F 495 -21.93 10.44 -37.25
CA MET F 495 -21.79 11.14 -35.97
C MET F 495 -22.54 10.42 -34.87
N VAL F 496 -23.60 9.66 -35.21
CA VAL F 496 -24.30 8.88 -34.19
C VAL F 496 -23.43 7.71 -33.72
N ASP F 497 -22.77 7.02 -34.65
CA ASP F 497 -22.01 5.82 -34.34
C ASP F 497 -20.55 6.10 -34.04
N ILE F 498 -20.13 7.37 -34.02
CA ILE F 498 -18.74 7.71 -33.75
C ILE F 498 -18.34 7.43 -32.31
N ARG F 499 -19.30 7.25 -31.41
CA ARG F 499 -19.06 7.00 -29.98
C ARG F 499 -18.14 8.08 -29.40
N PRO F 500 -18.65 9.28 -29.20
CA PRO F 500 -17.79 10.38 -28.74
C PRO F 500 -17.16 10.09 -27.39
N SER F 501 -15.92 10.57 -27.22
CA SER F 501 -15.21 10.51 -25.96
C SER F 501 -14.80 11.87 -25.43
N ALA F 502 -15.03 12.94 -26.20
CA ALA F 502 -14.72 14.30 -25.79
C ALA F 502 -15.93 15.03 -25.18
N MET F 503 -16.80 14.30 -24.49
CA MET F 503 -17.91 14.94 -23.79
C MET F 503 -17.46 15.57 -22.48
N ARG F 504 -16.56 14.90 -21.76
CA ARG F 504 -16.16 15.28 -20.41
C ARG F 504 -15.04 16.31 -20.45
N GLU F 505 -15.41 17.59 -20.43
CA GLU F 505 -14.44 18.66 -20.28
C GLU F 505 -15.02 19.72 -19.36
N ILE F 506 -14.13 20.44 -18.67
CA ILE F 506 -14.55 21.59 -17.88
C ILE F 506 -15.02 22.72 -18.81
N PHE F 507 -14.37 22.87 -19.95
CA PHE F 507 -14.71 23.90 -20.93
C PHE F 507 -15.86 23.40 -21.79
N LEU F 508 -16.90 24.22 -21.94
CA LEU F 508 -18.07 23.84 -22.72
C LEU F 508 -18.69 25.10 -23.33
N GLU F 509 -18.69 25.16 -24.66
CA GLU F 509 -19.25 26.29 -25.40
C GLU F 509 -20.69 25.93 -25.80
N MET F 510 -21.62 26.10 -24.86
CA MET F 510 -22.99 25.72 -25.07
C MET F 510 -23.65 26.65 -26.09
N PRO F 511 -24.73 26.17 -26.78
CA PRO F 511 -25.21 26.84 -27.99
C PRO F 511 -25.56 28.32 -27.87
N LYS F 512 -25.79 28.96 -29.01
CA LYS F 512 -26.02 30.40 -29.11
C LYS F 512 -27.39 30.65 -29.72
N VAL F 513 -28.11 31.63 -29.18
CA VAL F 513 -29.39 32.09 -29.74
C VAL F 513 -29.39 33.61 -29.77
N TYR F 514 -29.94 34.17 -30.85
CA TYR F 514 -29.94 35.61 -31.05
C TYR F 514 -31.03 36.28 -30.21
N TRP F 515 -31.20 37.59 -30.42
CA TRP F 515 -32.18 38.36 -29.66
C TRP F 515 -33.62 38.01 -30.04
N SER F 516 -33.82 37.34 -31.18
CA SER F 516 -35.17 36.95 -31.57
C SER F 516 -35.78 35.97 -30.56
N ASP F 517 -34.98 35.02 -30.07
CA ASP F 517 -35.46 34.07 -29.09
C ASP F 517 -35.59 34.69 -27.70
N ILE F 518 -35.12 35.92 -27.51
CA ILE F 518 -35.14 36.55 -26.19
C ILE F 518 -36.57 37.02 -25.91
N GLY F 519 -37.25 36.33 -24.99
CA GLY F 519 -38.55 36.77 -24.52
C GLY F 519 -38.48 37.27 -23.08
N GLY F 520 -38.56 38.59 -22.90
CA GLY F 520 -38.45 39.16 -21.57
C GLY F 520 -38.81 40.63 -21.52
N GLN F 521 -38.22 41.34 -20.56
CA GLN F 521 -38.47 42.76 -20.35
C GLN F 521 -37.22 43.56 -20.72
N GLU F 522 -37.45 44.78 -21.23
CA GLU F 522 -36.34 45.64 -21.62
C GLU F 522 -35.51 46.12 -20.43
N GLU F 523 -36.06 46.05 -19.21
CA GLU F 523 -35.32 46.51 -18.05
C GLU F 523 -34.09 45.63 -17.78
N LEU F 524 -34.21 44.32 -17.96
CA LEU F 524 -33.05 43.44 -17.79
C LEU F 524 -32.10 43.56 -18.97
N LYS F 525 -32.64 43.78 -20.17
CA LYS F 525 -31.80 43.96 -21.35
C LYS F 525 -30.92 45.21 -21.22
N THR F 526 -31.49 46.31 -20.72
CA THR F 526 -30.69 47.51 -20.55
C THR F 526 -29.59 47.31 -19.51
N LYS F 527 -29.91 46.64 -18.41
CA LYS F 527 -28.88 46.35 -17.40
C LYS F 527 -27.79 45.45 -17.96
N MET F 528 -28.18 44.43 -18.75
CA MET F 528 -27.22 43.59 -19.46
C MET F 528 -26.29 44.40 -20.34
N LYS F 529 -26.87 45.28 -21.18
CA LYS F 529 -26.07 46.06 -22.11
C LYS F 529 -25.13 46.98 -21.36
N GLU F 530 -25.60 47.59 -20.27
CA GLU F 530 -24.74 48.48 -19.50
C GLU F 530 -23.60 47.72 -18.84
N MET F 531 -23.87 46.56 -18.25
CA MET F 531 -22.83 45.85 -17.52
C MET F 531 -21.90 45.07 -18.45
N ILE F 532 -22.25 44.95 -19.73
CA ILE F 532 -21.27 44.45 -20.68
C ILE F 532 -20.51 45.57 -21.36
N GLN F 533 -21.11 46.76 -21.49
CA GLN F 533 -20.43 47.89 -22.10
C GLN F 533 -19.42 48.53 -21.16
N LEU F 534 -19.71 48.61 -19.86
CA LEU F 534 -18.80 49.29 -18.93
C LEU F 534 -17.43 48.65 -18.88
N PRO F 535 -17.27 47.33 -18.65
CA PRO F 535 -15.91 46.80 -18.50
C PRO F 535 -15.13 46.76 -19.80
N LEU F 536 -15.80 46.54 -20.93
CA LEU F 536 -15.09 46.36 -22.19
C LEU F 536 -14.50 47.68 -22.70
N GLU F 537 -15.28 48.75 -22.66
CA GLU F 537 -14.84 50.04 -23.19
C GLU F 537 -14.88 51.14 -22.13
N ALA F 538 -14.63 50.78 -20.87
CA ALA F 538 -14.51 51.77 -19.81
C ALA F 538 -13.36 51.46 -18.85
N SER F 539 -12.41 50.62 -19.28
CA SER F 539 -11.27 50.30 -18.42
C SER F 539 -10.43 51.54 -18.12
N GLU F 540 -10.21 52.38 -19.14
CA GLU F 540 -9.45 53.61 -18.92
C GLU F 540 -10.20 54.55 -17.99
N THR F 541 -11.52 54.66 -18.14
CA THR F 541 -12.30 55.51 -17.26
C THR F 541 -12.24 55.00 -15.82
N PHE F 542 -12.34 53.68 -15.63
CA PHE F 542 -12.25 53.11 -14.29
C PHE F 542 -10.87 53.35 -13.69
N ALA F 543 -9.82 53.21 -14.50
CA ALA F 543 -8.47 53.45 -14.00
C ALA F 543 -8.29 54.90 -13.59
N ARG F 544 -8.80 55.84 -14.40
CA ARG F 544 -8.71 57.25 -14.04
C ARG F 544 -9.49 57.55 -12.77
N LEU F 545 -10.69 56.98 -12.64
CA LEU F 545 -11.50 57.22 -11.46
C LEU F 545 -11.02 56.39 -10.26
N GLY F 546 -10.45 55.21 -10.51
CA GLY F 546 -10.05 54.32 -9.44
C GLY F 546 -11.14 53.41 -8.93
N ILE F 547 -12.35 53.54 -9.45
CA ILE F 547 -13.47 52.70 -9.00
C ILE F 547 -13.26 51.25 -9.42
N SER F 548 -12.72 51.05 -10.62
CA SER F 548 -12.56 49.72 -11.23
C SER F 548 -13.96 49.13 -11.43
N ALA F 549 -14.10 47.81 -11.31
CA ALA F 549 -15.39 47.19 -11.53
C ALA F 549 -15.78 46.34 -10.33
N PRO F 550 -17.06 46.35 -9.94
CA PRO F 550 -17.50 45.49 -8.83
C PRO F 550 -17.30 44.01 -9.11
N LYS F 551 -17.46 43.60 -10.37
CA LYS F 551 -17.26 42.22 -10.79
C LYS F 551 -18.17 41.25 -10.04
N GLY F 552 -19.36 41.72 -9.66
CA GLY F 552 -20.32 40.85 -8.99
C GLY F 552 -21.73 41.01 -9.53
N VAL F 553 -22.27 39.93 -10.08
CA VAL F 553 -23.63 39.92 -10.63
C VAL F 553 -24.29 38.61 -10.24
N LEU F 554 -25.51 38.69 -9.72
CA LEU F 554 -26.27 37.51 -9.31
C LEU F 554 -27.64 37.53 -9.97
N LEU F 555 -28.06 36.37 -10.47
CA LEU F 555 -29.35 36.20 -11.13
C LEU F 555 -30.18 35.21 -10.33
N TYR F 556 -31.03 35.77 -9.44
CA TYR F 556 -31.96 35.00 -8.59
C TYR F 556 -33.38 35.30 -9.09
N GLY F 557 -34.07 34.26 -9.60
CA GLY F 557 -35.44 34.46 -10.12
C GLY F 557 -36.17 33.14 -10.32
N PRO F 558 -37.44 33.14 -10.78
CA PRO F 558 -38.20 31.91 -10.98
C PRO F 558 -37.58 31.04 -12.08
N PRO F 559 -37.52 29.69 -11.91
CA PRO F 559 -36.93 28.80 -12.92
C PRO F 559 -37.90 28.38 -14.04
N GLY F 560 -38.40 29.35 -14.82
CA GLY F 560 -39.39 29.08 -15.88
C GLY F 560 -38.80 29.23 -17.27
N CYS F 561 -38.56 30.47 -17.71
CA CYS F 561 -37.93 30.68 -19.04
C CYS F 561 -37.12 31.98 -19.06
N SER F 562 -35.95 31.94 -19.73
CA SER F 562 -35.01 33.06 -20.00
C SER F 562 -34.14 33.46 -18.79
N LYS F 563 -34.33 32.82 -17.63
CA LYS F 563 -33.50 33.17 -16.45
C LYS F 563 -32.05 32.78 -16.74
N THR F 564 -31.85 31.62 -17.36
CA THR F 564 -30.48 31.13 -17.71
C THR F 564 -30.29 31.27 -19.22
N LEU F 565 -31.39 31.29 -19.98
CA LEU F 565 -31.28 31.45 -21.46
C LEU F 565 -30.49 32.73 -21.70
N THR F 566 -30.21 33.46 -20.62
CA THR F 566 -29.48 34.72 -20.66
C THR F 566 -27.99 34.47 -20.88
N ALA F 567 -27.48 33.31 -20.48
CA ALA F 567 -26.10 32.94 -20.81
C ALA F 567 -25.92 32.81 -22.32
N LYS F 568 -26.89 32.19 -23.00
CA LYS F 568 -26.86 32.16 -24.45
C LYS F 568 -26.93 33.56 -25.03
N ALA F 569 -27.75 34.41 -24.42
CA ALA F 569 -27.84 35.80 -24.89
C ALA F 569 -26.48 36.49 -24.78
N LEU F 570 -25.79 36.31 -23.66
CA LEU F 570 -24.44 36.86 -23.52
C LEU F 570 -23.51 36.33 -24.59
N ALA F 571 -23.46 35.00 -24.72
CA ALA F 571 -22.50 34.38 -25.63
C ALA F 571 -22.78 34.76 -27.08
N THR F 572 -24.03 35.07 -27.41
CA THR F 572 -24.38 35.43 -28.78
C THR F 572 -24.13 36.91 -29.05
N GLU F 573 -24.74 37.80 -28.25
CA GLU F 573 -24.65 39.22 -28.55
C GLU F 573 -23.28 39.79 -28.23
N SER F 574 -22.69 39.38 -27.10
CA SER F 574 -21.41 39.97 -26.69
C SER F 574 -20.30 39.63 -27.67
N GLY F 575 -20.27 38.41 -28.20
CA GLY F 575 -19.17 38.00 -29.05
C GLY F 575 -17.87 37.78 -28.33
N ILE F 576 -17.93 37.50 -27.03
CA ILE F 576 -16.75 37.35 -26.20
C ILE F 576 -16.69 35.90 -25.74
N ASN F 577 -15.49 35.44 -25.39
CA ASN F 577 -15.30 34.07 -24.92
C ASN F 577 -16.21 33.79 -23.73
N PHE F 578 -16.90 32.66 -23.79
CA PHE F 578 -17.90 32.29 -22.79
C PHE F 578 -17.59 30.91 -22.24
N LEU F 579 -17.59 30.79 -20.91
CA LEU F 579 -17.37 29.52 -20.23
C LEU F 579 -18.60 29.18 -19.40
N ALA F 580 -19.10 27.97 -19.55
CA ALA F 580 -20.27 27.50 -18.83
C ALA F 580 -19.88 26.36 -17.90
N VAL F 581 -20.23 26.50 -16.61
CA VAL F 581 -19.96 25.50 -15.60
C VAL F 581 -21.28 25.12 -14.93
N LYS F 582 -21.56 23.83 -14.87
CA LYS F 582 -22.79 23.36 -14.24
C LYS F 582 -22.65 23.39 -12.71
N GLY F 583 -23.78 23.21 -12.04
CA GLY F 583 -23.83 23.20 -10.60
C GLY F 583 -23.08 22.03 -9.99
N PRO F 584 -23.57 20.81 -10.18
CA PRO F 584 -22.91 19.63 -9.62
C PRO F 584 -21.77 19.08 -10.47
N GLU F 585 -21.48 19.69 -11.62
CA GLU F 585 -20.34 19.25 -12.42
C GLU F 585 -19.03 19.47 -11.68
N ILE F 586 -18.91 20.60 -10.97
CA ILE F 586 -17.71 20.87 -10.20
C ILE F 586 -17.57 19.90 -9.03
N PHE F 587 -18.65 19.28 -8.59
CA PHE F 587 -18.57 18.27 -7.54
C PHE F 587 -17.88 17.02 -8.08
N ASN F 588 -17.01 16.44 -7.26
CA ASN F 588 -16.28 15.24 -7.62
C ASN F 588 -16.15 14.35 -6.39
N LYS F 589 -16.07 13.04 -6.63
CA LYS F 589 -15.93 12.09 -5.53
C LYS F 589 -14.61 12.28 -4.80
N TYR F 590 -13.52 12.51 -5.54
CA TYR F 590 -12.23 12.75 -4.92
C TYR F 590 -12.18 14.14 -4.30
N VAL F 591 -11.66 14.21 -3.07
CA VAL F 591 -11.51 15.48 -2.38
C VAL F 591 -10.27 16.19 -2.93
N GLY F 592 -10.42 17.49 -3.19
CA GLY F 592 -9.35 18.29 -3.76
C GLY F 592 -9.38 18.41 -5.27
N GLU F 593 -10.11 17.52 -5.95
CA GLU F 593 -10.24 17.62 -7.40
C GLU F 593 -11.03 18.87 -7.78
N SER F 594 -12.05 19.22 -6.99
CA SER F 594 -12.82 20.43 -7.25
C SER F 594 -11.95 21.67 -7.14
N GLU F 595 -11.03 21.69 -6.16
CA GLU F 595 -10.11 22.82 -6.04
C GLU F 595 -9.21 22.93 -7.26
N ARG F 596 -8.72 21.79 -7.76
CA ARG F 596 -7.88 21.81 -8.96
C ARG F 596 -8.67 22.32 -10.16
N ALA F 597 -9.93 21.88 -10.30
CA ALA F 597 -10.76 22.36 -11.40
C ALA F 597 -11.01 23.86 -11.28
N ILE F 598 -11.23 24.35 -10.07
CA ILE F 598 -11.44 25.78 -9.85
C ILE F 598 -10.20 26.57 -10.25
N ARG F 599 -9.02 26.10 -9.81
CA ARG F 599 -7.79 26.77 -10.18
C ARG F 599 -7.60 26.78 -11.70
N GLU F 600 -7.88 25.63 -12.34
CA GLU F 600 -7.71 25.54 -13.79
C GLU F 600 -8.65 26.48 -14.52
N ILE F 601 -9.91 26.56 -14.10
CA ILE F 601 -10.86 27.41 -14.81
C ILE F 601 -10.52 28.88 -14.61
N PHE F 602 -10.11 29.27 -13.39
CA PHE F 602 -9.73 30.66 -13.19
C PHE F 602 -8.47 31.03 -13.96
N ARG F 603 -7.47 30.14 -14.01
CA ARG F 603 -6.28 30.48 -14.79
C ARG F 603 -6.59 30.53 -16.28
N LYS F 604 -7.47 29.64 -16.77
CA LYS F 604 -7.87 29.72 -18.17
C LYS F 604 -8.61 31.01 -18.48
N ALA F 605 -9.51 31.43 -17.57
CA ALA F 605 -10.21 32.69 -17.77
C ALA F 605 -9.25 33.87 -17.75
N ARG F 606 -8.28 33.85 -16.85
CA ARG F 606 -7.30 34.94 -16.78
C ARG F 606 -6.45 35.01 -18.03
N SER F 607 -6.01 33.85 -18.54
CA SER F 607 -5.14 33.83 -19.71
C SER F 607 -5.89 33.89 -21.03
N ALA F 608 -7.22 33.83 -21.00
CA ALA F 608 -8.05 33.84 -22.21
C ALA F 608 -8.66 35.20 -22.48
N ALA F 609 -7.92 36.28 -22.18
CA ALA F 609 -8.33 37.66 -22.41
C ALA F 609 -9.52 38.04 -21.52
N PRO F 610 -9.86 39.31 -21.41
CA PRO F 610 -11.08 39.69 -20.67
C PRO F 610 -12.31 39.00 -21.26
N SER F 611 -12.92 38.13 -20.45
CA SER F 611 -14.04 37.32 -20.89
C SER F 611 -15.10 37.32 -19.79
N ILE F 612 -16.09 36.44 -19.93
CA ILE F 612 -17.14 36.29 -18.94
C ILE F 612 -17.25 34.81 -18.59
N ILE F 613 -17.43 34.53 -17.29
CA ILE F 613 -17.60 33.17 -16.79
C ILE F 613 -18.96 33.09 -16.10
N PHE F 614 -19.71 32.04 -16.40
CA PHE F 614 -21.08 31.90 -15.93
C PHE F 614 -21.25 30.58 -15.20
N PHE F 615 -22.01 30.61 -14.11
CA PHE F 615 -22.34 29.42 -13.33
C PHE F 615 -23.83 29.13 -13.49
N ASP F 616 -24.15 27.89 -13.87
CA ASP F 616 -25.54 27.54 -14.12
C ASP F 616 -26.37 27.64 -12.84
N GLU F 617 -25.85 27.13 -11.72
CA GLU F 617 -26.53 27.23 -10.45
C GLU F 617 -25.52 27.17 -9.32
N ILE F 618 -25.84 27.85 -8.22
CA ILE F 618 -24.97 27.90 -7.06
C ILE F 618 -25.63 27.38 -5.80
N ASP F 619 -26.97 27.36 -5.73
CA ASP F 619 -27.70 26.97 -4.52
C ASP F 619 -27.49 25.51 -4.14
N ALA F 620 -26.66 24.80 -4.90
CA ALA F 620 -26.31 23.42 -4.60
C ALA F 620 -25.03 23.31 -3.77
N LEU F 621 -23.92 23.87 -4.27
CA LEU F 621 -22.66 23.82 -3.54
C LEU F 621 -22.61 24.82 -2.39
N SER F 622 -23.29 25.96 -2.53
CA SER F 622 -23.20 27.02 -1.53
C SER F 622 -23.73 26.63 -0.16
N PRO F 623 -24.90 26.00 0.01
CA PRO F 623 -25.42 25.77 1.37
C PRO F 623 -24.55 24.80 2.14
N ASP F 624 -23.95 25.30 3.23
CA ASP F 624 -23.11 24.49 4.10
C ASP F 624 -23.67 24.40 5.52
N ARG F 625 -24.16 25.50 6.08
CA ARG F 625 -24.78 25.45 7.40
C ARG F 625 -26.04 24.61 7.40
N ASP F 626 -26.83 24.71 6.33
CA ASP F 626 -28.05 23.92 6.19
C ASP F 626 -27.75 22.67 5.37
N GLY F 627 -28.19 21.52 5.89
CA GLY F 627 -27.96 20.25 5.24
C GLY F 627 -26.68 19.53 5.65
N SER F 628 -25.84 20.17 6.47
CA SER F 628 -24.59 19.57 6.97
C SER F 628 -23.70 19.15 5.81
N SER F 629 -23.27 20.14 5.02
CA SER F 629 -22.39 19.87 3.90
C SER F 629 -21.00 19.48 4.39
N THR F 630 -20.29 18.74 3.54
CA THR F 630 -18.96 18.26 3.88
C THR F 630 -17.95 19.42 3.82
N SER F 631 -16.72 19.12 4.26
CA SER F 631 -15.67 20.12 4.26
C SER F 631 -15.25 20.54 2.86
N ALA F 632 -15.51 19.70 1.86
CA ALA F 632 -15.17 20.07 0.49
C ALA F 632 -15.96 21.29 0.02
N ALA F 633 -17.25 21.34 0.38
CA ALA F 633 -18.06 22.50 0.02
C ALA F 633 -17.54 23.77 0.69
N ASN F 634 -17.15 23.67 1.97
CA ASN F 634 -16.60 24.83 2.65
C ASN F 634 -15.29 25.27 2.01
N HIS F 635 -14.43 24.32 1.65
CA HIS F 635 -13.17 24.67 0.99
C HIS F 635 -13.43 25.35 -0.35
N VAL F 636 -14.41 24.86 -1.11
CA VAL F 636 -14.77 25.49 -2.38
C VAL F 636 -15.28 26.91 -2.14
N LEU F 637 -16.11 27.09 -1.11
CA LEU F 637 -16.64 28.42 -0.82
C LEU F 637 -15.53 29.40 -0.49
N THR F 638 -14.58 28.98 0.37
CA THR F 638 -13.46 29.86 0.70
C THR F 638 -12.58 30.11 -0.53
N SER F 639 -12.40 29.11 -1.37
CA SER F 639 -11.61 29.29 -2.59
C SER F 639 -12.23 30.35 -3.49
N LEU F 640 -13.53 30.26 -3.72
CA LEU F 640 -14.22 31.27 -4.52
C LEU F 640 -14.15 32.64 -3.86
N LEU F 641 -14.31 32.69 -2.53
CA LEU F 641 -14.28 33.97 -1.83
C LEU F 641 -12.92 34.65 -1.97
N ASN F 642 -11.84 33.88 -1.83
CA ASN F 642 -10.51 34.47 -1.97
C ASN F 642 -10.06 34.61 -3.41
N GLU F 643 -10.81 34.04 -4.36
CA GLU F 643 -10.46 34.20 -5.76
C GLU F 643 -11.14 35.42 -6.37
N ILE F 644 -12.41 35.66 -6.01
CA ILE F 644 -13.14 36.75 -6.66
C ILE F 644 -12.58 38.11 -6.24
N ASP F 645 -12.36 38.31 -4.95
CA ASP F 645 -11.84 39.59 -4.47
C ASP F 645 -10.86 39.41 -3.32
N GLY F 646 -10.12 38.30 -3.29
CA GLY F 646 -9.19 38.03 -2.22
C GLY F 646 -7.75 38.31 -2.58
N VAL F 647 -7.19 39.39 -2.01
CA VAL F 647 -5.81 39.84 -2.16
C VAL F 647 -5.36 39.77 -3.63
N GLU F 648 -6.32 39.86 -4.55
CA GLU F 648 -6.03 39.84 -5.96
C GLU F 648 -7.29 40.24 -6.72
N GLU F 649 -7.12 41.12 -7.71
CA GLU F 649 -8.23 41.66 -8.47
C GLU F 649 -8.15 41.20 -9.92
N LEU F 650 -9.27 40.76 -10.47
CA LEU F 650 -9.35 40.27 -11.84
C LEU F 650 -10.00 41.35 -12.69
N LYS F 651 -9.18 42.28 -13.18
CA LYS F 651 -9.70 43.41 -13.94
C LYS F 651 -10.24 42.99 -15.30
N GLY F 652 -9.81 41.86 -15.83
CA GLY F 652 -10.24 41.44 -17.16
C GLY F 652 -11.59 40.76 -17.20
N VAL F 653 -11.73 39.65 -16.46
CA VAL F 653 -12.95 38.85 -16.54
C VAL F 653 -14.06 39.51 -15.72
N VAL F 654 -15.29 39.11 -16.02
CA VAL F 654 -16.48 39.59 -15.32
C VAL F 654 -17.22 38.38 -14.76
N ILE F 655 -17.58 38.45 -13.48
CA ILE F 655 -18.25 37.34 -12.80
C ILE F 655 -19.75 37.55 -12.92
N VAL F 656 -20.44 36.56 -13.49
CA VAL F 656 -21.90 36.55 -13.56
C VAL F 656 -22.39 35.19 -13.05
N ALA F 657 -23.40 35.22 -12.19
CA ALA F 657 -23.90 34.00 -11.55
C ALA F 657 -25.42 33.99 -11.60
N ALA F 658 -25.98 32.79 -11.67
CA ALA F 658 -27.42 32.60 -11.67
C ALA F 658 -27.77 31.46 -10.71
N THR F 659 -28.76 31.68 -9.85
CA THR F 659 -29.18 30.70 -8.87
C THR F 659 -30.69 30.59 -8.85
N ASN F 660 -31.17 29.41 -8.45
CA ASN F 660 -32.61 29.16 -8.35
C ASN F 660 -33.16 29.45 -6.96
N ARG F 661 -32.31 29.53 -5.94
CA ARG F 661 -32.73 29.82 -4.58
C ARG F 661 -31.60 30.56 -3.86
N PRO F 662 -31.77 31.86 -3.60
CA PRO F 662 -30.61 32.67 -3.17
C PRO F 662 -30.25 32.52 -1.70
N ASP F 663 -31.18 32.15 -0.83
CA ASP F 663 -30.88 32.13 0.61
C ASP F 663 -29.98 30.98 1.02
N GLU F 664 -29.80 29.96 0.18
CA GLU F 664 -28.85 28.90 0.47
C GLU F 664 -27.40 29.39 0.42
N ILE F 665 -27.11 30.40 -0.39
CA ILE F 665 -25.77 30.96 -0.44
C ILE F 665 -25.48 31.69 0.86
N ASP F 666 -24.30 31.44 1.42
CA ASP F 666 -23.94 32.02 2.71
C ASP F 666 -23.86 33.55 2.60
N ALA F 667 -24.11 34.21 3.74
CA ALA F 667 -24.04 35.67 3.78
C ALA F 667 -22.64 36.19 3.55
N ALA F 668 -21.62 35.34 3.69
CA ALA F 668 -20.25 35.76 3.40
C ALA F 668 -20.09 36.18 1.95
N LEU F 669 -20.67 35.41 1.03
CA LEU F 669 -20.62 35.79 -0.38
C LEU F 669 -21.51 37.00 -0.66
N LEU F 670 -22.62 37.11 0.06
CA LEU F 670 -23.55 38.24 -0.12
C LEU F 670 -23.26 39.34 0.89
N ARG F 671 -22.08 39.95 0.73
CA ARG F 671 -21.68 41.13 1.48
C ARG F 671 -21.13 42.15 0.49
N PRO F 672 -21.19 43.45 0.82
CA PRO F 672 -20.80 44.47 -0.15
C PRO F 672 -19.37 44.29 -0.64
N GLY F 673 -19.17 44.54 -1.93
CA GLY F 673 -17.89 44.34 -2.56
C GLY F 673 -17.86 43.17 -3.51
N ARG F 674 -18.76 42.21 -3.30
CA ARG F 674 -18.84 41.01 -4.14
C ARG F 674 -20.29 40.63 -4.32
N LEU F 675 -20.68 40.34 -5.57
CA LEU F 675 -22.04 39.92 -5.91
C LEU F 675 -23.08 40.92 -5.40
N ASP F 676 -22.76 42.21 -5.52
CA ASP F 676 -23.67 43.25 -5.04
C ASP F 676 -24.89 43.39 -5.94
N ARG F 677 -24.70 43.26 -7.25
CA ARG F 677 -25.81 43.43 -8.18
C ARG F 677 -26.82 42.30 -8.05
N HIS F 678 -28.10 42.65 -8.16
CA HIS F 678 -29.18 41.69 -8.06
C HIS F 678 -30.24 42.02 -9.10
N ILE F 679 -30.73 40.97 -9.77
CA ILE F 679 -31.80 41.09 -10.76
C ILE F 679 -32.94 40.17 -10.33
N TYR F 680 -34.15 40.71 -10.30
CA TYR F 680 -35.31 39.91 -9.90
C TYR F 680 -35.57 38.79 -10.90
N VAL F 681 -35.45 39.08 -12.20
CA VAL F 681 -35.69 38.16 -13.32
C VAL F 681 -36.85 37.22 -13.01
N GLY F 682 -38.03 37.79 -12.77
CA GLY F 682 -39.19 37.02 -12.41
C GLY F 682 -39.82 36.34 -13.60
N PRO F 683 -41.06 35.88 -13.44
CA PRO F 683 -41.74 35.21 -14.54
C PRO F 683 -41.97 36.16 -15.69
N PRO F 684 -42.00 35.65 -16.93
CA PRO F 684 -42.22 36.53 -18.08
C PRO F 684 -43.57 37.21 -18.03
N ASP F 685 -43.61 38.45 -18.51
CA ASP F 685 -44.83 39.24 -18.51
C ASP F 685 -45.68 38.89 -19.74
N VAL F 686 -46.71 39.70 -20.00
CA VAL F 686 -47.60 39.43 -21.12
C VAL F 686 -46.86 39.54 -22.44
N ASN F 687 -46.03 40.57 -22.59
CA ASN F 687 -45.32 40.77 -23.85
C ASN F 687 -44.34 39.64 -24.13
N ALA F 688 -43.60 39.20 -23.11
CA ALA F 688 -42.64 38.12 -23.32
C ALA F 688 -43.33 36.82 -23.70
N ARG F 689 -44.43 36.48 -23.02
CA ARG F 689 -45.17 35.28 -23.37
C ARG F 689 -45.79 35.38 -24.75
N LEU F 690 -46.27 36.56 -25.13
CA LEU F 690 -46.79 36.76 -26.48
C LEU F 690 -45.70 36.54 -27.52
N GLU F 691 -44.50 37.06 -27.27
CA GLU F 691 -43.39 36.86 -28.19
C GLU F 691 -43.02 35.38 -28.29
N ILE F 692 -43.00 34.68 -27.15
CA ILE F 692 -42.69 33.26 -27.16
C ILE F 692 -43.72 32.47 -27.95
N LEU F 693 -45.01 32.79 -27.75
CA LEU F 693 -46.06 32.13 -28.52
C LEU F 693 -45.92 32.43 -30.01
N LYS F 694 -45.60 33.67 -30.37
CA LYS F 694 -45.43 34.01 -31.78
C LYS F 694 -44.27 33.24 -32.39
N LYS F 695 -43.15 33.13 -31.67
CA LYS F 695 -42.00 32.40 -32.20
C LYS F 695 -42.30 30.91 -32.32
N CYS F 696 -42.97 30.33 -31.32
CA CYS F 696 -43.25 28.89 -31.36
C CYS F 696 -44.34 28.55 -32.37
N THR F 697 -45.20 29.51 -32.69
CA THR F 697 -46.31 29.30 -33.61
C THR F 697 -45.90 29.59 -35.07
N LYS F 698 -44.63 29.93 -35.29
CA LYS F 698 -44.17 30.26 -36.64
C LYS F 698 -44.38 29.09 -37.60
N LYS F 699 -44.11 27.87 -37.15
CA LYS F 699 -44.35 26.70 -37.99
C LYS F 699 -45.84 26.53 -38.30
N PHE F 700 -46.69 26.76 -37.31
CA PHE F 700 -48.13 26.66 -37.51
C PHE F 700 -48.67 27.89 -38.24
N ASN F 701 -49.93 27.81 -38.65
CA ASN F 701 -50.60 28.89 -39.36
C ASN F 701 -51.58 29.57 -38.40
N THR F 702 -51.31 30.84 -38.08
CA THR F 702 -52.16 31.56 -37.14
C THR F 702 -53.48 31.99 -37.79
N GLU F 703 -53.44 32.37 -39.07
CA GLU F 703 -54.65 32.86 -39.74
C GLU F 703 -55.71 31.77 -39.86
N GLU F 704 -55.29 30.53 -40.16
CA GLU F 704 -56.26 29.45 -40.30
C GLU F 704 -56.85 29.07 -38.94
N SER F 705 -56.03 29.07 -37.88
CA SER F 705 -56.52 28.73 -36.56
C SER F 705 -57.40 29.81 -35.96
N GLY F 706 -57.24 31.06 -36.38
CA GLY F 706 -58.06 32.15 -35.89
C GLY F 706 -57.60 32.76 -34.58
N VAL F 707 -56.48 32.30 -34.03
CA VAL F 707 -55.97 32.85 -32.77
C VAL F 707 -55.29 34.18 -33.05
N ASP F 708 -55.58 35.17 -32.20
CA ASP F 708 -55.00 36.50 -32.32
C ASP F 708 -53.70 36.65 -31.55
N LEU F 709 -53.22 35.58 -30.90
CA LEU F 709 -51.99 35.54 -30.12
C LEU F 709 -52.02 36.44 -28.90
N HIS F 710 -53.17 37.01 -28.56
CA HIS F 710 -53.29 37.90 -27.41
C HIS F 710 -54.15 37.32 -26.29
N GLU F 711 -55.32 36.78 -26.62
CA GLU F 711 -56.17 36.17 -25.60
C GLU F 711 -55.53 34.93 -24.99
N LEU F 712 -54.79 34.17 -25.80
CA LEU F 712 -54.08 33.01 -25.27
C LEU F 712 -53.00 33.43 -24.27
N ALA F 713 -52.27 34.50 -24.60
CA ALA F 713 -51.26 35.00 -23.67
C ALA F 713 -51.91 35.56 -22.40
N ASP F 714 -53.04 36.25 -22.55
CA ASP F 714 -53.73 36.79 -21.38
C ASP F 714 -54.23 35.68 -20.46
N ARG F 715 -54.81 34.63 -21.03
CA ARG F 715 -55.26 33.49 -20.23
C ARG F 715 -54.07 32.79 -19.58
N THR F 716 -52.98 32.61 -20.33
CA THR F 716 -51.77 31.96 -19.81
C THR F 716 -50.86 33.01 -19.19
N GLU F 717 -51.24 33.43 -17.98
CA GLU F 717 -50.49 34.44 -17.24
C GLU F 717 -49.74 33.88 -16.04
N GLY F 718 -50.23 32.81 -15.43
CA GLY F 718 -49.57 32.19 -14.30
C GLY F 718 -48.48 31.19 -14.64
N TYR F 719 -48.25 30.95 -15.92
CA TYR F 719 -47.24 29.98 -16.34
C TYR F 719 -45.89 30.68 -16.49
N SER F 720 -44.89 29.95 -17.00
CA SER F 720 -43.57 30.47 -17.26
C SER F 720 -43.19 30.21 -18.71
N GLY F 721 -42.01 30.69 -19.09
CA GLY F 721 -41.55 30.49 -20.45
C GLY F 721 -41.39 29.02 -20.82
N ALA F 722 -40.76 28.25 -19.93
CA ALA F 722 -40.68 26.80 -20.14
C ALA F 722 -42.07 26.18 -20.12
N GLU F 723 -42.94 26.65 -19.21
CA GLU F 723 -44.31 26.17 -19.18
C GLU F 723 -45.04 26.51 -20.47
N VAL F 724 -44.82 27.71 -21.01
CA VAL F 724 -45.44 28.09 -22.28
C VAL F 724 -44.94 27.20 -23.42
N VAL F 725 -43.64 26.92 -23.43
CA VAL F 725 -43.07 26.05 -24.47
C VAL F 725 -43.68 24.65 -24.38
N LEU F 726 -43.78 24.11 -23.17
CA LEU F 726 -44.39 22.79 -22.99
C LEU F 726 -45.87 22.81 -23.40
N LEU F 727 -46.57 23.90 -23.08
CA LEU F 727 -47.96 24.04 -23.48
C LEU F 727 -48.09 23.98 -25.00
N CYS F 728 -47.28 24.75 -25.70
CA CYS F 728 -47.32 24.75 -27.16
C CYS F 728 -46.96 23.39 -27.74
N GLN F 729 -45.93 22.75 -27.17
CA GLN F 729 -45.51 21.44 -27.67
C GLN F 729 -46.61 20.40 -27.48
N GLU F 730 -47.26 20.39 -26.33
CA GLU F 730 -48.29 19.37 -26.09
C GLU F 730 -49.55 19.68 -26.89
N ALA F 731 -49.84 20.96 -27.12
CA ALA F 731 -50.95 21.32 -28.00
C ALA F 731 -50.68 20.84 -29.42
N GLY F 732 -49.44 21.02 -29.91
CA GLY F 732 -49.10 20.50 -31.22
C GLY F 732 -49.18 18.98 -31.27
N LEU F 733 -48.75 18.32 -30.20
CA LEU F 733 -48.87 16.86 -30.13
C LEU F 733 -50.33 16.41 -30.21
N ALA F 734 -51.21 17.10 -29.48
CA ALA F 734 -52.64 16.78 -29.54
C ALA F 734 -53.20 17.05 -30.93
N ALA F 735 -52.73 18.11 -31.59
CA ALA F 735 -53.19 18.40 -32.94
C ALA F 735 -52.75 17.31 -33.92
N ILE F 736 -51.52 16.82 -33.78
CA ILE F 736 -50.99 15.86 -34.75
C ILE F 736 -51.36 14.41 -34.44
N MET F 737 -51.79 14.10 -33.21
CA MET F 737 -52.13 12.72 -32.91
C MET F 737 -53.44 12.26 -33.55
N GLU F 738 -54.21 13.16 -34.15
CA GLU F 738 -55.48 12.78 -34.75
C GLU F 738 -55.29 12.15 -36.12
N ASP F 739 -54.70 12.91 -37.06
CA ASP F 739 -54.52 12.46 -38.44
C ASP F 739 -53.10 12.73 -38.91
N LEU F 740 -52.12 12.35 -38.07
CA LEU F 740 -50.69 12.43 -38.37
C LEU F 740 -50.35 13.90 -38.63
N ASP F 741 -49.67 14.24 -39.72
CA ASP F 741 -49.24 15.61 -39.94
C ASP F 741 -50.44 16.52 -40.20
N VAL F 742 -50.39 17.72 -39.62
CA VAL F 742 -51.43 18.73 -39.80
C VAL F 742 -50.77 20.04 -40.21
N ALA F 743 -51.55 20.89 -40.88
CA ALA F 743 -51.04 22.19 -41.33
C ALA F 743 -51.17 23.27 -40.26
N LYS F 744 -51.88 23.01 -39.17
CA LYS F 744 -52.08 24.02 -38.14
C LYS F 744 -52.51 23.33 -36.85
N VAL F 745 -52.46 24.09 -35.76
CA VAL F 745 -52.94 23.66 -34.45
C VAL F 745 -54.18 24.47 -34.12
N GLU F 746 -55.25 23.79 -33.71
CA GLU F 746 -56.53 24.45 -33.51
C GLU F 746 -56.66 25.02 -32.09
N LEU F 747 -57.60 25.96 -31.96
CA LEU F 747 -57.83 26.61 -30.67
C LEU F 747 -58.33 25.63 -29.63
N ARG F 748 -59.24 24.73 -30.01
CA ARG F 748 -59.74 23.73 -29.08
C ARG F 748 -58.59 22.90 -28.52
N HIS F 749 -57.58 22.60 -29.35
CA HIS F 749 -56.38 21.96 -28.84
C HIS F 749 -55.65 22.85 -27.84
N PHE F 750 -55.73 24.18 -28.01
CA PHE F 750 -55.09 25.08 -27.06
C PHE F 750 -55.74 25.01 -25.69
N GLU F 751 -57.07 25.02 -25.64
CA GLU F 751 -57.70 24.85 -24.32
C GLU F 751 -57.52 23.43 -23.78
N LYS F 752 -57.46 22.42 -24.66
CA LYS F 752 -57.17 21.07 -24.19
C LYS F 752 -55.81 21.00 -23.52
N ALA F 753 -54.80 21.64 -24.13
CA ALA F 753 -53.47 21.69 -23.54
C ALA F 753 -53.48 22.50 -22.24
N PHE F 754 -54.20 23.61 -22.21
CA PHE F 754 -54.23 24.45 -21.01
C PHE F 754 -54.84 23.71 -19.84
N LYS F 755 -55.94 22.99 -20.07
CA LYS F 755 -56.57 22.26 -18.98
C LYS F 755 -55.81 20.98 -18.63
N GLY F 756 -55.10 20.40 -19.60
CA GLY F 756 -54.36 19.18 -19.34
C GLY F 756 -53.20 19.38 -18.38
N ILE F 757 -52.48 20.49 -18.53
CA ILE F 757 -51.30 20.76 -17.73
C ILE F 757 -51.62 21.83 -16.69
N ALA F 758 -50.70 22.02 -15.75
CA ALA F 758 -50.84 23.01 -14.71
C ALA F 758 -49.52 23.75 -14.52
N ARG F 759 -49.61 24.94 -13.93
CA ARG F 759 -48.40 25.75 -13.70
C ARG F 759 -47.43 25.03 -12.78
N GLY F 760 -47.94 24.42 -11.71
CA GLY F 760 -47.08 23.79 -10.72
C GLY F 760 -46.40 24.74 -9.77
N ILE F 761 -46.73 26.03 -9.82
CA ILE F 761 -46.11 27.05 -8.98
C ILE F 761 -47.21 27.77 -8.21
N THR F 762 -46.97 27.99 -6.91
CA THR F 762 -47.87 28.75 -6.05
C THR F 762 -47.20 30.07 -5.67
N PRO F 763 -47.99 31.15 -5.48
CA PRO F 763 -47.39 32.48 -5.30
C PRO F 763 -46.57 32.65 -4.03
N GLU F 764 -46.45 31.63 -3.19
CA GLU F 764 -45.67 31.80 -1.97
C GLU F 764 -44.18 31.85 -2.26
N MET F 765 -43.72 31.17 -3.33
CA MET F 765 -42.33 31.36 -3.77
C MET F 765 -42.11 32.79 -4.23
N LEU F 766 -43.08 33.37 -4.93
CA LEU F 766 -42.97 34.77 -5.34
C LEU F 766 -42.92 35.69 -4.13
N SER F 767 -43.76 35.43 -3.12
CA SER F 767 -43.73 36.24 -1.91
C SER F 767 -42.39 36.13 -1.18
N TYR F 768 -41.84 34.91 -1.13
CA TYR F 768 -40.55 34.72 -0.48
C TYR F 768 -39.44 35.42 -1.25
N TYR F 769 -39.50 35.38 -2.59
CA TYR F 769 -38.55 36.11 -3.40
C TYR F 769 -38.64 37.62 -3.16
N GLU F 770 -39.86 38.14 -3.06
CA GLU F 770 -40.03 39.55 -2.77
C GLU F 770 -39.48 39.90 -1.39
N GLU F 771 -39.72 39.04 -0.40
CA GLU F 771 -39.18 39.26 0.93
C GLU F 771 -37.65 39.29 0.91
N PHE F 772 -37.04 38.38 0.16
CA PHE F 772 -35.59 38.41 0.01
C PHE F 772 -35.12 39.68 -0.70
N ALA F 773 -35.86 40.13 -1.72
CA ALA F 773 -35.43 41.29 -2.50
C ALA F 773 -35.47 42.56 -1.66
N LEU F 774 -36.59 42.81 -0.97
CA LEU F 774 -36.68 44.01 -0.16
C LEU F 774 -35.76 43.95 1.05
N ARG F 775 -35.50 42.76 1.60
CA ARG F 775 -34.58 42.63 2.72
C ARG F 775 -33.14 42.97 2.32
N SER F 776 -32.73 42.62 1.10
CA SER F 776 -31.38 42.92 0.64
C SER F 776 -31.35 44.24 -0.11
#